data_8YRP
#
_entry.id   8YRP
#
_cell.length_a   1.00
_cell.length_b   1.00
_cell.length_c   1.00
_cell.angle_alpha   90.00
_cell.angle_beta   90.00
_cell.angle_gamma   90.00
#
_symmetry.space_group_name_H-M   'P 1'
#
loop_
_entity.id
_entity.type
_entity.pdbx_description
1 polymer 'Spike glycoprotein'
2 polymer 'JM-1A Heavy Chain'
3 polymer 'JM-1A Light Chain'
#
loop_
_entity_poly.entity_id
_entity_poly.type
_entity_poly.pdbx_seq_one_letter_code
_entity_poly.pdbx_strand_id
1 'polypeptide(L)'
;MKVKLLVLLCTFTATYAGTQCVNLRTRTQLPPAYTNSFTRGVYYPDKVFRSSVLHSTQDLFLPFFSNVTWFHAIHVSGTN
GTKRFDNPVLPFNDGVYFASTEKSNIIRGWIFGTTLDSKTQSLLIVNNATNVVIKVCEFQFCNDPFLDVYYHKNNKSWME
SGVYSSANNCTFEYVSQPFLMDLEGKQGNFKNLREFVFKNIDGYFKIYSKHTPINLVRDLPQGFSALEPLVDLPIGINIT
RFQTLLALHRSYLTPGDSSSGWTAGAAAYYVGYLQPRTFLLKYNENGTITDAVDCALDPLSETKCTLKSFTVEKGIYQTS
NFRVQPTESIVRFPNITNLCPFGEVFNATRFASVYAWNRKRISNCVADYSVLYNSASFSTFKCYGVSPTKLNDLCFTNVY
ADSFVIRGDEVRQIAPGQTGKIADYNYKLPDDFTGCVIAWNSNNLDSKVGGNYNYRYRLFRKSNLKPFERDISTEIYQAG
SKPCNGVEGFNCYFPLQSYGFQPTNGVGYQPYRVVVLSFELLHAPATVCGPKKSTNLVKNKCVNFNFNGLTGTGVLTESN
KKFLPFQQFGRDIADTTDAVRDPQTLEILDITPCSFGGVSVITPGTNTSNQVAVLYQGVNCTEVPVAIHADQLTPTWRVY
STGSNVFQTRAGCLIGAEHVNNSYECDIPIGAGICASYQTQTNSRGSAGSVASQSIIAYTMSLGAENSVAYSNNSIAIPT
NFTISVTTEILPVSMTKTSVDCTMYICGDSTECSNLLLQYGSFCTQLNRALTGIAVEQDKNTQEVFAQVKQIYKTPPIKD
FGGFNFSQILPDPSKPSKRSFIEDLLFNKVTLADAGFIKQYGDCLGDIAARDLICAQKFNGLTVLPPLLTDEMIAQYTSA
LLAGTITSGWTFGAGAALQIPFAMQMAYRFNGIGVTQNVLYENQKLIANQFNSAIGKIQDSLSSTASALGKLQNVVNQNA
QALNTLVKQLSSNFGAISSVLNDILSRLDPPEAEVQIDRLITGRLQSLQTYVTQQLIRAAEIRASANLAATKMSECVLGQ
SKRVDFCGKGYHLMSFPQSAPHGVVFLHVTYVPAQEKNFTTAPAICHDGKAHFPREGVFVSNGTHWFVTQRNFYEPQIIT
TDNTFVSGNCDVVIGIVNNTVYDPLQPELDSFKEELDKYFKNHTSPDVDLGDISGINASVVNIQKEIDRLNEVAKNLNES
LIDLQELGKYEQDIRSLVPRGSPGSGYIPEAPRDGQAYVRKDGEWVLLSTFLGHHHHHH
;
A,B,C
2 'polypeptide(L)'
;QVQLQQSGPGLVKPSGTLSLTCAVSGASISSGDWWSWVRQSPGRGLEWIGGIFHSGTTNYSPSLKSRVTMSVDQPKNQFS
LHLTSVTAADTAVYYCARMRGIFDYWGQGTLVTVS
;
n
3 'polypeptide(L)'
;DIQLTQSPSSLSVSVGDRVTITCRASQAISNSLAWYQQKPGKAPKLLLYAASTLESGVPSRFSGSGSGTDFTLTISSLQP
EDFATYYCQHYYSTPFFGGGTKVEI
;
o
#
# COMPACT_ATOMS: atom_id res chain seq x y z
N GLN A 20 -49.45 -39.65 -35.29
CA GLN A 20 -49.20 -40.70 -36.26
C GLN A 20 -47.71 -40.89 -36.46
N CYS A 21 -47.00 -40.96 -35.33
CA CYS A 21 -45.55 -41.15 -35.27
C CYS A 21 -45.28 -42.65 -35.45
N VAL A 22 -45.23 -43.06 -36.71
CA VAL A 22 -45.01 -44.44 -37.11
C VAL A 22 -43.59 -44.55 -37.63
N ASN A 23 -42.96 -45.68 -37.34
CA ASN A 23 -41.54 -45.86 -37.51
C ASN A 23 -41.14 -46.03 -38.98
N LEU A 24 -39.82 -46.05 -39.18
CA LEU A 24 -39.15 -46.29 -40.44
C LEU A 24 -38.47 -47.65 -40.32
N ARG A 25 -38.63 -48.49 -41.34
CA ARG A 25 -38.20 -49.87 -41.26
C ARG A 25 -36.69 -50.02 -41.40
N THR A 26 -36.03 -49.14 -42.13
CA THR A 26 -34.58 -49.22 -42.29
C THR A 26 -33.88 -48.31 -41.29
N ARG A 27 -32.79 -48.83 -40.72
CA ARG A 27 -31.93 -48.03 -39.86
C ARG A 27 -30.96 -47.21 -40.68
N THR A 28 -31.05 -45.88 -40.52
CA THR A 28 -30.15 -44.95 -41.20
C THR A 28 -28.84 -44.84 -40.41
N GLN A 29 -28.16 -45.98 -40.31
CA GLN A 29 -26.95 -46.10 -39.51
C GLN A 29 -25.80 -45.36 -40.18
N LEU A 30 -25.12 -44.52 -39.41
CA LEU A 30 -24.05 -43.68 -39.92
C LEU A 30 -22.71 -44.14 -39.36
N PRO A 31 -21.75 -44.51 -40.21
CA PRO A 31 -20.44 -44.96 -39.72
C PRO A 31 -19.68 -43.80 -39.12
N PRO A 32 -19.26 -43.90 -37.85
CA PRO A 32 -18.57 -42.75 -37.22
C PRO A 32 -17.10 -42.72 -37.56
N ALA A 33 -16.70 -41.72 -38.35
CA ALA A 33 -15.31 -41.39 -38.61
C ALA A 33 -14.91 -40.15 -37.83
N TYR A 34 -13.62 -39.89 -37.81
CA TYR A 34 -13.04 -38.81 -37.02
C TYR A 34 -12.27 -37.87 -37.94
N THR A 35 -12.30 -36.60 -37.59
CA THR A 35 -11.55 -35.59 -38.31
C THR A 35 -11.13 -34.50 -37.34
N ASN A 36 -10.16 -33.69 -37.78
CA ASN A 36 -9.51 -32.77 -36.89
C ASN A 36 -10.39 -31.55 -36.79
N SER A 37 -10.91 -31.29 -35.60
CA SER A 37 -11.77 -30.13 -35.43
C SER A 37 -10.96 -28.85 -35.43
N PHE A 38 -10.82 -28.24 -36.60
CA PHE A 38 -10.09 -26.99 -36.78
C PHE A 38 -10.88 -25.82 -36.16
N THR A 39 -10.41 -24.59 -36.40
CA THR A 39 -10.91 -23.41 -35.73
C THR A 39 -12.39 -23.14 -36.00
N ARG A 40 -13.25 -23.68 -35.15
CA ARG A 40 -14.70 -23.50 -35.27
C ARG A 40 -15.30 -23.30 -33.88
N GLY A 41 -16.34 -22.46 -33.82
CA GLY A 41 -17.03 -22.18 -32.58
C GLY A 41 -16.62 -20.90 -31.89
N VAL A 42 -16.30 -19.87 -32.66
CA VAL A 42 -15.73 -18.63 -32.15
C VAL A 42 -16.82 -17.57 -32.20
N TYR A 43 -17.28 -17.13 -31.04
CA TYR A 43 -18.34 -16.13 -30.97
C TYR A 43 -17.90 -14.90 -30.21
N TYR A 44 -18.59 -13.82 -30.49
CA TYR A 44 -18.46 -12.64 -29.69
C TYR A 44 -19.02 -12.96 -28.32
N PRO A 45 -18.28 -12.72 -27.23
CA PRO A 45 -18.65 -13.31 -25.94
C PRO A 45 -19.87 -12.67 -25.32
N ASP A 46 -20.30 -11.53 -25.83
CA ASP A 46 -21.50 -10.82 -25.41
C ASP A 46 -22.04 -10.11 -26.65
N LYS A 47 -22.92 -9.14 -26.45
CA LYS A 47 -23.51 -8.36 -27.52
C LYS A 47 -22.78 -7.03 -27.70
N VAL A 48 -21.47 -7.01 -27.45
CA VAL A 48 -20.67 -5.81 -27.33
C VAL A 48 -19.75 -5.62 -28.53
N PHE A 49 -19.68 -4.38 -29.03
CA PHE A 49 -18.70 -3.97 -30.02
C PHE A 49 -17.47 -3.39 -29.35
N ARG A 50 -16.30 -3.73 -29.89
CA ARG A 50 -15.03 -3.23 -29.40
C ARG A 50 -14.17 -2.94 -30.61
N SER A 51 -13.22 -2.02 -30.49
CA SER A 51 -12.47 -1.57 -31.66
C SER A 51 -10.99 -1.76 -31.43
N SER A 52 -10.37 -2.58 -32.29
CA SER A 52 -8.93 -2.82 -32.39
C SER A 52 -8.32 -3.16 -31.03
N VAL A 53 -8.84 -4.20 -30.40
CA VAL A 53 -8.42 -4.56 -29.06
C VAL A 53 -8.03 -6.03 -29.06
N LEU A 54 -7.21 -6.39 -28.08
CA LEU A 54 -6.78 -7.76 -27.87
C LEU A 54 -7.28 -8.18 -26.50
N HIS A 55 -8.28 -9.04 -26.45
CA HIS A 55 -9.01 -9.25 -25.22
C HIS A 55 -9.11 -10.74 -24.91
N SER A 56 -9.06 -11.05 -23.61
CA SER A 56 -9.11 -12.40 -23.09
C SER A 56 -10.46 -12.67 -22.43
N THR A 57 -11.09 -13.79 -22.78
CA THR A 57 -12.33 -14.21 -22.15
C THR A 57 -12.19 -15.65 -21.70
N GLN A 58 -12.57 -15.92 -20.46
CA GLN A 58 -12.69 -17.26 -19.94
C GLN A 58 -14.18 -17.62 -19.86
N ASP A 59 -14.61 -18.58 -20.66
CA ASP A 59 -16.01 -18.99 -20.74
C ASP A 59 -16.05 -20.36 -21.41
N LEU A 60 -17.25 -20.81 -21.77
CA LEU A 60 -17.40 -22.10 -22.43
C LEU A 60 -17.09 -21.96 -23.92
N PHE A 61 -16.19 -22.81 -24.42
CA PHE A 61 -15.79 -22.79 -25.81
C PHE A 61 -15.58 -24.21 -26.32
N LEU A 62 -15.46 -24.35 -27.65
CA LEU A 62 -14.85 -25.55 -28.19
C LEU A 62 -13.34 -25.40 -28.18
N PRO A 63 -12.61 -26.28 -27.50
CA PRO A 63 -11.15 -26.28 -27.60
C PRO A 63 -10.68 -26.53 -29.02
N PHE A 64 -9.52 -25.98 -29.34
CA PHE A 64 -8.91 -26.26 -30.63
C PHE A 64 -8.57 -27.75 -30.71
N PHE A 65 -8.72 -28.32 -31.91
CA PHE A 65 -8.33 -29.69 -32.21
C PHE A 65 -9.00 -30.71 -31.29
N SER A 66 -10.25 -30.46 -30.94
CA SER A 66 -11.01 -31.21 -29.94
C SER A 66 -11.64 -32.47 -30.55
N ASN A 67 -12.65 -33.02 -29.89
CA ASN A 67 -13.27 -34.27 -30.32
C ASN A 67 -14.73 -34.02 -30.75
N VAL A 68 -14.89 -33.64 -32.01
CA VAL A 68 -16.21 -33.51 -32.61
C VAL A 68 -16.48 -34.80 -33.37
N THR A 69 -17.48 -35.54 -32.92
CA THR A 69 -17.85 -36.76 -33.65
C THR A 69 -18.65 -36.38 -34.89
N TRP A 70 -18.55 -37.20 -35.91
CA TRP A 70 -19.10 -36.86 -37.21
C TRP A 70 -20.05 -37.96 -37.65
N PHE A 71 -21.26 -37.55 -38.01
CA PHE A 71 -22.32 -38.43 -38.45
C PHE A 71 -22.48 -38.21 -39.95
N HIS A 72 -22.46 -39.29 -40.72
CA HIS A 72 -22.59 -39.15 -42.17
C HIS A 72 -23.89 -39.73 -42.70
N ASN A 87 -28.83 -41.38 -36.51
CA ASN A 87 -29.14 -40.21 -35.70
C ASN A 87 -29.82 -40.63 -34.39
N PRO A 88 -29.03 -41.10 -33.42
CA PRO A 88 -29.62 -41.46 -32.12
C PRO A 88 -29.62 -40.32 -31.11
N VAL A 89 -30.04 -40.63 -29.89
CA VAL A 89 -30.16 -39.62 -28.84
C VAL A 89 -28.77 -39.38 -28.24
N LEU A 90 -28.35 -38.12 -28.21
CA LEU A 90 -27.00 -37.85 -27.77
C LEU A 90 -27.00 -37.06 -26.46
N PRO A 91 -26.00 -37.24 -25.60
CA PRO A 91 -25.97 -36.51 -24.32
C PRO A 91 -25.60 -35.03 -24.48
N PHE A 92 -26.35 -34.20 -23.75
CA PHE A 92 -26.10 -32.76 -23.69
C PHE A 92 -25.20 -32.44 -22.51
N ASN A 93 -23.95 -32.06 -22.79
CA ASN A 93 -23.03 -31.59 -21.77
C ASN A 93 -23.27 -30.09 -21.57
N ASP A 94 -22.31 -29.41 -20.93
CA ASP A 94 -22.30 -27.95 -20.75
C ASP A 94 -22.72 -27.16 -21.98
N GLY A 95 -22.14 -27.48 -23.13
CA GLY A 95 -22.52 -26.86 -24.38
C GLY A 95 -22.15 -27.77 -25.52
N VAL A 96 -22.67 -27.45 -26.69
CA VAL A 96 -22.48 -28.27 -27.87
C VAL A 96 -22.29 -27.38 -29.09
N TYR A 97 -21.38 -27.78 -29.97
CA TYR A 97 -21.15 -27.12 -31.25
C TYR A 97 -21.60 -28.05 -32.37
N PHE A 98 -22.49 -27.57 -33.24
CA PHE A 98 -22.98 -28.33 -34.38
C PHE A 98 -22.74 -27.61 -35.70
N ALA A 99 -22.37 -28.36 -36.71
CA ALA A 99 -22.17 -27.81 -38.04
C ALA A 99 -22.88 -28.74 -39.01
N SER A 100 -23.42 -28.15 -40.08
CA SER A 100 -24.09 -28.94 -41.11
C SER A 100 -23.87 -28.28 -42.46
N THR A 101 -23.41 -29.05 -43.44
CA THR A 101 -23.48 -28.64 -44.84
C THR A 101 -24.86 -28.97 -45.44
N GLU A 102 -25.88 -28.31 -44.89
CA GLU A 102 -27.26 -28.73 -45.06
C GLU A 102 -27.83 -28.18 -46.37
N LYS A 103 -28.72 -28.97 -46.98
CA LYS A 103 -29.44 -28.57 -48.17
C LYS A 103 -30.86 -29.06 -48.09
N SER A 104 -31.82 -28.16 -48.34
CA SER A 104 -33.26 -28.43 -48.32
C SER A 104 -33.75 -28.91 -46.95
N ASN A 105 -32.98 -28.57 -45.92
CA ASN A 105 -33.23 -28.82 -44.48
C ASN A 105 -33.76 -30.21 -44.22
N ILE A 106 -32.91 -31.20 -44.57
CA ILE A 106 -33.28 -32.58 -44.34
C ILE A 106 -33.35 -32.84 -42.84
N ILE A 107 -32.38 -32.29 -42.11
CA ILE A 107 -32.52 -32.17 -40.67
C ILE A 107 -33.60 -31.13 -40.44
N ARG A 108 -34.49 -31.36 -39.49
CA ARG A 108 -35.56 -30.40 -39.30
C ARG A 108 -35.48 -29.63 -38.00
N GLY A 109 -34.98 -30.23 -36.93
CA GLY A 109 -34.99 -29.51 -35.69
C GLY A 109 -34.21 -30.17 -34.59
N TRP A 110 -34.61 -29.84 -33.36
CA TRP A 110 -33.86 -30.20 -32.16
C TRP A 110 -34.88 -30.48 -31.05
N ILE A 111 -34.46 -31.28 -30.09
CA ILE A 111 -35.24 -31.57 -28.88
C ILE A 111 -34.32 -31.38 -27.69
N PHE A 112 -34.78 -30.69 -26.67
CA PHE A 112 -34.02 -30.52 -25.45
C PHE A 112 -34.92 -30.82 -24.26
N GLY A 113 -34.33 -31.34 -23.20
CA GLY A 113 -35.11 -31.66 -22.02
C GLY A 113 -34.30 -32.51 -21.06
N THR A 114 -34.98 -32.92 -19.99
CA THR A 114 -34.38 -33.73 -18.94
C THR A 114 -34.96 -35.14 -18.85
N THR A 115 -36.27 -35.26 -18.60
CA THR A 115 -36.92 -36.56 -18.55
C THR A 115 -37.78 -36.86 -19.76
N LEU A 116 -38.05 -35.85 -20.59
CA LEU A 116 -38.73 -35.99 -21.89
C LEU A 116 -40.15 -36.55 -21.75
N ASP A 117 -40.91 -35.97 -20.82
CA ASP A 117 -42.30 -36.41 -20.59
C ASP A 117 -43.09 -35.25 -19.99
N SER A 118 -44.24 -35.55 -19.39
CA SER A 118 -45.15 -34.52 -18.91
C SER A 118 -44.86 -34.01 -17.51
N LYS A 119 -44.00 -34.69 -16.74
CA LYS A 119 -43.70 -34.21 -15.39
C LYS A 119 -42.90 -32.92 -15.41
N THR A 120 -42.00 -32.76 -16.38
CA THR A 120 -41.13 -31.58 -16.43
C THR A 120 -41.08 -31.06 -17.86
N GLN A 121 -40.61 -29.82 -17.99
CA GLN A 121 -40.51 -29.15 -19.28
C GLN A 121 -39.48 -29.78 -20.20
N SER A 122 -39.74 -29.59 -21.50
CA SER A 122 -38.91 -30.04 -22.60
C SER A 122 -38.99 -28.98 -23.68
N LEU A 123 -37.98 -28.93 -24.53
CA LEU A 123 -37.87 -27.85 -25.48
C LEU A 123 -37.89 -28.40 -26.90
N LEU A 124 -38.51 -27.66 -27.81
CA LEU A 124 -38.64 -28.07 -29.19
C LEU A 124 -38.22 -26.95 -30.11
N ILE A 125 -37.48 -27.34 -31.15
CA ILE A 125 -36.93 -26.46 -32.17
C ILE A 125 -37.26 -27.10 -33.51
N VAL A 126 -37.94 -26.36 -34.39
CA VAL A 126 -38.17 -26.87 -35.74
C VAL A 126 -37.79 -25.75 -36.71
N ASN A 127 -37.06 -26.11 -37.79
CA ASN A 127 -36.65 -25.17 -38.84
C ASN A 127 -37.04 -25.76 -40.19
N ASN A 128 -38.29 -25.62 -40.60
CA ASN A 128 -38.67 -26.17 -41.89
C ASN A 128 -38.39 -25.17 -43.01
N ALA A 129 -38.91 -25.46 -44.20
CA ALA A 129 -38.75 -24.59 -45.37
C ALA A 129 -39.57 -23.30 -45.27
N THR A 130 -40.51 -23.22 -44.33
CA THR A 130 -41.46 -22.13 -44.23
C THR A 130 -41.11 -21.16 -43.11
N ASN A 131 -41.11 -21.60 -41.86
CA ASN A 131 -40.83 -20.70 -40.76
C ASN A 131 -40.18 -21.46 -39.61
N VAL A 132 -39.18 -20.85 -38.97
CA VAL A 132 -38.54 -21.46 -37.82
C VAL A 132 -39.41 -21.27 -36.58
N VAL A 133 -39.68 -22.36 -35.87
CA VAL A 133 -40.52 -22.32 -34.67
C VAL A 133 -39.72 -22.91 -33.51
N ILE A 134 -39.90 -22.35 -32.32
CA ILE A 134 -39.27 -22.86 -31.12
C ILE A 134 -40.33 -22.94 -30.04
N LYS A 135 -40.47 -24.12 -29.43
CA LYS A 135 -41.49 -24.37 -28.43
C LYS A 135 -40.90 -24.98 -27.17
N VAL A 136 -41.45 -24.59 -26.02
CA VAL A 136 -41.09 -25.16 -24.72
C VAL A 136 -42.39 -25.63 -24.12
N CYS A 137 -42.59 -26.93 -24.06
CA CYS A 137 -43.82 -27.52 -23.53
C CYS A 137 -43.45 -28.82 -22.83
N GLU A 138 -44.45 -29.67 -22.56
CA GLU A 138 -44.20 -31.04 -22.15
C GLU A 138 -44.78 -31.93 -23.26
N PHE A 139 -43.95 -32.25 -24.25
CA PHE A 139 -44.41 -33.08 -25.35
C PHE A 139 -44.25 -34.57 -25.03
N GLN A 140 -44.92 -35.40 -25.81
CA GLN A 140 -44.72 -36.85 -25.82
C GLN A 140 -44.11 -37.23 -27.17
N PHE A 141 -42.78 -37.20 -27.30
CA PHE A 141 -42.20 -37.52 -28.60
C PHE A 141 -42.21 -39.03 -28.84
N CYS A 142 -42.49 -39.43 -30.09
CA CYS A 142 -42.21 -40.80 -30.49
C CYS A 142 -40.73 -41.02 -30.83
N ASN A 143 -40.38 -42.31 -30.95
CA ASN A 143 -39.01 -42.75 -31.11
C ASN A 143 -38.43 -42.46 -32.49
N ASP A 144 -39.27 -42.39 -33.52
CA ASP A 144 -38.86 -42.01 -34.88
C ASP A 144 -39.70 -40.88 -35.45
N PRO A 145 -39.34 -39.64 -35.15
CA PRO A 145 -40.09 -38.48 -35.63
C PRO A 145 -39.85 -38.20 -37.11
N PHE A 146 -40.90 -37.71 -37.77
CA PHE A 146 -40.94 -37.40 -39.19
C PHE A 146 -42.17 -36.53 -39.45
N LEU A 147 -42.07 -35.65 -40.44
CA LEU A 147 -43.14 -34.73 -40.80
C LEU A 147 -43.81 -35.08 -42.12
N ASP A 148 -45.03 -35.62 -42.04
CA ASP A 148 -45.91 -35.73 -43.19
C ASP A 148 -46.77 -34.46 -43.30
N VAL A 149 -47.59 -34.39 -44.34
CA VAL A 149 -48.52 -33.27 -44.52
C VAL A 149 -49.83 -33.84 -45.01
N TYR A 150 -50.94 -33.38 -44.42
CA TYR A 150 -52.26 -33.88 -44.75
C TYR A 150 -53.13 -32.79 -45.36
N GLU A 160 -46.50 -28.18 -38.55
CA GLU A 160 -45.26 -28.93 -38.51
C GLU A 160 -45.32 -29.92 -37.34
N SER A 161 -46.34 -30.77 -37.38
CA SER A 161 -46.54 -31.83 -36.39
C SER A 161 -45.79 -33.09 -36.84
N GLY A 162 -46.19 -34.25 -36.31
CA GLY A 162 -45.60 -35.52 -36.68
C GLY A 162 -44.33 -35.87 -35.94
N VAL A 163 -43.77 -34.95 -35.17
CA VAL A 163 -42.59 -35.24 -34.36
C VAL A 163 -42.96 -35.48 -32.91
N TYR A 164 -44.11 -35.00 -32.46
CA TYR A 164 -44.59 -35.16 -31.10
C TYR A 164 -45.93 -35.87 -31.17
N SER A 165 -46.15 -36.83 -30.28
CA SER A 165 -47.46 -37.47 -30.26
C SER A 165 -48.49 -36.63 -29.52
N SER A 166 -48.06 -35.85 -28.54
CA SER A 166 -48.96 -35.00 -27.76
C SER A 166 -48.19 -33.83 -27.19
N ALA A 167 -48.95 -32.89 -26.62
CA ALA A 167 -48.39 -31.73 -25.97
C ALA A 167 -49.39 -31.31 -24.89
N ASN A 168 -48.88 -30.95 -23.73
CA ASN A 168 -49.69 -30.48 -22.62
C ASN A 168 -48.93 -29.42 -21.84
N ASN A 169 -49.66 -28.36 -21.43
CA ASN A 169 -49.15 -27.23 -20.65
C ASN A 169 -47.97 -26.55 -21.35
N CYS A 170 -48.24 -26.04 -22.54
CA CYS A 170 -47.22 -25.31 -23.30
C CYS A 170 -46.87 -23.99 -22.62
N THR A 171 -45.58 -23.66 -22.64
CA THR A 171 -45.05 -22.54 -21.87
C THR A 171 -44.50 -21.43 -22.76
N PHE A 172 -43.60 -21.76 -23.68
CA PHE A 172 -42.94 -20.75 -24.51
C PHE A 172 -43.12 -21.11 -25.98
N GLU A 173 -43.36 -20.09 -26.80
CA GLU A 173 -43.40 -20.22 -28.26
C GLU A 173 -42.65 -19.08 -28.91
N TYR A 174 -42.05 -19.37 -30.07
CA TYR A 174 -41.17 -18.43 -30.77
C TYR A 174 -41.22 -18.66 -32.27
N VAL A 175 -41.34 -17.58 -33.04
CA VAL A 175 -41.35 -17.62 -34.50
C VAL A 175 -40.44 -16.50 -35.01
N SER A 176 -39.56 -16.83 -35.96
CA SER A 176 -38.63 -15.88 -36.55
C SER A 176 -38.56 -16.10 -38.05
N GLN A 177 -37.53 -15.51 -38.67
CA GLN A 177 -37.26 -15.48 -40.10
C GLN A 177 -36.57 -16.76 -40.54
N PRO A 178 -36.91 -17.30 -41.73
CA PRO A 178 -36.27 -18.54 -42.19
C PRO A 178 -34.79 -18.35 -42.48
N PHE A 179 -34.01 -19.38 -42.15
CA PHE A 179 -32.58 -19.35 -42.39
C PHE A 179 -32.25 -19.38 -43.88
N LEU A 180 -33.10 -20.02 -44.69
CA LEU A 180 -32.98 -19.96 -46.14
C LEU A 180 -33.31 -18.59 -46.67
N LYS A 191 -25.50 -28.54 -48.50
CA LYS A 191 -24.63 -27.80 -49.39
C LYS A 191 -24.62 -26.31 -49.00
N ASN A 192 -25.31 -25.98 -47.91
CA ASN A 192 -25.27 -24.65 -47.33
C ASN A 192 -24.93 -24.77 -45.85
N LEU A 193 -23.86 -24.09 -45.43
CA LEU A 193 -23.33 -24.29 -44.08
C LEU A 193 -24.18 -23.52 -43.10
N ARG A 194 -24.97 -24.23 -42.33
CA ARG A 194 -25.81 -23.65 -41.30
C ARG A 194 -25.24 -24.15 -39.97
N GLU A 195 -24.87 -23.22 -39.12
CA GLU A 195 -24.09 -23.49 -37.93
C GLU A 195 -24.90 -23.27 -36.66
N PHE A 196 -24.74 -24.18 -35.72
CA PHE A 196 -25.43 -24.07 -34.45
C PHE A 196 -24.40 -24.11 -33.36
N VAL A 197 -24.59 -23.27 -32.34
CA VAL A 197 -23.89 -23.39 -31.08
C VAL A 197 -24.95 -23.28 -30.01
N PHE A 198 -25.08 -24.29 -29.19
CA PHE A 198 -26.03 -24.26 -28.09
C PHE A 198 -25.27 -24.13 -26.79
N LYS A 199 -25.54 -23.04 -26.07
CA LYS A 199 -24.69 -22.58 -24.98
C LYS A 199 -25.60 -22.37 -23.77
N ASN A 200 -25.62 -23.36 -22.89
CA ASN A 200 -26.35 -23.30 -21.63
C ASN A 200 -25.42 -22.77 -20.55
N ILE A 201 -25.71 -21.57 -20.03
CA ILE A 201 -24.93 -20.98 -18.94
C ILE A 201 -25.92 -20.38 -17.96
N ASP A 202 -25.52 -20.38 -16.68
CA ASP A 202 -26.26 -19.99 -15.47
C ASP A 202 -27.74 -20.37 -15.48
N GLY A 203 -28.04 -21.59 -15.93
CA GLY A 203 -29.41 -22.05 -16.01
C GLY A 203 -30.23 -21.41 -17.11
N TYR A 204 -29.58 -20.77 -18.08
CA TYR A 204 -30.23 -20.10 -19.20
C TYR A 204 -29.67 -20.68 -20.50
N PHE A 205 -30.55 -21.00 -21.43
CA PHE A 205 -30.15 -21.62 -22.68
C PHE A 205 -30.06 -20.55 -23.76
N LYS A 206 -28.87 -20.37 -24.31
CA LYS A 206 -28.62 -19.40 -25.36
C LYS A 206 -28.26 -20.13 -26.65
N ILE A 207 -28.73 -19.60 -27.78
CA ILE A 207 -28.57 -20.24 -29.08
C ILE A 207 -28.05 -19.20 -30.07
N TYR A 208 -26.98 -19.52 -30.76
CA TYR A 208 -26.34 -18.59 -31.68
C TYR A 208 -26.18 -19.26 -33.04
N SER A 209 -26.14 -18.47 -34.12
CA SER A 209 -26.22 -19.00 -35.47
C SER A 209 -25.32 -18.24 -36.43
N LYS A 210 -24.89 -18.92 -37.50
CA LYS A 210 -24.03 -18.31 -38.50
C LYS A 210 -24.23 -19.00 -39.85
N HIS A 211 -24.26 -18.20 -40.93
CA HIS A 211 -24.35 -18.68 -42.30
C HIS A 211 -23.09 -18.31 -43.07
N THR A 212 -22.61 -19.26 -43.88
CA THR A 212 -21.38 -19.12 -44.66
C THR A 212 -21.54 -20.05 -45.85
N PRO A 213 -21.18 -19.65 -47.06
CA PRO A 213 -21.27 -20.59 -48.18
C PRO A 213 -20.24 -21.70 -48.08
N ILE A 214 -20.71 -22.94 -48.27
CA ILE A 214 -19.86 -24.12 -48.28
C ILE A 214 -20.24 -24.93 -49.51
N ASN A 215 -19.29 -25.70 -50.02
CA ASN A 215 -19.58 -26.62 -51.11
C ASN A 215 -18.91 -27.97 -50.96
N LEU A 216 -18.04 -28.18 -49.97
CA LEU A 216 -17.34 -29.45 -49.84
C LEU A 216 -18.20 -30.52 -49.17
N VAL A 217 -17.89 -31.75 -49.51
CA VAL A 217 -18.72 -32.90 -49.17
C VAL A 217 -18.42 -33.46 -47.77
N ARG A 218 -17.15 -33.58 -47.40
CA ARG A 218 -16.79 -34.43 -46.27
C ARG A 218 -16.21 -33.66 -45.09
N ASP A 219 -15.14 -32.91 -45.24
CA ASP A 219 -14.39 -32.48 -44.08
C ASP A 219 -14.54 -30.98 -43.83
N LEU A 220 -14.16 -30.57 -42.62
CA LEU A 220 -14.30 -29.16 -42.26
C LEU A 220 -13.05 -28.41 -42.71
N PRO A 221 -13.20 -27.24 -43.33
CA PRO A 221 -12.10 -26.65 -44.10
C PRO A 221 -11.07 -25.99 -43.20
N GLN A 222 -10.03 -25.47 -43.84
CA GLN A 222 -9.03 -24.63 -43.19
C GLN A 222 -9.48 -23.19 -43.38
N GLY A 223 -10.05 -22.59 -42.35
CA GLY A 223 -10.49 -21.21 -42.47
C GLY A 223 -10.98 -20.67 -41.14
N PHE A 224 -11.39 -19.41 -41.17
CA PHE A 224 -11.74 -18.66 -39.97
C PHE A 224 -13.11 -18.03 -40.16
N SER A 225 -14.02 -18.31 -39.23
CA SER A 225 -15.39 -17.83 -39.30
C SER A 225 -15.88 -17.57 -37.89
N ALA A 226 -16.33 -16.35 -37.65
CA ALA A 226 -16.85 -15.97 -36.35
C ALA A 226 -18.28 -16.44 -36.21
N LEU A 227 -18.79 -16.32 -35.00
CA LEU A 227 -20.21 -16.54 -34.75
C LEU A 227 -20.84 -15.23 -34.28
N GLU A 228 -21.95 -14.88 -34.91
CA GLU A 228 -22.82 -13.73 -34.68
C GLU A 228 -23.94 -14.12 -33.72
N PRO A 229 -24.32 -13.25 -32.79
CA PRO A 229 -25.41 -13.59 -31.88
C PRO A 229 -26.73 -13.52 -32.60
N LEU A 230 -27.62 -14.45 -32.30
CA LEU A 230 -28.96 -14.41 -32.85
C LEU A 230 -30.02 -14.19 -31.79
N VAL A 231 -30.02 -15.01 -30.73
CA VAL A 231 -31.09 -14.96 -29.75
C VAL A 231 -30.52 -15.35 -28.40
N ASP A 232 -31.10 -14.79 -27.35
CA ASP A 232 -30.88 -15.23 -25.99
C ASP A 232 -32.23 -15.60 -25.41
N LEU A 233 -32.25 -16.68 -24.62
CA LEU A 233 -33.47 -17.08 -23.96
C LEU A 233 -33.27 -17.10 -22.45
N PRO A 234 -33.99 -16.27 -21.70
CA PRO A 234 -33.95 -16.34 -20.23
C PRO A 234 -34.97 -17.37 -19.72
N ILE A 235 -34.65 -18.64 -19.94
CA ILE A 235 -35.54 -19.74 -19.57
C ILE A 235 -34.78 -20.64 -18.60
N GLY A 236 -35.46 -21.03 -17.52
CA GLY A 236 -34.80 -21.80 -16.48
C GLY A 236 -34.94 -23.28 -16.68
N ILE A 237 -33.85 -23.91 -17.13
CA ILE A 237 -33.86 -25.33 -17.47
C ILE A 237 -32.43 -25.83 -17.36
N ASN A 238 -32.29 -27.11 -17.02
CA ASN A 238 -31.02 -27.76 -16.69
C ASN A 238 -30.86 -29.00 -17.54
N ILE A 239 -30.95 -28.79 -18.87
CA ILE A 239 -30.93 -29.85 -19.87
C ILE A 239 -29.72 -30.77 -19.72
N THR A 240 -29.97 -32.07 -19.80
CA THR A 240 -28.93 -33.09 -19.72
C THR A 240 -28.79 -33.94 -20.98
N ARG A 241 -29.84 -34.08 -21.77
CA ARG A 241 -29.78 -34.81 -23.02
C ARG A 241 -30.51 -34.05 -24.11
N PHE A 242 -30.28 -34.45 -25.36
CA PHE A 242 -30.89 -33.77 -26.49
C PHE A 242 -31.08 -34.77 -27.62
N GLN A 243 -31.71 -34.31 -28.70
CA GLN A 243 -32.10 -35.12 -29.84
C GLN A 243 -32.49 -34.18 -30.97
N THR A 244 -32.06 -34.50 -32.19
CA THR A 244 -32.48 -33.75 -33.35
C THR A 244 -33.68 -34.42 -34.02
N LEU A 245 -34.29 -33.73 -34.98
CA LEU A 245 -35.49 -34.22 -35.64
C LEU A 245 -35.21 -34.33 -37.12
N LEU A 246 -35.70 -35.39 -37.78
CA LEU A 246 -35.60 -35.43 -39.23
C LEU A 246 -36.81 -35.97 -39.98
N ALA A 247 -37.27 -35.23 -40.98
CA ALA A 247 -38.28 -35.73 -41.90
C ALA A 247 -37.53 -36.11 -43.17
N LEU A 248 -36.71 -37.15 -43.07
CA LEU A 248 -35.98 -37.61 -44.24
C LEU A 248 -36.84 -38.36 -45.25
N HIS A 249 -36.88 -37.84 -46.48
CA HIS A 249 -37.61 -38.50 -47.54
C HIS A 249 -36.76 -39.65 -48.05
N ARG A 250 -37.39 -40.66 -48.63
CA ARG A 250 -36.62 -41.83 -49.04
C ARG A 250 -35.78 -41.51 -50.28
N SER A 251 -34.53 -41.10 -50.07
CA SER A 251 -33.63 -40.75 -51.14
C SER A 251 -32.88 -41.97 -51.68
N ALA A 266 -28.82 -42.06 -44.60
CA ALA A 266 -27.54 -41.37 -44.48
C ALA A 266 -27.73 -39.87 -44.32
N ALA A 267 -27.53 -39.36 -43.10
CA ALA A 267 -27.76 -37.96 -42.79
C ALA A 267 -26.49 -37.37 -42.17
N ALA A 268 -26.06 -36.22 -42.68
CA ALA A 268 -24.77 -35.66 -42.31
C ALA A 268 -24.90 -34.40 -41.45
N TYR A 269 -24.28 -34.43 -40.27
CA TYR A 269 -24.00 -33.24 -39.47
C TYR A 269 -22.84 -33.59 -38.56
N TYR A 270 -22.40 -32.64 -37.74
CA TYR A 270 -21.24 -32.81 -36.87
C TYR A 270 -21.61 -32.47 -35.44
N VAL A 271 -21.20 -33.32 -34.49
CA VAL A 271 -21.59 -33.19 -33.09
C VAL A 271 -20.32 -33.01 -32.27
N GLY A 272 -20.23 -31.92 -31.53
CA GLY A 272 -19.07 -31.68 -30.70
C GLY A 272 -19.47 -31.20 -29.32
N TYR A 273 -18.55 -31.41 -28.38
CA TYR A 273 -18.79 -31.15 -26.97
C TYR A 273 -17.82 -30.07 -26.49
N LEU A 274 -18.31 -29.11 -25.71
CA LEU A 274 -17.50 -27.97 -25.30
C LEU A 274 -16.88 -28.19 -23.93
N GLN A 275 -15.82 -27.43 -23.66
CA GLN A 275 -15.07 -27.45 -22.42
C GLN A 275 -14.75 -26.04 -21.99
N PRO A 276 -14.62 -25.78 -20.68
CA PRO A 276 -14.22 -24.43 -20.24
C PRO A 276 -12.73 -24.19 -20.41
N ARG A 277 -12.42 -23.07 -21.07
CA ARG A 277 -11.04 -22.61 -21.28
C ARG A 277 -11.09 -21.15 -21.66
N THR A 278 -9.93 -20.59 -21.96
CA THR A 278 -9.78 -19.17 -22.23
C THR A 278 -9.34 -18.93 -23.66
N PHE A 279 -10.01 -18.02 -24.34
CA PHE A 279 -9.66 -17.67 -25.70
C PHE A 279 -9.06 -16.27 -25.70
N LEU A 280 -8.23 -15.99 -26.70
CA LEU A 280 -7.74 -14.64 -26.97
C LEU A 280 -8.21 -14.22 -28.36
N LEU A 281 -8.72 -13.00 -28.47
CA LEU A 281 -9.42 -12.52 -29.65
C LEU A 281 -8.76 -11.26 -30.20
N LYS A 282 -8.77 -11.09 -31.52
CA LYS A 282 -8.46 -9.79 -32.12
C LYS A 282 -9.72 -9.27 -32.81
N TYR A 283 -10.15 -8.07 -32.43
CA TYR A 283 -11.32 -7.42 -33.03
C TYR A 283 -10.86 -6.42 -34.06
N ASN A 284 -11.49 -6.41 -35.24
CA ASN A 284 -11.07 -5.45 -36.26
C ASN A 284 -11.87 -4.17 -36.13
N GLU A 285 -11.69 -3.24 -37.08
CA GLU A 285 -12.30 -1.93 -37.00
C GLU A 285 -13.81 -1.94 -37.19
N ASN A 286 -14.39 -3.03 -37.69
CA ASN A 286 -15.84 -3.15 -37.78
C ASN A 286 -16.41 -4.13 -36.77
N GLY A 287 -15.58 -4.69 -35.90
CA GLY A 287 -16.05 -5.63 -34.90
C GLY A 287 -16.16 -7.06 -35.36
N THR A 288 -15.41 -7.48 -36.38
CA THR A 288 -15.33 -8.87 -36.76
C THR A 288 -14.06 -9.48 -36.19
N ILE A 289 -14.19 -10.65 -35.57
CA ILE A 289 -13.02 -11.38 -35.08
C ILE A 289 -12.28 -11.90 -36.30
N THR A 290 -11.00 -11.54 -36.44
CA THR A 290 -10.22 -11.96 -37.60
C THR A 290 -9.21 -13.05 -37.30
N ASP A 291 -8.74 -13.14 -36.06
CA ASP A 291 -7.79 -14.16 -35.62
C ASP A 291 -8.16 -14.53 -34.19
N ALA A 292 -8.07 -15.81 -33.84
CA ALA A 292 -8.33 -16.22 -32.47
C ALA A 292 -7.22 -17.12 -31.97
N VAL A 293 -6.98 -17.09 -30.65
CA VAL A 293 -5.98 -17.93 -30.00
C VAL A 293 -6.58 -18.49 -28.71
N ASP A 294 -6.33 -19.78 -28.48
CA ASP A 294 -6.78 -20.50 -27.30
C ASP A 294 -5.64 -20.57 -26.30
N CYS A 295 -5.98 -20.66 -25.01
CA CYS A 295 -5.01 -20.50 -23.94
C CYS A 295 -4.30 -21.82 -23.75
N ALA A 296 -4.97 -22.77 -23.08
CA ALA A 296 -4.39 -24.07 -22.79
C ALA A 296 -4.27 -24.90 -24.07
N LEU A 297 -3.13 -24.75 -24.75
CA LEU A 297 -2.77 -25.53 -25.92
C LEU A 297 -1.24 -25.57 -25.93
N ASP A 298 -0.64 -25.78 -27.11
CA ASP A 298 0.80 -25.73 -27.36
C ASP A 298 1.41 -24.45 -26.80
N PRO A 299 2.68 -24.48 -26.37
CA PRO A 299 3.25 -23.35 -25.62
C PRO A 299 3.35 -22.05 -26.39
N LEU A 300 3.28 -22.08 -27.72
CA LEU A 300 3.10 -20.83 -28.44
C LEU A 300 1.79 -20.16 -28.06
N SER A 301 0.71 -20.93 -27.99
CA SER A 301 -0.59 -20.39 -27.63
C SER A 301 -0.65 -19.94 -26.18
N GLU A 302 0.02 -20.67 -25.28
CA GLU A 302 0.00 -20.32 -23.86
C GLU A 302 0.73 -19.01 -23.61
N THR A 303 1.79 -18.74 -24.37
CA THR A 303 2.47 -17.45 -24.29
C THR A 303 1.60 -16.31 -24.80
N LYS A 304 0.87 -16.55 -25.90
CA LYS A 304 -0.03 -15.54 -26.43
C LYS A 304 -1.17 -15.23 -25.47
N CYS A 305 -1.66 -16.24 -24.77
CA CYS A 305 -2.74 -16.03 -23.80
C CYS A 305 -2.30 -15.18 -22.63
N THR A 306 -1.11 -15.43 -22.09
CA THR A 306 -0.64 -14.66 -20.95
C THR A 306 -0.16 -13.27 -21.34
N LEU A 307 0.59 -13.16 -22.44
CA LEU A 307 1.13 -11.86 -22.87
C LEU A 307 0.11 -10.99 -23.59
N LYS A 308 -1.04 -11.55 -23.96
CA LYS A 308 -2.16 -10.84 -24.63
C LYS A 308 -1.71 -10.18 -25.93
N SER A 309 -1.25 -10.99 -26.87
CA SER A 309 -0.90 -10.51 -28.19
C SER A 309 -1.06 -11.67 -29.16
N PHE A 310 -1.01 -11.35 -30.44
CA PHE A 310 -1.06 -12.40 -31.46
C PHE A 310 0.24 -12.54 -32.23
N THR A 311 1.20 -11.69 -31.97
CA THR A 311 2.50 -11.81 -32.60
C THR A 311 3.54 -11.70 -31.51
N VAL A 312 4.44 -12.67 -31.46
CA VAL A 312 5.41 -12.80 -30.38
C VAL A 312 6.79 -12.88 -31.01
N GLU A 313 7.73 -12.08 -30.52
CA GLU A 313 9.08 -12.15 -31.04
C GLU A 313 9.77 -13.39 -30.50
N LYS A 314 10.89 -13.73 -31.12
CA LYS A 314 11.71 -14.85 -30.64
C LYS A 314 12.33 -14.48 -29.31
N GLY A 315 12.13 -15.31 -28.29
CA GLY A 315 12.68 -15.00 -27.00
C GLY A 315 12.09 -15.83 -25.88
N ILE A 316 12.42 -15.43 -24.66
CA ILE A 316 12.06 -16.15 -23.45
C ILE A 316 10.92 -15.41 -22.77
N TYR A 317 9.90 -16.16 -22.38
CA TYR A 317 8.75 -15.56 -21.73
C TYR A 317 8.34 -16.43 -20.57
N GLN A 318 8.24 -15.85 -19.40
CA GLN A 318 7.89 -16.64 -18.24
C GLN A 318 6.39 -16.87 -18.33
N THR A 319 5.97 -18.11 -18.50
CA THR A 319 4.55 -18.31 -18.70
C THR A 319 3.83 -18.52 -17.38
N SER A 320 4.23 -19.53 -16.63
CA SER A 320 3.63 -19.77 -15.34
C SER A 320 4.70 -20.41 -14.47
N ASN A 321 4.29 -20.91 -13.33
CA ASN A 321 5.18 -21.64 -12.47
C ASN A 321 4.87 -23.12 -12.62
N PHE A 322 5.76 -23.95 -12.11
CA PHE A 322 5.44 -25.36 -12.11
C PHE A 322 6.07 -25.97 -10.88
N ARG A 323 5.39 -26.96 -10.34
CA ARG A 323 5.88 -27.61 -9.15
C ARG A 323 5.53 -29.07 -9.27
N VAL A 324 6.21 -29.87 -8.48
CA VAL A 324 5.79 -31.23 -8.30
C VAL A 324 4.87 -31.22 -7.09
N GLN A 325 3.66 -31.73 -7.30
CA GLN A 325 2.70 -31.82 -6.23
C GLN A 325 3.15 -32.87 -5.22
N PRO A 326 2.72 -32.75 -3.98
CA PRO A 326 2.88 -33.88 -3.06
C PRO A 326 2.03 -35.02 -3.59
N THR A 327 2.58 -36.23 -3.48
CA THR A 327 1.92 -37.38 -4.06
C THR A 327 0.89 -37.95 -3.08
N GLU A 328 1.32 -38.27 -1.88
CA GLU A 328 0.42 -38.76 -0.85
C GLU A 328 0.77 -38.04 0.44
N SER A 329 0.05 -38.38 1.50
CA SER A 329 0.35 -37.84 2.82
C SER A 329 0.88 -38.95 3.72
N ILE A 330 1.95 -38.64 4.44
CA ILE A 330 2.50 -39.57 5.42
C ILE A 330 2.52 -38.84 6.76
N VAL A 331 2.32 -39.59 7.83
CA VAL A 331 2.46 -39.05 9.17
C VAL A 331 3.34 -40.04 9.91
N ARG A 332 3.94 -39.58 11.00
CA ARG A 332 4.81 -40.46 11.74
C ARG A 332 4.70 -40.10 13.21
N PHE A 333 4.44 -41.10 14.04
CA PHE A 333 4.10 -40.88 15.43
C PHE A 333 4.81 -41.94 16.24
N PRO A 334 5.25 -41.61 17.47
CA PRO A 334 6.20 -42.49 18.16
C PRO A 334 5.67 -43.81 18.67
N ASN A 335 6.51 -44.49 19.46
CA ASN A 335 6.30 -45.87 19.86
C ASN A 335 6.02 -45.94 21.35
N ILE A 336 5.09 -45.10 21.81
CA ILE A 336 4.64 -45.07 23.21
C ILE A 336 4.23 -46.46 23.66
N THR A 337 4.79 -46.88 24.80
CA THR A 337 4.52 -48.19 25.40
C THR A 337 4.01 -47.97 26.82
N ASN A 338 4.01 -49.07 27.60
CA ASN A 338 3.45 -49.15 28.94
C ASN A 338 1.95 -48.83 28.89
N LEU A 339 1.23 -49.79 28.29
CA LEU A 339 -0.22 -49.70 28.16
C LEU A 339 -0.89 -49.69 29.53
N CYS A 340 -2.04 -49.02 29.60
CA CYS A 340 -2.76 -48.91 30.85
C CYS A 340 -3.32 -50.28 31.23
N PRO A 341 -3.28 -50.63 32.51
CA PRO A 341 -3.88 -51.90 32.93
C PRO A 341 -5.39 -51.78 33.14
N PHE A 342 -6.12 -51.58 32.03
CA PHE A 342 -7.56 -51.61 32.16
C PHE A 342 -8.08 -53.04 32.19
N GLY A 343 -7.23 -54.01 31.84
CA GLY A 343 -7.62 -55.40 31.95
C GLY A 343 -7.70 -55.79 33.42
N GLU A 344 -6.79 -55.23 34.24
CA GLU A 344 -6.81 -55.47 35.67
C GLU A 344 -7.98 -54.76 36.34
N VAL A 345 -8.60 -53.80 35.67
CA VAL A 345 -9.81 -53.18 36.15
C VAL A 345 -11.04 -53.93 35.65
N PHE A 346 -11.06 -54.24 34.36
CA PHE A 346 -12.23 -54.87 33.76
C PHE A 346 -12.31 -56.37 34.04
N ASN A 347 -11.17 -57.02 34.27
CA ASN A 347 -11.10 -58.44 34.59
C ASN A 347 -10.43 -58.68 35.94
N ALA A 348 -10.71 -57.81 36.90
CA ALA A 348 -10.20 -57.98 38.25
C ALA A 348 -10.79 -59.23 38.89
N THR A 349 -10.04 -59.85 39.80
CA THR A 349 -10.53 -61.05 40.45
C THR A 349 -11.70 -60.75 41.40
N ARG A 350 -11.65 -59.62 42.12
CA ARG A 350 -12.75 -59.35 43.04
C ARG A 350 -13.09 -57.87 42.98
N PHE A 351 -14.40 -57.57 42.99
CA PHE A 351 -14.93 -56.23 43.16
C PHE A 351 -15.61 -56.12 44.51
N ALA A 352 -15.69 -54.90 45.04
CA ALA A 352 -16.35 -54.71 46.33
C ALA A 352 -17.86 -54.59 46.12
N SER A 353 -18.57 -54.30 47.21
CA SER A 353 -20.00 -54.03 47.14
C SER A 353 -20.24 -52.61 46.62
N VAL A 354 -21.51 -52.30 46.34
CA VAL A 354 -21.83 -51.02 45.72
C VAL A 354 -21.70 -49.86 46.71
N TYR A 355 -22.13 -50.07 47.96
CA TYR A 355 -22.05 -49.02 48.95
C TYR A 355 -20.67 -48.91 49.59
N ALA A 356 -19.75 -49.78 49.21
CA ALA A 356 -18.35 -49.76 49.65
C ALA A 356 -17.44 -49.83 48.43
N TRP A 357 -17.71 -48.96 47.46
CA TRP A 357 -17.09 -49.00 46.13
C TRP A 357 -15.59 -48.70 46.16
N ASN A 358 -14.84 -49.47 45.36
CA ASN A 358 -13.40 -49.34 45.23
C ASN A 358 -13.02 -48.15 44.36
N ARG A 359 -12.16 -47.29 44.89
CA ARG A 359 -11.66 -46.14 44.15
C ARG A 359 -10.21 -46.35 43.75
N LYS A 360 -9.95 -46.23 42.44
CA LYS A 360 -8.64 -46.44 41.86
C LYS A 360 -8.29 -45.23 41.03
N ARG A 361 -7.05 -44.78 41.10
CA ARG A 361 -6.60 -43.63 40.33
C ARG A 361 -5.85 -44.12 39.11
N ILE A 362 -6.23 -43.65 37.93
CA ILE A 362 -5.61 -44.05 36.66
C ILE A 362 -5.07 -42.80 35.98
N SER A 363 -3.76 -42.77 35.74
CA SER A 363 -3.13 -41.61 35.12
C SER A 363 -1.81 -42.02 34.49
N ASN A 364 -1.41 -41.27 33.45
CA ASN A 364 -0.08 -41.32 32.83
C ASN A 364 0.26 -42.68 32.21
N CYS A 365 -0.59 -43.11 31.28
CA CYS A 365 -0.30 -44.28 30.45
C CYS A 365 -1.06 -44.15 29.14
N VAL A 366 -0.98 -45.18 28.32
CA VAL A 366 -1.67 -45.25 27.03
C VAL A 366 -2.70 -46.37 27.10
N ALA A 367 -3.93 -46.08 26.70
CA ALA A 367 -4.96 -47.12 26.70
C ALA A 367 -5.54 -47.26 25.29
N ASP A 368 -5.32 -48.41 24.69
CA ASP A 368 -5.91 -48.74 23.39
C ASP A 368 -7.28 -49.32 23.65
N TYR A 369 -8.32 -48.53 23.37
CA TYR A 369 -9.70 -48.91 23.64
C TYR A 369 -10.30 -49.81 22.58
N SER A 370 -9.58 -50.12 21.50
CA SER A 370 -10.09 -51.03 20.48
C SER A 370 -10.23 -52.46 20.99
N VAL A 371 -9.31 -52.91 21.84
CA VAL A 371 -9.36 -54.29 22.32
C VAL A 371 -10.50 -54.49 23.31
N LEU A 372 -10.85 -53.48 24.09
CA LEU A 372 -12.02 -53.57 24.97
C LEU A 372 -13.31 -53.31 24.23
N TYR A 373 -13.27 -52.54 23.12
CA TYR A 373 -14.47 -52.32 22.33
C TYR A 373 -14.92 -53.59 21.62
N ASN A 374 -13.97 -54.31 21.02
CA ASN A 374 -14.29 -55.54 20.30
C ASN A 374 -14.47 -56.73 21.23
N SER A 375 -14.09 -56.62 22.49
CA SER A 375 -14.36 -57.66 23.45
C SER A 375 -15.83 -57.67 23.81
N ALA A 376 -16.41 -58.88 23.90
CA ALA A 376 -17.80 -59.07 24.29
C ALA A 376 -17.94 -59.34 25.77
N SER A 377 -16.90 -59.10 26.55
CA SER A 377 -16.92 -59.35 27.98
C SER A 377 -17.70 -58.32 28.77
N PHE A 378 -18.18 -57.25 28.15
CA PHE A 378 -18.96 -56.22 28.83
C PHE A 378 -20.41 -56.30 28.39
N SER A 379 -21.32 -56.46 29.35
CA SER A 379 -22.73 -56.59 29.01
C SER A 379 -23.33 -55.27 28.58
N THR A 380 -23.03 -54.20 29.31
CA THR A 380 -23.53 -52.88 28.98
C THR A 380 -22.35 -51.92 28.96
N PHE A 381 -22.25 -51.14 27.89
CA PHE A 381 -21.14 -50.21 27.73
C PHE A 381 -21.75 -48.94 27.15
N LYS A 382 -22.17 -48.05 28.03
CA LYS A 382 -22.88 -46.84 27.66
C LYS A 382 -21.98 -45.66 27.99
N CYS A 383 -21.51 -44.95 26.95
CA CYS A 383 -20.64 -43.80 27.20
C CYS A 383 -21.39 -42.48 27.14
N TYR A 384 -21.17 -41.64 28.15
CA TYR A 384 -21.82 -40.34 28.24
C TYR A 384 -20.88 -39.17 27.97
N GLY A 385 -19.59 -39.26 28.33
CA GLY A 385 -18.66 -38.16 28.11
C GLY A 385 -18.34 -37.85 26.66
N VAL A 386 -17.86 -38.87 25.94
CA VAL A 386 -17.66 -38.85 24.49
C VAL A 386 -18.17 -40.19 23.99
N SER A 387 -18.30 -40.33 22.66
CA SER A 387 -18.79 -41.58 22.10
C SER A 387 -17.78 -42.71 22.31
N PRO A 388 -18.25 -43.96 22.46
CA PRO A 388 -17.33 -45.09 22.77
C PRO A 388 -16.29 -45.39 21.71
N THR A 389 -16.61 -45.21 20.43
CA THR A 389 -15.62 -45.31 19.38
C THR A 389 -14.60 -44.18 19.47
N LYS A 390 -15.04 -42.99 19.89
CA LYS A 390 -14.19 -41.81 19.96
C LYS A 390 -13.29 -41.77 21.18
N LEU A 391 -13.27 -42.83 22.00
CA LEU A 391 -12.30 -42.92 23.08
C LEU A 391 -10.86 -43.05 22.56
N ASN A 392 -10.68 -43.56 21.35
CA ASN A 392 -9.34 -43.89 20.85
C ASN A 392 -8.51 -42.66 20.51
N ASP A 393 -9.16 -41.57 20.06
CA ASP A 393 -8.45 -40.36 19.68
C ASP A 393 -8.43 -39.31 20.79
N LEU A 394 -9.61 -38.83 21.20
CA LEU A 394 -9.73 -37.72 22.12
C LEU A 394 -9.72 -38.21 23.57
N CYS A 395 -9.09 -37.44 24.46
CA CYS A 395 -8.84 -37.93 25.80
C CYS A 395 -8.63 -36.78 26.78
N PHE A 396 -8.51 -37.16 28.05
CA PHE A 396 -8.57 -36.26 29.20
C PHE A 396 -7.37 -36.51 30.10
N THR A 397 -7.15 -35.59 31.06
CA THR A 397 -5.85 -35.55 31.72
C THR A 397 -5.71 -36.51 32.91
N ASN A 398 -6.81 -36.96 33.52
CA ASN A 398 -6.71 -37.95 34.59
C ASN A 398 -8.03 -38.69 34.70
N VAL A 399 -7.97 -39.89 35.30
CA VAL A 399 -9.10 -40.79 35.39
C VAL A 399 -9.35 -41.17 36.84
N TYR A 400 -10.63 -41.15 37.25
CA TYR A 400 -11.09 -41.69 38.53
C TYR A 400 -11.82 -42.98 38.21
N ALA A 401 -11.25 -44.12 38.62
CA ALA A 401 -11.88 -45.42 38.38
C ALA A 401 -12.61 -45.88 39.63
N ASP A 402 -13.94 -45.93 39.56
CA ASP A 402 -14.79 -46.32 40.67
C ASP A 402 -15.45 -47.66 40.33
N SER A 403 -15.11 -48.69 41.10
CA SER A 403 -15.52 -50.06 40.83
C SER A 403 -16.48 -50.59 41.90
N PHE A 404 -17.59 -51.20 41.47
CA PHE A 404 -18.53 -51.82 42.41
C PHE A 404 -19.36 -52.89 41.69
N VAL A 405 -20.31 -53.48 42.42
CA VAL A 405 -21.18 -54.54 41.89
C VAL A 405 -22.65 -54.27 42.24
N ILE A 406 -23.53 -54.29 41.22
CA ILE A 406 -24.96 -54.10 41.39
C ILE A 406 -25.69 -55.25 40.68
N ARG A 407 -27.03 -55.15 40.64
CA ARG A 407 -27.90 -56.11 39.98
C ARG A 407 -28.11 -55.75 38.52
N GLY A 408 -28.82 -56.63 37.81
CA GLY A 408 -28.98 -56.50 36.37
C GLY A 408 -29.98 -55.44 35.93
N ASP A 409 -31.10 -55.32 36.63
CA ASP A 409 -32.07 -54.31 36.27
C ASP A 409 -31.64 -52.91 36.71
N GLU A 410 -30.65 -52.82 37.60
CA GLU A 410 -30.24 -51.57 38.20
C GLU A 410 -29.00 -50.96 37.53
N VAL A 411 -28.55 -51.52 36.41
CA VAL A 411 -27.44 -50.91 35.67
C VAL A 411 -27.86 -49.60 35.02
N ARG A 412 -29.15 -49.48 34.66
CA ARG A 412 -29.65 -48.21 34.17
C ARG A 412 -29.73 -47.16 35.27
N GLN A 413 -29.85 -47.58 36.54
CA GLN A 413 -29.92 -46.61 37.63
C GLN A 413 -28.59 -45.92 37.85
N ILE A 414 -27.47 -46.58 37.53
CA ILE A 414 -26.16 -45.95 37.57
C ILE A 414 -25.96 -45.29 36.21
N ALA A 415 -26.41 -44.04 36.09
CA ALA A 415 -26.39 -43.28 34.86
C ALA A 415 -26.65 -41.81 35.19
N PRO A 416 -26.19 -40.88 34.34
CA PRO A 416 -26.55 -39.47 34.54
C PRO A 416 -28.03 -39.20 34.33
N GLY A 417 -28.59 -38.43 35.25
CA GLY A 417 -30.01 -38.09 35.26
C GLY A 417 -30.88 -39.30 35.53
N GLN A 418 -30.48 -40.14 36.47
CA GLN A 418 -31.22 -41.34 36.83
C GLN A 418 -31.36 -41.42 38.34
N THR A 419 -32.52 -41.89 38.79
CA THR A 419 -32.84 -41.97 40.21
C THR A 419 -33.28 -43.39 40.53
N GLY A 420 -33.22 -43.73 41.80
CA GLY A 420 -33.55 -45.07 42.22
C GLY A 420 -32.98 -45.40 43.58
N LYS A 421 -33.07 -46.69 43.91
CA LYS A 421 -32.58 -47.20 45.20
C LYS A 421 -31.06 -47.16 45.29
N ILE A 422 -30.37 -47.80 44.32
CA ILE A 422 -28.91 -47.80 44.30
C ILE A 422 -28.35 -46.41 44.00
N ALA A 423 -28.98 -45.68 43.08
CA ALA A 423 -28.47 -44.40 42.60
C ALA A 423 -28.54 -43.27 43.61
N ASP A 424 -29.26 -43.44 44.72
CA ASP A 424 -29.35 -42.42 45.76
C ASP A 424 -28.90 -42.89 47.13
N TYR A 425 -28.82 -44.19 47.38
CA TYR A 425 -28.45 -44.68 48.70
C TYR A 425 -27.15 -45.46 48.71
N ASN A 426 -26.63 -45.85 47.56
CA ASN A 426 -25.44 -46.69 47.48
C ASN A 426 -24.29 -45.98 46.80
N TYR A 427 -24.52 -45.46 45.59
CA TYR A 427 -23.46 -44.80 44.83
C TYR A 427 -24.02 -43.52 44.22
N LYS A 428 -23.18 -42.49 44.17
CA LYS A 428 -23.54 -41.17 43.66
C LYS A 428 -22.48 -40.68 42.69
N LEU A 429 -22.92 -40.02 41.63
CA LEU A 429 -22.09 -39.47 40.58
C LEU A 429 -22.20 -37.96 40.52
N PRO A 430 -21.10 -37.26 40.28
CA PRO A 430 -21.15 -35.80 40.17
C PRO A 430 -21.88 -35.34 38.92
N ASP A 431 -22.34 -34.10 38.98
CA ASP A 431 -23.07 -33.49 37.87
C ASP A 431 -22.17 -33.19 36.68
N ASP A 432 -20.89 -32.84 36.91
CA ASP A 432 -19.96 -32.58 35.82
C ASP A 432 -19.19 -33.81 35.36
N PHE A 433 -19.78 -35.00 35.46
CA PHE A 433 -19.04 -36.21 35.11
C PHE A 433 -18.84 -36.33 33.59
N THR A 434 -17.58 -36.56 33.21
CA THR A 434 -17.16 -36.93 31.86
C THR A 434 -16.62 -38.36 31.92
N GLY A 435 -17.00 -39.21 30.97
CA GLY A 435 -16.46 -40.56 31.06
C GLY A 435 -17.43 -41.65 30.68
N CYS A 436 -17.36 -42.81 31.32
CA CYS A 436 -18.31 -43.86 30.98
C CYS A 436 -18.72 -44.70 32.17
N VAL A 437 -19.80 -45.44 31.95
CA VAL A 437 -20.31 -46.47 32.85
C VAL A 437 -20.28 -47.78 32.06
N ILE A 438 -19.54 -48.75 32.56
CA ILE A 438 -19.37 -50.05 31.92
C ILE A 438 -19.87 -51.14 32.84
N ALA A 439 -20.94 -51.84 32.46
CA ALA A 439 -21.49 -52.90 33.31
C ALA A 439 -21.30 -54.23 32.61
N TRP A 440 -20.94 -55.25 33.39
CA TRP A 440 -20.87 -56.62 32.88
C TRP A 440 -21.18 -57.63 33.96
N ASN A 441 -21.73 -58.76 33.52
CA ASN A 441 -21.98 -59.88 34.42
C ASN A 441 -20.65 -60.42 34.90
N SER A 442 -20.59 -60.74 36.18
CA SER A 442 -19.44 -61.42 36.76
C SER A 442 -19.91 -62.60 37.57
N ASN A 443 -20.92 -63.28 37.02
CA ASN A 443 -21.53 -64.41 37.69
C ASN A 443 -20.55 -65.56 37.77
N ASN A 444 -19.68 -65.68 36.77
CA ASN A 444 -18.66 -66.72 36.74
C ASN A 444 -17.57 -66.51 37.78
N LEU A 445 -17.36 -65.27 38.25
CA LEU A 445 -16.26 -64.98 39.16
C LEU A 445 -16.73 -64.53 40.53
N ASP A 446 -17.62 -63.54 40.59
CA ASP A 446 -17.99 -62.94 41.88
C ASP A 446 -18.97 -63.80 42.67
N SER A 447 -19.86 -64.50 41.97
CA SER A 447 -20.86 -65.32 42.64
C SER A 447 -20.27 -66.59 43.22
N LYS A 448 -20.75 -66.95 44.42
CA LYS A 448 -20.35 -68.16 45.12
C LYS A 448 -21.52 -69.13 45.18
N VAL A 449 -21.21 -70.43 45.09
CA VAL A 449 -22.20 -71.47 45.28
C VAL A 449 -22.73 -71.51 46.71
N GLY A 450 -21.90 -71.15 47.68
CA GLY A 450 -22.34 -71.12 49.07
C GLY A 450 -23.10 -69.88 49.48
N GLY A 451 -23.35 -68.96 48.55
CA GLY A 451 -24.09 -67.75 48.87
C GLY A 451 -23.16 -66.58 49.09
N ASN A 452 -23.08 -65.67 48.11
CA ASN A 452 -22.23 -64.49 48.23
C ASN A 452 -22.94 -63.40 49.02
N TYR A 453 -22.99 -63.60 50.34
CA TYR A 453 -23.65 -62.64 51.21
C TYR A 453 -22.71 -61.51 51.63
N ASN A 454 -21.47 -61.51 51.12
CA ASN A 454 -20.59 -60.37 51.33
C ASN A 454 -21.11 -59.15 50.59
N TYR A 455 -21.63 -59.33 49.37
CA TYR A 455 -22.23 -58.20 48.68
C TYR A 455 -23.55 -57.85 49.34
N ARG A 456 -23.75 -56.56 49.58
CA ARG A 456 -24.93 -56.03 50.23
C ARG A 456 -25.27 -54.71 49.55
N TYR A 457 -26.54 -54.32 49.64
CA TYR A 457 -26.96 -53.07 49.01
C TYR A 457 -27.87 -52.33 49.98
N ARG A 458 -27.69 -51.01 50.02
CA ARG A 458 -28.56 -50.15 50.79
C ARG A 458 -29.90 -49.92 50.09
N LEU A 459 -30.96 -49.86 50.90
CA LEU A 459 -32.32 -49.66 50.47
C LEU A 459 -32.94 -48.42 51.09
N PHE A 460 -32.45 -47.99 52.25
CA PHE A 460 -32.98 -46.87 52.99
C PHE A 460 -31.86 -45.98 53.53
N ARG A 461 -32.05 -44.66 53.43
CA ARG A 461 -31.30 -43.70 54.22
C ARG A 461 -32.15 -42.44 54.36
N LYS A 462 -32.10 -41.81 55.53
CA LYS A 462 -32.89 -40.61 55.79
C LYS A 462 -32.49 -39.46 54.87
N SER A 463 -31.20 -39.34 54.58
CA SER A 463 -30.69 -38.31 53.68
C SER A 463 -30.00 -38.99 52.51
N ASN A 464 -29.57 -38.18 51.53
CA ASN A 464 -28.90 -38.74 50.37
C ASN A 464 -27.38 -38.73 50.60
N LEU A 465 -26.64 -39.08 49.55
CA LEU A 465 -25.20 -39.21 49.57
C LEU A 465 -24.56 -38.14 48.70
N LYS A 466 -23.42 -37.61 49.13
CA LYS A 466 -22.72 -36.65 48.29
C LYS A 466 -22.06 -37.39 47.13
N PRO A 467 -21.68 -36.68 46.06
CA PRO A 467 -20.83 -37.32 45.05
C PRO A 467 -19.48 -37.72 45.62
N PHE A 468 -19.05 -38.94 45.26
CA PHE A 468 -17.84 -39.59 45.77
C PHE A 468 -17.84 -39.69 47.29
N GLU A 469 -19.00 -40.03 47.87
CA GLU A 469 -19.16 -40.20 49.31
C GLU A 469 -19.58 -41.64 49.54
N ARG A 470 -18.93 -42.30 50.49
CA ARG A 470 -19.19 -43.70 50.78
C ARG A 470 -19.83 -43.89 52.16
N ASP A 471 -20.97 -44.57 52.19
CA ASP A 471 -21.71 -44.86 53.41
C ASP A 471 -21.72 -46.37 53.62
N ILE A 472 -21.18 -46.83 54.74
CA ILE A 472 -21.12 -48.25 55.07
C ILE A 472 -21.76 -48.56 56.41
N SER A 473 -22.52 -47.61 56.95
CA SER A 473 -23.15 -47.76 58.26
C SER A 473 -24.31 -48.76 58.22
N THR A 474 -24.48 -49.47 59.33
CA THR A 474 -25.61 -50.37 59.54
C THR A 474 -26.66 -49.69 60.41
N GLU A 475 -26.82 -48.39 60.20
CA GLU A 475 -27.73 -47.57 60.98
C GLU A 475 -29.19 -47.93 60.72
N ILE A 476 -29.97 -48.03 61.79
CA ILE A 476 -31.37 -48.40 61.65
C ILE A 476 -32.17 -47.25 61.07
N TYR A 477 -32.78 -47.47 59.91
CA TYR A 477 -33.59 -46.44 59.27
C TYR A 477 -34.90 -46.29 60.02
N GLN A 478 -35.29 -45.05 60.32
CA GLN A 478 -36.51 -44.78 61.06
C GLN A 478 -37.50 -44.05 60.14
N ALA A 479 -38.34 -44.82 59.48
CA ALA A 479 -39.37 -44.22 58.61
C ALA A 479 -40.46 -43.55 59.44
N GLY A 480 -40.96 -44.25 60.46
CA GLY A 480 -42.01 -43.74 61.31
C GLY A 480 -41.49 -43.02 62.53
N SER A 481 -42.40 -42.78 63.47
CA SER A 481 -42.06 -42.08 64.71
C SER A 481 -41.73 -43.04 65.85
N LYS A 482 -41.73 -44.35 65.61
CA LYS A 482 -41.38 -45.30 66.66
C LYS A 482 -39.87 -45.49 66.69
N PRO A 483 -39.19 -45.19 67.78
CA PRO A 483 -37.73 -45.35 67.81
C PRO A 483 -37.32 -46.81 67.84
N CYS A 484 -36.18 -47.10 67.22
CA CYS A 484 -35.59 -48.42 67.19
C CYS A 484 -34.13 -48.32 67.60
N ASN A 485 -33.70 -49.14 68.56
CA ASN A 485 -32.32 -49.11 69.03
C ASN A 485 -31.45 -50.11 68.26
N GLY A 486 -31.43 -49.98 66.93
CA GLY A 486 -30.67 -50.88 66.10
C GLY A 486 -31.31 -52.22 65.85
N VAL A 487 -32.56 -52.41 66.26
CA VAL A 487 -33.30 -53.64 66.07
C VAL A 487 -34.49 -53.34 65.17
N GLU A 488 -34.71 -54.22 64.18
CA GLU A 488 -35.84 -54.04 63.27
C GLU A 488 -37.14 -54.21 64.02
N GLY A 489 -38.10 -53.34 63.72
CA GLY A 489 -39.39 -53.37 64.37
C GLY A 489 -40.53 -53.36 63.36
N PHE A 490 -41.67 -52.82 63.80
CA PHE A 490 -42.83 -52.71 62.93
C PHE A 490 -42.59 -51.67 61.83
N ASN A 491 -41.95 -50.55 62.17
CA ASN A 491 -41.64 -49.49 61.21
C ASN A 491 -40.15 -49.40 60.90
N CYS A 492 -39.36 -50.37 61.35
CA CYS A 492 -37.92 -50.38 61.19
C CYS A 492 -37.44 -51.66 60.52
N TYR A 493 -36.59 -51.51 59.51
CA TYR A 493 -36.03 -52.65 58.81
C TYR A 493 -34.58 -52.33 58.49
N PHE A 494 -33.82 -53.38 58.22
CA PHE A 494 -32.40 -53.22 57.93
C PHE A 494 -32.22 -52.56 56.57
N PRO A 495 -31.44 -51.47 56.47
CA PRO A 495 -31.27 -50.82 55.16
C PRO A 495 -30.44 -51.64 54.19
N LEU A 496 -29.50 -52.42 54.72
CA LEU A 496 -28.53 -53.13 53.90
C LEU A 496 -29.03 -54.55 53.69
N GLN A 497 -29.83 -54.75 52.66
CA GLN A 497 -30.24 -56.09 52.30
C GLN A 497 -29.04 -56.78 51.67
N SER A 498 -28.76 -58.00 52.12
CA SER A 498 -27.64 -58.72 51.56
C SER A 498 -27.98 -59.21 50.17
N TYR A 499 -27.00 -59.14 49.28
CA TYR A 499 -27.22 -59.59 47.93
C TYR A 499 -27.26 -61.12 47.96
N GLY A 500 -28.14 -61.70 47.18
CA GLY A 500 -28.28 -63.14 47.20
C GLY A 500 -27.73 -63.73 45.92
N PHE A 501 -26.55 -63.27 45.53
CA PHE A 501 -25.97 -63.73 44.29
C PHE A 501 -25.58 -65.21 44.37
N GLN A 502 -26.07 -65.97 43.40
CA GLN A 502 -25.80 -67.38 43.17
C GLN A 502 -25.30 -67.51 41.74
N PRO A 503 -24.55 -68.57 41.40
CA PRO A 503 -24.17 -68.76 40.00
C PRO A 503 -25.36 -68.97 39.06
N THR A 504 -26.45 -69.55 39.55
CA THR A 504 -27.66 -69.77 38.76
C THR A 504 -28.80 -68.98 39.40
N ASN A 505 -29.01 -67.74 38.96
CA ASN A 505 -30.11 -66.91 39.46
C ASN A 505 -30.94 -66.22 38.38
N GLY A 506 -30.56 -66.32 37.11
CA GLY A 506 -31.31 -65.72 36.04
C GLY A 506 -30.87 -64.30 35.70
N VAL A 507 -31.43 -63.78 34.62
CA VAL A 507 -31.10 -62.43 34.16
C VAL A 507 -31.74 -61.39 35.06
N GLY A 508 -30.91 -60.49 35.58
CA GLY A 508 -31.40 -59.41 36.42
C GLY A 508 -30.91 -59.48 37.85
N TYR A 509 -30.89 -60.68 38.42
CA TYR A 509 -30.36 -60.89 39.75
C TYR A 509 -28.87 -61.23 39.74
N GLN A 510 -28.23 -61.29 38.57
CA GLN A 510 -26.79 -61.56 38.49
C GLN A 510 -25.98 -60.42 39.06
N PRO A 511 -24.79 -60.71 39.61
CA PRO A 511 -23.88 -59.61 39.96
C PRO A 511 -23.39 -58.91 38.70
N TYR A 512 -23.35 -57.58 38.77
CA TYR A 512 -22.99 -56.79 37.60
C TYR A 512 -21.87 -55.85 38.03
N ARG A 513 -20.67 -56.06 37.49
CA ARG A 513 -19.53 -55.20 37.78
C ARG A 513 -19.59 -53.91 36.99
N VAL A 514 -19.63 -52.80 37.71
CA VAL A 514 -19.79 -51.50 37.09
C VAL A 514 -18.53 -50.70 37.44
N VAL A 515 -17.85 -50.23 36.41
CA VAL A 515 -16.70 -49.34 36.53
C VAL A 515 -17.08 -48.01 35.93
N VAL A 516 -16.99 -46.97 36.74
CA VAL A 516 -17.25 -45.62 36.28
C VAL A 516 -15.89 -44.94 36.21
N LEU A 517 -15.50 -44.58 34.99
CA LEU A 517 -14.28 -43.83 34.74
C LEU A 517 -14.68 -42.37 34.69
N SER A 518 -14.21 -41.59 35.67
CA SER A 518 -14.46 -40.15 35.67
C SER A 518 -13.21 -39.44 35.16
N PHE A 519 -13.37 -38.81 34.00
CA PHE A 519 -12.30 -38.10 33.31
C PHE A 519 -12.41 -36.62 33.64
N GLU A 520 -11.29 -35.99 33.95
CA GLU A 520 -11.28 -34.54 34.13
C GLU A 520 -10.43 -33.92 33.03
N LEU A 521 -10.82 -32.71 32.60
CA LEU A 521 -10.16 -32.05 31.47
C LEU A 521 -9.58 -30.69 31.86
N LEU A 522 -8.79 -30.65 32.93
CA LEU A 522 -8.09 -29.43 33.32
C LEU A 522 -7.12 -28.97 32.21
N HIS A 523 -6.63 -27.73 32.34
CA HIS A 523 -5.84 -27.10 31.28
C HIS A 523 -4.45 -27.75 31.11
N ALA A 524 -4.07 -28.68 31.99
CA ALA A 524 -2.93 -29.55 31.74
C ALA A 524 -3.24 -30.47 30.56
N PRO A 525 -2.21 -30.91 29.83
CA PRO A 525 -2.46 -31.84 28.71
C PRO A 525 -2.99 -33.20 29.14
N ALA A 526 -3.75 -33.79 28.22
CA ALA A 526 -4.36 -35.10 28.41
C ALA A 526 -3.31 -36.20 28.48
N THR A 527 -3.50 -37.14 29.39
CA THR A 527 -2.47 -38.12 29.69
C THR A 527 -2.82 -39.54 29.28
N VAL A 528 -4.07 -39.99 29.45
CA VAL A 528 -4.43 -41.39 29.23
C VAL A 528 -5.40 -41.44 28.05
N CYS A 529 -4.94 -42.04 26.95
CA CYS A 529 -5.74 -42.41 25.78
C CYS A 529 -4.88 -43.25 24.86
N GLY A 530 -5.48 -43.66 23.75
CA GLY A 530 -4.80 -44.41 22.71
C GLY A 530 -3.81 -43.51 21.97
N PRO A 531 -2.88 -44.12 21.25
CA PRO A 531 -1.92 -43.34 20.47
C PRO A 531 -2.60 -42.74 19.25
N LYS A 532 -1.92 -41.78 18.64
CA LYS A 532 -2.43 -41.21 17.40
C LYS A 532 -2.08 -42.15 16.27
N LYS A 533 -3.04 -42.35 15.37
CA LYS A 533 -2.84 -43.28 14.27
C LYS A 533 -1.83 -42.73 13.27
N SER A 534 -0.89 -43.59 12.90
CA SER A 534 0.24 -43.26 12.07
C SER A 534 0.39 -44.25 10.92
N THR A 535 0.85 -43.74 9.79
CA THR A 535 1.11 -44.56 8.62
C THR A 535 2.61 -44.66 8.37
N ASN A 536 2.98 -45.50 7.42
CA ASN A 536 4.37 -45.66 7.04
C ASN A 536 4.88 -44.46 6.26
N LEU A 537 6.13 -44.10 6.49
CA LEU A 537 6.80 -43.01 5.80
C LEU A 537 7.42 -43.48 4.49
N VAL A 538 7.52 -42.57 3.53
CA VAL A 538 8.02 -42.84 2.20
C VAL A 538 9.16 -41.87 1.88
N LYS A 539 10.19 -42.36 1.22
CA LYS A 539 11.37 -41.56 0.95
C LYS A 539 11.55 -41.35 -0.55
N ASN A 540 12.23 -40.26 -0.89
CA ASN A 540 12.61 -39.87 -2.25
C ASN A 540 11.42 -39.72 -3.19
N LYS A 541 10.27 -39.33 -2.63
CA LYS A 541 9.09 -38.91 -3.38
C LYS A 541 8.49 -37.83 -2.50
N CYS A 542 8.30 -36.64 -3.06
CA CYS A 542 8.05 -35.50 -2.18
C CYS A 542 6.61 -35.56 -1.72
N VAL A 543 6.42 -35.64 -0.42
CA VAL A 543 5.12 -35.84 0.16
C VAL A 543 4.91 -34.82 1.26
N ASN A 544 3.74 -34.88 1.86
CA ASN A 544 3.45 -34.15 3.07
C ASN A 544 3.80 -35.06 4.24
N PHE A 545 4.49 -34.53 5.24
CA PHE A 545 4.86 -35.31 6.40
C PHE A 545 4.54 -34.54 7.67
N ASN A 546 4.25 -35.30 8.73
CA ASN A 546 3.83 -34.76 10.03
C ASN A 546 4.61 -35.48 11.13
N PHE A 547 5.93 -35.42 11.02
CA PHE A 547 6.87 -36.10 11.90
C PHE A 547 6.73 -35.62 13.34
N ASN A 548 6.14 -36.45 14.20
CA ASN A 548 5.94 -36.16 15.64
C ASN A 548 5.17 -34.86 15.89
N GLY A 549 4.26 -34.51 14.98
CA GLY A 549 3.49 -33.29 15.12
C GLY A 549 4.02 -32.06 14.40
N LEU A 550 5.21 -32.12 13.82
CA LEU A 550 5.73 -31.01 13.02
C LEU A 550 5.43 -31.32 11.55
N THR A 551 4.75 -30.41 10.87
CA THR A 551 4.23 -30.65 9.53
C THR A 551 5.06 -29.90 8.50
N GLY A 552 5.48 -30.62 7.45
CA GLY A 552 6.24 -29.98 6.38
C GLY A 552 6.17 -30.77 5.09
N THR A 553 6.57 -30.08 4.01
CA THR A 553 6.57 -30.62 2.65
C THR A 553 7.97 -30.68 2.09
N GLY A 554 8.30 -31.80 1.46
CA GLY A 554 9.53 -31.86 0.70
C GLY A 554 9.88 -33.31 0.36
N VAL A 555 11.09 -33.47 -0.18
CA VAL A 555 11.67 -34.76 -0.50
C VAL A 555 12.64 -35.15 0.61
N LEU A 556 12.72 -36.45 0.90
CA LEU A 556 13.47 -36.96 2.02
C LEU A 556 14.63 -37.80 1.51
N THR A 557 15.82 -37.56 2.05
CA THR A 557 17.05 -38.18 1.57
C THR A 557 17.79 -38.74 2.78
N GLU A 558 18.76 -39.61 2.53
CA GLU A 558 19.58 -40.16 3.60
C GLU A 558 20.66 -39.16 4.00
N SER A 559 20.85 -38.97 5.30
CA SER A 559 21.71 -37.95 5.86
C SER A 559 22.74 -38.55 6.79
N ASN A 560 23.88 -37.87 6.91
CA ASN A 560 25.05 -38.39 7.61
C ASN A 560 25.26 -37.78 8.98
N LYS A 561 24.44 -36.81 9.39
CA LYS A 561 24.70 -36.08 10.62
C LYS A 561 24.26 -36.88 11.85
N LYS A 562 24.86 -36.54 12.99
CA LYS A 562 24.73 -37.30 14.23
C LYS A 562 24.07 -36.44 15.31
N PHE A 563 22.77 -36.62 15.51
CA PHE A 563 22.06 -35.87 16.53
C PHE A 563 22.43 -36.37 17.92
N LEU A 564 22.38 -35.45 18.89
CA LEU A 564 22.53 -35.84 20.28
C LEU A 564 21.27 -36.53 20.80
N PRO A 565 21.41 -37.44 21.81
CA PRO A 565 20.28 -38.30 22.23
C PRO A 565 19.07 -37.59 22.83
N PHE A 566 19.10 -36.27 22.92
CA PHE A 566 17.91 -35.55 23.28
C PHE A 566 17.36 -34.72 22.13
N GLN A 567 18.17 -34.36 21.14
CA GLN A 567 17.70 -33.49 20.07
C GLN A 567 16.82 -34.30 19.13
N GLN A 568 15.53 -34.00 19.11
CA GLN A 568 14.61 -34.75 18.25
C GLN A 568 14.70 -34.30 16.80
N PHE A 569 14.53 -33.02 16.54
CA PHE A 569 14.62 -32.56 15.16
C PHE A 569 15.61 -31.43 15.12
N GLY A 570 15.93 -31.02 13.90
CA GLY A 570 16.96 -30.03 13.68
C GLY A 570 16.44 -28.86 12.87
N ARG A 571 17.32 -27.88 12.73
CA ARG A 571 17.10 -26.71 11.89
C ARG A 571 18.48 -26.15 11.61
N ASP A 572 18.81 -25.91 10.35
CA ASP A 572 20.22 -25.68 10.06
C ASP A 572 20.62 -24.22 10.30
N ILE A 573 19.91 -23.27 9.69
CA ILE A 573 20.30 -21.87 9.70
C ILE A 573 19.07 -21.10 9.33
N ALA A 574 19.03 -19.83 9.72
CA ALA A 574 18.03 -18.85 9.29
C ALA A 574 16.61 -19.23 9.67
N ASP A 575 16.47 -20.11 10.67
CA ASP A 575 15.21 -20.64 11.18
C ASP A 575 14.40 -21.30 10.06
N THR A 576 14.97 -22.36 9.49
CA THR A 576 14.26 -23.22 8.53
C THR A 576 14.54 -24.67 8.87
N THR A 577 13.50 -25.51 8.77
CA THR A 577 13.70 -26.95 8.99
C THR A 577 14.51 -27.52 7.84
N ASP A 578 15.51 -28.37 8.14
CA ASP A 578 16.17 -29.07 7.04
C ASP A 578 16.35 -30.56 7.36
N ALA A 579 16.41 -30.91 8.63
CA ALA A 579 16.68 -32.28 9.03
C ALA A 579 15.67 -32.65 10.09
N VAL A 580 15.12 -33.85 9.99
CA VAL A 580 14.20 -34.38 10.99
C VAL A 580 14.57 -35.84 11.24
N ARG A 581 14.43 -36.27 12.49
CA ARG A 581 14.57 -37.66 12.87
C ARG A 581 13.17 -38.19 13.18
N ASP A 582 12.92 -39.42 12.75
CA ASP A 582 11.61 -40.03 12.96
C ASP A 582 11.39 -40.37 14.43
N PRO A 583 10.18 -40.21 14.93
CA PRO A 583 9.89 -40.55 16.33
C PRO A 583 9.97 -42.05 16.64
N GLN A 584 9.91 -42.95 15.66
CA GLN A 584 9.90 -44.37 15.98
C GLN A 584 11.24 -45.06 15.75
N THR A 585 11.73 -45.12 14.52
CA THR A 585 12.92 -45.92 14.28
C THR A 585 14.19 -45.15 14.60
N LEU A 586 14.08 -43.84 14.83
CA LEU A 586 15.12 -42.99 15.41
C LEU A 586 16.34 -42.89 14.48
N GLU A 587 16.08 -42.42 13.26
CA GLU A 587 17.10 -42.31 12.24
C GLU A 587 17.04 -40.91 11.64
N ILE A 588 18.17 -40.45 11.11
CA ILE A 588 18.25 -39.08 10.61
C ILE A 588 17.91 -39.07 9.13
N LEU A 589 17.07 -38.11 8.75
CA LEU A 589 16.58 -37.92 7.40
C LEU A 589 16.82 -36.47 7.03
N ASP A 590 17.17 -36.21 5.78
CA ASP A 590 17.41 -34.85 5.33
C ASP A 590 16.24 -34.41 4.46
N ILE A 591 15.82 -33.16 4.61
CA ILE A 591 14.71 -32.60 3.86
C ILE A 591 15.22 -31.54 2.89
N THR A 592 14.80 -31.65 1.64
CA THR A 592 14.89 -30.62 0.64
C THR A 592 13.47 -30.38 0.15
N PRO A 593 13.01 -29.12 0.06
CA PRO A 593 11.66 -28.88 -0.47
C PRO A 593 11.64 -29.26 -1.94
N CYS A 594 10.57 -29.96 -2.34
CA CYS A 594 10.40 -30.43 -3.75
C CYS A 594 10.89 -29.35 -4.72
N SER A 595 11.54 -29.78 -5.81
CA SER A 595 12.06 -28.84 -6.84
C SER A 595 10.88 -28.18 -7.56
N PHE A 596 10.96 -26.87 -7.79
CA PHE A 596 9.89 -26.14 -8.46
C PHE A 596 10.52 -24.90 -9.07
N GLY A 597 9.77 -24.26 -9.94
CA GLY A 597 10.30 -23.18 -10.71
C GLY A 597 9.24 -22.68 -11.65
N GLY A 598 9.56 -21.64 -12.35
CA GLY A 598 8.68 -21.22 -13.39
C GLY A 598 8.89 -22.08 -14.61
N VAL A 599 7.86 -22.17 -15.44
CA VAL A 599 8.04 -22.73 -16.77
C VAL A 599 8.08 -21.57 -17.72
N SER A 600 9.18 -21.48 -18.46
CA SER A 600 9.52 -20.32 -19.27
C SER A 600 9.88 -20.75 -20.69
N VAL A 601 8.91 -20.72 -21.58
CA VAL A 601 9.02 -21.43 -22.84
C VAL A 601 9.93 -20.68 -23.80
N ILE A 602 10.60 -21.43 -24.66
CA ILE A 602 11.38 -20.86 -25.74
C ILE A 602 10.51 -20.99 -26.98
N THR A 603 9.96 -19.88 -27.45
CA THR A 603 9.31 -19.96 -28.72
C THR A 603 10.08 -19.10 -29.72
N PRO A 604 10.40 -19.63 -30.87
CA PRO A 604 11.38 -18.95 -31.74
C PRO A 604 10.80 -17.87 -32.62
N GLY A 605 9.60 -17.41 -32.32
CA GLY A 605 8.94 -16.38 -33.10
C GLY A 605 7.78 -16.98 -33.87
N THR A 606 6.59 -16.43 -33.68
CA THR A 606 5.40 -16.94 -34.35
C THR A 606 5.48 -16.78 -35.85
N ASN A 607 6.13 -15.71 -36.31
CA ASN A 607 6.37 -15.56 -37.75
C ASN A 607 7.31 -16.63 -38.29
N THR A 608 8.29 -17.06 -37.50
CA THR A 608 9.20 -18.10 -37.96
C THR A 608 8.58 -19.49 -37.86
N SER A 609 8.07 -19.87 -36.69
CA SER A 609 7.59 -21.23 -36.49
C SER A 609 6.43 -21.26 -35.52
N ASN A 610 5.98 -22.48 -35.21
CA ASN A 610 4.92 -22.69 -34.25
C ASN A 610 5.25 -23.75 -33.21
N GLN A 611 6.37 -24.44 -33.35
CA GLN A 611 6.81 -25.42 -32.37
C GLN A 611 7.75 -24.71 -31.42
N VAL A 612 7.84 -25.22 -30.20
CA VAL A 612 8.53 -24.50 -29.15
C VAL A 612 9.64 -25.37 -28.60
N ALA A 613 10.40 -24.82 -27.67
CA ALA A 613 11.09 -25.62 -26.69
C ALA A 613 10.60 -25.14 -25.33
N VAL A 614 10.42 -26.06 -24.41
CA VAL A 614 9.89 -25.71 -23.10
C VAL A 614 11.00 -25.89 -22.09
N LEU A 615 11.31 -24.82 -21.38
CA LEU A 615 12.34 -24.81 -20.36
C LEU A 615 11.68 -24.86 -19.00
N TYR A 616 12.03 -25.85 -18.21
CA TYR A 616 11.63 -25.84 -16.82
C TYR A 616 12.85 -25.39 -16.02
N GLN A 617 12.65 -24.45 -15.11
CA GLN A 617 13.75 -23.71 -14.51
C GLN A 617 14.16 -24.32 -13.16
N GLY A 618 15.36 -24.87 -13.12
CA GLY A 618 15.99 -25.39 -11.90
C GLY A 618 15.40 -26.66 -11.35
N VAL A 619 15.03 -27.62 -12.20
CA VAL A 619 14.51 -28.91 -11.75
C VAL A 619 15.21 -30.00 -12.56
N ASN A 620 15.72 -31.03 -11.86
CA ASN A 620 16.41 -32.14 -12.51
C ASN A 620 15.44 -33.01 -13.30
N CYS A 621 15.93 -33.63 -14.39
CA CYS A 621 15.07 -34.55 -15.15
C CYS A 621 14.83 -35.87 -14.45
N THR A 622 14.17 -35.81 -13.31
CA THR A 622 13.77 -36.97 -12.54
C THR A 622 12.32 -36.80 -12.15
N GLU A 623 11.83 -35.57 -12.19
CA GLU A 623 10.46 -35.19 -11.89
C GLU A 623 10.14 -34.15 -12.95
N VAL A 624 9.63 -34.59 -14.09
CA VAL A 624 9.00 -33.67 -15.03
C VAL A 624 7.60 -33.31 -14.54
N PRO A 625 6.69 -34.27 -14.21
CA PRO A 625 5.44 -33.69 -13.70
C PRO A 625 5.42 -33.53 -12.17
N SER A 641 4.71 -35.79 -21.91
CA SER A 641 5.89 -34.95 -21.87
C SER A 641 7.07 -35.61 -22.54
N THR A 642 7.03 -35.71 -23.87
CA THR A 642 8.14 -36.28 -24.63
C THR A 642 8.91 -35.25 -25.45
N GLY A 643 8.25 -34.52 -26.35
CA GLY A 643 8.90 -33.61 -27.28
C GLY A 643 9.97 -34.26 -28.13
N SER A 644 11.22 -33.91 -27.85
CA SER A 644 12.40 -34.49 -28.48
C SER A 644 13.22 -35.16 -27.40
N ASN A 645 14.49 -35.43 -27.68
CA ASN A 645 15.43 -35.87 -26.66
C ASN A 645 15.53 -34.84 -25.53
N VAL A 646 15.26 -35.29 -24.32
CA VAL A 646 15.16 -34.38 -23.17
C VAL A 646 16.55 -34.12 -22.61
N PHE A 647 16.94 -32.85 -22.55
CA PHE A 647 18.26 -32.44 -22.12
C PHE A 647 18.15 -31.84 -20.73
N GLN A 648 19.19 -32.02 -19.94
CA GLN A 648 19.26 -31.55 -18.56
C GLN A 648 20.42 -30.59 -18.38
N THR A 649 20.13 -29.42 -17.84
CA THR A 649 21.15 -28.45 -17.49
C THR A 649 21.08 -28.16 -16.00
N ARG A 650 22.08 -27.43 -15.52
CA ARG A 650 22.10 -27.02 -14.11
C ARG A 650 20.93 -26.09 -13.79
N ALA A 651 20.40 -25.37 -14.78
CA ALA A 651 19.20 -24.56 -14.59
C ALA A 651 17.93 -25.31 -14.88
N GLY A 652 18.00 -26.61 -15.18
CA GLY A 652 16.77 -27.35 -15.34
C GLY A 652 16.71 -28.34 -16.48
N CYS A 653 15.51 -28.47 -17.07
CA CYS A 653 15.25 -29.48 -18.08
C CYS A 653 14.60 -28.86 -19.29
N LEU A 654 14.94 -29.39 -20.46
CA LEU A 654 14.42 -28.93 -21.74
C LEU A 654 13.58 -30.01 -22.40
N ILE A 655 12.36 -29.68 -22.75
CA ILE A 655 11.46 -30.58 -23.46
C ILE A 655 11.14 -29.92 -24.78
N GLY A 656 11.68 -30.47 -25.87
CA GLY A 656 11.56 -29.86 -27.18
C GLY A 656 12.84 -29.30 -27.72
N ALA A 657 13.95 -29.45 -27.03
CA ALA A 657 15.23 -28.95 -27.48
C ALA A 657 16.17 -30.14 -27.60
N GLU A 658 17.02 -30.14 -28.62
CA GLU A 658 18.02 -31.18 -28.77
C GLU A 658 19.39 -30.61 -28.45
N HIS A 659 20.12 -31.33 -27.64
CA HIS A 659 21.40 -30.87 -27.15
C HIS A 659 22.46 -31.08 -28.21
N VAL A 660 23.23 -30.03 -28.49
CA VAL A 660 24.32 -30.18 -29.43
C VAL A 660 25.60 -30.01 -28.64
N ASN A 661 26.69 -30.44 -29.25
CA ASN A 661 27.98 -30.34 -28.61
C ASN A 661 28.75 -29.14 -29.10
N ASN A 662 28.23 -28.44 -30.11
CA ASN A 662 28.88 -27.23 -30.56
C ASN A 662 28.49 -26.07 -29.64
N SER A 663 28.95 -24.88 -29.99
CA SER A 663 28.69 -23.71 -29.17
C SER A 663 28.61 -22.50 -30.09
N TYR A 664 27.46 -21.85 -30.09
CA TYR A 664 27.30 -20.66 -30.88
C TYR A 664 27.00 -19.50 -29.95
N GLU A 665 26.60 -18.39 -30.54
CA GLU A 665 26.07 -17.29 -29.76
C GLU A 665 24.72 -17.70 -29.16
N CYS A 666 24.44 -17.18 -27.98
CA CYS A 666 23.17 -17.45 -27.34
C CYS A 666 22.10 -16.60 -27.97
N ASP A 667 20.97 -17.22 -28.28
CA ASP A 667 19.88 -16.43 -28.82
C ASP A 667 18.81 -16.18 -27.77
N ILE A 668 18.33 -17.23 -27.11
CA ILE A 668 17.29 -17.10 -26.10
C ILE A 668 17.85 -17.65 -24.79
N PRO A 669 18.42 -16.82 -23.91
CA PRO A 669 19.01 -17.31 -22.67
C PRO A 669 18.07 -18.08 -21.76
N ILE A 670 18.62 -19.14 -21.17
CA ILE A 670 17.89 -20.11 -20.36
C ILE A 670 18.39 -20.14 -18.92
N GLY A 671 19.69 -20.17 -18.73
CA GLY A 671 20.30 -20.17 -17.42
C GLY A 671 21.42 -21.19 -17.36
N ALA A 672 22.30 -21.01 -16.38
CA ALA A 672 23.41 -21.91 -16.07
C ALA A 672 24.33 -22.19 -17.25
N GLY A 673 24.48 -21.23 -18.15
CA GLY A 673 25.33 -21.40 -19.31
C GLY A 673 24.74 -22.18 -20.46
N ILE A 674 23.49 -22.58 -20.39
CA ILE A 674 22.84 -23.33 -21.46
C ILE A 674 21.72 -22.44 -21.97
N CYS A 675 21.45 -22.46 -23.27
CA CYS A 675 20.32 -21.72 -23.83
C CYS A 675 19.88 -22.31 -25.15
N ALA A 676 18.68 -21.92 -25.59
CA ALA A 676 18.08 -22.41 -26.85
C ALA A 676 19.00 -22.08 -28.02
N SER A 677 18.78 -22.76 -29.16
CA SER A 677 19.60 -22.55 -30.39
C SER A 677 18.87 -23.17 -31.58
N TYR A 678 17.87 -22.47 -32.12
CA TYR A 678 17.08 -22.96 -33.29
C TYR A 678 18.04 -23.39 -34.40
N SER A 695 15.31 -28.03 -36.01
CA SER A 695 14.41 -27.87 -34.84
C SER A 695 15.01 -26.85 -33.86
N ILE A 696 15.08 -27.21 -32.58
CA ILE A 696 15.64 -26.30 -31.53
C ILE A 696 16.96 -26.89 -31.02
N ILE A 697 18.03 -26.07 -31.01
CA ILE A 697 19.34 -26.52 -30.55
C ILE A 697 19.67 -25.83 -29.24
N ALA A 698 20.22 -26.60 -28.31
CA ALA A 698 20.68 -26.11 -27.02
C ALA A 698 22.17 -26.36 -26.90
N TYR A 699 22.88 -25.38 -26.38
CA TYR A 699 24.32 -25.50 -26.35
C TYR A 699 24.86 -24.63 -25.22
N THR A 700 26.18 -24.66 -25.06
CA THR A 700 26.83 -23.76 -24.12
C THR A 700 27.19 -22.48 -24.87
N MET A 701 27.30 -21.40 -24.13
CA MET A 701 27.49 -20.14 -24.83
C MET A 701 28.90 -20.00 -25.37
N SER A 702 28.99 -19.26 -26.46
CA SER A 702 30.23 -18.77 -27.00
C SER A 702 30.33 -17.31 -26.64
N LEU A 703 31.54 -16.89 -26.40
CA LEU A 703 31.80 -15.53 -25.99
C LEU A 703 32.08 -14.67 -27.21
N GLY A 704 32.44 -15.32 -28.30
CA GLY A 704 32.97 -14.69 -29.47
C GLY A 704 33.96 -15.62 -30.11
N ALA A 705 34.80 -15.07 -30.97
CA ALA A 705 35.88 -15.89 -31.45
C ALA A 705 36.95 -15.99 -30.38
N GLU A 706 37.84 -16.96 -30.55
CA GLU A 706 38.88 -17.22 -29.57
C GLU A 706 40.19 -17.12 -30.32
N ASN A 707 41.02 -16.18 -29.90
CA ASN A 707 42.21 -15.84 -30.64
C ASN A 707 43.23 -15.21 -29.72
N SER A 708 44.43 -15.06 -30.23
CA SER A 708 45.54 -14.42 -29.53
C SER A 708 46.13 -13.32 -30.40
N VAL A 709 45.95 -12.07 -29.97
CA VAL A 709 46.63 -10.97 -30.64
C VAL A 709 48.11 -11.12 -30.40
N ALA A 710 48.87 -11.10 -31.49
CA ALA A 710 50.16 -11.79 -31.59
C ALA A 710 51.30 -10.93 -31.09
N TYR A 711 51.56 -10.98 -29.78
CA TYR A 711 52.74 -10.28 -29.29
C TYR A 711 54.01 -10.82 -29.91
N SER A 712 54.83 -9.89 -30.38
CA SER A 712 56.24 -10.06 -30.67
C SER A 712 56.92 -8.75 -30.39
N ASN A 713 58.22 -8.82 -30.17
CA ASN A 713 58.97 -7.62 -29.87
C ASN A 713 59.23 -6.79 -31.12
N ASN A 714 59.14 -7.42 -32.32
CA ASN A 714 59.48 -6.82 -33.62
C ASN A 714 58.44 -7.15 -34.70
N SER A 715 57.15 -7.04 -34.39
CA SER A 715 56.15 -7.32 -35.42
C SER A 715 54.97 -6.37 -35.32
N ILE A 716 54.55 -5.82 -36.47
CA ILE A 716 53.36 -4.99 -36.59
C ILE A 716 52.33 -5.54 -37.58
N ALA A 717 51.12 -5.00 -37.47
CA ALA A 717 49.98 -5.27 -38.34
C ALA A 717 49.26 -3.96 -38.62
N ILE A 718 49.06 -3.65 -39.90
CA ILE A 718 48.77 -2.29 -40.37
C ILE A 718 47.47 -2.26 -41.16
N PRO A 719 46.59 -1.27 -40.92
CA PRO A 719 45.37 -1.13 -41.72
C PRO A 719 45.79 -0.82 -43.15
N THR A 720 45.05 -1.36 -44.12
CA THR A 720 45.30 -1.00 -45.52
C THR A 720 44.03 -0.53 -46.19
N ASN A 721 42.90 -0.99 -45.69
CA ASN A 721 41.61 -0.54 -46.16
C ASN A 721 41.05 0.26 -44.99
N PHE A 722 39.76 0.64 -45.10
CA PHE A 722 39.11 1.49 -44.06
C PHE A 722 38.31 0.64 -43.06
N THR A 723 37.97 1.27 -41.92
CA THR A 723 37.18 0.66 -40.82
C THR A 723 36.59 1.80 -39.98
N ILE A 724 35.40 2.27 -40.36
CA ILE A 724 34.76 3.39 -39.69
C ILE A 724 33.38 2.77 -39.53
N SER A 725 32.78 2.85 -38.36
CA SER A 725 31.39 2.48 -38.23
C SER A 725 30.58 3.60 -37.59
N VAL A 726 29.32 3.30 -37.30
CA VAL A 726 28.37 4.14 -36.59
C VAL A 726 27.43 3.22 -35.83
N THR A 727 27.25 3.47 -34.54
CA THR A 727 26.39 2.67 -33.70
C THR A 727 25.37 3.67 -33.16
N THR A 728 24.22 3.20 -32.72
CA THR A 728 23.18 4.13 -32.35
C THR A 728 22.54 3.66 -31.07
N GLU A 729 22.40 4.56 -30.11
CA GLU A 729 21.96 4.13 -28.80
C GLU A 729 20.83 5.01 -28.34
N ILE A 730 19.98 4.41 -27.51
CA ILE A 730 18.66 4.93 -27.25
C ILE A 730 18.43 4.93 -25.75
N LEU A 731 18.05 6.06 -25.20
CA LEU A 731 18.08 6.19 -23.76
C LEU A 731 17.03 7.14 -23.24
N PRO A 732 16.22 6.77 -22.26
CA PRO A 732 15.15 7.65 -21.84
C PRO A 732 15.75 8.81 -21.08
N VAL A 733 15.06 9.95 -21.08
CA VAL A 733 15.65 11.12 -20.44
C VAL A 733 14.62 11.80 -19.56
N SER A 734 13.39 11.39 -19.69
CA SER A 734 12.35 11.92 -18.87
C SER A 734 11.31 10.83 -18.76
N MET A 735 10.20 11.15 -18.13
CA MET A 735 8.99 10.42 -18.37
C MET A 735 7.88 11.42 -18.49
N THR A 736 6.69 10.94 -18.80
CA THR A 736 5.53 11.81 -18.84
C THR A 736 5.26 12.35 -17.45
N LYS A 737 5.12 13.67 -17.37
CA LYS A 737 4.98 14.34 -16.08
C LYS A 737 3.58 14.10 -15.58
N THR A 738 3.46 13.44 -14.44
CA THR A 738 2.18 12.99 -13.96
C THR A 738 1.99 13.50 -12.55
N SER A 739 0.75 13.78 -12.22
CA SER A 739 0.40 14.26 -10.90
C SER A 739 -0.90 13.58 -10.54
N VAL A 740 -1.16 13.48 -9.26
CA VAL A 740 -2.24 12.64 -8.80
C VAL A 740 -3.10 13.48 -7.90
N ASP A 741 -4.36 13.62 -8.26
CA ASP A 741 -5.33 14.09 -7.30
C ASP A 741 -5.45 12.98 -6.29
N CYS A 742 -5.09 13.27 -5.05
CA CYS A 742 -5.21 12.27 -4.01
C CYS A 742 -6.67 11.92 -3.81
N THR A 743 -7.51 12.91 -3.55
CA THR A 743 -8.86 12.59 -3.11
C THR A 743 -9.78 12.17 -4.26
N MET A 744 -9.50 12.51 -5.52
CA MET A 744 -10.38 11.97 -6.55
C MET A 744 -10.04 10.52 -6.89
N TYR A 745 -8.74 10.21 -7.00
CA TYR A 745 -8.29 8.86 -7.32
C TYR A 745 -8.66 7.88 -6.22
N ILE A 746 -8.62 8.31 -4.97
CA ILE A 746 -8.89 7.39 -3.86
C ILE A 746 -10.35 7.40 -3.43
N CYS A 747 -11.14 8.34 -3.87
CA CYS A 747 -12.54 8.41 -3.46
C CYS A 747 -13.50 8.40 -4.62
N GLY A 748 -13.17 9.07 -5.70
CA GLY A 748 -14.14 9.25 -6.77
C GLY A 748 -15.22 10.21 -6.33
N ASP A 749 -14.82 11.31 -5.68
CA ASP A 749 -15.67 12.43 -5.30
C ASP A 749 -16.79 11.97 -4.35
N SER A 750 -16.37 11.48 -3.19
CA SER A 750 -17.31 11.05 -2.16
C SER A 750 -16.95 11.74 -0.85
N THR A 751 -17.95 12.37 -0.25
CA THR A 751 -17.74 13.05 1.03
C THR A 751 -17.47 12.06 2.15
N GLU A 752 -18.16 10.93 2.14
CA GLU A 752 -17.94 9.91 3.18
C GLU A 752 -16.56 9.30 3.05
N CYS A 753 -16.10 9.08 1.82
CA CYS A 753 -14.76 8.55 1.60
C CYS A 753 -13.67 9.53 2.03
N SER A 754 -13.80 10.79 1.63
CA SER A 754 -12.81 11.81 1.99
C SER A 754 -12.78 12.08 3.49
N ASN A 755 -13.94 12.01 4.16
CA ASN A 755 -13.98 12.23 5.60
C ASN A 755 -13.23 11.13 6.33
N LEU A 756 -13.40 9.88 5.87
CA LEU A 756 -12.64 8.76 6.40
C LEU A 756 -11.17 8.87 6.01
N LEU A 757 -10.89 9.56 4.91
CA LEU A 757 -9.55 9.68 4.38
C LEU A 757 -8.73 10.74 5.09
N LEU A 758 -9.39 11.73 5.68
CA LEU A 758 -8.68 12.80 6.36
C LEU A 758 -8.01 12.35 7.66
N GLN A 759 -8.49 11.27 8.29
CA GLN A 759 -7.90 10.80 9.54
C GLN A 759 -6.59 10.05 9.31
N TYR A 760 -6.12 9.97 8.08
CA TYR A 760 -4.74 9.58 7.81
C TYR A 760 -3.81 10.76 7.86
N GLY A 761 -4.30 11.91 8.31
CA GLY A 761 -3.44 13.02 8.64
C GLY A 761 -2.92 13.72 7.39
N SER A 762 -1.71 14.27 7.52
CA SER A 762 -0.98 14.71 6.36
C SER A 762 -0.61 13.47 5.59
N PHE A 763 -1.49 13.09 4.66
CA PHE A 763 -1.38 11.84 3.94
C PHE A 763 -1.07 12.03 2.47
N CYS A 764 -1.70 12.99 1.79
CA CYS A 764 -1.51 13.15 0.37
C CYS A 764 -0.78 14.41 0.03
N THR A 765 -0.52 15.27 1.01
CA THR A 765 0.35 16.40 0.76
C THR A 765 1.74 15.94 0.40
N GLN A 766 2.23 14.89 1.07
CA GLN A 766 3.56 14.39 0.78
C GLN A 766 3.60 13.59 -0.51
N LEU A 767 2.50 12.92 -0.86
CA LEU A 767 2.44 12.22 -2.13
C LEU A 767 2.47 13.22 -3.26
N ASN A 768 1.61 14.24 -3.15
CA ASN A 768 1.57 15.26 -4.16
C ASN A 768 2.83 16.10 -4.13
N ARG A 769 3.46 16.25 -2.94
CA ARG A 769 4.76 16.91 -2.89
C ARG A 769 5.80 16.07 -3.59
N ALA A 770 5.74 14.75 -3.39
CA ALA A 770 6.68 13.88 -4.08
C ALA A 770 6.40 13.91 -5.57
N LEU A 771 5.13 13.84 -5.95
CA LEU A 771 4.79 13.87 -7.36
C LEU A 771 5.01 15.24 -7.97
N THR A 772 4.78 16.32 -7.21
CA THR A 772 5.15 17.62 -7.76
C THR A 772 6.65 17.72 -7.79
N GLY A 773 7.29 17.12 -6.80
CA GLY A 773 8.73 16.96 -6.84
C GLY A 773 9.14 16.11 -8.02
N ILE A 774 8.37 15.04 -8.31
CA ILE A 774 8.57 14.30 -9.55
C ILE A 774 8.32 15.20 -10.74
N ALA A 775 7.27 16.03 -10.64
CA ALA A 775 6.88 16.89 -11.75
C ALA A 775 7.95 17.92 -12.05
N VAL A 776 8.40 18.65 -11.03
CA VAL A 776 9.44 19.64 -11.28
C VAL A 776 10.77 18.98 -11.60
N GLU A 777 10.98 17.73 -11.19
CA GLU A 777 12.18 17.01 -11.58
C GLU A 777 12.21 16.76 -13.07
N GLN A 778 11.09 16.30 -13.63
CA GLN A 778 11.03 15.99 -15.06
C GLN A 778 11.16 17.25 -15.89
N ASP A 779 10.56 18.33 -15.41
CA ASP A 779 10.77 19.61 -16.06
C ASP A 779 12.22 20.03 -15.91
N LYS A 780 12.82 19.83 -14.73
CA LYS A 780 14.23 20.13 -14.54
C LYS A 780 15.10 19.16 -15.33
N ASN A 781 14.65 17.90 -15.45
CA ASN A 781 15.37 16.92 -16.25
C ASN A 781 15.43 17.39 -17.70
N THR A 782 14.26 17.68 -18.26
CA THR A 782 14.19 18.19 -19.62
C THR A 782 14.88 19.54 -19.74
N GLN A 783 14.89 20.34 -18.68
CA GLN A 783 15.58 21.63 -18.75
C GLN A 783 17.09 21.45 -18.78
N GLU A 784 17.64 20.68 -17.84
CA GLU A 784 19.10 20.56 -17.80
C GLU A 784 19.65 19.64 -18.87
N VAL A 785 18.84 18.73 -19.40
CA VAL A 785 19.31 17.96 -20.56
C VAL A 785 19.25 18.79 -21.83
N PHE A 786 18.14 19.48 -22.07
CA PHE A 786 17.94 20.08 -23.37
C PHE A 786 18.37 21.54 -23.39
N ALA A 787 17.95 22.35 -22.41
CA ALA A 787 18.39 23.73 -22.37
C ALA A 787 19.78 23.75 -21.77
N GLN A 788 20.75 23.37 -22.59
CA GLN A 788 22.15 23.45 -22.23
C GLN A 788 22.83 24.60 -22.93
N VAL A 789 22.21 25.12 -23.97
CA VAL A 789 22.70 26.26 -24.72
C VAL A 789 21.60 27.30 -24.64
N LYS A 790 22.01 28.55 -24.67
CA LYS A 790 21.13 29.67 -24.38
C LYS A 790 20.39 30.19 -25.61
N GLN A 791 21.01 30.08 -26.77
CA GLN A 791 20.45 30.55 -28.02
C GLN A 791 20.52 29.47 -29.10
N ILE A 792 19.61 29.55 -30.06
CA ILE A 792 19.71 28.68 -31.23
C ILE A 792 20.80 29.29 -32.05
N TYR A 793 21.92 28.63 -32.11
CA TYR A 793 22.99 29.06 -32.98
C TYR A 793 22.62 28.32 -34.26
N LYS A 794 22.71 28.97 -35.40
CA LYS A 794 22.30 28.36 -36.66
C LYS A 794 23.47 28.39 -37.64
N THR A 795 23.69 27.28 -38.32
CA THR A 795 24.65 27.25 -39.42
C THR A 795 24.12 28.16 -40.52
N PRO A 796 25.00 28.87 -41.25
CA PRO A 796 24.56 30.03 -42.02
C PRO A 796 23.68 29.67 -43.20
N PRO A 797 22.75 30.54 -43.58
CA PRO A 797 21.71 30.17 -44.56
C PRO A 797 22.25 29.98 -45.96
N ILE A 798 23.44 30.48 -46.26
CA ILE A 798 24.10 30.14 -47.50
C ILE A 798 24.54 28.69 -47.38
N LYS A 799 24.28 27.88 -48.40
CA LYS A 799 24.36 26.44 -48.22
C LYS A 799 25.36 25.95 -49.26
N ASP A 800 26.60 25.88 -48.81
CA ASP A 800 27.78 25.35 -49.49
C ASP A 800 28.50 24.45 -48.48
N PHE A 801 28.08 23.20 -48.34
CA PHE A 801 28.54 22.46 -47.17
C PHE A 801 29.67 21.51 -47.52
N GLY A 802 30.61 21.99 -48.34
CA GLY A 802 31.84 21.30 -48.69
C GLY A 802 31.71 19.95 -49.32
N GLY A 803 30.56 19.62 -49.91
CA GLY A 803 30.34 18.30 -50.41
C GLY A 803 29.72 17.37 -49.40
N PHE A 804 29.74 17.75 -48.12
CA PHE A 804 29.36 16.86 -47.02
C PHE A 804 27.86 16.73 -47.07
N ASN A 805 27.35 15.53 -47.29
CA ASN A 805 25.92 15.44 -47.50
C ASN A 805 25.37 14.75 -46.27
N PHE A 806 24.93 15.56 -45.33
CA PHE A 806 24.50 15.10 -44.03
C PHE A 806 23.06 15.48 -43.78
N SER A 807 22.30 15.79 -44.82
CA SER A 807 21.18 16.73 -44.75
C SER A 807 20.02 16.24 -43.90
N GLN A 808 20.06 15.00 -43.45
CA GLN A 808 19.01 14.39 -42.69
C GLN A 808 18.95 14.88 -41.26
N ILE A 809 19.99 15.57 -40.77
CA ILE A 809 20.10 15.84 -39.35
C ILE A 809 19.96 17.31 -39.03
N LEU A 810 20.22 18.21 -39.98
CA LEU A 810 19.87 19.60 -39.80
C LEU A 810 18.36 19.71 -39.89
N PRO A 811 17.76 20.74 -39.29
CA PRO A 811 16.31 20.87 -39.43
C PRO A 811 15.99 21.23 -40.86
N ASP A 812 14.83 20.79 -41.31
CA ASP A 812 14.39 21.11 -42.65
C ASP A 812 13.31 22.17 -42.57
N PRO A 813 13.58 23.41 -43.02
CA PRO A 813 12.56 24.46 -42.94
C PRO A 813 11.36 24.21 -43.85
N SER A 814 11.42 23.24 -44.75
CA SER A 814 10.26 22.91 -45.57
C SER A 814 9.16 22.32 -44.70
N LYS A 815 9.56 21.51 -43.71
CA LYS A 815 8.60 20.85 -42.84
C LYS A 815 8.00 21.90 -41.89
N PRO A 816 6.72 21.78 -41.55
CA PRO A 816 6.16 22.75 -40.60
C PRO A 816 6.70 22.61 -39.18
N SER A 817 7.07 21.41 -38.76
CA SER A 817 7.50 21.18 -37.38
C SER A 817 8.93 21.62 -37.08
N LYS A 818 9.74 21.94 -38.11
CA LYS A 818 11.17 22.29 -37.99
C LYS A 818 11.92 21.14 -37.30
N ARG A 819 11.84 19.98 -37.93
CA ARG A 819 12.48 18.75 -37.48
C ARG A 819 13.49 18.21 -38.48
N SER A 820 14.13 17.13 -38.03
CA SER A 820 15.07 16.28 -38.73
C SER A 820 14.32 15.08 -39.36
N PHE A 821 15.05 14.32 -40.19
CA PHE A 821 14.52 13.23 -41.01
C PHE A 821 13.97 12.05 -40.21
N ILE A 822 14.73 11.62 -39.20
CA ILE A 822 14.36 10.60 -38.22
C ILE A 822 13.19 10.95 -37.30
N GLU A 823 12.94 12.23 -37.01
CA GLU A 823 11.89 12.57 -36.05
C GLU A 823 10.47 12.27 -36.49
N ASP A 824 10.10 12.41 -37.76
CA ASP A 824 8.73 11.99 -38.10
C ASP A 824 8.54 10.49 -37.97
N LEU A 825 9.48 9.71 -38.48
CA LEU A 825 9.42 8.26 -38.39
C LEU A 825 9.52 7.74 -36.97
N LEU A 826 10.35 8.38 -36.15
CA LEU A 826 10.42 7.95 -34.75
C LEU A 826 9.22 8.37 -33.92
N PHE A 827 8.73 9.61 -34.01
CA PHE A 827 7.73 10.02 -33.02
C PHE A 827 6.41 9.31 -33.27
N ASN A 828 6.21 8.85 -34.51
CA ASN A 828 5.13 7.94 -34.84
C ASN A 828 5.42 6.51 -34.41
N LYS A 829 6.71 6.07 -34.38
CA LYS A 829 6.81 4.63 -34.07
C LYS A 829 6.49 4.26 -32.51
N VAL A 830 6.12 5.24 -31.69
CA VAL A 830 5.94 5.02 -30.26
C VAL A 830 4.60 4.33 -30.06
N THR A 831 4.45 3.59 -28.99
CA THR A 831 3.18 2.94 -28.77
C THR A 831 2.70 3.09 -27.33
N PHE A 859 -9.11 7.90 -17.33
CA PHE A 859 -8.44 8.10 -16.05
C PHE A 859 -9.38 8.68 -14.99
N ASN A 860 -9.15 8.28 -13.74
CA ASN A 860 -10.09 8.46 -12.65
C ASN A 860 -9.48 9.31 -11.54
N GLY A 861 -8.88 10.43 -11.90
CA GLY A 861 -8.14 11.26 -10.96
C GLY A 861 -6.66 11.25 -11.21
N LEU A 862 -6.21 10.51 -12.21
CA LEU A 862 -4.82 10.50 -12.61
C LEU A 862 -4.74 11.44 -13.78
N THR A 863 -3.68 12.22 -13.85
CA THR A 863 -3.56 13.09 -15.00
C THR A 863 -2.13 13.03 -15.50
N VAL A 864 -1.95 13.33 -16.77
CA VAL A 864 -0.66 13.63 -17.33
C VAL A 864 -0.58 15.14 -17.46
N LEU A 865 0.48 15.72 -16.93
CA LEU A 865 0.58 17.11 -17.30
C LEU A 865 1.60 17.28 -18.40
N PRO A 866 1.28 18.12 -19.37
CA PRO A 866 2.15 18.30 -20.50
C PRO A 866 3.46 18.92 -20.05
N PRO A 867 4.54 18.69 -20.77
CA PRO A 867 5.81 19.31 -20.39
C PRO A 867 5.75 20.81 -20.58
N LEU A 868 6.41 21.53 -19.67
CA LEU A 868 6.65 22.94 -19.91
C LEU A 868 7.41 23.09 -21.20
N LEU A 869 8.53 22.39 -21.29
CA LEU A 869 9.38 22.52 -22.45
C LEU A 869 8.68 21.60 -23.46
N THR A 870 7.65 22.14 -24.13
CA THR A 870 6.80 21.30 -24.96
C THR A 870 7.47 20.97 -26.30
N ASP A 871 6.84 20.01 -26.98
CA ASP A 871 7.50 19.18 -27.98
C ASP A 871 7.97 19.95 -29.21
N GLU A 872 7.19 20.95 -29.65
CA GLU A 872 7.62 21.80 -30.75
C GLU A 872 8.90 22.55 -30.41
N MET A 873 8.96 23.11 -29.20
CA MET A 873 10.17 23.75 -28.73
C MET A 873 11.30 22.76 -28.56
N ILE A 874 10.99 21.50 -28.24
CA ILE A 874 12.05 20.52 -28.06
C ILE A 874 12.78 20.26 -29.36
N ALA A 875 12.03 20.26 -30.48
CA ALA A 875 12.66 20.14 -31.79
C ALA A 875 13.52 21.37 -32.12
N GLN A 876 13.08 22.55 -31.67
CA GLN A 876 13.90 23.74 -31.84
C GLN A 876 15.20 23.66 -31.05
N TYR A 877 15.15 23.18 -29.81
CA TYR A 877 16.34 23.05 -28.98
C TYR A 877 17.37 22.12 -29.56
N THR A 878 16.93 20.96 -30.04
CA THR A 878 17.89 20.01 -30.57
C THR A 878 18.52 20.48 -31.85
N SER A 879 17.80 21.29 -32.64
CA SER A 879 18.38 21.86 -33.85
C SER A 879 19.53 22.79 -33.53
N ALA A 880 19.41 23.50 -32.41
CA ALA A 880 20.54 24.26 -31.91
C ALA A 880 21.67 23.33 -31.51
N LEU A 881 21.31 22.19 -30.91
CA LEU A 881 22.32 21.30 -30.37
C LEU A 881 23.12 20.62 -31.48
N LEU A 882 22.52 20.40 -32.64
CA LEU A 882 23.24 19.98 -33.81
C LEU A 882 23.77 21.12 -34.68
N ALA A 883 23.94 22.32 -34.11
CA ALA A 883 24.49 23.45 -34.84
C ALA A 883 25.91 23.84 -34.45
N GLY A 884 26.69 22.98 -33.79
CA GLY A 884 28.04 23.45 -33.46
C GLY A 884 29.37 22.95 -34.01
N THR A 885 29.53 21.73 -34.54
CA THR A 885 30.87 21.18 -34.79
C THR A 885 31.21 20.76 -36.21
N ILE A 886 30.41 21.09 -37.23
CA ILE A 886 30.71 20.63 -38.60
C ILE A 886 31.07 21.85 -39.41
N THR A 887 30.48 23.00 -39.07
CA THR A 887 30.86 24.23 -39.76
C THR A 887 30.82 25.44 -38.84
N SER A 888 30.94 25.26 -37.52
CA SER A 888 30.88 26.44 -36.66
C SER A 888 31.83 26.48 -35.48
N GLY A 889 32.06 25.38 -34.77
CA GLY A 889 33.07 25.44 -33.73
C GLY A 889 32.79 24.73 -32.43
N TRP A 890 33.76 23.97 -31.91
CA TRP A 890 33.55 22.98 -30.85
C TRP A 890 33.56 23.60 -29.45
N THR A 891 33.34 24.91 -29.34
CA THR A 891 33.30 25.61 -28.06
C THR A 891 31.93 26.23 -27.79
N PHE A 892 30.87 25.65 -28.35
CA PHE A 892 29.57 26.31 -28.33
C PHE A 892 28.78 26.07 -27.06
N GLY A 893 29.28 25.26 -26.15
CA GLY A 893 28.82 25.32 -24.78
C GLY A 893 29.59 26.24 -23.87
N ALA A 894 30.71 26.79 -24.38
CA ALA A 894 31.63 27.63 -23.62
C ALA A 894 31.62 29.08 -24.08
N GLY A 895 31.81 29.33 -25.38
CA GLY A 895 31.77 30.69 -25.90
C GLY A 895 31.04 30.81 -27.23
N ALA A 896 31.63 31.46 -28.22
CA ALA A 896 30.95 31.72 -29.48
C ALA A 896 31.56 30.91 -30.60
N ALA A 897 30.73 30.54 -31.56
CA ALA A 897 31.24 29.87 -32.74
C ALA A 897 31.82 30.90 -33.71
N LEU A 898 32.85 30.48 -34.43
CA LEU A 898 33.57 31.32 -35.37
C LEU A 898 33.58 30.68 -36.75
N GLN A 899 33.42 31.52 -37.77
CA GLN A 899 33.60 31.12 -39.17
C GLN A 899 35.05 30.69 -39.40
N ILE A 900 35.28 30.04 -40.54
CA ILE A 900 36.57 29.41 -40.81
C ILE A 900 36.75 29.16 -42.30
N PRO A 901 37.95 29.26 -42.85
CA PRO A 901 38.20 28.73 -44.20
C PRO A 901 37.91 27.24 -44.29
N PHE A 902 37.31 26.82 -45.40
CA PHE A 902 36.86 25.42 -45.46
C PHE A 902 37.97 24.46 -45.85
N ALA A 903 38.91 24.88 -46.70
CA ALA A 903 39.90 23.95 -47.23
C ALA A 903 40.82 23.40 -46.13
N MET A 904 41.09 24.18 -45.10
CA MET A 904 41.87 23.76 -43.94
C MET A 904 41.02 23.27 -42.77
N GLN A 905 39.70 23.39 -42.82
CA GLN A 905 38.91 23.15 -41.60
C GLN A 905 38.88 21.69 -41.15
N MET A 906 38.96 20.73 -42.06
CA MET A 906 39.12 19.37 -41.58
C MET A 906 40.57 19.06 -41.19
N ALA A 907 41.54 19.86 -41.62
CA ALA A 907 42.95 19.64 -41.27
C ALA A 907 43.24 19.95 -39.81
N TYR A 908 42.57 20.96 -39.24
CA TYR A 908 42.78 21.30 -37.84
C TYR A 908 42.39 20.13 -36.94
N ARG A 909 41.29 19.47 -37.30
CA ARG A 909 40.79 18.30 -36.60
C ARG A 909 41.61 17.06 -36.90
N PHE A 910 42.08 16.92 -38.14
CA PHE A 910 42.70 15.68 -38.61
C PHE A 910 44.16 15.53 -38.19
N ASN A 911 44.98 16.57 -38.37
CA ASN A 911 46.41 16.47 -38.09
C ASN A 911 46.72 16.19 -36.64
N GLY A 912 45.82 16.52 -35.72
CA GLY A 912 46.01 16.03 -34.37
C GLY A 912 45.81 14.52 -34.24
N ILE A 913 44.90 13.94 -35.03
CA ILE A 913 44.73 12.49 -35.02
C ILE A 913 45.63 11.84 -36.06
N THR A 916 48.28 14.50 -41.60
CA THR A 916 48.74 15.81 -42.05
C THR A 916 48.03 16.24 -43.31
N GLN A 917 48.18 17.52 -43.64
CA GLN A 917 47.35 18.19 -44.63
C GLN A 917 47.66 17.83 -46.08
N ASN A 918 48.60 16.91 -46.35
CA ASN A 918 48.72 16.40 -47.71
C ASN A 918 47.50 15.61 -48.14
N VAL A 919 46.84 14.93 -47.19
CA VAL A 919 45.62 14.19 -47.48
C VAL A 919 44.45 15.14 -47.74
N LEU A 920 44.46 16.34 -47.13
CA LEU A 920 43.31 17.23 -47.17
C LEU A 920 43.08 17.85 -48.54
N TYR A 921 44.06 18.60 -49.05
CA TYR A 921 43.87 19.40 -50.27
C TYR A 921 43.69 18.57 -51.54
N GLU A 922 44.13 17.32 -51.55
CA GLU A 922 43.94 16.49 -52.71
C GLU A 922 42.74 15.55 -52.60
N ASN A 923 42.35 15.21 -51.38
CA ASN A 923 41.31 14.22 -51.13
C ASN A 923 40.26 14.76 -50.17
N GLN A 924 39.96 16.07 -50.27
CA GLN A 924 39.00 16.70 -49.37
C GLN A 924 37.63 16.06 -49.46
N LYS A 925 37.18 15.73 -50.68
CA LYS A 925 35.91 15.01 -50.84
C LYS A 925 36.00 13.59 -50.28
N LEU A 926 37.16 12.95 -50.41
CA LEU A 926 37.32 11.56 -49.97
C LEU A 926 37.22 11.41 -48.46
N ILE A 927 37.89 12.29 -47.73
CA ILE A 927 37.79 12.26 -46.27
C ILE A 927 36.39 12.66 -45.84
N ALA A 928 35.80 13.63 -46.56
CA ALA A 928 34.42 14.05 -46.34
C ALA A 928 33.46 12.90 -46.56
N ASN A 929 33.63 12.20 -47.67
CA ASN A 929 32.73 11.12 -48.05
C ASN A 929 32.85 9.96 -47.08
N GLN A 930 33.98 9.83 -46.39
CA GLN A 930 34.11 8.82 -45.33
C GLN A 930 33.06 9.01 -44.24
N PHE A 931 33.02 10.20 -43.63
CA PHE A 931 31.95 10.52 -42.69
C PHE A 931 30.58 10.36 -43.35
N ASN A 932 30.45 10.93 -44.56
CA ASN A 932 29.22 10.87 -45.35
C ASN A 932 28.77 9.44 -45.61
N SER A 933 29.69 8.56 -46.04
CA SER A 933 29.29 7.24 -46.51
C SER A 933 28.75 6.41 -45.37
N ALA A 934 29.49 6.37 -44.26
CA ALA A 934 29.01 5.62 -43.13
C ALA A 934 27.74 6.26 -42.57
N ILE A 935 27.69 7.60 -42.49
CA ILE A 935 26.51 8.24 -41.88
C ILE A 935 25.32 8.14 -42.82
N GLY A 936 25.54 8.22 -44.13
CA GLY A 936 24.43 8.20 -45.04
C GLY A 936 23.83 6.82 -45.16
N LYS A 937 24.67 5.80 -45.27
CA LYS A 937 24.18 4.44 -45.29
C LYS A 937 23.53 4.05 -43.97
N ILE A 938 24.13 4.46 -42.84
CA ILE A 938 23.58 4.07 -41.55
C ILE A 938 22.32 4.85 -41.19
N GLN A 939 22.14 6.06 -41.73
CA GLN A 939 20.95 6.81 -41.37
C GLN A 939 19.73 6.22 -42.05
N ASP A 940 19.89 5.80 -43.30
CA ASP A 940 18.82 5.05 -43.95
C ASP A 940 18.62 3.73 -43.23
N SER A 941 19.73 3.12 -42.81
CA SER A 941 19.63 1.91 -42.01
C SER A 941 19.02 2.22 -40.65
N LEU A 942 19.29 3.41 -40.11
CA LEU A 942 18.57 3.82 -38.92
C LEU A 942 17.11 4.12 -39.25
N SER A 943 16.84 4.65 -40.44
CA SER A 943 15.48 5.07 -40.79
C SER A 943 14.57 3.87 -41.02
N SER A 944 15.16 2.75 -41.45
CA SER A 944 14.40 1.58 -41.85
C SER A 944 14.34 0.51 -40.76
N THR A 945 15.47 0.21 -40.09
CA THR A 945 15.45 -0.86 -39.10
C THR A 945 14.66 -0.41 -37.88
N ALA A 946 13.59 -1.13 -37.61
CA ALA A 946 12.73 -0.91 -36.46
C ALA A 946 13.10 -1.89 -35.36
N SER A 947 12.35 -1.81 -34.26
CA SER A 947 12.47 -2.63 -33.05
C SER A 947 13.86 -2.58 -32.41
N ALA A 948 14.62 -1.51 -32.67
CA ALA A 948 15.86 -1.24 -31.96
C ALA A 948 15.69 -0.21 -30.87
N LEU A 949 14.64 0.61 -30.97
CA LEU A 949 14.25 1.56 -29.95
C LEU A 949 13.32 0.91 -28.92
N GLY A 950 13.86 -0.15 -28.34
CA GLY A 950 13.14 -0.89 -27.33
C GLY A 950 12.99 -0.12 -26.04
N LYS A 951 14.03 0.60 -25.64
CA LYS A 951 14.10 1.15 -24.28
C LYS A 951 13.12 2.31 -24.09
N LEU A 952 13.00 3.17 -25.10
CA LEU A 952 12.01 4.24 -25.01
C LEU A 952 10.63 3.65 -25.10
N GLN A 953 10.46 2.67 -25.98
CA GLN A 953 9.23 1.89 -25.95
C GLN A 953 9.09 1.15 -24.65
N ASN A 954 10.19 0.71 -24.04
CA ASN A 954 10.10 0.13 -22.72
C ASN A 954 9.69 1.18 -21.69
N VAL A 955 10.28 2.37 -21.76
CA VAL A 955 10.01 3.35 -20.71
C VAL A 955 8.61 3.92 -20.88
N VAL A 956 8.13 4.05 -22.11
CA VAL A 956 6.74 4.46 -22.24
C VAL A 956 5.86 3.31 -21.84
N ASN A 957 6.28 2.06 -22.07
CA ASN A 957 5.51 0.93 -21.57
C ASN A 957 5.63 0.83 -20.07
N GLN A 958 6.82 1.15 -19.53
CA GLN A 958 6.97 1.10 -18.08
C GLN A 958 6.11 2.18 -17.45
N ASN A 959 6.15 3.39 -18.02
CA ASN A 959 5.28 4.44 -17.50
C ASN A 959 3.82 4.13 -17.75
N ALA A 960 3.48 3.68 -18.98
CA ALA A 960 2.07 3.40 -19.24
C ALA A 960 1.57 2.17 -18.54
N GLN A 961 2.40 1.12 -18.36
CA GLN A 961 1.89 -0.05 -17.63
C GLN A 961 1.77 0.29 -16.16
N ALA A 962 2.64 1.16 -15.66
CA ALA A 962 2.46 1.62 -14.30
C ALA A 962 1.17 2.40 -14.21
N LEU A 963 0.93 3.26 -15.20
CA LEU A 963 -0.37 3.92 -15.29
C LEU A 963 -1.47 2.92 -15.56
N ASN A 964 -1.19 1.91 -16.40
CA ASN A 964 -2.22 0.92 -16.74
C ASN A 964 -2.48 0.03 -15.56
N THR A 965 -1.43 -0.32 -14.80
CA THR A 965 -1.74 -1.12 -13.63
C THR A 965 -2.37 -0.27 -12.56
N LEU A 966 -2.14 1.04 -12.56
CA LEU A 966 -2.80 1.93 -11.61
C LEU A 966 -4.31 1.86 -11.79
N VAL A 967 -4.76 2.03 -13.03
CA VAL A 967 -6.18 1.89 -13.31
C VAL A 967 -6.56 0.42 -13.28
N LYS A 968 -5.62 -0.50 -13.46
CA LYS A 968 -5.98 -1.89 -13.24
C LYS A 968 -6.09 -2.14 -11.75
N GLN A 969 -5.24 -1.50 -10.96
CA GLN A 969 -5.43 -1.57 -9.52
C GLN A 969 -6.63 -0.75 -9.09
N LEU A 970 -7.11 0.16 -9.94
CA LEU A 970 -8.42 0.73 -9.70
C LEU A 970 -9.52 -0.28 -9.92
N SER A 971 -9.23 -1.36 -10.65
CA SER A 971 -10.17 -2.43 -10.90
C SER A 971 -9.79 -3.69 -10.14
N SER A 972 -9.23 -3.52 -8.94
CA SER A 972 -8.94 -4.62 -8.05
C SER A 972 -9.48 -4.28 -6.67
N ASN A 973 -9.85 -5.31 -5.93
CA ASN A 973 -10.53 -5.08 -4.66
C ASN A 973 -9.60 -4.63 -3.56
N PHE A 974 -8.34 -5.05 -3.60
CA PHE A 974 -7.38 -4.88 -2.50
C PHE A 974 -7.93 -5.43 -1.19
N GLY A 975 -8.62 -6.56 -1.28
CA GLY A 975 -9.23 -7.19 -0.14
C GLY A 975 -10.62 -6.70 0.20
N ALA A 976 -11.07 -5.63 -0.44
CA ALA A 976 -12.44 -5.17 -0.25
C ALA A 976 -13.36 -6.00 -1.14
N ILE A 977 -14.60 -5.56 -1.29
CA ILE A 977 -15.55 -6.37 -2.03
C ILE A 977 -15.82 -5.84 -3.43
N SER A 978 -15.37 -4.63 -3.76
CA SER A 978 -15.64 -4.11 -5.09
C SER A 978 -14.60 -3.06 -5.45
N SER A 979 -14.54 -2.75 -6.72
CA SER A 979 -13.57 -1.80 -7.24
C SER A 979 -14.19 -0.45 -7.57
N VAL A 980 -15.50 -0.30 -7.43
CA VAL A 980 -16.17 0.99 -7.58
C VAL A 980 -16.71 1.38 -6.22
N LEU A 981 -16.50 2.65 -5.85
CA LEU A 981 -16.83 3.09 -4.50
C LEU A 981 -18.33 3.24 -4.33
N ASN A 982 -19.04 3.57 -5.42
CA ASN A 982 -20.47 3.81 -5.36
C ASN A 982 -21.22 2.54 -4.97
N ASP A 983 -20.74 1.39 -5.43
CA ASP A 983 -21.34 0.11 -5.06
C ASP A 983 -21.14 -0.18 -3.58
N ILE A 984 -20.00 0.23 -3.03
CA ILE A 984 -19.75 0.07 -1.59
C ILE A 984 -20.78 0.87 -0.81
N LEU A 985 -21.09 2.07 -1.29
CA LEU A 985 -22.09 2.90 -0.65
C LEU A 985 -23.48 2.30 -0.82
N SER A 986 -23.78 1.76 -2.00
CA SER A 986 -25.14 1.41 -2.38
C SER A 986 -25.50 -0.05 -2.12
N ARG A 987 -24.56 -0.88 -1.67
CA ARG A 987 -24.91 -2.28 -1.46
C ARG A 987 -25.25 -2.55 0.00
N LEU A 988 -24.42 -2.08 0.92
CA LEU A 988 -24.57 -2.42 2.31
C LEU A 988 -24.50 -1.13 3.12
N ASP A 989 -24.72 -1.27 4.42
CA ASP A 989 -24.96 -0.11 5.27
C ASP A 989 -23.68 0.68 5.49
N PRO A 990 -23.74 2.02 5.47
CA PRO A 990 -22.53 2.87 5.62
C PRO A 990 -21.68 2.61 6.88
N PRO A 991 -22.25 2.36 8.11
CA PRO A 991 -21.36 2.12 9.29
C PRO A 991 -20.21 1.13 9.12
N GLU A 992 -20.49 -0.06 8.58
CA GLU A 992 -19.49 -1.08 8.37
C GLU A 992 -18.85 -0.99 6.98
N ALA A 993 -19.46 -0.21 6.09
CA ALA A 993 -18.89 0.06 4.76
C ALA A 993 -17.63 0.90 4.88
N GLU A 994 -17.54 1.69 5.95
CA GLU A 994 -16.40 2.58 6.18
C GLU A 994 -15.09 1.82 6.23
N VAL A 995 -15.08 0.64 6.87
CA VAL A 995 -13.84 -0.11 6.99
C VAL A 995 -13.45 -0.66 5.62
N GLN A 996 -14.44 -1.08 4.83
CA GLN A 996 -14.19 -1.49 3.46
C GLN A 996 -13.71 -0.32 2.63
N ILE A 997 -14.28 0.86 2.87
CA ILE A 997 -13.78 2.06 2.22
C ILE A 997 -12.35 2.32 2.65
N ASP A 998 -12.08 2.17 3.95
CA ASP A 998 -10.73 2.29 4.47
C ASP A 998 -9.82 1.23 3.89
N ARG A 999 -10.35 0.02 3.70
CA ARG A 999 -9.56 -1.06 3.15
C ARG A 999 -9.19 -0.77 1.70
N LEU A 1000 -10.17 -0.31 0.92
CA LEU A 1000 -9.89 0.10 -0.45
C LEU A 1000 -9.00 1.32 -0.48
N ILE A 1001 -9.12 2.21 0.51
CA ILE A 1001 -8.30 3.40 0.54
C ILE A 1001 -6.85 3.03 0.79
N THR A 1002 -6.60 2.19 1.79
CA THR A 1002 -5.22 1.82 2.07
C THR A 1002 -4.69 0.89 1.01
N GLY A 1003 -5.58 0.17 0.33
CA GLY A 1003 -5.14 -0.60 -0.80
C GLY A 1003 -4.71 0.31 -1.93
N ARG A 1004 -5.57 1.26 -2.29
CA ARG A 1004 -5.21 2.19 -3.36
C ARG A 1004 -4.09 3.12 -2.94
N LEU A 1005 -4.02 3.47 -1.65
CA LEU A 1005 -2.95 4.36 -1.20
C LEU A 1005 -1.61 3.65 -1.21
N GLN A 1006 -1.56 2.42 -0.70
CA GLN A 1006 -0.30 1.70 -0.69
C GLN A 1006 0.13 1.36 -2.10
N SER A 1007 -0.83 1.11 -2.99
CA SER A 1007 -0.52 0.97 -4.39
C SER A 1007 -0.02 2.28 -4.96
N LEU A 1008 -0.62 3.39 -4.53
CA LEU A 1008 -0.18 4.69 -5.01
C LEU A 1008 1.18 5.01 -4.44
N GLN A 1009 1.39 4.68 -3.17
CA GLN A 1009 2.70 4.88 -2.58
C GLN A 1009 3.71 3.92 -3.19
N THR A 1010 3.26 2.72 -3.58
CA THR A 1010 4.12 1.84 -4.35
C THR A 1010 4.39 2.47 -5.70
N TYR A 1011 3.35 3.05 -6.30
CA TYR A 1011 3.52 3.71 -7.58
C TYR A 1011 4.40 4.93 -7.45
N VAL A 1012 4.23 5.68 -6.35
CA VAL A 1012 5.12 6.81 -6.09
C VAL A 1012 6.54 6.34 -5.86
N THR A 1013 6.68 5.21 -5.18
CA THR A 1013 8.01 4.67 -4.88
C THR A 1013 8.68 4.19 -6.15
N GLN A 1014 7.96 3.39 -6.95
CA GLN A 1014 8.51 2.93 -8.22
C GLN A 1014 8.76 4.09 -9.15
N GLN A 1015 7.91 5.11 -9.10
CA GLN A 1015 8.19 6.29 -9.88
C GLN A 1015 9.41 7.01 -9.36
N LEU A 1016 9.62 7.01 -8.04
CA LEU A 1016 10.82 7.62 -7.48
C LEU A 1016 12.05 6.82 -7.88
N ILE A 1017 11.92 5.49 -7.89
CA ILE A 1017 13.01 4.65 -8.31
C ILE A 1017 13.27 4.87 -9.78
N ARG A 1018 12.20 4.89 -10.58
CA ARG A 1018 12.37 5.19 -11.99
C ARG A 1018 12.78 6.63 -12.20
N ALA A 1019 12.40 7.54 -11.29
CA ALA A 1019 12.90 8.90 -11.40
C ALA A 1019 14.38 8.95 -11.09
N ALA A 1020 14.83 8.12 -10.17
CA ALA A 1020 16.25 8.04 -9.88
C ALA A 1020 17.00 7.48 -11.07
N GLU A 1021 16.45 6.46 -11.71
CA GLU A 1021 17.08 5.88 -12.88
C GLU A 1021 17.05 6.86 -14.04
N ILE A 1022 15.91 7.53 -14.23
CA ILE A 1022 15.79 8.50 -15.31
C ILE A 1022 16.74 9.67 -15.08
N ARG A 1023 16.87 10.10 -13.83
CA ARG A 1023 17.74 11.24 -13.53
C ARG A 1023 19.19 10.83 -13.59
N ALA A 1024 19.50 9.59 -13.22
CA ALA A 1024 20.86 9.11 -13.38
C ALA A 1024 21.22 9.05 -14.86
N SER A 1025 20.31 8.50 -15.66
CA SER A 1025 20.51 8.53 -17.10
C SER A 1025 20.36 9.93 -17.68
N ALA A 1026 19.59 10.81 -17.05
CA ALA A 1026 19.46 12.15 -17.63
C ALA A 1026 20.70 12.95 -17.35
N ASN A 1027 21.24 12.80 -16.15
CA ASN A 1027 22.53 13.39 -15.83
C ASN A 1027 23.61 12.77 -16.70
N LEU A 1028 23.51 11.47 -16.94
CA LEU A 1028 24.34 10.85 -17.97
C LEU A 1028 24.06 11.47 -19.33
N ALA A 1029 22.80 11.78 -19.62
CA ALA A 1029 22.46 12.31 -20.94
C ALA A 1029 22.87 13.76 -21.04
N ALA A 1030 22.75 14.48 -19.93
CA ALA A 1030 23.25 15.86 -19.89
C ALA A 1030 24.73 15.88 -20.14
N THR A 1031 25.47 14.96 -19.53
CA THR A 1031 26.87 14.79 -19.89
C THR A 1031 27.03 14.43 -21.36
N LYS A 1032 26.21 13.48 -21.84
CA LYS A 1032 26.42 12.90 -23.17
C LYS A 1032 26.12 13.86 -24.30
N MET A 1033 24.91 14.48 -24.30
CA MET A 1033 24.56 15.38 -25.40
C MET A 1033 25.42 16.63 -25.41
N SER A 1034 25.53 17.27 -24.25
CA SER A 1034 26.28 18.51 -24.09
C SER A 1034 27.74 18.30 -24.43
N GLU A 1035 28.39 17.39 -23.68
CA GLU A 1035 29.82 17.16 -23.88
C GLU A 1035 30.08 16.04 -24.90
N CYS A 1036 31.18 15.26 -24.81
CA CYS A 1036 31.65 14.20 -25.72
C CYS A 1036 31.74 14.65 -27.19
N VAL A 1037 31.18 15.82 -27.54
CA VAL A 1037 31.16 16.38 -28.89
C VAL A 1037 31.88 17.72 -28.94
N LEU A 1038 31.71 18.56 -27.93
CA LEU A 1038 32.48 19.78 -27.83
C LEU A 1038 33.72 19.47 -27.01
N GLY A 1039 34.79 19.12 -27.73
CA GLY A 1039 36.12 18.82 -27.21
C GLY A 1039 36.61 17.48 -27.72
N GLN A 1040 37.91 17.22 -27.63
CA GLN A 1040 38.40 15.87 -28.01
C GLN A 1040 37.52 14.84 -27.28
N SER A 1041 37.32 13.64 -27.84
CA SER A 1041 36.43 12.64 -27.20
C SER A 1041 37.21 11.70 -26.28
N LYS A 1042 36.53 11.13 -25.27
CA LYS A 1042 37.13 10.21 -24.34
C LYS A 1042 36.69 8.75 -24.48
N ARG A 1043 35.59 8.45 -25.16
CA ARG A 1043 35.07 7.08 -25.19
C ARG A 1043 34.63 6.73 -26.62
N VAL A 1044 35.07 5.55 -27.11
CA VAL A 1044 34.97 5.20 -28.52
C VAL A 1044 33.67 4.55 -28.93
N ASP A 1045 32.93 3.95 -28.01
CA ASP A 1045 31.62 3.43 -28.35
C ASP A 1045 30.49 3.97 -27.48
N PHE A 1046 30.80 4.81 -26.48
CA PHE A 1046 29.75 5.57 -25.82
C PHE A 1046 29.14 6.59 -26.75
N CYS A 1047 29.97 7.22 -27.58
CA CYS A 1047 29.41 8.14 -28.57
C CYS A 1047 30.21 7.98 -29.87
N GLY A 1048 29.61 7.19 -30.85
CA GLY A 1048 30.14 6.98 -32.21
C GLY A 1048 31.24 5.94 -32.31
N LYS A 1049 32.08 6.09 -33.33
CA LYS A 1049 33.16 5.13 -33.50
C LYS A 1049 34.52 5.81 -33.32
N GLY A 1050 34.68 6.47 -32.17
CA GLY A 1050 35.99 6.89 -31.67
C GLY A 1050 35.90 8.08 -30.71
N TYR A 1051 36.98 8.86 -30.70
CA TYR A 1051 37.08 10.16 -30.06
C TYR A 1051 36.62 11.24 -31.04
N HIS A 1052 35.99 12.30 -30.53
CA HIS A 1052 35.29 13.23 -31.41
C HIS A 1052 36.23 14.05 -32.28
N LEU A 1053 35.76 14.33 -33.51
CA LEU A 1053 36.25 15.40 -34.35
C LEU A 1053 35.14 16.29 -34.90
N MET A 1054 34.15 15.74 -35.65
CA MET A 1054 32.98 16.50 -36.10
C MET A 1054 31.75 15.63 -36.43
N SER A 1055 30.76 15.56 -35.53
CA SER A 1055 29.44 14.94 -35.80
C SER A 1055 28.37 15.48 -34.86
N PHE A 1056 27.10 15.00 -35.04
CA PHE A 1056 25.95 15.52 -34.29
C PHE A 1056 24.85 14.58 -33.78
N PRO A 1057 24.58 14.59 -32.42
CA PRO A 1057 23.49 13.82 -31.79
C PRO A 1057 22.21 14.62 -31.53
N GLN A 1058 21.07 13.96 -31.39
CA GLN A 1058 19.79 14.57 -31.75
C GLN A 1058 18.75 14.19 -30.72
N SER A 1059 17.50 14.62 -30.98
CA SER A 1059 16.32 14.35 -30.16
C SER A 1059 15.58 13.06 -30.49
N ALA A 1060 14.57 12.81 -29.67
CA ALA A 1060 13.74 11.63 -29.58
C ALA A 1060 12.59 11.97 -28.62
N PRO A 1061 11.46 11.25 -28.67
CA PRO A 1061 10.32 11.67 -27.81
C PRO A 1061 10.59 11.60 -26.32
N HIS A 1062 11.61 10.87 -25.87
CA HIS A 1062 12.03 10.92 -24.48
C HIS A 1062 13.53 10.83 -24.30
N GLY A 1063 14.34 11.25 -25.27
CA GLY A 1063 15.74 10.90 -25.15
C GLY A 1063 16.58 11.26 -26.34
N VAL A 1064 17.61 10.46 -26.56
CA VAL A 1064 18.83 10.85 -27.27
C VAL A 1064 19.21 9.72 -28.24
N VAL A 1065 19.93 10.07 -29.30
CA VAL A 1065 20.41 9.11 -30.30
C VAL A 1065 21.83 9.51 -30.69
N PHE A 1066 22.81 8.60 -30.55
CA PHE A 1066 24.19 9.03 -30.74
C PHE A 1066 24.88 8.59 -32.01
N LEU A 1067 26.09 9.13 -32.18
CA LEU A 1067 27.12 8.96 -33.22
C LEU A 1067 28.14 10.04 -32.89
N HIS A 1068 29.44 9.88 -33.24
CA HIS A 1068 30.53 10.86 -33.35
C HIS A 1068 31.83 10.31 -33.91
N VAL A 1069 32.53 11.15 -34.67
CA VAL A 1069 33.42 10.66 -35.71
C VAL A 1069 34.85 11.02 -35.40
N THR A 1070 35.74 10.29 -36.07
CA THR A 1070 37.22 10.42 -35.95
C THR A 1070 37.85 9.21 -36.63
N TYR A 1071 38.68 9.45 -37.66
CA TYR A 1071 39.34 8.37 -38.45
C TYR A 1071 39.96 7.32 -37.52
N VAL A 1072 39.43 6.09 -37.57
CA VAL A 1072 39.94 4.98 -36.77
C VAL A 1072 40.55 3.97 -37.73
N PRO A 1073 41.80 3.53 -37.48
CA PRO A 1073 42.48 2.62 -38.42
C PRO A 1073 42.44 1.12 -38.08
N ALA A 1074 41.93 0.29 -38.97
CA ALA A 1074 41.59 -1.09 -38.60
C ALA A 1074 41.54 -1.94 -39.87
N GLN A 1075 41.13 -3.23 -39.69
CA GLN A 1075 41.04 -4.25 -40.76
C GLN A 1075 42.50 -4.34 -41.20
N GLU A 1076 43.26 -5.04 -40.34
CA GLU A 1076 44.70 -5.16 -40.24
C GLU A 1076 45.35 -5.94 -41.38
N LYS A 1077 46.70 -5.87 -41.40
CA LYS A 1077 47.58 -6.54 -42.36
C LYS A 1077 49.01 -6.52 -41.81
N ASN A 1078 49.70 -7.67 -41.81
CA ASN A 1078 50.98 -7.81 -41.10
C ASN A 1078 52.16 -7.17 -41.83
N PHE A 1079 53.06 -6.56 -41.06
CA PHE A 1079 54.22 -5.83 -41.58
C PHE A 1079 55.39 -5.84 -40.58
N THR A 1080 56.52 -5.32 -41.06
CA THR A 1080 57.82 -5.35 -40.38
C THR A 1080 58.34 -4.00 -39.88
N THR A 1081 59.18 -4.11 -38.84
CA THR A 1081 59.80 -3.07 -38.00
C THR A 1081 61.25 -3.49 -37.74
N ALA A 1082 61.97 -2.60 -37.08
CA ALA A 1082 63.34 -2.84 -36.62
C ALA A 1082 63.57 -1.87 -35.48
N PRO A 1083 64.42 -2.21 -34.51
CA PRO A 1083 64.54 -1.29 -33.37
C PRO A 1083 65.25 -0.01 -33.66
N ALA A 1084 66.15 0.05 -34.63
CA ALA A 1084 66.62 1.36 -35.04
C ALA A 1084 67.06 1.35 -36.49
N ILE A 1085 67.33 2.57 -36.97
CA ILE A 1085 68.03 2.82 -38.22
C ILE A 1085 69.02 3.82 -37.66
N CYS A 1086 70.27 3.43 -37.51
CA CYS A 1086 71.22 4.34 -36.91
C CYS A 1086 72.07 5.08 -37.94
N HIS A 1087 72.17 6.39 -37.76
CA HIS A 1087 72.75 7.33 -38.72
C HIS A 1087 73.37 8.52 -37.99
N ASP A 1088 74.63 8.81 -38.34
CA ASP A 1088 75.46 9.84 -37.70
C ASP A 1088 75.61 9.65 -36.19
N GLY A 1089 75.77 8.39 -35.77
CA GLY A 1089 75.89 8.08 -34.36
C GLY A 1089 74.66 8.31 -33.51
N LYS A 1090 73.49 8.33 -34.14
CA LYS A 1090 72.24 8.60 -33.46
C LYS A 1090 71.27 7.45 -33.65
N ALA A 1091 70.39 7.31 -32.69
CA ALA A 1091 69.33 6.31 -32.71
C ALA A 1091 68.12 7.06 -33.25
N HIS A 1092 67.55 6.56 -34.34
CA HIS A 1092 66.48 7.25 -35.06
C HIS A 1092 65.21 6.45 -34.93
N PHE A 1093 64.18 7.17 -34.49
CA PHE A 1093 62.81 6.73 -34.34
C PHE A 1093 61.97 7.99 -34.34
N PRO A 1094 60.73 7.94 -34.81
CA PRO A 1094 59.97 9.18 -35.00
C PRO A 1094 59.45 9.78 -33.70
N ARG A 1095 58.96 11.01 -33.84
CA ARG A 1095 58.31 11.72 -32.75
C ARG A 1095 57.12 10.92 -32.30
N GLU A 1096 56.27 10.54 -33.24
CA GLU A 1096 55.22 9.62 -32.95
C GLU A 1096 55.18 8.74 -34.20
N GLY A 1097 55.01 7.42 -34.04
CA GLY A 1097 54.98 6.49 -35.14
C GLY A 1097 55.87 5.27 -35.03
N VAL A 1098 55.99 4.56 -36.16
CA VAL A 1098 56.64 3.25 -36.28
C VAL A 1098 57.38 3.12 -37.61
N PHE A 1099 58.30 2.16 -37.67
CA PHE A 1099 58.95 1.82 -38.93
C PHE A 1099 58.01 0.92 -39.70
N VAL A 1100 58.00 1.08 -41.01
CA VAL A 1100 57.21 0.24 -41.90
C VAL A 1100 58.06 -0.07 -43.13
N SER A 1101 57.61 -1.05 -43.91
CA SER A 1101 58.31 -1.40 -45.15
C SER A 1101 57.34 -2.00 -46.17
N ASN A 1102 57.42 -1.53 -47.41
CA ASN A 1102 56.71 -2.17 -48.51
C ASN A 1102 57.44 -3.33 -49.14
N GLY A 1103 58.63 -3.67 -48.64
CA GLY A 1103 59.30 -4.87 -49.11
C GLY A 1103 60.76 -4.65 -49.39
N THR A 1104 61.12 -3.43 -49.80
CA THR A 1104 62.50 -3.15 -50.15
C THR A 1104 62.95 -1.88 -49.45
N HIS A 1105 62.01 -0.97 -49.20
CA HIS A 1105 62.34 0.33 -48.65
C HIS A 1105 61.65 0.50 -47.30
N TRP A 1106 62.25 1.32 -46.45
CA TRP A 1106 61.75 1.61 -45.12
C TRP A 1106 61.12 2.99 -45.11
N PHE A 1107 60.01 3.13 -44.40
CA PHE A 1107 59.31 4.40 -44.32
C PHE A 1107 58.92 4.71 -42.88
N VAL A 1108 58.61 5.99 -42.63
CA VAL A 1108 58.11 6.44 -41.34
C VAL A 1108 56.70 6.95 -41.56
N THR A 1109 55.78 6.46 -40.76
CA THR A 1109 54.37 6.83 -40.78
C THR A 1109 53.90 7.02 -39.35
N GLN A 1110 52.60 7.24 -39.23
CA GLN A 1110 52.00 7.36 -37.93
C GLN A 1110 51.98 5.96 -37.31
N ARG A 1111 51.97 5.93 -35.98
CA ARG A 1111 51.87 4.67 -35.24
C ARG A 1111 50.59 3.93 -35.54
N ASN A 1112 49.49 4.64 -35.71
CA ASN A 1112 48.28 3.89 -35.89
C ASN A 1112 47.84 3.85 -37.35
N PHE A 1113 48.62 4.39 -38.27
CA PHE A 1113 48.10 4.40 -39.61
C PHE A 1113 49.22 4.59 -40.62
N TYR A 1114 49.05 3.96 -41.77
CA TYR A 1114 50.05 4.04 -42.83
C TYR A 1114 49.86 5.30 -43.65
N GLU A 1115 50.88 6.14 -43.61
CA GLU A 1115 51.04 7.29 -44.49
C GLU A 1115 52.54 7.46 -44.57
N PRO A 1116 53.19 6.82 -45.54
CA PRO A 1116 54.65 6.88 -45.59
C PRO A 1116 55.23 8.21 -46.02
N GLN A 1117 56.47 8.41 -45.57
CA GLN A 1117 57.31 9.56 -45.86
C GLN A 1117 58.75 9.12 -45.60
N ILE A 1118 59.69 9.76 -46.30
CA ILE A 1118 61.11 9.54 -46.08
C ILE A 1118 61.57 10.03 -44.69
N ILE A 1119 62.51 9.30 -44.10
CA ILE A 1119 62.98 9.61 -42.74
C ILE A 1119 63.81 10.89 -42.77
N THR A 1120 63.50 11.80 -41.86
CA THR A 1120 64.17 13.08 -41.76
C THR A 1120 64.43 13.39 -40.30
N THR A 1121 65.28 14.39 -40.07
CA THR A 1121 65.44 14.95 -38.74
C THR A 1121 64.22 15.75 -38.30
N ASP A 1122 63.34 16.10 -39.26
CA ASP A 1122 62.19 16.94 -39.01
C ASP A 1122 61.07 16.16 -38.33
N ASN A 1123 60.92 14.88 -38.66
CA ASN A 1123 59.85 14.03 -38.14
C ASN A 1123 60.34 13.11 -37.04
N THR A 1124 61.58 13.29 -36.58
CA THR A 1124 62.15 12.44 -35.57
C THR A 1124 62.81 13.28 -34.50
N PHE A 1125 63.03 12.66 -33.34
CA PHE A 1125 63.80 13.27 -32.27
C PHE A 1125 64.78 12.19 -31.82
N VAL A 1126 65.94 12.61 -31.34
CA VAL A 1126 67.05 11.71 -31.11
C VAL A 1126 67.29 11.48 -29.62
N SER A 1127 67.75 10.28 -29.31
CA SER A 1127 68.11 9.88 -27.96
C SER A 1127 69.04 8.68 -28.08
N GLY A 1128 70.30 8.86 -27.68
CA GLY A 1128 71.28 7.81 -27.61
C GLY A 1128 71.97 7.49 -28.94
N ASN A 1129 72.67 6.37 -28.90
CA ASN A 1129 73.49 5.81 -29.98
C ASN A 1129 72.88 4.44 -30.28
N CYS A 1130 73.20 3.82 -31.41
CA CYS A 1130 72.62 2.48 -31.55
C CYS A 1130 73.41 1.39 -30.81
N ASP A 1131 73.34 1.49 -29.47
CA ASP A 1131 73.65 0.47 -28.47
C ASP A 1131 72.63 0.42 -27.33
N VAL A 1132 71.57 1.24 -27.37
CA VAL A 1132 70.61 1.36 -26.28
C VAL A 1132 69.17 0.94 -26.58
N VAL A 1133 68.70 0.82 -27.83
CA VAL A 1133 67.27 0.61 -28.05
C VAL A 1133 66.94 -0.87 -27.81
N ILE A 1134 65.68 -1.28 -27.91
CA ILE A 1134 65.24 -2.63 -27.54
C ILE A 1134 65.25 -3.61 -28.70
N GLY A 1135 66.01 -4.68 -28.49
CA GLY A 1135 66.25 -5.82 -29.35
C GLY A 1135 67.50 -5.61 -30.15
N ILE A 1136 68.31 -4.65 -29.71
CA ILE A 1136 69.50 -4.15 -30.38
C ILE A 1136 70.62 -5.16 -30.24
N VAL A 1137 71.59 -5.10 -31.15
CA VAL A 1137 72.70 -6.04 -31.15
C VAL A 1137 73.93 -5.17 -31.09
N ASN A 1138 74.95 -5.63 -30.37
CA ASN A 1138 76.15 -4.84 -30.14
C ASN A 1138 77.06 -4.82 -31.37
N ASN A 1139 77.46 -3.61 -31.75
CA ASN A 1139 78.34 -3.43 -32.90
C ASN A 1139 79.21 -2.19 -32.71
N GLN B 20 8.30 -41.75 65.76
CA GLN B 20 9.68 -42.20 65.72
C GLN B 20 10.61 -41.06 65.30
N CYS B 21 10.02 -39.97 64.82
CA CYS B 21 10.78 -38.82 64.32
C CYS B 21 10.88 -37.76 65.41
N VAL B 22 12.12 -37.43 65.81
CA VAL B 22 12.37 -36.36 66.76
C VAL B 22 13.37 -35.42 66.11
N ASN B 23 13.25 -34.13 66.41
CA ASN B 23 14.17 -33.13 65.88
C ASN B 23 15.43 -33.07 66.75
N LEU B 24 16.59 -32.94 66.10
CA LEU B 24 17.82 -32.80 66.85
C LEU B 24 17.87 -31.41 67.50
N ARG B 25 18.74 -31.27 68.49
CA ARG B 25 18.77 -30.03 69.27
C ARG B 25 19.57 -28.95 68.57
N THR B 26 20.83 -29.24 68.21
CA THR B 26 21.73 -28.23 67.69
C THR B 26 21.32 -27.83 66.27
N ARG B 27 21.30 -26.52 66.01
CA ARG B 27 20.94 -26.00 64.70
C ARG B 27 22.05 -26.25 63.68
N THR B 28 21.64 -26.60 62.46
CA THR B 28 22.55 -26.91 61.36
C THR B 28 22.85 -25.64 60.56
N GLN B 29 23.52 -24.71 61.24
CA GLN B 29 23.86 -23.38 60.72
C GLN B 29 25.10 -23.49 59.84
N LEU B 30 24.85 -23.72 58.54
CA LEU B 30 25.91 -23.80 57.55
C LEU B 30 26.53 -22.42 57.32
N PRO B 31 27.85 -22.33 57.22
CA PRO B 31 28.51 -21.03 56.96
C PRO B 31 28.25 -20.52 55.55
N PRO B 32 27.72 -19.29 55.41
CA PRO B 32 27.40 -18.69 54.08
C PRO B 32 28.48 -17.80 53.43
N ALA B 33 29.47 -18.44 52.83
CA ALA B 33 30.56 -17.68 52.22
C ALA B 33 30.15 -17.15 50.85
N TYR B 34 30.99 -16.29 50.28
CA TYR B 34 30.78 -15.74 48.95
C TYR B 34 32.02 -15.91 48.11
N THR B 35 31.81 -16.24 46.84
CA THR B 35 32.89 -16.29 45.85
C THR B 35 32.30 -16.03 44.47
N ASN B 36 33.17 -16.07 43.47
CA ASN B 36 32.77 -15.86 42.09
C ASN B 36 32.45 -17.20 41.43
N SER B 37 31.46 -17.20 40.55
CA SER B 37 31.02 -18.39 39.85
C SER B 37 31.80 -18.69 38.58
N PHE B 38 31.96 -17.68 37.71
CA PHE B 38 32.71 -17.68 36.45
C PHE B 38 32.11 -18.51 35.31
N THR B 39 31.17 -19.42 35.57
CA THR B 39 30.65 -20.20 34.44
C THR B 39 29.19 -20.66 34.46
N ARG B 40 28.63 -21.11 35.58
CA ARG B 40 27.46 -21.99 35.50
C ARG B 40 26.20 -21.26 35.10
N GLY B 41 25.32 -22.01 34.47
CA GLY B 41 24.18 -21.47 33.77
C GLY B 41 24.45 -21.31 32.30
N VAL B 42 25.01 -22.34 31.66
CA VAL B 42 25.32 -22.31 30.23
C VAL B 42 24.66 -23.53 29.61
N TYR B 43 23.55 -23.32 28.93
CA TYR B 43 22.73 -24.41 28.42
C TYR B 43 21.80 -23.90 27.33
N TYR B 44 21.17 -24.84 26.63
CA TYR B 44 20.15 -24.78 25.60
C TYR B 44 18.74 -24.91 26.19
N PRO B 45 17.71 -24.29 25.58
CA PRO B 45 16.40 -24.23 26.25
C PRO B 45 15.48 -25.42 26.14
N ASP B 46 15.45 -26.08 24.99
CA ASP B 46 14.51 -27.16 24.71
C ASP B 46 15.24 -28.23 23.93
N LYS B 47 14.47 -29.12 23.31
CA LYS B 47 15.01 -30.28 22.62
C LYS B 47 15.14 -30.03 21.12
N VAL B 48 15.60 -28.85 20.72
CA VAL B 48 15.70 -28.49 19.32
C VAL B 48 17.17 -28.37 18.93
N PHE B 49 17.57 -29.16 17.94
CA PHE B 49 18.92 -29.12 17.42
C PHE B 49 19.11 -27.89 16.55
N ARG B 50 20.34 -27.40 16.54
CA ARG B 50 20.83 -26.50 15.53
C ARG B 50 22.23 -26.95 15.19
N SER B 51 22.74 -26.53 14.04
CA SER B 51 24.08 -26.95 13.67
C SER B 51 24.94 -25.73 13.47
N SER B 52 25.94 -25.59 14.35
CA SER B 52 27.07 -24.64 14.23
C SER B 52 26.61 -23.21 14.06
N VAL B 53 25.62 -22.80 14.83
CA VAL B 53 25.04 -21.46 14.69
C VAL B 53 24.80 -20.86 16.06
N LEU B 54 24.82 -19.53 16.10
CA LEU B 54 24.78 -18.77 17.34
C LEU B 54 23.37 -18.23 17.49
N HIS B 55 22.69 -18.64 18.54
CA HIS B 55 21.27 -18.35 18.68
C HIS B 55 20.97 -17.65 20.00
N SER B 56 20.23 -16.56 19.92
CA SER B 56 19.97 -15.71 21.08
C SER B 56 18.73 -16.20 21.80
N THR B 57 18.75 -16.16 23.11
CA THR B 57 17.54 -16.48 23.84
C THR B 57 17.43 -15.67 25.12
N GLN B 58 16.21 -15.31 25.43
CA GLN B 58 15.88 -14.81 26.76
C GLN B 58 15.45 -16.03 27.58
N ASP B 59 16.08 -16.21 28.73
CA ASP B 59 15.80 -17.35 29.57
C ASP B 59 16.24 -16.98 30.97
N LEU B 60 16.07 -17.91 31.90
CA LEU B 60 16.37 -17.70 33.31
C LEU B 60 17.80 -18.12 33.58
N PHE B 61 18.65 -17.18 34.02
CA PHE B 61 20.06 -17.49 34.12
C PHE B 61 20.68 -16.97 35.41
N LEU B 62 21.69 -17.67 35.85
CA LEU B 62 22.68 -17.11 36.73
C LEU B 62 23.57 -16.23 35.87
N PRO B 63 23.64 -14.95 36.13
CA PRO B 63 24.40 -14.05 35.27
C PRO B 63 25.89 -14.35 35.36
N PHE B 64 26.62 -13.92 34.34
CA PHE B 64 28.05 -14.20 34.26
C PHE B 64 28.85 -13.50 35.35
N PHE B 65 29.87 -14.18 35.86
CA PHE B 65 30.82 -13.66 36.84
C PHE B 65 30.12 -13.10 38.08
N SER B 66 29.07 -13.77 38.50
CA SER B 66 28.24 -13.24 39.58
C SER B 66 28.78 -13.65 40.95
N ASN B 67 27.99 -13.39 41.98
CA ASN B 67 28.37 -13.65 43.36
C ASN B 67 27.49 -14.78 43.84
N VAL B 68 28.09 -15.94 44.02
CA VAL B 68 27.35 -17.12 44.40
C VAL B 68 27.76 -17.52 45.81
N THR B 69 26.81 -18.13 46.51
CA THR B 69 26.96 -18.43 47.92
C THR B 69 27.49 -19.84 48.11
N TRP B 70 28.33 -19.99 49.13
CA TRP B 70 28.87 -21.28 49.51
C TRP B 70 28.16 -21.76 50.76
N PHE B 71 27.64 -22.97 50.69
CA PHE B 71 27.01 -23.63 51.82
C PHE B 71 27.91 -24.77 52.29
N HIS B 72 28.00 -24.94 53.60
CA HIS B 72 28.62 -26.13 54.15
C HIS B 72 27.63 -26.83 55.05
N ASN B 87 18.25 -28.89 58.65
CA ASN B 87 18.19 -28.39 57.28
C ASN B 87 17.18 -27.26 57.12
N PRO B 88 17.64 -26.01 57.29
CA PRO B 88 16.72 -24.87 57.18
C PRO B 88 16.20 -24.65 55.77
N VAL B 89 15.01 -24.07 55.73
CA VAL B 89 14.36 -23.66 54.49
C VAL B 89 15.09 -22.49 53.84
N LEU B 90 15.32 -22.60 52.54
CA LEU B 90 15.92 -21.55 51.72
C LEU B 90 14.83 -20.96 50.81
N PRO B 91 14.92 -19.68 50.43
CA PRO B 91 13.84 -19.04 49.67
C PRO B 91 13.65 -19.65 48.28
N PHE B 92 12.47 -19.40 47.69
CA PHE B 92 12.18 -19.96 46.37
C PHE B 92 13.13 -19.49 45.28
N ASN B 93 13.16 -18.17 45.01
CA ASN B 93 13.96 -17.50 43.98
C ASN B 93 13.00 -17.45 42.79
N ASP B 94 13.49 -17.06 41.63
CA ASP B 94 12.87 -17.50 40.37
C ASP B 94 13.41 -18.88 40.03
N GLY B 95 14.71 -18.98 39.75
CA GLY B 95 15.31 -20.27 39.46
C GLY B 95 16.50 -20.70 40.29
N VAL B 96 16.44 -21.83 40.98
CA VAL B 96 17.54 -22.23 41.83
C VAL B 96 18.45 -23.19 41.08
N TYR B 97 19.76 -22.91 41.14
CA TYR B 97 20.80 -23.80 40.63
C TYR B 97 21.44 -24.51 41.81
N PHE B 98 21.39 -25.84 41.82
CA PHE B 98 22.09 -26.60 42.84
C PHE B 98 23.25 -27.34 42.19
N ALA B 99 24.37 -27.32 42.87
CA ALA B 99 25.48 -28.21 42.59
C ALA B 99 25.90 -28.83 43.91
N SER B 100 26.29 -30.10 43.89
CA SER B 100 26.88 -30.72 45.07
C SER B 100 28.16 -31.42 44.63
N THR B 101 29.27 -31.11 45.30
CA THR B 101 30.53 -31.82 45.08
C THR B 101 30.51 -33.12 45.90
N GLU B 102 29.69 -34.04 45.43
CA GLU B 102 29.37 -35.24 46.18
C GLU B 102 30.51 -36.25 46.15
N LYS B 103 30.73 -36.87 47.31
CA LYS B 103 31.68 -37.97 47.47
C LYS B 103 30.95 -39.09 48.18
N SER B 104 30.71 -40.20 47.48
CA SER B 104 30.13 -41.44 48.04
C SER B 104 28.73 -41.23 48.61
N ASN B 105 27.98 -40.31 48.01
CA ASN B 105 26.53 -40.13 48.22
C ASN B 105 26.22 -39.75 49.67
N ILE B 106 26.73 -38.59 50.10
CA ILE B 106 26.41 -38.06 51.42
C ILE B 106 25.03 -37.41 51.40
N ILE B 107 24.79 -36.53 50.43
CA ILE B 107 23.46 -35.93 50.27
C ILE B 107 22.54 -37.01 49.74
N ARG B 108 21.39 -37.19 50.38
CA ARG B 108 20.59 -38.36 50.12
C ARG B 108 19.22 -38.06 49.53
N GLY B 109 18.59 -36.96 49.93
CA GLY B 109 17.20 -36.73 49.61
C GLY B 109 16.91 -35.24 49.55
N TRP B 110 15.67 -34.93 49.19
CA TRP B 110 15.27 -33.57 48.91
C TRP B 110 13.78 -33.44 49.17
N ILE B 111 13.37 -32.30 49.71
CA ILE B 111 11.95 -32.00 49.97
C ILE B 111 11.61 -30.68 49.31
N PHE B 112 10.51 -30.64 48.54
CA PHE B 112 10.06 -29.48 47.79
C PHE B 112 8.54 -29.36 47.93
N GLY B 113 8.01 -28.14 47.93
CA GLY B 113 6.56 -28.00 47.93
C GLY B 113 6.15 -26.55 48.14
N THR B 114 4.83 -26.36 48.29
CA THR B 114 4.35 -25.01 48.57
C THR B 114 3.97 -24.84 50.05
N THR B 115 3.02 -25.65 50.53
CA THR B 115 2.72 -25.71 51.95
C THR B 115 3.33 -26.91 52.65
N LEU B 116 3.82 -27.88 51.88
CA LEU B 116 4.54 -29.07 52.37
C LEU B 116 3.68 -29.92 53.30
N ASP B 117 2.38 -29.98 52.99
CA ASP B 117 1.45 -30.74 53.80
C ASP B 117 0.46 -31.45 52.86
N SER B 118 -0.61 -31.99 53.45
CA SER B 118 -1.56 -32.80 52.69
C SER B 118 -2.64 -32.00 51.97
N LYS B 119 -2.75 -30.68 52.20
CA LYS B 119 -3.80 -29.94 51.50
C LYS B 119 -3.48 -29.72 50.03
N THR B 120 -2.21 -29.72 49.65
CA THR B 120 -1.79 -29.55 48.27
C THR B 120 -0.64 -30.50 47.98
N GLN B 121 -0.40 -30.73 46.69
CA GLN B 121 0.65 -31.66 46.27
C GLN B 121 2.04 -31.17 46.68
N SER B 122 2.89 -32.12 47.07
CA SER B 122 4.22 -31.85 47.61
C SER B 122 5.24 -32.72 46.89
N LEU B 123 6.40 -32.13 46.59
CA LEU B 123 7.41 -32.81 45.79
C LEU B 123 8.46 -33.49 46.68
N LEU B 124 8.80 -34.73 46.36
CA LEU B 124 9.83 -35.45 47.08
C LEU B 124 10.80 -36.09 46.11
N ILE B 125 12.10 -35.92 46.37
CA ILE B 125 13.17 -36.48 45.55
C ILE B 125 14.03 -37.35 46.47
N VAL B 126 14.19 -38.62 46.11
CA VAL B 126 15.12 -39.53 46.78
C VAL B 126 15.91 -40.30 45.73
N ASN B 127 17.23 -40.27 45.83
CA ASN B 127 18.06 -41.16 45.02
C ASN B 127 18.35 -42.34 45.92
N ASN B 128 17.47 -43.34 45.88
CA ASN B 128 17.69 -44.57 46.60
C ASN B 128 18.63 -45.47 45.79
N ALA B 129 18.80 -46.71 46.24
CA ALA B 129 19.85 -47.58 45.71
C ALA B 129 19.60 -48.04 44.28
N THR B 130 18.35 -48.08 43.84
CA THR B 130 17.99 -48.66 42.56
C THR B 130 17.61 -47.66 41.49
N ASN B 131 17.05 -46.51 41.86
CA ASN B 131 16.48 -45.58 40.91
C ASN B 131 16.64 -44.16 41.45
N VAL B 132 16.06 -43.20 40.73
CA VAL B 132 15.67 -41.92 41.30
C VAL B 132 14.15 -41.83 41.25
N VAL B 133 13.56 -41.37 42.34
CA VAL B 133 12.12 -41.31 42.50
C VAL B 133 11.69 -39.86 42.70
N ILE B 134 10.72 -39.44 41.89
CA ILE B 134 10.20 -38.08 41.90
C ILE B 134 8.70 -38.27 42.08
N LYS B 135 8.16 -37.64 43.11
CA LYS B 135 6.74 -37.72 43.42
C LYS B 135 6.20 -36.33 43.65
N VAL B 136 4.99 -36.07 43.20
CA VAL B 136 4.31 -34.82 43.51
C VAL B 136 3.04 -35.25 44.22
N CYS B 137 3.10 -35.40 45.55
CA CYS B 137 2.02 -36.09 46.23
C CYS B 137 1.80 -35.44 47.60
N GLU B 138 0.61 -35.66 48.17
CA GLU B 138 0.22 -35.02 49.43
C GLU B 138 0.60 -35.82 50.68
N PHE B 139 1.90 -35.83 51.00
CA PHE B 139 2.36 -36.45 52.24
C PHE B 139 2.15 -35.53 53.45
N GLN B 140 2.35 -36.11 54.63
CA GLN B 140 2.32 -35.40 55.90
C GLN B 140 3.68 -35.61 56.56
N PHE B 141 4.58 -34.66 56.32
CA PHE B 141 5.99 -34.80 56.69
C PHE B 141 6.27 -34.43 58.16
N CYS B 142 7.39 -34.96 58.63
CA CYS B 142 8.02 -34.65 59.91
C CYS B 142 8.75 -33.32 59.82
N ASN B 143 9.29 -32.85 60.96
CA ASN B 143 10.04 -31.60 60.93
C ASN B 143 11.38 -31.79 60.23
N ASP B 144 12.03 -32.93 60.46
CA ASP B 144 13.22 -33.35 59.73
C ASP B 144 12.91 -34.73 59.15
N PRO B 145 12.24 -34.80 57.99
CA PRO B 145 11.99 -36.11 57.37
C PRO B 145 13.29 -36.64 56.79
N PHE B 146 13.58 -37.91 57.02
CA PHE B 146 14.78 -38.51 56.42
C PHE B 146 14.59 -40.01 56.31
N LEU B 147 15.63 -40.66 55.79
CA LEU B 147 15.61 -42.04 55.32
C LEU B 147 15.41 -43.03 56.46
N ASP B 148 15.71 -42.60 57.69
CA ASP B 148 15.72 -43.42 58.91
C ASP B 148 16.70 -44.59 58.78
N VAL B 149 17.98 -44.22 58.66
CA VAL B 149 19.06 -45.18 58.54
C VAL B 149 19.18 -45.97 59.84
N TYR B 150 19.61 -47.22 59.72
CA TYR B 150 19.66 -48.12 60.87
C TYR B 150 21.09 -48.28 61.36
N GLU B 160 13.20 -46.17 53.68
CA GLU B 160 13.09 -44.95 52.90
C GLU B 160 11.82 -44.14 53.18
N SER B 161 10.66 -44.79 53.03
CA SER B 161 9.39 -44.07 53.17
C SER B 161 8.91 -44.13 54.62
N GLY B 162 9.49 -43.25 55.42
CA GLY B 162 9.09 -43.08 56.80
C GLY B 162 9.07 -41.58 57.03
N VAL B 163 9.25 -40.86 55.92
CA VAL B 163 9.29 -39.40 55.93
C VAL B 163 7.91 -38.78 56.07
N TYR B 164 6.87 -39.57 55.88
CA TYR B 164 5.47 -39.14 55.99
C TYR B 164 4.83 -39.73 57.23
N SER B 165 3.98 -38.94 57.89
CA SER B 165 3.16 -39.50 58.95
C SER B 165 1.89 -40.12 58.39
N SER B 166 1.34 -39.54 57.32
CA SER B 166 0.16 -40.03 56.64
C SER B 166 0.38 -39.90 55.13
N ALA B 167 -0.34 -40.74 54.38
CA ALA B 167 -0.21 -40.78 52.92
C ALA B 167 -1.60 -40.82 52.29
N ASN B 168 -2.11 -39.64 51.93
CA ASN B 168 -3.43 -39.53 51.33
C ASN B 168 -3.40 -38.76 50.00
N ASN B 169 -4.13 -39.32 49.02
CA ASN B 169 -4.47 -38.65 47.75
C ASN B 169 -3.26 -38.25 46.91
N CYS B 170 -2.31 -39.16 46.75
CA CYS B 170 -1.06 -38.81 46.09
C CYS B 170 -1.16 -39.07 44.59
N THR B 171 -0.55 -38.17 43.82
CA THR B 171 -0.91 -37.92 42.43
C THR B 171 0.14 -38.37 41.42
N PHE B 172 1.38 -37.90 41.54
CA PHE B 172 2.39 -38.09 40.50
C PHE B 172 3.52 -38.99 40.96
N GLU B 173 4.04 -39.79 40.02
CA GLU B 173 5.17 -40.67 40.21
C GLU B 173 6.05 -40.63 38.97
N TYR B 174 7.38 -40.70 39.19
CA TYR B 174 8.36 -40.65 38.12
C TYR B 174 9.54 -41.51 38.56
N VAL B 175 10.07 -42.28 37.62
CA VAL B 175 11.19 -43.16 37.89
C VAL B 175 12.23 -42.98 36.78
N SER B 176 13.50 -42.98 37.18
CA SER B 176 14.61 -42.93 36.24
C SER B 176 15.81 -43.64 36.84
N GLN B 177 16.95 -43.49 36.18
CA GLN B 177 18.19 -44.14 36.53
C GLN B 177 18.93 -43.56 37.75
N PRO B 178 19.77 -44.37 38.39
CA PRO B 178 20.60 -43.93 39.53
C PRO B 178 21.62 -42.87 39.15
N PHE B 179 21.76 -41.85 40.01
CA PHE B 179 22.85 -40.89 39.82
C PHE B 179 24.18 -41.60 39.95
N LEU B 180 24.32 -42.51 40.92
CA LEU B 180 25.62 -43.10 41.22
C LEU B 180 25.61 -44.54 40.72
N LYS B 191 33.19 -38.44 44.53
CA LYS B 191 34.11 -37.62 43.75
C LYS B 191 33.36 -37.07 42.55
N ASN B 192 32.11 -36.66 42.78
CA ASN B 192 31.20 -36.35 41.69
C ASN B 192 30.56 -34.98 41.87
N LEU B 193 30.11 -34.41 40.76
CA LEU B 193 29.31 -33.20 40.75
C LEU B 193 27.94 -33.50 40.16
N ARG B 194 26.89 -33.20 40.92
CA ARG B 194 25.50 -33.42 40.49
C ARG B 194 24.83 -32.05 40.41
N GLU B 195 24.32 -31.72 39.22
CA GLU B 195 23.83 -30.38 38.91
C GLU B 195 22.35 -30.39 38.61
N PHE B 196 21.64 -29.41 39.16
CA PHE B 196 20.22 -29.27 38.89
C PHE B 196 20.02 -27.85 38.44
N VAL B 197 19.09 -27.63 37.52
CA VAL B 197 18.61 -26.30 37.21
C VAL B 197 17.11 -26.33 37.36
N PHE B 198 16.59 -25.62 38.35
CA PHE B 198 15.15 -25.57 38.53
C PHE B 198 14.63 -24.37 37.76
N LYS B 199 13.89 -24.64 36.69
CA LYS B 199 13.20 -23.61 35.92
C LYS B 199 11.71 -23.91 35.85
N ASN B 200 10.93 -22.83 35.77
CA ASN B 200 9.48 -22.91 35.60
C ASN B 200 9.13 -21.77 34.65
N ILE B 201 8.91 -22.11 33.38
CA ILE B 201 8.53 -21.15 32.35
C ILE B 201 7.26 -21.67 31.69
N ASP B 202 6.30 -20.76 31.47
CA ASP B 202 5.04 -20.96 30.72
C ASP B 202 4.27 -22.22 31.13
N GLY B 203 4.12 -22.40 32.43
CA GLY B 203 3.40 -23.56 32.94
C GLY B 203 4.11 -24.87 32.72
N TYR B 204 5.43 -24.84 32.57
CA TYR B 204 6.24 -26.03 32.27
C TYR B 204 7.39 -26.02 33.25
N PHE B 205 7.58 -27.13 33.96
CA PHE B 205 8.70 -27.26 34.87
C PHE B 205 9.80 -28.03 34.15
N LYS B 206 10.93 -27.36 33.92
CA LYS B 206 12.09 -27.94 33.28
C LYS B 206 13.15 -28.21 34.34
N ILE B 207 13.59 -29.46 34.40
CA ILE B 207 14.63 -29.87 35.32
C ILE B 207 15.69 -30.51 34.47
N TYR B 208 16.84 -29.89 34.37
CA TYR B 208 17.88 -30.51 33.56
C TYR B 208 18.73 -31.39 34.47
N SER B 209 19.58 -32.19 33.85
CA SER B 209 20.48 -33.05 34.58
C SER B 209 21.88 -32.91 34.01
N LYS B 210 22.87 -33.13 34.85
CA LYS B 210 24.25 -33.27 34.43
C LYS B 210 24.98 -34.02 35.52
N HIS B 211 25.82 -34.96 35.13
CA HIS B 211 26.66 -35.66 36.09
C HIS B 211 28.10 -35.41 35.69
N THR B 212 28.94 -35.09 36.66
CA THR B 212 30.32 -34.81 36.34
C THR B 212 31.17 -35.39 37.45
N PRO B 213 32.27 -36.07 37.12
CA PRO B 213 33.26 -36.41 38.14
C PRO B 213 34.10 -35.17 38.44
N ILE B 214 34.05 -34.70 39.69
CA ILE B 214 34.68 -33.43 39.99
C ILE B 214 35.79 -33.68 40.99
N ASN B 215 36.77 -32.77 40.99
CA ASN B 215 37.94 -32.93 41.84
C ASN B 215 38.49 -31.60 42.38
N LEU B 216 37.82 -30.48 42.14
CA LEU B 216 38.40 -29.20 42.53
C LEU B 216 38.19 -28.94 44.02
N VAL B 217 39.06 -28.11 44.59
CA VAL B 217 39.11 -27.95 46.04
C VAL B 217 37.97 -27.06 46.56
N ARG B 218 37.88 -25.80 46.13
CA ARG B 218 36.97 -24.91 46.84
C ARG B 218 35.85 -24.36 45.98
N ASP B 219 36.15 -23.75 44.83
CA ASP B 219 35.17 -22.91 44.16
C ASP B 219 34.65 -23.60 42.91
N LEU B 220 33.79 -22.89 42.19
CA LEU B 220 33.26 -23.41 40.94
C LEU B 220 34.35 -23.38 39.87
N PRO B 221 34.44 -24.41 39.05
CA PRO B 221 35.62 -24.59 38.20
C PRO B 221 35.63 -23.67 36.99
N GLN B 222 36.78 -23.65 36.32
CA GLN B 222 36.96 -22.90 35.08
C GLN B 222 36.71 -23.91 33.97
N GLY B 223 35.44 -24.05 33.60
CA GLY B 223 35.07 -24.98 32.54
C GLY B 223 33.67 -24.67 32.04
N PHE B 224 33.24 -25.47 31.08
CA PHE B 224 31.92 -25.33 30.47
C PHE B 224 31.17 -26.65 30.51
N SER B 225 29.88 -26.56 30.77
CA SER B 225 29.01 -27.74 30.70
C SER B 225 27.60 -27.27 30.42
N ALA B 226 27.02 -27.80 29.35
CA ALA B 226 25.59 -27.75 29.14
C ALA B 226 24.89 -28.80 29.99
N LEU B 227 23.62 -28.54 30.26
CA LEU B 227 22.79 -29.46 31.01
C LEU B 227 21.59 -29.86 30.16
N GLU B 228 21.38 -31.26 29.96
CA GLU B 228 20.39 -31.82 29.04
C GLU B 228 19.07 -32.12 29.75
N PRO B 229 17.93 -31.97 29.10
CA PRO B 229 16.66 -32.21 29.82
C PRO B 229 16.46 -33.70 30.00
N LEU B 230 16.09 -34.07 31.23
CA LEU B 230 15.72 -35.43 31.51
C LEU B 230 14.21 -35.57 31.63
N VAL B 231 13.60 -34.61 32.29
CA VAL B 231 12.17 -34.58 32.52
C VAL B 231 11.64 -33.19 32.22
N ASP B 232 10.54 -33.12 31.48
CA ASP B 232 9.78 -31.89 31.37
C ASP B 232 8.44 -32.17 32.02
N LEU B 233 7.94 -31.23 32.80
CA LEU B 233 6.67 -31.45 33.50
C LEU B 233 5.70 -30.29 33.26
N PRO B 234 4.55 -30.55 32.67
CA PRO B 234 3.57 -29.50 32.39
C PRO B 234 2.67 -29.26 33.59
N ILE B 235 3.27 -28.86 34.71
CA ILE B 235 2.53 -28.72 35.96
C ILE B 235 2.60 -27.29 36.43
N GLY B 236 1.46 -26.75 36.80
CA GLY B 236 1.34 -25.40 37.31
C GLY B 236 1.34 -25.47 38.82
N ILE B 237 2.50 -25.21 39.43
CA ILE B 237 2.63 -25.22 40.88
C ILE B 237 3.44 -24.00 41.28
N ASN B 238 3.10 -23.47 42.46
CA ASN B 238 3.67 -22.23 42.95
C ASN B 238 4.47 -22.53 44.21
N ILE B 239 5.42 -23.47 44.08
CA ILE B 239 6.35 -23.91 45.12
C ILE B 239 6.92 -22.72 45.88
N THR B 240 6.93 -22.80 47.20
CA THR B 240 7.42 -21.70 48.02
C THR B 240 8.52 -22.09 48.99
N ARG B 241 8.65 -23.37 49.31
CA ARG B 241 9.71 -23.80 50.21
C ARG B 241 10.35 -25.06 49.67
N PHE B 242 11.61 -25.26 50.03
CA PHE B 242 12.27 -26.52 49.76
C PHE B 242 13.33 -26.82 50.79
N GLN B 243 13.84 -28.06 50.73
CA GLN B 243 14.64 -28.61 51.80
C GLN B 243 15.52 -29.71 51.23
N THR B 244 16.71 -29.86 51.81
CA THR B 244 17.65 -30.91 51.44
C THR B 244 17.76 -31.86 52.63
N LEU B 245 18.11 -33.12 52.37
CA LEU B 245 18.11 -34.14 53.41
C LEU B 245 19.51 -34.61 53.74
N LEU B 246 19.73 -34.93 55.02
CA LEU B 246 21.03 -35.30 55.54
C LEU B 246 21.09 -36.79 55.89
N ALA B 247 22.30 -37.33 55.77
CA ALA B 247 22.63 -38.71 56.14
C ALA B 247 23.36 -38.68 57.48
N LEU B 248 22.59 -38.75 58.56
CA LEU B 248 23.17 -38.61 59.89
C LEU B 248 23.76 -39.93 60.35
N HIS B 249 25.03 -39.87 60.75
CA HIS B 249 25.74 -40.99 61.35
C HIS B 249 25.87 -40.74 62.84
N ARG B 250 25.76 -41.81 63.63
CA ARG B 250 25.79 -41.70 65.09
C ARG B 250 27.21 -41.36 65.52
N SER B 251 27.45 -40.10 65.83
CA SER B 251 28.78 -39.65 66.24
C SER B 251 28.69 -38.53 67.28
N ALA B 266 29.70 -31.42 57.22
CA ALA B 266 30.88 -32.11 56.70
C ALA B 266 30.92 -32.05 55.18
N ALA B 267 29.80 -31.66 54.59
CA ALA B 267 29.64 -31.58 53.15
C ALA B 267 29.37 -30.14 52.72
N ALA B 268 29.86 -29.79 51.53
CA ALA B 268 29.77 -28.45 50.99
C ALA B 268 29.03 -28.46 49.67
N TYR B 269 28.26 -27.40 49.39
CA TYR B 269 27.58 -27.32 48.10
C TYR B 269 27.41 -25.85 47.72
N TYR B 270 26.92 -25.63 46.51
CA TYR B 270 26.95 -24.33 45.86
C TYR B 270 25.59 -23.96 45.30
N VAL B 271 25.15 -22.73 45.54
CA VAL B 271 23.85 -22.24 45.11
C VAL B 271 24.06 -20.90 44.43
N GLY B 272 23.47 -20.72 43.26
CA GLY B 272 23.37 -19.42 42.65
C GLY B 272 21.93 -19.21 42.21
N TYR B 273 21.55 -17.95 42.09
CA TYR B 273 20.16 -17.66 41.80
C TYR B 273 19.96 -17.09 40.40
N LEU B 274 18.84 -17.47 39.77
CA LEU B 274 18.64 -17.27 38.35
C LEU B 274 17.56 -16.21 38.12
N GLN B 275 17.68 -15.49 37.02
CA GLN B 275 16.85 -14.34 36.74
C GLN B 275 16.62 -14.26 35.25
N PRO B 276 15.47 -13.74 34.80
CA PRO B 276 15.22 -13.67 33.35
C PRO B 276 16.03 -12.54 32.72
N ARG B 277 16.76 -12.87 31.66
CA ARG B 277 17.64 -11.96 30.97
C ARG B 277 17.92 -12.56 29.62
N THR B 278 18.69 -11.86 28.80
CA THR B 278 18.99 -12.34 27.46
C THR B 278 20.39 -12.92 27.43
N PHE B 279 20.56 -13.95 26.58
CA PHE B 279 21.81 -14.67 26.39
C PHE B 279 22.10 -14.93 24.93
N LEU B 280 23.38 -15.21 24.66
CA LEU B 280 23.82 -15.75 23.39
C LEU B 280 24.35 -17.14 23.64
N LEU B 281 23.88 -18.12 22.88
CA LEU B 281 24.31 -19.51 22.99
C LEU B 281 25.13 -19.86 21.77
N LYS B 282 26.11 -20.72 21.93
CA LYS B 282 26.77 -21.32 20.78
C LYS B 282 26.61 -22.82 20.79
N TYR B 283 26.13 -23.37 19.68
CA TYR B 283 26.11 -24.79 19.43
C TYR B 283 27.25 -25.08 18.48
N ASN B 284 28.02 -26.13 18.72
CA ASN B 284 29.14 -26.40 17.83
C ASN B 284 28.66 -27.26 16.65
N GLU B 285 29.61 -27.71 15.82
CA GLU B 285 29.28 -28.40 14.58
C GLU B 285 28.66 -29.77 14.83
N ASN B 286 29.00 -30.41 15.94
CA ASN B 286 28.33 -31.64 16.31
C ASN B 286 27.08 -31.35 17.13
N GLY B 287 26.82 -30.09 17.43
CA GLY B 287 25.63 -29.66 18.14
C GLY B 287 25.69 -29.63 19.64
N THR B 288 26.88 -29.61 20.24
CA THR B 288 27.04 -29.44 21.67
C THR B 288 27.33 -27.99 21.99
N ILE B 289 26.94 -27.55 23.18
CA ILE B 289 27.26 -26.20 23.62
C ILE B 289 28.69 -26.12 24.10
N THR B 290 29.44 -25.18 23.53
CA THR B 290 30.77 -24.84 24.05
C THR B 290 30.79 -23.60 24.92
N ASP B 291 29.87 -22.65 24.73
CA ASP B 291 30.04 -21.30 25.27
C ASP B 291 28.69 -20.60 25.37
N ALA B 292 28.62 -19.60 26.25
CA ALA B 292 27.48 -18.68 26.31
C ALA B 292 27.94 -17.26 26.65
N VAL B 293 27.02 -16.30 26.57
CA VAL B 293 27.28 -14.89 26.87
C VAL B 293 26.08 -14.31 27.59
N ASP B 294 26.33 -13.62 28.71
CA ASP B 294 25.33 -12.80 29.39
C ASP B 294 25.17 -11.50 28.62
N CYS B 295 23.94 -11.16 28.26
CA CYS B 295 23.68 -9.95 27.49
C CYS B 295 23.21 -8.80 28.36
N ALA B 296 23.10 -9.04 29.67
CA ALA B 296 22.78 -8.00 30.65
C ALA B 296 23.94 -7.63 31.55
N LEU B 297 25.06 -8.30 31.42
CA LEU B 297 26.28 -7.98 32.16
C LEU B 297 27.06 -6.91 31.38
N ASP B 298 28.37 -6.84 31.61
CA ASP B 298 29.38 -5.91 31.13
C ASP B 298 29.28 -5.58 29.66
N PRO B 299 29.74 -4.39 29.26
CA PRO B 299 29.57 -3.94 27.88
C PRO B 299 30.30 -4.75 26.84
N LEU B 300 31.39 -5.46 27.18
CA LEU B 300 32.00 -6.35 26.21
C LEU B 300 31.04 -7.46 25.81
N SER B 301 30.35 -8.02 26.80
CA SER B 301 29.41 -9.11 26.55
C SER B 301 28.16 -8.64 25.82
N GLU B 302 27.75 -7.40 26.02
CA GLU B 302 26.56 -6.88 25.34
C GLU B 302 26.80 -6.60 23.87
N THR B 303 28.02 -6.24 23.50
CA THR B 303 28.39 -6.17 22.10
C THR B 303 28.32 -7.51 21.40
N LYS B 304 28.67 -8.58 22.10
CA LYS B 304 28.54 -9.92 21.56
C LYS B 304 27.08 -10.24 21.27
N CYS B 305 26.19 -9.91 22.22
CA CYS B 305 24.76 -10.22 22.13
C CYS B 305 24.08 -9.51 20.98
N THR B 306 24.47 -8.27 20.67
CA THR B 306 23.84 -7.60 19.52
C THR B 306 24.37 -8.14 18.20
N LEU B 307 25.69 -8.23 18.04
CA LEU B 307 26.24 -8.75 16.79
C LEU B 307 26.03 -10.24 16.59
N LYS B 308 25.55 -10.96 17.61
CA LYS B 308 25.24 -12.39 17.53
C LYS B 308 26.46 -13.19 17.11
N SER B 309 27.58 -12.88 17.74
CA SER B 309 28.84 -13.54 17.48
C SER B 309 29.65 -13.50 18.76
N PHE B 310 30.64 -14.37 18.84
CA PHE B 310 31.60 -14.38 19.93
C PHE B 310 32.87 -13.63 19.61
N THR B 311 33.00 -13.14 18.39
CA THR B 311 34.22 -12.48 17.95
C THR B 311 33.85 -11.10 17.44
N VAL B 312 33.75 -10.15 18.37
CA VAL B 312 33.41 -8.78 18.02
C VAL B 312 34.66 -8.08 17.51
N GLU B 313 34.54 -7.49 16.34
CA GLU B 313 35.66 -6.79 15.73
C GLU B 313 35.83 -5.43 16.42
N LYS B 314 37.00 -4.82 16.24
CA LYS B 314 37.29 -3.56 16.90
C LYS B 314 36.35 -2.44 16.43
N GLY B 315 35.68 -1.80 17.37
CA GLY B 315 35.01 -0.56 17.04
C GLY B 315 33.87 -0.23 18.00
N ILE B 316 33.01 0.65 17.53
CA ILE B 316 31.86 1.16 18.28
C ILE B 316 30.60 0.53 17.72
N TYR B 317 29.81 -0.04 18.61
CA TYR B 317 28.56 -0.66 18.24
C TYR B 317 27.44 0.04 18.98
N GLN B 318 26.24 -0.06 18.46
CA GLN B 318 25.09 0.42 19.19
C GLN B 318 24.62 -0.70 20.08
N THR B 319 24.50 -0.43 21.38
CA THR B 319 23.96 -1.43 22.27
C THR B 319 22.47 -1.24 22.43
N SER B 320 22.06 -0.11 22.98
CA SER B 320 20.65 0.11 23.27
C SER B 320 20.44 1.61 23.44
N ASN B 321 19.33 1.97 24.03
CA ASN B 321 19.11 3.32 24.49
C ASN B 321 19.16 3.30 26.00
N PHE B 322 19.48 4.45 26.58
CA PHE B 322 19.44 4.61 28.02
C PHE B 322 18.47 5.73 28.31
N ARG B 323 18.03 5.78 29.56
CA ARG B 323 17.17 6.86 29.96
C ARG B 323 17.44 7.16 31.41
N VAL B 324 17.14 8.38 31.81
CA VAL B 324 17.08 8.66 33.24
C VAL B 324 15.76 8.10 33.73
N GLN B 325 15.83 7.14 34.61
CA GLN B 325 14.61 6.63 35.22
C GLN B 325 14.08 7.73 36.13
N PRO B 326 12.77 7.95 36.16
CA PRO B 326 12.25 8.97 37.07
C PRO B 326 12.13 8.44 38.48
N THR B 327 12.28 9.37 39.41
CA THR B 327 12.03 9.15 40.82
C THR B 327 11.19 10.33 41.28
N GLU B 328 10.80 10.30 42.56
CA GLU B 328 9.93 11.25 43.26
C GLU B 328 8.72 11.59 42.39
N SER B 329 7.83 10.61 42.20
CA SER B 329 6.69 10.76 41.31
C SER B 329 5.76 11.87 41.79
N ILE B 330 5.45 12.80 40.88
CA ILE B 330 4.68 13.98 41.18
C ILE B 330 3.33 13.90 40.46
N VAL B 331 2.28 14.32 41.13
CA VAL B 331 0.94 14.24 40.59
C VAL B 331 0.22 15.50 41.05
N ARG B 332 -0.44 16.17 40.11
CA ARG B 332 -0.98 17.50 40.34
C ARG B 332 -2.39 17.65 39.81
N PHE B 333 -3.28 18.14 40.65
CA PHE B 333 -4.69 18.37 40.38
C PHE B 333 -4.98 19.80 40.83
N PRO B 334 -6.11 20.38 40.43
CA PRO B 334 -6.53 21.68 41.00
C PRO B 334 -6.91 21.60 42.47
N ASN B 335 -7.25 22.77 43.03
CA ASN B 335 -7.60 22.83 44.45
C ASN B 335 -8.91 22.13 44.73
N ILE B 336 -9.84 22.13 43.77
CA ILE B 336 -11.23 21.85 44.11
C ILE B 336 -11.38 20.36 44.41
N THR B 337 -12.04 20.05 45.52
CA THR B 337 -12.02 18.69 46.04
C THR B 337 -13.37 18.23 46.54
N ASN B 338 -14.46 18.95 46.27
CA ASN B 338 -15.72 18.45 46.74
C ASN B 338 -16.19 17.30 45.85
N LEU B 339 -17.03 16.46 46.41
CA LEU B 339 -17.61 15.38 45.61
C LEU B 339 -18.77 15.97 44.81
N CYS B 340 -19.01 15.39 43.64
CA CYS B 340 -20.17 15.74 42.85
C CYS B 340 -21.09 14.53 42.81
N PRO B 341 -22.39 14.68 43.03
CA PRO B 341 -23.18 13.49 43.29
C PRO B 341 -23.47 12.81 41.97
N PHE B 342 -22.58 11.91 41.57
CA PHE B 342 -22.99 10.96 40.56
C PHE B 342 -23.85 9.87 41.14
N GLY B 343 -23.82 9.68 42.47
CA GLY B 343 -24.54 8.57 43.07
C GLY B 343 -26.03 8.76 42.99
N GLU B 344 -26.48 10.00 43.20
CA GLU B 344 -27.91 10.30 43.15
C GLU B 344 -28.42 10.13 41.73
N VAL B 345 -27.55 10.39 40.74
CA VAL B 345 -27.88 10.17 39.34
C VAL B 345 -27.85 8.68 39.04
N PHE B 346 -26.91 7.95 39.63
CA PHE B 346 -26.84 6.51 39.42
C PHE B 346 -28.05 5.87 40.09
N ASN B 347 -28.29 6.24 41.33
CA ASN B 347 -29.34 5.69 42.15
C ASN B 347 -30.50 6.68 42.20
N ALA B 348 -31.10 6.86 41.02
CA ALA B 348 -32.32 7.66 40.87
C ALA B 348 -33.49 6.79 40.43
N THR B 349 -34.61 6.97 41.13
CA THR B 349 -35.76 6.08 41.01
C THR B 349 -36.48 6.27 39.68
N ARG B 350 -36.67 7.52 39.24
CA ARG B 350 -37.41 7.76 38.00
C ARG B 350 -36.51 8.48 37.01
N PHE B 351 -36.38 7.88 35.84
CA PHE B 351 -35.65 8.34 34.68
C PHE B 351 -36.60 8.95 33.67
N ALA B 352 -36.04 9.44 32.56
CA ALA B 352 -36.83 9.99 31.47
C ALA B 352 -36.90 8.94 30.37
N SER B 353 -37.34 9.33 29.17
CA SER B 353 -37.71 8.30 28.22
C SER B 353 -36.49 7.94 27.38
N VAL B 354 -36.66 6.99 26.48
CA VAL B 354 -35.55 6.63 25.60
C VAL B 354 -35.36 7.66 24.49
N TYR B 355 -36.45 8.15 23.92
CA TYR B 355 -36.37 9.21 22.92
C TYR B 355 -36.45 10.61 23.51
N ALA B 356 -36.63 10.74 24.81
CA ALA B 356 -36.55 12.01 25.53
C ALA B 356 -35.62 11.89 26.73
N TRP B 357 -34.44 11.31 26.50
CA TRP B 357 -33.43 11.15 27.55
C TRP B 357 -32.99 12.48 28.16
N ASN B 358 -32.75 12.45 29.47
CA ASN B 358 -32.35 13.63 30.21
C ASN B 358 -30.83 13.73 30.18
N ARG B 359 -30.33 14.93 29.92
CA ARG B 359 -28.90 15.12 29.70
C ARG B 359 -28.38 16.08 30.76
N LYS B 360 -27.24 15.77 31.34
CA LYS B 360 -26.66 16.66 32.34
C LYS B 360 -25.17 16.85 32.12
N ARG B 361 -24.73 18.05 32.48
CA ARG B 361 -23.34 18.46 32.48
C ARG B 361 -22.88 18.67 33.92
N ILE B 362 -21.75 18.06 34.27
CA ILE B 362 -21.17 18.14 35.61
C ILE B 362 -19.79 18.74 35.52
N SER B 363 -19.47 19.66 36.45
CA SER B 363 -18.11 20.16 36.54
C SER B 363 -17.78 20.46 37.99
N ASN B 364 -16.48 20.67 38.23
CA ASN B 364 -15.86 21.05 39.51
C ASN B 364 -16.17 20.03 40.59
N CYS B 365 -15.65 18.82 40.39
CA CYS B 365 -15.67 17.81 41.45
C CYS B 365 -14.53 16.82 41.36
N VAL B 366 -14.50 15.93 42.34
CA VAL B 366 -13.75 14.69 42.29
C VAL B 366 -14.77 13.56 42.39
N ALA B 367 -14.63 12.57 41.51
CA ALA B 367 -15.51 11.41 41.48
C ALA B 367 -14.63 10.21 41.78
N ASP B 368 -15.05 9.38 42.72
CA ASP B 368 -14.32 8.16 43.07
C ASP B 368 -14.89 6.96 42.34
N TYR B 369 -14.22 6.56 41.26
CA TYR B 369 -14.65 5.44 40.43
C TYR B 369 -14.36 4.10 41.07
N SER B 370 -13.55 4.05 42.12
CA SER B 370 -13.23 2.81 42.81
C SER B 370 -14.45 2.24 43.51
N VAL B 371 -15.23 3.09 44.18
CA VAL B 371 -16.42 2.60 44.86
C VAL B 371 -17.45 2.27 43.80
N LEU B 372 -17.34 2.90 42.62
CA LEU B 372 -18.23 2.62 41.51
C LEU B 372 -17.81 1.33 40.81
N TYR B 373 -16.49 1.03 40.78
CA TYR B 373 -16.00 -0.07 39.97
C TYR B 373 -16.35 -1.41 40.61
N ASN B 374 -16.11 -1.56 41.91
CA ASN B 374 -16.28 -2.87 42.53
C ASN B 374 -17.73 -3.27 42.71
N SER B 375 -18.66 -2.31 42.64
CA SER B 375 -20.07 -2.60 42.86
C SER B 375 -20.71 -3.47 41.78
N ALA B 376 -21.45 -4.48 42.24
CA ALA B 376 -22.10 -5.47 41.40
C ALA B 376 -23.61 -5.27 41.34
N SER B 377 -24.13 -4.15 41.88
CA SER B 377 -25.55 -3.86 41.79
C SER B 377 -26.03 -3.55 40.37
N PHE B 378 -25.15 -3.11 39.49
CA PHE B 378 -25.52 -2.93 38.10
C PHE B 378 -25.42 -4.26 37.37
N SER B 379 -26.47 -4.60 36.61
CA SER B 379 -26.44 -5.83 35.83
C SER B 379 -25.39 -5.72 34.74
N THR B 380 -25.31 -4.57 34.09
CA THR B 380 -24.28 -4.34 33.10
C THR B 380 -23.48 -3.14 33.55
N PHE B 381 -22.16 -3.28 33.51
CA PHE B 381 -21.24 -2.17 33.68
C PHE B 381 -20.15 -2.44 32.65
N LYS B 382 -20.22 -1.74 31.54
CA LYS B 382 -19.23 -1.95 30.52
C LYS B 382 -18.84 -0.59 29.99
N CYS B 383 -17.54 -0.37 29.87
CA CYS B 383 -16.99 0.83 29.30
C CYS B 383 -16.33 0.42 28.00
N TYR B 384 -16.63 1.13 26.91
CA TYR B 384 -16.14 0.70 25.61
C TYR B 384 -14.86 1.43 25.26
N GLY B 385 -14.92 2.76 25.18
CA GLY B 385 -13.76 3.50 24.78
C GLY B 385 -12.69 3.56 25.85
N VAL B 386 -13.04 3.16 27.08
CA VAL B 386 -12.14 3.24 28.22
C VAL B 386 -12.24 1.92 28.98
N SER B 387 -11.32 1.75 29.94
CA SER B 387 -11.33 0.61 30.84
C SER B 387 -11.82 1.06 32.20
N PRO B 388 -12.74 0.34 32.84
CA PRO B 388 -13.29 0.80 34.13
C PRO B 388 -12.27 0.88 35.25
N THR B 389 -11.19 0.11 35.17
CA THR B 389 -10.16 0.11 36.20
C THR B 389 -9.17 1.27 36.10
N LYS B 390 -9.07 1.95 34.96
CA LYS B 390 -8.09 3.00 34.80
C LYS B 390 -8.69 4.41 34.81
N LEU B 391 -10.00 4.53 35.05
CA LEU B 391 -10.65 5.82 35.19
C LEU B 391 -10.18 6.55 36.45
N ASN B 392 -9.70 5.80 37.44
CA ASN B 392 -9.29 6.30 38.73
C ASN B 392 -8.06 7.20 38.66
N ASP B 393 -7.34 7.21 37.54
CA ASP B 393 -6.14 8.00 37.40
C ASP B 393 -6.32 9.30 36.64
N LEU B 394 -7.15 9.28 35.60
CA LEU B 394 -7.32 10.42 34.71
C LEU B 394 -8.42 11.38 35.17
N CYS B 395 -8.20 12.67 34.89
CA CYS B 395 -9.13 13.73 35.25
C CYS B 395 -9.55 14.49 34.01
N PHE B 396 -10.86 14.61 33.84
CA PHE B 396 -11.52 15.25 32.71
C PHE B 396 -12.31 16.45 33.19
N THR B 397 -13.15 16.94 32.28
CA THR B 397 -14.18 17.91 32.59
C THR B 397 -15.32 17.62 31.64
N ASN B 398 -16.48 18.24 31.94
CA ASN B 398 -17.63 18.28 31.07
C ASN B 398 -18.11 16.86 30.72
N VAL B 399 -18.44 16.13 31.78
CA VAL B 399 -18.89 14.75 31.65
C VAL B 399 -20.38 14.77 31.37
N TYR B 400 -20.82 13.93 30.43
CA TYR B 400 -22.23 13.90 30.12
C TYR B 400 -22.82 12.53 30.49
N ALA B 401 -24.02 12.55 31.04
CA ALA B 401 -24.74 11.34 31.42
C ALA B 401 -26.19 11.42 30.98
N ASP B 402 -26.63 10.45 30.19
CA ASP B 402 -28.01 10.35 29.74
C ASP B 402 -28.61 9.05 30.26
N SER B 403 -29.83 9.14 30.79
CA SER B 403 -30.46 7.99 31.43
C SER B 403 -31.86 7.80 30.88
N PHE B 404 -32.31 6.54 30.93
CA PHE B 404 -33.64 6.15 30.47
C PHE B 404 -33.95 4.75 31.01
N VAL B 405 -35.05 4.17 30.54
CA VAL B 405 -35.52 2.87 30.99
C VAL B 405 -35.85 2.01 29.76
N ILE B 406 -35.31 0.79 29.71
CA ILE B 406 -35.53 -0.10 28.57
C ILE B 406 -35.65 -1.54 29.06
N ARG B 407 -36.16 -2.40 28.18
CA ARG B 407 -36.30 -3.83 28.41
C ARG B 407 -34.95 -4.50 28.56
N GLY B 408 -34.96 -5.67 29.22
CA GLY B 408 -33.71 -6.32 29.59
C GLY B 408 -32.91 -6.86 28.42
N ASP B 409 -33.56 -7.15 27.31
CA ASP B 409 -32.85 -7.71 26.17
C ASP B 409 -32.12 -6.61 25.41
N GLU B 410 -32.60 -5.37 25.51
CA GLU B 410 -32.08 -4.24 24.76
C GLU B 410 -30.95 -3.51 25.49
N VAL B 411 -30.45 -4.08 26.60
CA VAL B 411 -29.32 -3.47 27.27
C VAL B 411 -28.04 -3.68 26.48
N ARG B 412 -28.03 -4.64 25.55
CA ARG B 412 -26.95 -4.74 24.60
C ARG B 412 -27.03 -3.69 23.51
N GLN B 413 -28.23 -3.18 23.23
CA GLN B 413 -28.40 -2.23 22.14
C GLN B 413 -27.69 -0.91 22.40
N ILE B 414 -27.45 -0.55 23.66
CA ILE B 414 -26.80 0.72 23.98
C ILE B 414 -25.28 0.47 24.00
N ALA B 415 -24.66 0.65 22.85
CA ALA B 415 -23.27 0.30 22.60
C ALA B 415 -22.85 0.96 21.29
N PRO B 416 -21.56 1.23 21.09
CA PRO B 416 -21.12 1.75 19.79
C PRO B 416 -21.25 0.68 18.71
N GLY B 417 -21.71 1.10 17.54
CA GLY B 417 -21.86 0.20 16.41
C GLY B 417 -22.95 -0.84 16.59
N GLN B 418 -24.09 -0.43 17.14
CA GLN B 418 -25.20 -1.34 17.40
C GLN B 418 -26.45 -0.81 16.73
N THR B 419 -27.21 -1.71 16.11
CA THR B 419 -28.45 -1.33 15.47
C THR B 419 -29.63 -1.95 16.22
N GLY B 420 -30.73 -1.21 16.26
CA GLY B 420 -31.92 -1.72 16.89
C GLY B 420 -33.08 -0.75 16.74
N LYS B 421 -34.11 -0.99 17.53
CA LYS B 421 -35.21 -0.04 17.62
C LYS B 421 -34.76 1.25 18.28
N ILE B 422 -34.30 1.17 19.52
CA ILE B 422 -33.89 2.38 20.22
C ILE B 422 -32.46 2.78 19.85
N ALA B 423 -31.68 1.86 19.28
CA ALA B 423 -30.35 2.23 18.82
C ALA B 423 -30.40 3.09 17.58
N ASP B 424 -31.52 3.09 16.85
CA ASP B 424 -31.62 3.84 15.61
C ASP B 424 -32.78 4.83 15.60
N TYR B 425 -33.82 4.62 16.40
CA TYR B 425 -34.98 5.51 16.42
C TYR B 425 -35.16 6.27 17.72
N ASN B 426 -34.42 5.93 18.77
CA ASN B 426 -34.63 6.63 20.03
C ASN B 426 -33.33 7.22 20.56
N TYR B 427 -32.19 6.55 20.32
CA TYR B 427 -30.91 7.11 20.70
C TYR B 427 -29.81 6.49 19.85
N LYS B 428 -29.09 7.31 19.10
CA LYS B 428 -28.12 6.87 18.11
C LYS B 428 -26.70 7.10 18.64
N LEU B 429 -25.81 6.15 18.39
CA LEU B 429 -24.47 6.31 18.96
C LEU B 429 -23.41 6.45 17.89
N PRO B 430 -22.45 7.36 18.08
CA PRO B 430 -21.35 7.52 17.13
C PRO B 430 -20.35 6.37 17.20
N ASP B 431 -19.55 6.26 16.13
CA ASP B 431 -18.55 5.20 16.09
C ASP B 431 -17.39 5.47 17.04
N ASP B 432 -17.13 6.74 17.37
CA ASP B 432 -16.06 7.10 18.30
C ASP B 432 -16.60 7.36 19.69
N PHE B 433 -17.66 6.64 20.08
CA PHE B 433 -18.39 6.89 21.32
C PHE B 433 -17.61 6.35 22.51
N THR B 434 -16.62 7.12 22.94
CA THR B 434 -15.86 6.71 24.10
C THR B 434 -16.63 6.97 25.38
N GLY B 435 -16.56 6.05 26.31
CA GLY B 435 -17.23 6.25 27.55
C GLY B 435 -17.59 4.95 28.23
N CYS B 436 -18.69 5.00 28.98
CA CYS B 436 -19.17 3.83 29.69
C CYS B 436 -20.69 3.82 29.67
N VAL B 437 -21.29 2.67 30.00
CA VAL B 437 -22.74 2.52 30.10
C VAL B 437 -23.01 1.63 31.32
N ILE B 438 -24.15 1.87 31.98
CA ILE B 438 -24.60 1.17 33.17
C ILE B 438 -26.06 0.76 33.01
N ALA B 439 -26.36 -0.51 33.25
CA ALA B 439 -27.75 -0.96 33.34
C ALA B 439 -27.93 -1.85 34.56
N TRP B 440 -29.13 -1.79 35.13
CA TRP B 440 -29.51 -2.63 36.26
C TRP B 440 -31.02 -2.82 36.26
N ASN B 441 -31.45 -4.00 36.71
CA ASN B 441 -32.85 -4.37 36.67
C ASN B 441 -33.69 -3.52 37.64
N SER B 442 -34.90 -3.21 37.23
CA SER B 442 -35.86 -2.50 38.07
C SER B 442 -37.27 -3.00 37.79
N ASN B 443 -37.46 -4.33 37.74
CA ASN B 443 -38.78 -4.87 37.44
C ASN B 443 -39.78 -4.69 38.58
N ASN B 444 -39.32 -4.75 39.83
CA ASN B 444 -40.25 -4.58 40.96
C ASN B 444 -40.77 -3.16 41.09
N LEU B 445 -40.11 -2.18 40.49
CA LEU B 445 -40.43 -0.77 40.68
C LEU B 445 -40.99 -0.12 39.43
N ASP B 446 -40.40 -0.39 38.26
CA ASP B 446 -40.79 0.27 37.03
C ASP B 446 -41.85 -0.50 36.26
N SER B 447 -42.30 -1.63 36.78
CA SER B 447 -43.45 -2.39 36.29
C SER B 447 -44.61 -2.38 37.26
N LYS B 448 -45.81 -2.17 36.72
CA LYS B 448 -47.03 -2.06 37.51
C LYS B 448 -47.92 -3.24 37.18
N VAL B 449 -48.80 -3.59 38.12
CA VAL B 449 -49.72 -4.70 37.91
C VAL B 449 -50.80 -4.36 36.89
N GLY B 450 -51.10 -3.08 36.71
CA GLY B 450 -52.01 -2.62 35.68
C GLY B 450 -51.35 -2.39 34.34
N GLY B 451 -50.04 -2.58 34.27
CA GLY B 451 -49.33 -2.34 33.03
C GLY B 451 -48.70 -0.96 33.00
N ASN B 452 -47.39 -0.92 33.23
CA ASN B 452 -46.67 0.35 33.32
C ASN B 452 -46.42 0.78 31.88
N TYR B 453 -47.26 1.68 31.39
CA TYR B 453 -47.17 2.20 30.04
C TYR B 453 -46.56 3.59 29.99
N ASN B 454 -46.00 4.06 31.11
CA ASN B 454 -45.41 5.39 31.17
C ASN B 454 -44.06 5.46 30.45
N TYR B 455 -43.43 4.32 30.22
CA TYR B 455 -42.20 4.25 29.43
C TYR B 455 -42.60 4.04 27.98
N ARG B 456 -42.53 5.11 27.20
CA ARG B 456 -43.02 5.13 25.83
C ARG B 456 -41.86 5.39 24.89
N TYR B 457 -42.09 5.10 23.62
CA TYR B 457 -41.07 5.25 22.59
C TYR B 457 -41.78 5.38 21.25
N ARG B 458 -41.07 5.94 20.28
CA ARG B 458 -41.63 6.12 18.96
C ARG B 458 -41.42 4.86 18.13
N LEU B 459 -42.40 4.51 17.33
CA LEU B 459 -42.37 3.28 16.56
C LEU B 459 -42.04 3.53 15.09
N PHE B 460 -42.54 4.62 14.53
CA PHE B 460 -42.33 4.93 13.13
C PHE B 460 -41.87 6.37 13.01
N ARG B 461 -41.02 6.62 12.03
CA ARG B 461 -40.53 7.97 11.77
C ARG B 461 -40.15 8.06 10.31
N LYS B 462 -40.08 9.30 9.81
CA LYS B 462 -39.75 9.52 8.40
C LYS B 462 -38.30 9.18 8.11
N SER B 463 -37.41 9.45 9.06
CA SER B 463 -35.99 9.28 8.84
C SER B 463 -35.35 8.84 10.14
N ASN B 464 -34.02 8.91 10.20
CA ASN B 464 -33.29 8.50 11.39
C ASN B 464 -33.21 9.67 12.36
N LEU B 465 -32.46 9.50 13.44
CA LEU B 465 -32.19 10.56 14.39
C LEU B 465 -30.69 10.74 14.47
N LYS B 466 -30.27 12.00 14.56
CA LYS B 466 -28.87 12.30 14.79
C LYS B 466 -28.46 11.88 16.20
N PRO B 467 -27.21 11.46 16.39
CA PRO B 467 -26.71 11.21 17.74
C PRO B 467 -26.75 12.48 18.59
N PHE B 468 -27.20 12.31 19.83
CA PHE B 468 -27.31 13.36 20.84
C PHE B 468 -28.24 14.48 20.38
N GLU B 469 -29.51 14.13 20.15
CA GLU B 469 -30.54 15.14 19.99
C GLU B 469 -31.83 14.60 20.58
N ARG B 470 -32.67 15.53 21.04
CA ARG B 470 -33.89 15.17 21.74
C ARG B 470 -35.09 15.78 21.03
N ASP B 471 -36.15 14.99 20.88
CA ASP B 471 -37.40 15.41 20.25
C ASP B 471 -38.55 15.33 21.24
N ILE B 472 -39.38 16.37 21.26
CA ILE B 472 -40.53 16.42 22.15
C ILE B 472 -41.84 16.39 21.35
N SER B 473 -41.80 16.73 20.06
CA SER B 473 -42.99 16.86 19.21
C SER B 473 -43.63 15.49 18.98
N THR B 474 -44.71 15.22 19.70
CA THR B 474 -45.46 13.97 19.57
C THR B 474 -46.46 14.11 18.42
N GLU B 475 -45.99 13.85 17.22
CA GLU B 475 -46.76 14.10 16.02
C GLU B 475 -47.10 12.80 15.29
N ILE B 476 -48.11 12.90 14.42
CA ILE B 476 -48.59 11.76 13.64
C ILE B 476 -47.54 11.33 12.61
N TYR B 477 -47.65 10.08 12.18
CA TYR B 477 -46.76 9.49 11.19
C TYR B 477 -47.54 9.21 9.92
N GLN B 478 -47.00 9.61 8.78
CA GLN B 478 -47.58 9.30 7.48
C GLN B 478 -47.00 7.99 6.99
N ALA B 479 -47.83 6.94 6.96
CA ALA B 479 -47.36 5.64 6.50
C ALA B 479 -47.72 5.34 5.05
N GLY B 480 -48.35 6.27 4.35
CA GLY B 480 -48.72 6.07 2.96
C GLY B 480 -48.63 7.33 2.16
N SER B 481 -49.58 7.52 1.26
CA SER B 481 -49.62 8.70 0.40
C SER B 481 -50.63 9.75 0.86
N LYS B 482 -51.37 9.49 1.93
CA LYS B 482 -52.34 10.46 2.42
C LYS B 482 -51.74 11.28 3.56
N PRO B 483 -51.67 12.61 3.42
CA PRO B 483 -51.19 13.46 4.52
C PRO B 483 -52.17 13.46 5.68
N CYS B 484 -51.66 13.10 6.86
CA CYS B 484 -52.52 12.79 8.01
C CYS B 484 -53.11 14.05 8.62
N ASN B 485 -52.28 15.06 8.86
CA ASN B 485 -52.60 16.28 9.61
C ASN B 485 -53.09 15.97 11.04
N GLY B 486 -52.67 14.83 11.58
CA GLY B 486 -52.81 14.53 13.00
C GLY B 486 -54.16 14.22 13.61
N VAL B 487 -55.05 13.52 12.91
CA VAL B 487 -56.37 13.20 13.46
C VAL B 487 -56.56 11.69 13.73
N GLU B 488 -56.54 10.86 12.67
CA GLU B 488 -57.03 9.49 12.77
C GLU B 488 -56.79 8.82 11.43
N GLY B 489 -56.94 7.50 11.40
CA GLY B 489 -57.21 6.74 10.20
C GLY B 489 -56.00 5.97 9.71
N PHE B 490 -56.21 5.25 8.61
CA PHE B 490 -55.18 4.36 8.12
C PHE B 490 -54.04 5.13 7.46
N ASN B 491 -52.86 4.50 7.47
CA ASN B 491 -51.57 5.06 7.07
C ASN B 491 -51.25 6.32 7.86
N CYS B 492 -51.76 6.36 9.08
CA CYS B 492 -51.64 7.52 9.95
C CYS B 492 -51.61 6.93 11.36
N TYR B 493 -50.43 6.83 11.96
CA TYR B 493 -50.37 6.10 13.21
C TYR B 493 -49.86 7.01 14.31
N PHE B 494 -50.33 6.72 15.51
CA PHE B 494 -49.91 7.41 16.72
C PHE B 494 -48.63 6.77 17.23
N PRO B 495 -47.51 7.49 17.28
CA PRO B 495 -46.26 6.89 17.77
C PRO B 495 -46.30 6.55 19.24
N LEU B 496 -47.20 7.15 20.02
CA LEU B 496 -47.43 6.73 21.38
C LEU B 496 -47.96 5.30 21.40
N GLN B 497 -47.15 4.36 21.90
CA GLN B 497 -47.61 2.99 22.06
C GLN B 497 -46.80 2.39 23.20
N SER B 498 -47.36 1.35 23.82
CA SER B 498 -46.90 0.95 25.14
C SER B 498 -46.05 -0.32 25.12
N TYR B 499 -45.55 -0.66 26.31
CA TYR B 499 -44.77 -1.85 26.59
C TYR B 499 -45.63 -2.77 27.47
N GLY B 500 -45.28 -4.05 27.51
CA GLY B 500 -45.92 -4.92 28.47
C GLY B 500 -45.14 -5.07 29.76
N PHE B 501 -44.99 -3.99 30.53
CA PHE B 501 -44.26 -4.06 31.79
C PHE B 501 -45.14 -4.63 32.90
N GLN B 502 -44.72 -5.75 33.48
CA GLN B 502 -45.45 -6.33 34.59
C GLN B 502 -44.45 -6.90 35.59
N PRO B 503 -44.78 -6.88 36.89
CA PRO B 503 -43.83 -7.40 37.90
C PRO B 503 -43.62 -8.91 37.86
N THR B 504 -44.53 -9.68 37.27
CA THR B 504 -44.33 -11.12 37.11
C THR B 504 -43.35 -11.47 36.00
N ASN B 505 -42.99 -10.51 35.14
CA ASN B 505 -42.14 -10.75 33.99
C ASN B 505 -40.68 -10.92 34.39
N GLY B 506 -40.04 -11.93 33.79
CA GLY B 506 -38.69 -12.30 34.16
C GLY B 506 -37.64 -11.69 33.24
N VAL B 507 -36.41 -12.22 33.38
CA VAL B 507 -35.19 -11.63 32.82
C VAL B 507 -35.23 -11.62 31.30
N GLY B 508 -34.65 -10.57 30.70
CA GLY B 508 -34.70 -10.35 29.27
C GLY B 508 -35.87 -9.54 28.77
N TYR B 509 -36.83 -9.22 29.65
CA TYR B 509 -37.86 -8.26 29.30
C TYR B 509 -38.16 -7.28 30.43
N GLN B 510 -37.51 -7.42 31.59
CA GLN B 510 -37.70 -6.50 32.70
C GLN B 510 -37.24 -5.09 32.36
N PRO B 511 -37.86 -4.07 33.00
CA PRO B 511 -37.39 -2.70 32.82
C PRO B 511 -36.03 -2.46 33.46
N TYR B 512 -35.01 -2.42 32.63
CA TYR B 512 -33.66 -2.14 33.09
C TYR B 512 -33.41 -0.65 32.93
N ARG B 513 -32.97 -0.01 34.01
CA ARG B 513 -32.67 1.41 33.94
C ARG B 513 -31.28 1.50 33.36
N VAL B 514 -31.13 2.31 32.33
CA VAL B 514 -29.88 2.41 31.59
C VAL B 514 -29.37 3.84 31.65
N VAL B 515 -28.14 3.99 32.12
CA VAL B 515 -27.44 5.27 32.19
C VAL B 515 -26.15 5.14 31.41
N VAL B 516 -25.82 6.18 30.67
CA VAL B 516 -24.64 6.18 29.84
C VAL B 516 -23.68 7.18 30.45
N LEU B 517 -22.41 7.00 30.15
CA LEU B 517 -21.35 7.87 30.65
C LEU B 517 -20.51 8.24 29.46
N SER B 518 -20.46 9.53 29.17
CA SER B 518 -19.75 10.02 28.01
C SER B 518 -18.74 11.04 28.49
N PHE B 519 -17.57 11.03 27.88
CA PHE B 519 -16.54 11.93 28.28
C PHE B 519 -16.07 12.72 27.07
N GLU B 520 -15.16 13.63 27.33
CA GLU B 520 -14.57 14.48 26.31
C GLU B 520 -13.07 14.38 26.49
N LEU B 521 -12.33 14.80 25.47
CA LEU B 521 -10.88 14.80 25.53
C LEU B 521 -10.37 16.20 25.21
N LEU B 522 -9.96 16.91 26.25
CA LEU B 522 -9.06 18.05 26.18
C LEU B 522 -9.68 19.22 25.41
N HIS B 523 -10.75 19.78 25.98
CA HIS B 523 -11.36 21.01 25.47
C HIS B 523 -11.35 22.16 26.47
N ALA B 524 -11.10 21.89 27.75
CA ALA B 524 -11.26 22.90 28.78
C ALA B 524 -10.32 22.53 29.93
N PRO B 525 -10.02 23.47 30.84
CA PRO B 525 -9.27 23.09 32.06
C PRO B 525 -10.09 22.11 32.88
N ALA B 526 -9.48 20.95 33.17
CA ALA B 526 -10.29 19.84 33.60
C ALA B 526 -10.73 20.01 35.05
N THR B 527 -11.98 19.65 35.30
CA THR B 527 -12.65 19.95 36.55
C THR B 527 -13.18 18.71 37.27
N VAL B 528 -13.69 17.74 36.51
CA VAL B 528 -14.21 16.46 37.04
C VAL B 528 -13.03 15.49 37.17
N CYS B 529 -12.45 15.43 38.35
CA CYS B 529 -11.29 14.60 38.60
C CYS B 529 -11.66 13.23 39.16
N GLY B 530 -10.65 12.38 39.31
CA GLY B 530 -10.84 11.06 39.83
C GLY B 530 -10.26 10.93 41.21
N PRO B 531 -10.37 9.77 41.82
CA PRO B 531 -9.85 9.64 43.19
C PRO B 531 -8.33 9.49 43.23
N LYS B 532 -7.63 10.56 42.90
CA LYS B 532 -6.18 10.55 42.99
C LYS B 532 -5.82 11.84 43.71
N LYS B 533 -4.92 11.73 44.67
CA LYS B 533 -4.53 12.86 45.50
C LYS B 533 -3.37 13.59 44.83
N SER B 534 -2.73 14.49 45.56
CA SER B 534 -1.63 15.25 45.00
C SER B 534 -0.42 15.09 45.88
N THR B 535 0.69 15.61 45.39
CA THR B 535 1.96 15.60 46.08
C THR B 535 2.64 16.93 45.82
N ASN B 536 3.90 17.01 46.17
CA ASN B 536 4.67 18.22 45.93
C ASN B 536 5.48 18.06 44.65
N LEU B 537 5.70 19.18 43.98
CA LEU B 537 6.37 19.20 42.69
C LEU B 537 7.82 19.64 42.84
N VAL B 538 8.69 19.07 42.03
CA VAL B 538 10.12 19.32 42.09
C VAL B 538 10.58 19.68 40.68
N LYS B 539 11.55 20.58 40.59
CA LYS B 539 12.00 21.05 39.30
C LYS B 539 13.45 20.64 39.06
N ASN B 540 13.81 20.63 37.77
CA ASN B 540 15.15 20.37 37.25
C ASN B 540 15.70 19.00 37.66
N LYS B 541 14.81 18.01 37.78
CA LYS B 541 15.17 16.61 37.98
C LYS B 541 14.20 15.77 37.15
N CYS B 542 14.71 14.72 36.51
CA CYS B 542 13.89 13.89 35.63
C CYS B 542 12.85 13.14 36.45
N VAL B 543 11.58 13.55 36.35
CA VAL B 543 10.49 12.96 37.10
C VAL B 543 9.40 12.55 36.13
N ASN B 544 8.39 11.88 36.66
CA ASN B 544 7.18 11.54 35.93
C ASN B 544 5.99 12.26 36.54
N PHE B 545 5.11 12.79 35.70
CA PHE B 545 4.07 13.70 36.17
C PHE B 545 2.72 13.42 35.55
N ASN B 546 1.67 13.60 36.38
CA ASN B 546 0.27 13.42 36.00
C ASN B 546 -0.37 14.78 36.26
N PHE B 547 -0.29 15.65 35.27
CA PHE B 547 -0.89 16.98 35.33
C PHE B 547 -2.29 16.89 34.75
N ASN B 548 -3.25 16.67 35.65
CA ASN B 548 -4.69 16.69 35.34
C ASN B 548 -5.10 15.66 34.30
N GLY B 549 -4.50 14.47 34.39
CA GLY B 549 -4.72 13.41 33.43
C GLY B 549 -3.75 13.39 32.27
N LEU B 550 -2.88 14.39 32.16
CA LEU B 550 -1.85 14.45 31.12
C LEU B 550 -0.56 13.82 31.67
N THR B 551 -0.24 12.61 31.22
CA THR B 551 0.90 11.88 31.75
C THR B 551 2.10 12.12 30.85
N GLY B 552 3.22 12.44 31.46
CA GLY B 552 4.45 12.65 30.71
C GLY B 552 5.65 12.55 31.62
N THR B 553 6.82 12.78 31.03
CA THR B 553 8.09 12.57 31.70
C THR B 553 8.98 13.77 31.38
N GLY B 554 9.74 14.22 32.36
CA GLY B 554 10.81 15.14 32.02
C GLY B 554 11.29 16.00 33.17
N VAL B 555 12.12 16.98 32.80
CA VAL B 555 12.69 17.98 33.69
C VAL B 555 11.93 19.29 33.58
N LEU B 556 11.40 19.75 34.69
CA LEU B 556 10.62 20.97 34.77
C LEU B 556 11.53 22.10 35.22
N THR B 557 11.40 23.28 34.63
CA THR B 557 12.15 24.44 35.10
C THR B 557 11.30 25.69 34.90
N GLU B 558 11.87 26.84 35.29
CA GLU B 558 11.13 28.10 35.23
C GLU B 558 11.23 28.74 33.85
N SER B 559 10.08 29.14 33.32
CA SER B 559 9.89 29.55 31.95
C SER B 559 9.68 31.06 31.86
N ASN B 560 10.39 31.70 30.93
CA ASN B 560 10.23 33.12 30.68
C ASN B 560 9.12 33.43 29.68
N LYS B 561 8.33 32.43 29.30
CA LYS B 561 7.20 32.61 28.39
C LYS B 561 6.05 33.34 29.08
N LYS B 562 5.03 33.71 28.29
CA LYS B 562 3.95 34.53 28.82
C LYS B 562 2.59 33.87 28.54
N PHE B 563 2.08 33.15 29.52
CA PHE B 563 0.71 32.67 29.44
C PHE B 563 -0.27 33.80 29.67
N LEU B 564 -1.26 33.89 28.81
CA LEU B 564 -2.42 34.71 29.09
C LEU B 564 -3.36 33.95 30.02
N PRO B 565 -4.20 34.66 30.77
CA PRO B 565 -5.10 33.98 31.72
C PRO B 565 -6.12 33.04 31.08
N PHE B 566 -6.45 33.19 29.81
CA PHE B 566 -7.39 32.25 29.21
C PHE B 566 -6.72 30.92 28.91
N GLN B 567 -5.39 30.86 28.90
CA GLN B 567 -4.67 29.65 28.55
C GLN B 567 -4.76 28.64 29.67
N GLN B 568 -4.87 27.38 29.28
CA GLN B 568 -4.93 26.27 30.22
C GLN B 568 -3.62 25.51 30.33
N PHE B 569 -2.95 25.26 29.22
CA PHE B 569 -1.65 24.63 29.17
C PHE B 569 -0.97 25.14 27.91
N GLY B 570 0.06 24.44 27.49
CA GLY B 570 0.75 24.81 26.27
C GLY B 570 1.07 23.56 25.48
N ARG B 571 1.37 23.79 24.20
CA ARG B 571 2.18 22.89 23.41
C ARG B 571 2.90 23.74 22.39
N ASP B 572 3.93 23.18 21.76
CA ASP B 572 4.70 23.94 20.79
C ASP B 572 4.56 23.42 19.37
N ILE B 573 5.00 22.20 19.09
CA ILE B 573 4.93 21.65 17.74
C ILE B 573 4.58 20.18 17.84
N ALA B 574 3.51 19.79 17.14
CA ALA B 574 3.10 18.39 16.96
C ALA B 574 2.74 17.69 18.28
N ASP B 575 1.87 18.34 19.05
CA ASP B 575 1.17 17.75 20.20
C ASP B 575 2.10 17.24 21.29
N THR B 576 3.19 17.97 21.53
CA THR B 576 4.08 17.71 22.64
C THR B 576 3.95 18.88 23.59
N THR B 577 3.48 18.62 24.81
CA THR B 577 3.27 19.69 25.77
C THR B 577 4.60 20.28 26.19
N ASP B 578 4.89 21.50 25.72
CA ASP B 578 6.17 22.16 25.90
C ASP B 578 6.21 23.03 27.14
N ALA B 579 5.09 23.58 27.55
CA ALA B 579 5.03 24.29 28.82
C ALA B 579 3.70 23.99 29.46
N VAL B 580 3.67 23.97 30.79
CA VAL B 580 2.45 23.76 31.55
C VAL B 580 2.47 24.73 32.72
N ARG B 581 1.30 25.27 33.03
CA ARG B 581 1.07 26.00 34.25
C ARG B 581 0.35 25.04 35.17
N ASP B 582 0.85 24.91 36.39
CA ASP B 582 0.35 23.90 37.29
C ASP B 582 -1.08 24.21 37.72
N PRO B 583 -1.87 23.18 38.05
CA PRO B 583 -3.28 23.41 38.34
C PRO B 583 -3.57 24.10 39.68
N GLN B 584 -2.57 24.36 40.54
CA GLN B 584 -2.86 25.03 41.80
C GLN B 584 -2.11 26.34 42.00
N THR B 585 -0.79 26.33 41.92
CA THR B 585 -0.09 27.57 42.22
C THR B 585 -0.13 28.52 41.03
N LEU B 586 -0.50 28.03 39.86
CA LEU B 586 -0.82 28.82 38.66
C LEU B 586 0.41 29.61 38.22
N GLU B 587 1.53 28.89 38.16
CA GLU B 587 2.80 29.42 37.71
C GLU B 587 3.28 28.55 36.55
N ILE B 588 3.96 29.18 35.61
CA ILE B 588 4.37 28.50 34.39
C ILE B 588 5.66 27.73 34.61
N LEU B 589 5.64 26.47 34.22
CA LEU B 589 6.80 25.61 34.09
C LEU B 589 6.93 25.24 32.62
N ASP B 590 8.08 24.75 32.20
CA ASP B 590 8.16 24.16 30.89
C ASP B 590 8.81 22.79 30.96
N ILE B 591 8.41 21.92 30.04
CA ILE B 591 8.73 20.50 30.07
C ILE B 591 9.62 20.18 28.89
N THR B 592 10.73 19.52 29.17
CA THR B 592 11.45 18.78 28.14
C THR B 592 11.60 17.39 28.72
N PRO B 593 11.31 16.33 27.94
CA PRO B 593 11.48 14.97 28.47
C PRO B 593 12.95 14.70 28.72
N CYS B 594 13.23 14.03 29.84
CA CYS B 594 14.54 14.14 30.47
C CYS B 594 15.60 13.46 29.62
N SER B 595 16.81 14.01 29.68
CA SER B 595 17.75 13.88 28.59
C SER B 595 18.30 12.46 28.52
N PHE B 596 18.48 11.99 27.31
CA PHE B 596 18.77 10.59 27.06
C PHE B 596 19.38 10.46 25.67
N GLY B 597 19.72 9.24 25.33
CA GLY B 597 20.20 8.94 24.00
C GLY B 597 20.44 7.47 23.87
N GLY B 598 21.28 7.12 22.94
CA GLY B 598 21.67 5.74 22.81
C GLY B 598 22.94 5.47 23.58
N VAL B 599 23.16 4.22 23.88
CA VAL B 599 24.39 3.82 24.53
C VAL B 599 25.23 3.10 23.49
N SER B 600 26.51 3.40 23.45
CA SER B 600 27.43 2.78 22.54
C SER B 600 28.59 2.21 23.34
N VAL B 601 29.18 1.13 22.85
CA VAL B 601 30.31 0.51 23.52
C VAL B 601 31.54 0.64 22.63
N ILE B 602 32.63 1.06 23.23
CA ILE B 602 33.92 1.12 22.55
C ILE B 602 34.70 -0.07 23.08
N THR B 603 34.77 -1.14 22.30
CA THR B 603 35.59 -2.28 22.67
C THR B 603 36.46 -2.66 21.48
N PRO B 604 37.77 -2.85 21.69
CA PRO B 604 38.70 -2.95 20.56
C PRO B 604 38.88 -4.36 20.03
N GLY B 605 37.95 -5.25 20.36
CA GLY B 605 38.05 -6.64 19.90
C GLY B 605 38.22 -7.57 21.07
N THR B 606 37.46 -8.67 21.06
CA THR B 606 37.51 -9.59 22.19
C THR B 606 38.80 -10.39 22.20
N ASN B 607 39.53 -10.46 21.08
CA ASN B 607 40.83 -11.10 21.11
C ASN B 607 41.91 -10.18 21.67
N THR B 608 41.78 -8.86 21.47
CA THR B 608 42.82 -7.94 21.93
C THR B 608 42.71 -7.65 23.41
N SER B 609 41.51 -7.32 23.90
CA SER B 609 41.36 -7.02 25.32
C SER B 609 39.93 -7.34 25.73
N ASN B 610 39.61 -7.00 26.98
CA ASN B 610 38.25 -7.13 27.49
C ASN B 610 37.69 -5.84 28.09
N GLN B 611 38.47 -4.79 28.25
CA GLN B 611 37.97 -3.56 28.84
C GLN B 611 37.23 -2.68 27.84
N VAL B 612 36.23 -1.97 28.34
CA VAL B 612 35.26 -1.26 27.52
C VAL B 612 35.34 0.24 27.83
N ALA B 613 34.73 1.01 26.95
CA ALA B 613 34.25 2.32 27.29
C ALA B 613 32.80 2.44 26.83
N VAL B 614 32.02 3.24 27.55
CA VAL B 614 30.60 3.38 27.29
C VAL B 614 30.33 4.85 26.99
N LEU B 615 29.64 5.11 25.89
CA LEU B 615 29.21 6.44 25.51
C LEU B 615 27.72 6.55 25.83
N TYR B 616 27.32 7.64 26.44
CA TYR B 616 25.92 7.99 26.59
C TYR B 616 25.64 9.16 25.65
N GLN B 617 24.65 9.02 24.76
CA GLN B 617 24.53 9.96 23.63
C GLN B 617 23.74 11.20 24.04
N GLY B 618 24.42 12.35 24.05
CA GLY B 618 23.79 13.63 24.30
C GLY B 618 23.21 13.85 25.67
N VAL B 619 24.00 13.63 26.73
CA VAL B 619 23.61 14.01 28.08
C VAL B 619 24.79 14.69 28.76
N ASN B 620 24.52 15.77 29.48
CA ASN B 620 25.49 16.29 30.44
C ASN B 620 25.60 15.26 31.54
N CYS B 621 26.80 14.71 31.73
CA CYS B 621 26.92 13.47 32.51
C CYS B 621 26.93 13.75 34.02
N THR B 622 25.87 14.40 34.46
CA THR B 622 25.53 14.61 35.85
C THR B 622 24.18 13.99 36.20
N GLU B 623 23.27 13.98 35.25
CA GLU B 623 21.94 13.40 35.42
C GLU B 623 21.87 11.97 34.90
N VAL B 624 22.84 11.14 35.26
CA VAL B 624 22.78 9.72 34.92
C VAL B 624 21.90 9.01 35.94
N PRO B 625 22.05 9.22 37.28
CA PRO B 625 20.98 8.60 38.06
C PRO B 625 19.72 9.46 38.06
N TRP B 637 25.02 1.91 35.59
CA TRP B 637 26.08 1.00 35.98
C TRP B 637 26.99 1.63 37.04
N ARG B 638 26.75 1.25 38.29
CA ARG B 638 27.38 1.88 39.43
C ARG B 638 28.75 1.32 39.78
N VAL B 639 29.17 0.22 39.14
CA VAL B 639 30.55 -0.22 39.28
C VAL B 639 31.46 0.63 38.40
N TYR B 640 30.97 1.12 37.27
CA TYR B 640 31.77 1.90 36.34
C TYR B 640 31.64 3.39 36.56
N SER B 641 30.43 3.88 36.87
CA SER B 641 30.16 5.31 36.95
C SER B 641 30.97 5.98 38.04
N THR B 642 31.23 5.27 39.12
CA THR B 642 32.18 5.71 40.14
C THR B 642 33.46 4.94 39.91
N GLY B 643 34.52 5.67 39.57
CA GLY B 643 35.75 5.01 39.20
C GLY B 643 36.83 6.04 38.93
N SER B 644 37.85 5.60 38.18
CA SER B 644 39.05 6.39 37.97
C SER B 644 38.75 7.69 37.23
N ASN B 645 38.25 7.60 35.99
CA ASN B 645 37.95 8.82 35.25
C ASN B 645 36.67 8.66 34.44
N VAL B 646 35.86 9.72 34.44
CA VAL B 646 34.65 9.84 33.62
C VAL B 646 34.74 11.15 32.86
N PHE B 647 34.54 11.10 31.54
CA PHE B 647 34.77 12.23 30.65
C PHE B 647 33.44 12.62 30.00
N GLN B 648 33.32 13.89 29.63
CA GLN B 648 32.10 14.47 29.08
C GLN B 648 32.35 15.06 27.69
N THR B 649 31.53 14.66 26.72
CA THR B 649 31.66 15.09 25.33
C THR B 649 30.54 16.04 24.98
N ARG B 650 30.70 16.75 23.85
CA ARG B 650 29.56 17.49 23.33
C ARG B 650 28.42 16.59 22.86
N ALA B 651 28.71 15.31 22.57
CA ALA B 651 27.70 14.33 22.23
C ALA B 651 27.26 13.51 23.44
N GLY B 652 27.62 13.93 24.64
CA GLY B 652 27.21 13.22 25.82
C GLY B 652 28.31 12.98 26.84
N CYS B 653 28.50 11.74 27.28
CA CYS B 653 29.58 11.50 28.22
C CYS B 653 30.16 10.10 28.04
N LEU B 654 31.41 9.98 28.47
CA LEU B 654 32.22 8.80 28.27
C LEU B 654 32.59 8.23 29.63
N ILE B 655 32.51 6.92 29.76
CA ILE B 655 32.73 6.22 31.01
C ILE B 655 33.91 5.28 30.83
N GLY B 656 34.87 5.38 31.74
CA GLY B 656 35.99 4.49 31.67
C GLY B 656 37.08 5.00 30.81
N ALA B 657 37.07 6.29 30.49
CA ALA B 657 38.05 6.84 29.57
C ALA B 657 38.51 8.20 30.06
N GLU B 658 39.77 8.49 29.79
CA GLU B 658 40.38 9.74 30.15
C GLU B 658 40.79 10.50 28.90
N HIS B 659 40.53 11.80 28.92
CA HIS B 659 40.96 12.65 27.83
C HIS B 659 42.48 12.73 27.85
N VAL B 660 43.07 12.67 26.67
CA VAL B 660 44.48 12.95 26.53
C VAL B 660 44.64 14.16 25.63
N ASN B 661 45.80 14.78 25.71
CA ASN B 661 46.17 15.92 24.87
C ASN B 661 46.70 15.52 23.52
N ASN B 662 46.61 14.24 23.17
CA ASN B 662 47.29 13.71 22.01
C ASN B 662 46.56 14.09 20.73
N SER B 663 47.00 13.50 19.63
CA SER B 663 46.45 13.73 18.31
C SER B 663 46.75 12.47 17.53
N TYR B 664 45.73 11.78 17.04
CA TYR B 664 46.02 10.53 16.37
C TYR B 664 45.14 10.39 15.16
N GLU B 665 45.61 9.60 14.20
CA GLU B 665 44.77 9.26 13.06
C GLU B 665 43.80 8.23 13.60
N CYS B 666 42.64 8.70 14.04
CA CYS B 666 41.81 7.93 14.94
C CYS B 666 41.04 6.86 14.20
N ASP B 667 40.49 5.91 14.96
CA ASP B 667 39.85 4.77 14.33
C ASP B 667 38.42 4.53 14.77
N ILE B 668 38.13 4.56 16.06
CA ILE B 668 36.80 4.25 16.55
C ILE B 668 36.08 5.56 16.85
N PRO B 669 35.13 5.98 16.02
CA PRO B 669 34.53 7.30 16.19
C PRO B 669 33.58 7.33 17.38
N ILE B 670 33.52 8.46 18.08
CA ILE B 670 32.63 8.66 19.21
C ILE B 670 31.44 9.54 18.85
N GLY B 671 31.71 10.70 18.27
CA GLY B 671 30.69 11.69 18.04
C GLY B 671 31.29 12.99 18.50
N ALA B 672 30.76 14.11 18.01
CA ALA B 672 31.18 15.46 18.37
C ALA B 672 32.68 15.71 18.18
N GLY B 673 33.33 15.00 17.26
CA GLY B 673 34.74 15.18 17.00
C GLY B 673 35.73 14.43 17.89
N ILE B 674 35.30 13.92 18.96
CA ILE B 674 36.13 13.11 19.82
C ILE B 674 35.96 11.68 19.34
N CYS B 675 36.97 10.84 19.54
CA CYS B 675 36.90 9.43 19.17
C CYS B 675 37.70 8.63 20.20
N ALA B 676 37.39 7.35 20.34
CA ALA B 676 37.97 6.59 21.43
C ALA B 676 38.84 5.45 20.92
N SER B 677 39.74 4.95 21.78
CA SER B 677 40.67 3.88 21.41
C SER B 677 41.20 3.19 22.66
N TYR B 678 41.76 2.00 22.44
CA TYR B 678 42.30 1.21 23.55
C TYR B 678 43.70 1.65 23.96
N GLN B 679 44.52 2.06 22.98
CA GLN B 679 45.93 2.45 23.13
C GLN B 679 46.78 1.34 23.74
N SER B 695 41.51 0.60 30.16
CA SER B 695 42.34 1.65 29.60
C SER B 695 41.79 2.10 28.26
N ILE B 696 41.11 3.25 28.26
CA ILE B 696 40.51 3.81 27.05
C ILE B 696 40.89 5.29 26.98
N ILE B 697 41.41 5.72 25.84
CA ILE B 697 41.69 7.14 25.64
C ILE B 697 40.67 7.70 24.65
N ALA B 698 40.36 8.98 24.81
CA ALA B 698 39.56 9.74 23.85
C ALA B 698 40.20 11.10 23.71
N TYR B 699 40.20 11.63 22.50
CA TYR B 699 41.14 12.71 22.20
C TYR B 699 40.65 13.52 21.00
N THR B 700 41.53 14.40 20.53
CA THR B 700 41.25 15.27 19.40
C THR B 700 41.93 14.68 18.19
N MET B 701 41.14 14.34 17.18
CA MET B 701 41.64 13.61 16.03
C MET B 701 42.55 14.51 15.22
N SER B 702 43.63 13.96 14.71
CA SER B 702 44.49 14.69 13.80
C SER B 702 44.12 14.36 12.38
N LEU B 703 44.02 15.40 11.56
CA LEU B 703 43.84 15.25 10.13
C LEU B 703 45.12 14.77 9.48
N GLY B 704 46.23 14.91 10.18
CA GLY B 704 47.54 14.62 9.67
C GLY B 704 48.53 15.50 10.39
N ALA B 705 49.79 15.43 9.95
CA ALA B 705 50.71 16.51 10.26
C ALA B 705 50.35 17.72 9.43
N GLU B 706 50.48 18.89 10.03
CA GLU B 706 50.25 20.12 9.31
C GLU B 706 51.59 20.58 8.76
N ASN B 707 51.70 20.66 7.43
CA ASN B 707 52.94 21.01 6.78
C ASN B 707 52.65 21.95 5.63
N SER B 708 53.66 22.71 5.23
CA SER B 708 53.45 23.79 4.30
C SER B 708 54.44 23.70 3.14
N VAL B 709 53.91 23.44 1.94
CA VAL B 709 54.71 23.37 0.72
C VAL B 709 55.06 24.80 0.32
N ALA B 710 56.33 25.16 0.43
CA ALA B 710 56.75 26.55 0.40
C ALA B 710 57.08 26.95 -1.03
N TYR B 711 56.46 28.01 -1.54
CA TYR B 711 56.72 28.38 -2.92
C TYR B 711 57.69 29.54 -2.97
N SER B 712 58.43 29.60 -4.07
CA SER B 712 59.14 30.80 -4.49
C SER B 712 59.32 30.69 -5.99
N ASN B 713 59.58 31.84 -6.62
CA ASN B 713 59.75 31.85 -8.07
C ASN B 713 61.08 31.24 -8.50
N ASN B 714 62.02 31.10 -7.57
CA ASN B 714 63.41 30.76 -7.88
C ASN B 714 63.98 29.63 -7.02
N SER B 715 63.20 28.56 -6.83
CA SER B 715 63.64 27.36 -6.12
C SER B 715 62.81 26.19 -6.64
N ILE B 716 63.37 24.98 -6.60
CA ILE B 716 62.66 23.78 -6.98
C ILE B 716 62.88 22.65 -5.97
N ALA B 717 62.32 21.50 -6.31
CA ALA B 717 62.25 20.29 -5.48
C ALA B 717 62.15 19.16 -6.50
N ILE B 718 63.24 18.44 -6.73
CA ILE B 718 63.33 17.59 -7.91
C ILE B 718 63.23 16.13 -7.48
N PRO B 719 62.26 15.37 -7.98
CA PRO B 719 62.20 13.97 -7.58
C PRO B 719 63.29 13.24 -8.36
N THR B 720 63.88 12.21 -7.74
CA THR B 720 64.83 11.35 -8.41
C THR B 720 64.38 9.91 -8.40
N ASN B 721 63.36 9.60 -7.63
CA ASN B 721 62.80 8.27 -7.48
C ASN B 721 61.30 8.47 -7.59
N PHE B 722 60.54 7.42 -7.33
CA PHE B 722 59.10 7.47 -7.45
C PHE B 722 58.57 6.70 -6.26
N THR B 723 57.33 6.97 -5.92
CA THR B 723 56.69 6.19 -4.88
C THR B 723 55.47 5.60 -5.53
N ILE B 724 55.61 4.42 -6.11
CA ILE B 724 54.47 3.81 -6.74
C ILE B 724 53.75 3.08 -5.62
N SER B 725 52.47 3.35 -5.51
CA SER B 725 51.60 2.69 -4.56
C SER B 725 50.58 1.92 -5.35
N VAL B 726 50.38 0.67 -5.00
CA VAL B 726 49.41 -0.15 -5.71
C VAL B 726 48.46 -0.71 -4.68
N THR B 727 47.18 -0.48 -4.90
CA THR B 727 46.15 -0.68 -3.90
C THR B 727 45.18 -1.74 -4.41
N THR B 728 44.03 -1.82 -3.77
CA THR B 728 42.95 -2.63 -4.28
C THR B 728 41.65 -1.96 -3.91
N GLU B 729 40.81 -1.68 -4.91
CA GLU B 729 39.47 -1.05 -4.71
C GLU B 729 38.42 -2.06 -5.17
N ILE B 730 37.63 -2.60 -4.23
CA ILE B 730 36.60 -3.63 -4.58
C ILE B 730 35.20 -3.02 -4.53
N LEU B 731 34.33 -3.48 -5.44
CA LEU B 731 32.94 -3.06 -5.53
C LEU B 731 32.04 -4.19 -5.99
N PRO B 732 30.82 -4.29 -5.48
CA PRO B 732 29.91 -5.33 -5.93
C PRO B 732 29.46 -5.05 -7.34
N VAL B 733 29.00 -6.11 -8.01
CA VAL B 733 28.48 -5.94 -9.36
C VAL B 733 27.12 -6.56 -9.54
N SER B 734 26.68 -7.41 -8.62
CA SER B 734 25.41 -8.08 -8.75
C SER B 734 25.03 -8.51 -7.36
N MET B 735 24.00 -9.32 -7.27
CA MET B 735 23.70 -10.01 -6.04
C MET B 735 23.37 -11.44 -6.40
N THR B 736 22.85 -12.18 -5.44
CA THR B 736 22.13 -13.37 -5.82
C THR B 736 20.91 -12.91 -6.58
N LYS B 737 20.67 -13.49 -7.75
CA LYS B 737 19.60 -13.00 -8.61
C LYS B 737 18.29 -13.69 -8.24
N THR B 738 17.91 -13.50 -6.99
CA THR B 738 16.81 -14.24 -6.42
C THR B 738 15.50 -13.82 -7.06
N SER B 739 14.59 -14.75 -7.10
CA SER B 739 13.27 -14.51 -7.62
C SER B 739 12.32 -15.11 -6.61
N VAL B 740 11.30 -14.37 -6.27
CA VAL B 740 10.39 -14.78 -5.22
C VAL B 740 9.01 -14.81 -5.84
N ASP B 741 8.27 -15.85 -5.55
CA ASP B 741 6.96 -15.99 -6.16
C ASP B 741 5.93 -15.15 -5.42
N CYS B 742 4.66 -15.41 -5.64
CA CYS B 742 3.65 -14.88 -4.76
C CYS B 742 2.98 -16.00 -3.99
N THR B 743 2.48 -17.00 -4.72
CA THR B 743 1.81 -18.12 -4.10
C THR B 743 2.79 -19.00 -3.32
N MET B 744 4.01 -19.16 -3.78
CA MET B 744 4.89 -19.98 -2.96
C MET B 744 5.54 -19.19 -1.83
N TYR B 745 5.59 -17.87 -1.91
CA TYR B 745 6.15 -17.11 -0.80
C TYR B 745 5.08 -16.67 0.19
N ILE B 746 4.20 -15.78 -0.26
CA ILE B 746 3.21 -15.19 0.62
C ILE B 746 2.18 -16.22 1.02
N CYS B 747 1.91 -17.17 0.13
CA CYS B 747 0.93 -18.19 0.38
C CYS B 747 1.54 -19.55 0.69
N GLY B 748 2.70 -19.85 0.12
CA GLY B 748 3.40 -21.10 0.39
C GLY B 748 2.62 -22.30 -0.10
N ASP B 749 2.00 -22.16 -1.28
CA ASP B 749 1.15 -23.19 -1.90
C ASP B 749 0.00 -23.58 -0.96
N SER B 750 -0.87 -22.62 -0.71
CA SER B 750 -2.09 -22.85 0.07
C SER B 750 -3.29 -22.41 -0.74
N THR B 751 -4.31 -23.28 -0.78
CA THR B 751 -5.50 -23.00 -1.57
C THR B 751 -6.25 -21.79 -1.02
N GLU B 752 -6.43 -21.75 0.30
CA GLU B 752 -7.12 -20.63 0.92
C GLU B 752 -6.35 -19.34 0.76
N CYS B 753 -5.01 -19.40 0.83
CA CYS B 753 -4.23 -18.20 0.66
C CYS B 753 -4.31 -17.66 -0.76
N SER B 754 -4.37 -18.54 -1.76
CA SER B 754 -4.50 -18.10 -3.14
C SER B 754 -5.84 -17.42 -3.40
N ASN B 755 -6.90 -17.91 -2.76
CA ASN B 755 -8.20 -17.26 -2.89
C ASN B 755 -8.19 -15.86 -2.31
N LEU B 756 -7.55 -15.69 -1.15
CA LEU B 756 -7.45 -14.37 -0.54
C LEU B 756 -6.50 -13.46 -1.29
N LEU B 757 -5.44 -14.01 -1.87
CA LEU B 757 -4.42 -13.18 -2.49
C LEU B 757 -4.84 -12.61 -3.83
N LEU B 758 -5.66 -13.34 -4.59
CA LEU B 758 -5.98 -12.90 -5.94
C LEU B 758 -6.84 -11.64 -5.96
N GLN B 759 -7.55 -11.35 -4.88
CA GLN B 759 -8.25 -10.08 -4.77
C GLN B 759 -7.40 -8.99 -4.17
N TYR B 760 -6.14 -9.28 -3.86
CA TYR B 760 -5.22 -8.25 -3.38
C TYR B 760 -4.55 -7.55 -4.54
N GLY B 761 -5.03 -7.77 -5.75
CA GLY B 761 -4.65 -6.91 -6.82
C GLY B 761 -3.51 -7.49 -7.60
N SER B 762 -2.64 -6.62 -8.06
CA SER B 762 -1.62 -7.05 -8.98
C SER B 762 -0.24 -6.74 -8.43
N PHE B 763 -0.11 -6.85 -7.11
CA PHE B 763 1.23 -6.82 -6.52
C PHE B 763 2.02 -8.05 -6.90
N CYS B 764 1.35 -9.19 -7.03
CA CYS B 764 2.05 -10.42 -7.36
C CYS B 764 2.71 -10.34 -8.72
N THR B 765 2.01 -9.79 -9.72
CA THR B 765 2.63 -9.69 -11.03
C THR B 765 3.76 -8.66 -11.07
N GLN B 766 3.58 -7.47 -10.47
CA GLN B 766 4.64 -6.46 -10.53
C GLN B 766 5.87 -6.84 -9.75
N LEU B 767 5.72 -7.54 -8.62
CA LEU B 767 6.90 -7.88 -7.85
C LEU B 767 7.70 -8.94 -8.56
N ASN B 768 7.02 -9.92 -9.13
CA ASN B 768 7.70 -10.87 -9.98
C ASN B 768 8.22 -10.15 -11.20
N ARG B 769 7.48 -9.15 -11.70
CA ARG B 769 8.02 -8.30 -12.76
C ARG B 769 9.23 -7.53 -12.26
N ALA B 770 9.17 -7.03 -11.03
CA ALA B 770 10.28 -6.23 -10.54
C ALA B 770 11.49 -7.08 -10.24
N LEU B 771 11.28 -8.22 -9.58
CA LEU B 771 12.41 -9.06 -9.23
C LEU B 771 13.01 -9.75 -10.45
N THR B 772 12.19 -10.22 -11.39
CA THR B 772 12.77 -10.67 -12.64
C THR B 772 13.33 -9.50 -13.41
N GLY B 773 12.70 -8.34 -13.26
CA GLY B 773 13.28 -7.13 -13.80
C GLY B 773 14.59 -6.84 -13.13
N ILE B 774 14.68 -7.12 -11.83
CA ILE B 774 15.97 -7.08 -11.17
C ILE B 774 16.86 -8.19 -11.71
N ALA B 775 16.29 -9.38 -11.88
CA ALA B 775 17.09 -10.53 -12.26
C ALA B 775 17.60 -10.42 -13.70
N VAL B 776 16.74 -10.01 -14.63
CA VAL B 776 17.20 -9.72 -15.97
C VAL B 776 18.21 -8.58 -15.96
N GLU B 777 18.02 -7.61 -15.05
CA GLU B 777 19.01 -6.56 -14.91
C GLU B 777 20.32 -7.10 -14.33
N GLN B 778 20.25 -8.10 -13.44
CA GLN B 778 21.48 -8.65 -12.89
C GLN B 778 22.24 -9.39 -13.97
N ASP B 779 21.51 -10.14 -14.79
CA ASP B 779 22.13 -10.75 -15.93
C ASP B 779 22.55 -9.69 -16.92
N LYS B 780 21.79 -8.59 -17.01
CA LYS B 780 22.24 -7.46 -17.81
C LYS B 780 23.43 -6.78 -17.15
N ASN B 781 23.49 -6.77 -15.81
CA ASN B 781 24.63 -6.18 -15.11
C ASN B 781 25.90 -6.92 -15.45
N THR B 782 25.89 -8.24 -15.23
CA THR B 782 27.06 -9.05 -15.52
C THR B 782 27.40 -9.06 -16.99
N GLN B 783 26.38 -8.99 -17.86
CA GLN B 783 26.70 -8.96 -19.28
C GLN B 783 27.30 -7.61 -19.67
N GLU B 784 26.80 -6.52 -19.09
CA GLU B 784 27.30 -5.21 -19.49
C GLU B 784 28.63 -4.92 -18.81
N VAL B 785 28.85 -5.45 -17.61
CA VAL B 785 30.12 -5.25 -16.95
C VAL B 785 31.17 -6.21 -17.46
N PHE B 786 30.88 -7.51 -17.42
CA PHE B 786 31.93 -8.48 -17.70
C PHE B 786 32.07 -8.71 -19.18
N ALA B 787 30.95 -8.97 -19.85
CA ALA B 787 30.93 -9.27 -21.28
C ALA B 787 30.87 -7.98 -22.08
N GLN B 788 31.95 -7.22 -21.98
CA GLN B 788 32.09 -5.99 -22.74
C GLN B 788 32.85 -6.27 -24.02
N VAL B 789 33.34 -7.47 -24.18
CA VAL B 789 34.15 -7.80 -25.32
C VAL B 789 33.30 -8.63 -26.25
N LYS B 790 33.66 -8.58 -27.52
CA LYS B 790 32.95 -9.26 -28.58
C LYS B 790 33.59 -10.59 -28.96
N GLN B 791 34.88 -10.77 -28.67
CA GLN B 791 35.58 -12.03 -28.81
C GLN B 791 36.44 -12.20 -27.56
N ILE B 792 37.06 -13.37 -27.42
CA ILE B 792 38.03 -13.58 -26.36
C ILE B 792 39.40 -13.39 -27.00
N TYR B 793 39.95 -12.21 -26.80
CA TYR B 793 41.31 -11.98 -27.21
C TYR B 793 42.23 -12.61 -26.19
N LYS B 794 43.44 -12.94 -26.59
CA LYS B 794 44.40 -13.51 -25.66
C LYS B 794 45.83 -13.04 -25.86
N THR B 795 46.56 -13.02 -24.77
CA THR B 795 47.99 -12.86 -24.90
C THR B 795 48.50 -14.24 -25.31
N PRO B 796 49.63 -14.32 -26.02
CA PRO B 796 50.16 -15.63 -26.43
C PRO B 796 50.53 -16.52 -25.25
N PRO B 797 50.41 -17.85 -25.43
CA PRO B 797 50.57 -18.81 -24.30
C PRO B 797 51.96 -18.85 -23.71
N ILE B 798 52.97 -18.41 -24.45
CA ILE B 798 54.30 -18.19 -23.92
C ILE B 798 54.23 -16.79 -23.32
N LYS B 799 54.62 -16.67 -22.07
CA LYS B 799 54.33 -15.51 -21.23
C LYS B 799 55.64 -14.90 -20.76
N ASP B 800 56.05 -13.93 -21.58
CA ASP B 800 57.18 -13.01 -21.49
C ASP B 800 56.62 -11.62 -21.81
N PHE B 801 56.02 -10.98 -20.82
CA PHE B 801 55.24 -9.76 -21.07
C PHE B 801 56.08 -8.48 -20.99
N GLY B 802 57.21 -8.46 -21.69
CA GLY B 802 58.22 -7.42 -21.59
C GLY B 802 58.98 -7.41 -20.28
N GLY B 803 58.93 -8.53 -19.58
CA GLY B 803 59.66 -8.90 -18.39
C GLY B 803 58.73 -8.63 -17.24
N PHE B 804 57.46 -8.95 -17.41
CA PHE B 804 56.44 -8.61 -16.44
C PHE B 804 55.88 -9.88 -15.84
N ASN B 805 55.57 -9.87 -14.57
CA ASN B 805 55.05 -11.08 -14.01
C ASN B 805 53.83 -10.77 -13.17
N PHE B 806 52.74 -11.48 -13.48
CA PHE B 806 51.43 -11.41 -12.78
C PHE B 806 50.81 -12.80 -12.94
N SER B 807 51.68 -13.80 -12.74
CA SER B 807 51.41 -15.25 -12.93
C SER B 807 50.21 -15.81 -12.16
N GLN B 808 49.57 -15.09 -11.22
CA GLN B 808 48.49 -15.82 -10.60
C GLN B 808 47.14 -15.30 -11.02
N ILE B 809 47.08 -14.13 -11.66
CA ILE B 809 45.80 -13.50 -11.95
C ILE B 809 45.10 -14.24 -13.09
N LEU B 810 45.77 -14.38 -14.27
CA LEU B 810 44.98 -15.17 -15.20
C LEU B 810 45.23 -16.63 -14.90
N PRO B 811 44.24 -17.50 -15.12
CA PRO B 811 44.48 -18.93 -14.97
C PRO B 811 45.53 -19.43 -15.97
N LYS B 815 44.72 -25.49 -14.66
CA LYS B 815 43.90 -25.40 -13.46
C LYS B 815 42.67 -26.29 -13.63
N PRO B 816 42.19 -26.94 -12.57
CA PRO B 816 41.01 -27.81 -12.74
C PRO B 816 39.68 -27.10 -12.99
N SER B 817 39.32 -26.11 -12.18
CA SER B 817 38.10 -25.33 -12.41
C SER B 817 38.30 -24.14 -13.33
N LYS B 818 39.54 -23.94 -13.79
CA LYS B 818 39.94 -22.83 -14.67
C LYS B 818 39.68 -21.47 -14.02
N ARG B 819 39.95 -21.37 -12.72
CA ARG B 819 39.83 -20.12 -12.00
C ARG B 819 41.21 -19.60 -11.67
N SER B 820 41.26 -18.36 -11.24
CA SER B 820 42.51 -17.81 -10.77
C SER B 820 42.78 -18.15 -9.31
N PHE B 821 43.97 -17.71 -8.88
CA PHE B 821 44.46 -17.95 -7.54
C PHE B 821 43.58 -17.22 -6.54
N ILE B 822 43.42 -15.93 -6.78
CA ILE B 822 42.83 -15.03 -5.79
C ILE B 822 41.34 -15.29 -5.63
N GLU B 823 40.64 -15.65 -6.70
CA GLU B 823 39.22 -15.92 -6.54
C GLU B 823 38.98 -17.22 -5.79
N ASP B 824 39.90 -18.18 -5.91
CA ASP B 824 39.88 -19.37 -5.08
C ASP B 824 40.01 -18.98 -3.62
N LEU B 825 40.97 -18.09 -3.33
CA LEU B 825 41.07 -17.53 -2.01
C LEU B 825 39.82 -16.75 -1.67
N LEU B 826 39.27 -16.01 -2.64
CA LEU B 826 38.09 -15.19 -2.42
C LEU B 826 36.88 -16.03 -2.06
N PHE B 827 36.75 -17.20 -2.70
CA PHE B 827 35.72 -18.14 -2.31
C PHE B 827 35.97 -18.70 -0.92
N ASN B 828 37.24 -18.82 -0.53
CA ASN B 828 37.53 -19.28 0.82
C ASN B 828 37.21 -18.18 1.83
N LYS B 829 37.29 -16.92 1.40
CA LYS B 829 37.02 -15.81 2.31
C LYS B 829 35.53 -15.74 2.59
N VAL B 830 34.76 -15.63 1.51
CA VAL B 830 33.32 -15.43 1.55
C VAL B 830 32.60 -16.69 2.01
N THR B 831 31.42 -16.51 2.58
CA THR B 831 30.53 -17.61 2.92
C THR B 831 29.13 -17.19 2.52
N LEU B 832 28.16 -18.07 2.73
CA LEU B 832 26.78 -17.70 2.46
C LEU B 832 26.11 -17.18 3.73
N LYS B 858 17.11 -22.16 -1.97
CA LYS B 858 16.13 -23.13 -2.42
C LYS B 858 15.41 -23.70 -1.20
N PHE B 859 14.71 -22.87 -0.45
CA PHE B 859 14.10 -23.34 0.79
C PHE B 859 12.60 -23.11 0.91
N ASN B 860 12.14 -21.88 0.74
CA ASN B 860 10.74 -21.52 1.03
C ASN B 860 10.18 -20.56 0.00
N GLY B 861 10.33 -20.89 -1.27
CA GLY B 861 9.80 -20.02 -2.29
C GLY B 861 10.76 -18.94 -2.70
N LEU B 862 12.00 -19.01 -2.24
CA LEU B 862 13.00 -18.01 -2.53
C LEU B 862 14.05 -18.73 -3.34
N THR B 863 13.81 -18.80 -4.63
CA THR B 863 14.70 -19.51 -5.51
C THR B 863 15.93 -18.68 -5.75
N VAL B 864 17.03 -19.36 -5.96
CA VAL B 864 18.21 -18.73 -6.50
C VAL B 864 18.29 -19.19 -7.93
N LEU B 865 18.09 -18.32 -8.78
CA LEU B 865 18.31 -18.78 -10.13
C LEU B 865 19.78 -18.62 -10.45
N PRO B 866 20.34 -19.53 -11.24
CA PRO B 866 21.76 -19.49 -11.51
C PRO B 866 22.10 -18.29 -12.36
N PRO B 867 23.35 -17.83 -12.30
CA PRO B 867 23.75 -16.71 -13.14
C PRO B 867 23.81 -17.10 -14.59
N LEU B 868 23.56 -16.13 -15.47
CA LEU B 868 23.58 -16.48 -16.88
C LEU B 868 25.01 -16.60 -17.37
N LEU B 869 25.81 -15.56 -17.18
CA LEU B 869 27.19 -15.67 -17.61
C LEU B 869 27.85 -16.55 -16.58
N THR B 870 28.58 -17.57 -17.04
CA THR B 870 29.20 -18.46 -16.09
C THR B 870 30.63 -18.07 -15.79
N ASP B 871 31.07 -18.49 -14.61
CA ASP B 871 32.24 -17.95 -13.95
C ASP B 871 33.56 -18.25 -14.67
N GLU B 872 33.67 -19.41 -15.33
CA GLU B 872 34.90 -19.75 -16.05
C GLU B 872 35.13 -18.82 -17.23
N MET B 873 34.05 -18.41 -17.88
CA MET B 873 34.10 -17.41 -18.94
C MET B 873 34.57 -16.06 -18.44
N ILE B 874 34.30 -15.74 -17.18
CA ILE B 874 34.70 -14.46 -16.61
C ILE B 874 36.22 -14.34 -16.48
N ALA B 875 36.91 -15.44 -16.25
CA ALA B 875 38.39 -15.42 -16.29
C ALA B 875 38.93 -15.03 -17.66
N GLN B 876 38.32 -15.52 -18.73
CA GLN B 876 38.76 -15.10 -20.07
C GLN B 876 38.44 -13.64 -20.33
N TYR B 877 37.39 -13.14 -19.70
CA TYR B 877 37.06 -11.74 -19.82
C TYR B 877 38.17 -10.86 -19.26
N THR B 878 38.80 -11.32 -18.18
CA THR B 878 40.02 -10.70 -17.67
C THR B 878 41.14 -10.74 -18.71
N SER B 879 41.26 -11.87 -19.42
CA SER B 879 42.34 -12.09 -20.39
C SER B 879 42.28 -11.09 -21.51
N ALA B 880 41.08 -10.58 -21.81
CA ALA B 880 40.92 -9.49 -22.76
C ALA B 880 41.68 -8.26 -22.33
N LEU B 881 41.61 -7.92 -21.02
CA LEU B 881 42.32 -6.75 -20.53
C LEU B 881 43.81 -6.97 -20.64
N LEU B 882 44.23 -8.22 -20.47
CA LEU B 882 45.64 -8.56 -20.59
C LEU B 882 46.05 -8.46 -22.04
N ALA B 883 45.14 -8.86 -22.94
CA ALA B 883 45.40 -8.77 -24.36
C ALA B 883 45.40 -7.32 -24.78
N GLY B 884 44.43 -6.56 -24.28
CA GLY B 884 44.45 -5.14 -24.52
C GLY B 884 45.70 -4.37 -24.09
N THR B 885 45.96 -4.15 -22.78
CA THR B 885 47.09 -3.30 -22.35
C THR B 885 48.50 -3.95 -22.40
N ILE B 886 48.73 -5.02 -21.61
CA ILE B 886 50.07 -5.62 -21.49
C ILE B 886 50.55 -6.20 -22.80
N THR B 887 49.63 -6.61 -23.66
CA THR B 887 50.00 -7.18 -24.95
C THR B 887 50.08 -6.11 -26.02
N SER B 888 48.94 -5.50 -26.36
CA SER B 888 48.88 -4.55 -27.46
C SER B 888 48.42 -3.15 -27.08
N GLY B 889 48.38 -2.81 -25.79
CA GLY B 889 48.19 -1.45 -25.29
C GLY B 889 46.77 -0.90 -25.38
N TRP B 890 46.69 0.40 -25.06
CA TRP B 890 45.44 1.15 -25.08
C TRP B 890 45.21 1.81 -26.41
N THR B 891 45.84 1.30 -27.44
CA THR B 891 45.71 1.81 -28.79
C THR B 891 44.54 1.20 -29.54
N PHE B 892 44.06 0.00 -29.16
CA PHE B 892 42.90 -0.66 -29.78
C PHE B 892 41.62 0.21 -29.85
N GLY B 893 41.52 1.30 -29.11
CA GLY B 893 40.45 2.29 -29.23
C GLY B 893 40.75 3.38 -30.22
N ALA B 894 41.87 3.25 -30.91
CA ALA B 894 42.43 4.24 -31.80
C ALA B 894 42.87 3.48 -33.01
N GLY B 895 42.03 2.52 -33.37
CA GLY B 895 42.33 1.47 -34.32
C GLY B 895 41.57 0.15 -34.27
N ALA B 896 42.32 -0.94 -34.38
CA ALA B 896 41.87 -2.31 -34.19
C ALA B 896 42.66 -2.94 -33.07
N ALA B 897 42.15 -4.03 -32.51
CA ALA B 897 42.92 -4.72 -31.47
C ALA B 897 44.06 -5.43 -32.18
N LEU B 898 45.08 -4.67 -32.49
CA LEU B 898 46.11 -5.05 -33.43
C LEU B 898 47.42 -4.99 -32.68
N GLN B 899 48.26 -5.98 -32.90
CA GLN B 899 49.49 -6.03 -32.14
C GLN B 899 50.45 -4.97 -32.65
N ILE B 900 51.17 -4.36 -31.72
CA ILE B 900 52.25 -3.38 -31.93
C ILE B 900 53.12 -3.66 -30.70
N PRO B 901 54.45 -3.68 -30.80
CA PRO B 901 55.26 -4.15 -29.67
C PRO B 901 55.22 -3.32 -28.39
N PHE B 902 55.21 -4.03 -27.26
CA PHE B 902 55.12 -3.48 -25.91
C PHE B 902 56.42 -2.87 -25.40
N ALA B 903 57.55 -3.30 -25.93
CA ALA B 903 58.83 -2.81 -25.45
C ALA B 903 59.05 -1.34 -25.79
N MET B 904 58.83 -0.96 -27.03
CA MET B 904 58.79 0.46 -27.33
C MET B 904 57.51 1.11 -26.79
N GLN B 905 56.48 0.33 -26.45
CA GLN B 905 55.34 0.90 -25.74
C GLN B 905 55.70 1.35 -24.33
N MET B 906 56.61 0.62 -23.65
CA MET B 906 57.06 1.10 -22.35
C MET B 906 57.87 2.38 -22.48
N ALA B 907 58.54 2.60 -23.60
CA ALA B 907 59.09 3.94 -23.88
C ALA B 907 57.99 5.00 -23.96
N TYR B 908 56.84 4.66 -24.55
CA TYR B 908 55.71 5.58 -24.73
C TYR B 908 54.89 5.72 -23.47
N ARG B 909 54.82 4.69 -22.63
CA ARG B 909 54.21 4.91 -21.33
C ARG B 909 55.13 5.79 -20.49
N PHE B 910 56.45 5.75 -20.75
CA PHE B 910 57.46 6.49 -19.99
C PHE B 910 57.73 7.89 -20.53
N ASN B 911 57.51 8.13 -21.83
CA ASN B 911 57.63 9.48 -22.36
C ASN B 911 56.51 10.38 -21.90
N GLY B 912 55.43 9.80 -21.39
CA GLY B 912 54.28 10.52 -20.88
C GLY B 912 54.30 10.91 -19.43
N ILE B 913 55.23 10.40 -18.63
CA ILE B 913 55.16 10.76 -17.22
C ILE B 913 56.15 11.88 -16.92
N THR B 916 62.30 11.56 -22.27
CA THR B 916 62.53 10.70 -23.42
C THR B 916 62.89 9.29 -23.01
N GLN B 917 62.99 8.48 -24.06
CA GLN B 917 63.33 7.07 -24.00
C GLN B 917 64.77 6.80 -23.57
N ASN B 918 65.64 7.82 -23.61
CA ASN B 918 67.03 7.65 -23.24
C ASN B 918 67.24 7.36 -21.75
N VAL B 919 66.37 7.85 -20.87
CA VAL B 919 66.46 7.41 -19.47
C VAL B 919 65.94 5.98 -19.31
N LEU B 920 65.00 5.55 -20.14
CA LEU B 920 64.44 4.21 -20.04
C LEU B 920 65.45 3.11 -20.35
N TYR B 921 66.25 3.31 -21.42
CA TYR B 921 66.99 2.22 -22.08
C TYR B 921 67.98 1.43 -21.22
N GLU B 922 68.45 1.98 -20.12
CA GLU B 922 69.31 1.25 -19.19
C GLU B 922 68.59 0.69 -17.98
N ASN B 923 67.29 0.95 -17.84
CA ASN B 923 66.48 0.45 -16.73
C ASN B 923 65.13 -0.06 -17.23
N GLN B 924 65.17 -0.82 -18.33
CA GLN B 924 63.96 -1.48 -18.82
C GLN B 924 63.47 -2.56 -17.86
N LYS B 925 64.33 -3.51 -17.51
CA LYS B 925 63.92 -4.60 -16.63
C LYS B 925 63.61 -4.11 -15.22
N LEU B 926 64.32 -3.07 -14.77
CA LEU B 926 64.07 -2.49 -13.45
C LEU B 926 62.70 -1.81 -13.39
N ILE B 927 62.29 -1.15 -14.47
CA ILE B 927 60.97 -0.53 -14.51
C ILE B 927 59.89 -1.61 -14.53
N ALA B 928 60.14 -2.68 -15.28
CA ALA B 928 59.28 -3.86 -15.24
C ALA B 928 59.19 -4.42 -13.82
N ASN B 929 60.32 -4.48 -13.13
CA ASN B 929 60.38 -5.01 -11.78
C ASN B 929 59.71 -4.10 -10.77
N GLN B 930 59.60 -2.79 -11.05
CA GLN B 930 58.85 -1.88 -10.19
C GLN B 930 57.42 -2.36 -9.96
N PHE B 931 56.66 -2.53 -11.05
CA PHE B 931 55.30 -3.07 -10.94
C PHE B 931 55.34 -4.47 -10.36
N ASN B 932 56.34 -5.26 -10.79
CA ASN B 932 56.43 -6.67 -10.43
C ASN B 932 56.64 -6.83 -8.94
N SER B 933 57.62 -6.14 -8.39
CA SER B 933 57.90 -6.22 -6.97
C SER B 933 56.72 -5.65 -6.18
N ALA B 934 56.24 -4.48 -6.60
CA ALA B 934 55.16 -3.81 -5.86
C ALA B 934 53.87 -4.60 -5.98
N ILE B 935 53.56 -5.12 -7.18
CA ILE B 935 52.35 -5.93 -7.23
C ILE B 935 52.62 -7.23 -6.53
N GLY B 936 53.87 -7.71 -6.56
CA GLY B 936 54.23 -8.93 -5.86
C GLY B 936 54.13 -8.73 -4.37
N LYS B 937 54.59 -7.57 -3.88
CA LYS B 937 54.42 -7.26 -2.48
C LYS B 937 52.94 -7.17 -2.12
N ILE B 938 52.14 -6.51 -2.95
CA ILE B 938 50.74 -6.32 -2.56
C ILE B 938 49.88 -7.57 -2.87
N GLN B 939 50.23 -8.35 -3.89
CA GLN B 939 49.47 -9.58 -4.14
C GLN B 939 49.75 -10.59 -3.03
N ASP B 940 50.98 -10.60 -2.53
CA ASP B 940 51.26 -11.42 -1.36
C ASP B 940 50.57 -10.83 -0.15
N SER B 941 50.50 -9.49 -0.10
CA SER B 941 49.80 -8.83 0.98
C SER B 941 48.31 -9.13 0.90
N LEU B 942 47.76 -9.07 -0.31
CA LEU B 942 46.34 -9.38 -0.51
C LEU B 942 46.06 -10.84 -0.23
N SER B 943 47.01 -11.72 -0.59
CA SER B 943 46.88 -13.14 -0.26
C SER B 943 46.84 -13.38 1.23
N SER B 944 47.60 -12.59 1.99
CA SER B 944 47.71 -12.81 3.42
C SER B 944 46.54 -12.22 4.20
N THR B 945 46.23 -10.94 3.95
CA THR B 945 45.43 -10.15 4.88
C THR B 945 43.97 -10.63 4.90
N ALA B 946 43.39 -10.59 6.09
CA ALA B 946 42.00 -11.00 6.27
C ALA B 946 41.11 -9.78 6.48
N SER B 947 39.82 -10.00 6.18
CA SER B 947 38.75 -9.00 6.25
C SER B 947 39.04 -7.76 5.41
N ALA B 948 39.86 -7.90 4.37
CA ALA B 948 40.22 -6.74 3.55
C ALA B 948 39.28 -6.52 2.39
N LEU B 949 38.34 -7.43 2.19
CA LEU B 949 37.39 -7.31 1.10
C LEU B 949 36.02 -7.32 1.72
N GLY B 950 35.81 -6.40 2.66
CA GLY B 950 34.55 -6.32 3.37
C GLY B 950 33.39 -5.87 2.51
N LYS B 951 33.67 -5.24 1.36
CA LYS B 951 32.60 -4.65 0.57
C LYS B 951 31.79 -5.74 -0.12
N LEU B 952 32.48 -6.66 -0.79
CA LEU B 952 31.78 -7.81 -1.37
C LEU B 952 31.27 -8.71 -0.26
N GLN B 953 32.07 -8.87 0.80
CA GLN B 953 31.66 -9.64 1.97
C GLN B 953 30.40 -9.10 2.60
N ASN B 954 30.29 -7.78 2.73
CA ASN B 954 29.08 -7.28 3.35
C ASN B 954 27.88 -7.36 2.42
N VAL B 955 28.09 -7.19 1.10
CA VAL B 955 26.94 -7.23 0.20
C VAL B 955 26.42 -8.64 0.05
N VAL B 956 27.30 -9.65 0.04
CA VAL B 956 26.79 -11.00 -0.03
C VAL B 956 26.14 -11.33 1.29
N ASN B 957 26.66 -10.78 2.38
CA ASN B 957 26.00 -10.92 3.66
C ASN B 957 24.73 -10.08 3.74
N GLN B 958 24.73 -8.89 3.13
CA GLN B 958 23.57 -8.02 3.27
C GLN B 958 22.37 -8.56 2.53
N ASN B 959 22.57 -9.04 1.29
CA ASN B 959 21.49 -9.75 0.63
C ASN B 959 21.16 -11.03 1.40
N ALA B 960 22.16 -11.68 1.99
CA ALA B 960 21.86 -12.87 2.74
C ALA B 960 21.16 -12.51 4.02
N GLN B 961 21.61 -11.44 4.69
CA GLN B 961 20.86 -10.99 5.85
C GLN B 961 19.54 -10.35 5.43
N ALA B 962 19.45 -9.84 4.20
CA ALA B 962 18.13 -9.45 3.71
C ALA B 962 17.28 -10.70 3.55
N LEU B 963 17.85 -11.72 2.89
CA LEU B 963 17.17 -13.00 2.73
C LEU B 963 16.94 -13.67 4.06
N ASN B 964 17.89 -13.56 4.99
CA ASN B 964 17.73 -14.16 6.30
C ASN B 964 16.57 -13.50 7.00
N THR B 965 16.59 -12.17 7.08
CA THR B 965 15.48 -11.43 7.65
C THR B 965 14.22 -11.63 6.84
N LEU B 966 14.34 -11.86 5.52
CA LEU B 966 13.17 -12.21 4.75
C LEU B 966 12.61 -13.52 5.22
N VAL B 967 13.49 -14.50 5.48
CA VAL B 967 13.03 -15.75 6.06
C VAL B 967 12.64 -15.54 7.51
N LYS B 968 13.35 -14.66 8.21
CA LYS B 968 12.93 -14.36 9.58
C LYS B 968 11.59 -13.64 9.60
N GLN B 969 11.24 -12.92 8.55
CA GLN B 969 9.93 -12.31 8.56
C GLN B 969 8.84 -13.35 8.40
N LEU B 970 9.16 -14.53 7.83
CA LEU B 970 8.23 -15.65 7.92
C LEU B 970 8.07 -16.05 9.37
N SER B 971 9.16 -16.02 10.14
CA SER B 971 9.07 -16.31 11.56
C SER B 971 8.46 -15.15 12.34
N SER B 972 8.35 -13.98 11.73
CA SER B 972 7.72 -12.87 12.41
C SER B 972 6.22 -13.03 12.40
N ASN B 973 5.58 -12.49 13.42
CA ASN B 973 4.16 -12.70 13.60
C ASN B 973 3.30 -11.68 12.86
N PHE B 974 3.78 -10.44 12.72
CA PHE B 974 3.03 -9.31 12.18
C PHE B 974 1.72 -9.07 12.91
N GLY B 975 1.66 -9.37 14.19
CA GLY B 975 0.44 -9.18 14.92
C GLY B 975 -0.59 -10.27 14.71
N ALA B 976 -0.28 -11.31 13.96
CA ALA B 976 -1.22 -12.39 13.78
C ALA B 976 -1.23 -13.28 15.02
N ILE B 977 -2.08 -14.31 15.00
CA ILE B 977 -2.08 -15.24 16.12
C ILE B 977 -1.01 -16.30 15.98
N SER B 978 -0.40 -16.40 14.81
CA SER B 978 0.70 -17.33 14.59
C SER B 978 1.52 -16.81 13.43
N SER B 979 2.70 -17.39 13.28
CA SER B 979 3.60 -16.97 12.23
C SER B 979 3.65 -17.95 11.07
N VAL B 980 2.75 -18.91 11.01
CA VAL B 980 2.69 -19.85 9.90
C VAL B 980 1.24 -19.96 9.44
N LEU B 981 1.07 -19.95 8.11
CA LEU B 981 -0.27 -19.97 7.50
C LEU B 981 -1.02 -21.23 7.85
N ASN B 982 -0.30 -22.34 7.99
CA ASN B 982 -0.92 -23.62 8.23
C ASN B 982 -1.57 -23.66 9.61
N ASP B 983 -0.96 -22.99 10.59
CA ASP B 983 -1.59 -22.87 11.91
C ASP B 983 -2.91 -22.10 11.81
N ILE B 984 -2.93 -21.05 11.00
CA ILE B 984 -4.16 -20.29 10.79
C ILE B 984 -5.22 -21.17 10.16
N LEU B 985 -4.81 -22.00 9.19
CA LEU B 985 -5.75 -22.87 8.50
C LEU B 985 -6.19 -24.04 9.37
N SER B 986 -5.31 -24.57 10.20
CA SER B 986 -5.62 -25.77 10.97
C SER B 986 -6.28 -25.47 12.30
N ARG B 987 -6.56 -24.22 12.62
CA ARG B 987 -7.30 -23.95 13.84
C ARG B 987 -8.42 -22.93 13.65
N LEU B 988 -8.55 -22.33 12.48
CA LEU B 988 -9.61 -21.37 12.26
C LEU B 988 -10.35 -21.69 10.98
N ASP B 989 -11.67 -21.50 11.01
CA ASP B 989 -12.51 -21.67 9.84
C ASP B 989 -12.19 -20.49 8.91
N PRO B 990 -12.61 -20.53 7.62
CA PRO B 990 -12.34 -19.39 6.69
C PRO B 990 -12.78 -18.02 7.18
N PRO B 991 -14.11 -17.81 7.68
CA PRO B 991 -14.54 -16.46 8.12
C PRO B 991 -13.59 -15.62 8.96
N GLU B 992 -12.96 -16.24 9.98
CA GLU B 992 -12.01 -15.53 10.81
C GLU B 992 -10.55 -15.82 10.49
N ALA B 993 -10.23 -16.96 9.86
CA ALA B 993 -8.88 -17.14 9.31
C ALA B 993 -8.58 -16.11 8.24
N GLU B 994 -9.60 -15.63 7.54
CA GLU B 994 -9.46 -14.61 6.50
C GLU B 994 -8.83 -13.33 7.03
N VAL B 995 -9.26 -12.82 8.18
CA VAL B 995 -8.67 -11.57 8.67
C VAL B 995 -7.22 -11.79 9.09
N GLN B 996 -6.93 -12.89 9.79
CA GLN B 996 -5.56 -13.16 10.24
C GLN B 996 -4.65 -13.52 9.08
N ILE B 997 -5.17 -14.27 8.10
CA ILE B 997 -4.33 -14.54 6.93
C ILE B 997 -4.16 -13.27 6.12
N ASP B 998 -5.10 -12.33 6.20
CA ASP B 998 -4.90 -11.05 5.56
C ASP B 998 -3.79 -10.27 6.24
N ARG B 999 -3.74 -10.34 7.58
CA ARG B 999 -2.66 -9.69 8.31
C ARG B 999 -1.31 -10.28 7.93
N LEU B 1000 -1.24 -11.60 7.86
CA LEU B 1000 0.01 -12.22 7.48
C LEU B 1000 0.32 -11.93 6.03
N ILE B 1001 -0.72 -11.88 5.18
CA ILE B 1001 -0.48 -11.55 3.79
C ILE B 1001 -0.03 -10.12 3.68
N THR B 1002 -0.71 -9.19 4.36
CA THR B 1002 -0.28 -7.81 4.27
C THR B 1002 1.01 -7.60 5.04
N GLY B 1003 1.26 -8.41 6.06
CA GLY B 1003 2.54 -8.35 6.74
C GLY B 1003 3.65 -8.84 5.85
N ARG B 1004 3.48 -10.02 5.26
CA ARG B 1004 4.55 -10.55 4.44
C ARG B 1004 4.65 -9.81 3.12
N LEU B 1005 3.54 -9.27 2.62
CA LEU B 1005 3.66 -8.47 1.41
C LEU B 1005 4.35 -7.15 1.72
N GLN B 1006 4.05 -6.55 2.88
CA GLN B 1006 4.81 -5.38 3.29
C GLN B 1006 6.26 -5.75 3.53
N SER B 1007 6.50 -6.96 4.05
CA SER B 1007 7.86 -7.40 4.26
C SER B 1007 8.55 -7.56 2.92
N LEU B 1008 7.88 -8.24 1.99
CA LEU B 1008 8.41 -8.42 0.65
C LEU B 1008 8.53 -7.10 -0.08
N GLN B 1009 7.54 -6.22 0.07
CA GLN B 1009 7.57 -4.96 -0.66
C GLN B 1009 8.69 -4.08 -0.13
N THR B 1010 8.88 -4.06 1.20
CA THR B 1010 10.05 -3.41 1.74
C THR B 1010 11.30 -4.11 1.27
N TYR B 1011 11.27 -5.45 1.21
CA TYR B 1011 12.46 -6.21 0.82
C TYR B 1011 12.82 -5.92 -0.61
N VAL B 1012 11.83 -5.93 -1.52
CA VAL B 1012 12.15 -5.63 -2.90
C VAL B 1012 12.48 -4.15 -3.04
N THR B 1013 11.91 -3.29 -2.18
CA THR B 1013 12.32 -1.91 -2.19
C THR B 1013 13.74 -1.80 -1.71
N GLN B 1014 14.07 -2.52 -0.61
CA GLN B 1014 15.45 -2.61 -0.17
C GLN B 1014 16.31 -3.23 -1.25
N GLN B 1015 15.76 -4.22 -1.96
CA GLN B 1015 16.48 -4.82 -3.08
C GLN B 1015 16.71 -3.79 -4.17
N LEU B 1016 15.68 -2.97 -4.45
CA LEU B 1016 15.76 -1.99 -5.52
C LEU B 1016 16.72 -0.87 -5.17
N ILE B 1017 16.71 -0.42 -3.91
CA ILE B 1017 17.65 0.61 -3.49
C ILE B 1017 19.05 0.06 -3.57
N ARG B 1018 19.25 -1.14 -3.03
CA ARG B 1018 20.53 -1.79 -3.20
C ARG B 1018 20.81 -2.05 -4.67
N ALA B 1019 19.76 -2.35 -5.47
CA ALA B 1019 20.02 -2.62 -6.87
C ALA B 1019 20.34 -1.35 -7.62
N ALA B 1020 19.71 -0.25 -7.23
CA ALA B 1020 20.11 1.03 -7.80
C ALA B 1020 21.50 1.38 -7.36
N GLU B 1021 21.82 1.07 -6.10
CA GLU B 1021 23.20 1.19 -5.66
C GLU B 1021 24.06 0.19 -6.41
N ILE B 1022 23.53 -1.02 -6.64
CA ILE B 1022 24.27 -2.00 -7.42
C ILE B 1022 24.44 -1.51 -8.84
N ARG B 1023 23.40 -0.89 -9.40
CA ARG B 1023 23.44 -0.44 -10.79
C ARG B 1023 24.31 0.79 -10.93
N ALA B 1024 24.28 1.68 -9.94
CA ALA B 1024 25.21 2.80 -9.93
C ALA B 1024 26.63 2.28 -9.82
N SER B 1025 26.83 1.31 -8.92
CA SER B 1025 28.12 0.65 -8.87
C SER B 1025 28.36 -0.16 -10.14
N ALA B 1026 27.31 -0.69 -10.76
CA ALA B 1026 27.56 -1.50 -11.95
C ALA B 1026 27.87 -0.61 -13.13
N ASN B 1027 27.22 0.55 -13.21
CA ASN B 1027 27.61 1.52 -14.21
C ASN B 1027 29.00 2.04 -13.92
N LEU B 1028 29.30 2.23 -12.63
CA LEU B 1028 30.68 2.46 -12.24
C LEU B 1028 31.54 1.27 -12.65
N ALA B 1029 31.03 0.04 -12.46
CA ALA B 1029 31.80 -1.14 -12.82
C ALA B 1029 31.93 -1.22 -14.33
N ALA B 1030 30.85 -0.92 -15.04
CA ALA B 1030 30.92 -0.84 -16.48
C ALA B 1030 31.91 0.22 -16.90
N THR B 1031 31.89 1.36 -16.23
CA THR B 1031 32.84 2.41 -16.56
C THR B 1031 34.27 1.98 -16.23
N LYS B 1032 34.43 1.29 -15.09
CA LYS B 1032 35.78 1.01 -14.58
C LYS B 1032 36.54 -0.05 -15.37
N MET B 1033 36.00 -1.27 -15.54
CA MET B 1033 36.83 -2.25 -16.24
C MET B 1033 36.91 -2.01 -17.75
N SER B 1034 35.79 -1.59 -18.34
CA SER B 1034 35.70 -1.33 -19.80
C SER B 1034 36.74 -0.29 -20.21
N GLU B 1035 36.44 1.00 -20.00
CA GLU B 1035 37.37 2.10 -20.37
C GLU B 1035 38.68 1.96 -19.60
N CYS B 1036 38.60 1.58 -18.31
CA CYS B 1036 39.81 1.40 -17.45
C CYS B 1036 40.84 0.53 -18.17
N VAL B 1037 40.65 0.29 -19.48
CA VAL B 1037 41.58 -0.52 -20.24
C VAL B 1037 41.77 0.05 -21.66
N LEU B 1038 40.85 0.86 -22.17
CA LEU B 1038 40.93 1.20 -23.58
C LEU B 1038 41.75 2.45 -23.88
N GLY B 1039 42.07 3.29 -22.90
CA GLY B 1039 42.76 4.54 -23.18
C GLY B 1039 43.11 5.23 -21.89
N GLN B 1040 43.91 6.31 -22.00
CA GLN B 1040 44.27 7.06 -20.80
C GLN B 1040 43.12 7.98 -20.38
N SER B 1041 42.68 7.81 -19.13
CA SER B 1041 41.45 8.34 -18.57
C SER B 1041 41.77 9.01 -17.25
N LYS B 1042 41.54 10.29 -17.15
CA LYS B 1042 42.22 11.09 -16.16
C LYS B 1042 41.38 11.31 -14.92
N ARG B 1043 40.15 10.82 -14.90
CA ARG B 1043 39.26 11.01 -13.77
C ARG B 1043 39.76 10.26 -12.55
N VAL B 1044 39.66 10.90 -11.37
CA VAL B 1044 40.10 10.29 -10.12
C VAL B 1044 39.02 9.30 -9.66
N ASP B 1045 39.39 8.38 -8.75
CA ASP B 1045 38.61 7.25 -8.27
C ASP B 1045 38.22 6.28 -9.37
N PHE B 1046 38.99 6.27 -10.46
CA PHE B 1046 38.60 5.50 -11.64
C PHE B 1046 39.58 4.38 -11.97
N CYS B 1047 40.80 4.70 -12.38
CA CYS B 1047 41.84 3.68 -12.48
C CYS B 1047 43.15 4.41 -12.20
N GLY B 1048 43.43 4.61 -10.93
CA GLY B 1048 44.74 5.15 -10.61
C GLY B 1048 44.76 6.61 -10.21
N LYS B 1049 45.49 6.90 -9.14
CA LYS B 1049 45.70 8.25 -8.67
C LYS B 1049 46.92 8.87 -9.32
N GLY B 1050 46.95 8.83 -10.64
CA GLY B 1050 48.10 9.30 -11.37
C GLY B 1050 47.84 9.18 -12.85
N TYR B 1051 48.90 9.29 -13.63
CA TYR B 1051 48.78 9.10 -15.07
C TYR B 1051 48.30 7.70 -15.34
N HIS B 1052 47.02 7.58 -15.61
CA HIS B 1052 46.39 6.28 -15.81
C HIS B 1052 46.84 5.59 -17.09
N LEU B 1053 47.15 4.30 -16.98
CA LEU B 1053 47.55 3.49 -18.11
C LEU B 1053 46.82 2.16 -18.24
N MET B 1054 46.49 1.48 -17.14
CA MET B 1054 45.87 0.14 -17.16
C MET B 1054 45.36 -0.27 -15.78
N SER B 1055 44.70 -1.43 -15.74
CA SER B 1055 44.18 -2.05 -14.53
C SER B 1055 43.90 -3.51 -14.82
N PHE B 1056 43.63 -4.29 -13.76
CA PHE B 1056 43.56 -5.75 -13.86
C PHE B 1056 42.49 -6.32 -12.95
N PRO B 1057 41.37 -6.73 -13.49
CA PRO B 1057 40.26 -7.18 -12.66
C PRO B 1057 40.18 -8.67 -12.45
N GLN B 1058 39.54 -9.07 -11.36
CA GLN B 1058 39.25 -10.47 -11.10
C GLN B 1058 37.87 -10.63 -10.50
N SER B 1059 37.28 -11.78 -10.77
CA SER B 1059 35.93 -11.96 -10.34
C SER B 1059 35.90 -12.29 -8.88
N ALA B 1060 34.70 -12.27 -8.35
CA ALA B 1060 34.39 -12.63 -6.98
C ALA B 1060 32.90 -12.82 -6.93
N PRO B 1061 32.35 -13.59 -5.93
CA PRO B 1061 30.96 -14.09 -6.02
C PRO B 1061 29.86 -13.11 -6.39
N HIS B 1062 30.06 -11.84 -6.11
CA HIS B 1062 29.08 -10.86 -6.54
C HIS B 1062 29.69 -9.55 -7.00
N GLY B 1063 30.93 -9.55 -7.47
CA GLY B 1063 31.59 -8.29 -7.70
C GLY B 1063 32.97 -8.50 -8.24
N VAL B 1064 33.78 -7.45 -8.22
CA VAL B 1064 35.01 -7.43 -8.99
C VAL B 1064 36.08 -6.89 -8.02
N VAL B 1065 37.36 -6.96 -8.42
CA VAL B 1065 38.54 -6.45 -7.75
C VAL B 1065 39.21 -5.54 -8.75
N PHE B 1066 39.88 -4.48 -8.29
CA PHE B 1066 40.57 -3.58 -9.20
C PHE B 1066 41.87 -3.08 -8.59
N LEU B 1067 43.03 -3.51 -9.07
CA LEU B 1067 44.28 -2.88 -8.66
C LEU B 1067 44.60 -1.76 -9.62
N HIS B 1068 44.99 -0.62 -9.10
CA HIS B 1068 45.11 0.53 -9.95
C HIS B 1068 46.56 0.95 -10.17
N VAL B 1069 46.80 1.49 -11.37
CA VAL B 1069 48.12 1.97 -11.80
C VAL B 1069 48.27 3.42 -11.38
N THR B 1070 49.14 3.68 -10.41
CA THR B 1070 49.23 4.99 -9.79
C THR B 1070 50.68 5.43 -9.85
N TYR B 1071 51.12 5.95 -10.99
CA TYR B 1071 52.48 6.42 -11.11
C TYR B 1071 52.59 7.69 -10.31
N VAL B 1072 53.65 7.85 -9.54
CA VAL B 1072 53.81 9.07 -8.73
C VAL B 1072 55.25 9.57 -8.81
N PRO B 1073 55.52 10.79 -9.27
CA PRO B 1073 56.81 11.41 -8.95
C PRO B 1073 56.88 11.83 -7.48
N ALA B 1074 58.06 11.64 -6.87
CA ALA B 1074 58.17 11.73 -5.42
C ALA B 1074 59.62 11.73 -4.95
N GLN B 1075 59.76 11.92 -3.63
CA GLN B 1075 61.00 12.12 -2.86
C GLN B 1075 61.64 13.45 -3.27
N GLU B 1076 60.94 14.50 -2.85
CA GLU B 1076 61.24 15.87 -3.19
C GLU B 1076 62.41 16.42 -2.38
N LYS B 1077 62.88 17.59 -2.78
CA LYS B 1077 64.04 18.25 -2.17
C LYS B 1077 63.78 19.76 -2.08
N ASN B 1078 64.87 20.55 -2.04
CA ASN B 1078 64.83 22.02 -2.12
C ASN B 1078 65.96 22.56 -3.03
N PHE B 1079 66.01 22.10 -4.29
CA PHE B 1079 66.93 22.68 -5.28
C PHE B 1079 66.48 24.06 -5.80
N THR B 1080 67.16 24.56 -6.84
CA THR B 1080 66.99 25.93 -7.29
C THR B 1080 66.64 26.02 -8.78
N THR B 1081 66.02 27.15 -9.16
CA THR B 1081 65.56 27.44 -10.52
C THR B 1081 65.63 28.94 -10.75
N ALA B 1082 65.55 29.36 -12.01
CA ALA B 1082 65.67 30.79 -12.28
C ALA B 1082 64.47 31.26 -13.06
N PRO B 1083 64.02 32.55 -12.83
CA PRO B 1083 62.86 33.07 -13.57
C PRO B 1083 63.19 33.34 -15.02
N ALA B 1084 64.27 34.04 -15.26
CA ALA B 1084 64.66 34.26 -16.63
C ALA B 1084 66.15 34.48 -16.68
N ILE B 1085 66.69 34.32 -17.88
CA ILE B 1085 68.12 34.46 -18.15
C ILE B 1085 68.22 35.38 -19.35
N CYS B 1086 68.95 36.48 -19.19
CA CYS B 1086 69.29 37.35 -20.27
C CYS B 1086 70.47 36.78 -21.05
N HIS B 1087 70.46 37.03 -22.35
CA HIS B 1087 71.55 36.65 -23.24
C HIS B 1087 71.60 37.73 -24.29
N ASP B 1088 72.79 38.31 -24.50
CA ASP B 1088 73.11 39.44 -25.39
C ASP B 1088 72.09 40.59 -25.34
N GLY B 1089 71.52 40.87 -24.18
CA GLY B 1089 70.58 41.96 -24.00
C GLY B 1089 69.10 41.61 -24.09
N LYS B 1090 68.73 40.37 -24.41
CA LYS B 1090 67.34 39.97 -24.54
C LYS B 1090 66.96 38.89 -23.52
N ALA B 1091 65.72 38.96 -23.05
CA ALA B 1091 65.23 38.11 -21.97
C ALA B 1091 64.59 36.86 -22.55
N HIS B 1092 64.80 35.73 -21.88
CA HIS B 1092 64.29 34.45 -22.34
C HIS B 1092 63.20 33.95 -21.41
N PHE B 1093 62.03 33.71 -21.98
CA PHE B 1093 60.91 33.06 -21.29
C PHE B 1093 60.59 31.81 -22.09
N PRO B 1094 60.86 30.62 -21.55
CA PRO B 1094 60.99 29.41 -22.36
C PRO B 1094 59.70 28.63 -22.61
N ARG B 1095 59.66 27.98 -23.78
CA ARG B 1095 58.55 27.11 -24.14
C ARG B 1095 58.72 25.74 -23.47
N GLU B 1096 59.82 25.05 -23.78
CA GLU B 1096 60.22 23.89 -23.01
C GLU B 1096 61.74 23.90 -22.94
N GLY B 1097 62.25 23.56 -21.77
CA GLY B 1097 63.62 23.71 -21.34
C GLY B 1097 63.72 24.87 -20.36
N VAL B 1098 63.57 24.56 -19.06
CA VAL B 1098 63.43 25.55 -17.99
C VAL B 1098 64.79 25.86 -17.37
N PHE B 1099 64.98 27.07 -16.83
CA PHE B 1099 66.26 27.34 -16.14
C PHE B 1099 66.18 26.82 -14.71
N VAL B 1100 67.03 25.84 -14.40
CA VAL B 1100 67.13 25.20 -13.10
C VAL B 1100 68.61 25.03 -12.75
N SER B 1101 68.85 24.55 -11.52
CA SER B 1101 70.18 24.13 -11.09
C SER B 1101 70.02 23.02 -10.07
N ASN B 1102 70.85 21.97 -10.19
CA ASN B 1102 70.98 20.97 -9.13
C ASN B 1102 72.06 21.27 -8.11
N GLY B 1103 72.73 22.40 -8.19
CA GLY B 1103 73.67 22.72 -7.15
C GLY B 1103 74.95 23.23 -7.72
N THR B 1104 75.35 22.65 -8.85
CA THR B 1104 76.66 22.99 -9.41
C THR B 1104 76.56 23.49 -10.84
N HIS B 1105 75.76 22.84 -11.68
CA HIS B 1105 75.80 23.17 -13.09
C HIS B 1105 74.39 23.58 -13.52
N TRP B 1106 74.31 24.38 -14.58
CA TRP B 1106 73.02 24.93 -14.99
C TRP B 1106 72.59 24.26 -16.30
N PHE B 1107 71.32 23.88 -16.39
CA PHE B 1107 70.77 23.17 -17.54
C PHE B 1107 69.38 23.67 -17.89
N VAL B 1108 68.87 23.21 -19.03
CA VAL B 1108 67.47 23.38 -19.38
C VAL B 1108 66.82 22.00 -19.27
N THR B 1109 65.67 21.96 -18.60
CA THR B 1109 65.06 20.70 -18.16
C THR B 1109 63.55 20.79 -18.36
N GLN B 1110 62.82 19.96 -17.65
CA GLN B 1110 61.40 19.80 -17.80
C GLN B 1110 60.66 20.17 -16.54
N ARG B 1111 59.32 20.10 -16.65
CA ARG B 1111 58.44 20.35 -15.53
C ARG B 1111 58.69 19.33 -14.43
N ASN B 1112 58.52 18.06 -14.73
CA ASN B 1112 58.43 17.10 -13.64
C ASN B 1112 59.77 16.57 -13.16
N PHE B 1113 60.82 16.62 -13.98
CA PHE B 1113 62.12 16.01 -13.65
C PHE B 1113 63.25 16.82 -14.24
N TYR B 1114 64.40 16.17 -14.41
CA TYR B 1114 65.59 16.83 -14.88
C TYR B 1114 66.10 15.99 -16.05
N GLU B 1115 66.27 16.61 -17.22
CA GLU B 1115 67.07 16.02 -18.30
C GLU B 1115 67.69 17.15 -19.13
N PRO B 1116 69.01 17.32 -19.02
CA PRO B 1116 69.66 18.50 -19.59
C PRO B 1116 69.79 18.49 -21.09
N GLN B 1117 69.78 19.71 -21.65
CA GLN B 1117 70.06 19.98 -23.05
C GLN B 1117 70.93 21.22 -23.10
N ILE B 1118 71.72 21.34 -24.17
CA ILE B 1118 72.44 22.58 -24.40
C ILE B 1118 71.43 23.66 -24.75
N ILE B 1119 71.62 24.87 -24.22
CA ILE B 1119 70.71 25.95 -24.59
C ILE B 1119 71.03 26.32 -26.03
N THR B 1120 70.06 26.08 -26.92
CA THR B 1120 70.17 26.32 -28.35
C THR B 1120 68.97 27.12 -28.81
N THR B 1121 69.06 27.63 -30.03
CA THR B 1121 67.89 28.23 -30.65
C THR B 1121 66.82 27.19 -30.95
N ASP B 1122 67.19 25.89 -31.01
CA ASP B 1122 66.19 24.85 -31.23
C ASP B 1122 65.31 24.64 -30.01
N ASN B 1123 65.87 24.69 -28.80
CA ASN B 1123 65.12 24.33 -27.60
C ASN B 1123 64.75 25.55 -26.75
N THR B 1124 64.99 26.77 -27.23
CA THR B 1124 64.67 27.96 -26.45
C THR B 1124 64.07 29.01 -27.37
N PHE B 1125 63.16 29.83 -26.84
CA PHE B 1125 62.52 30.91 -27.58
C PHE B 1125 62.72 32.22 -26.83
N VAL B 1126 62.83 33.32 -27.59
CA VAL B 1126 63.27 34.61 -27.08
C VAL B 1126 62.05 35.54 -26.98
N SER B 1127 62.00 36.33 -25.90
CA SER B 1127 60.88 37.23 -25.67
C SER B 1127 61.30 38.36 -24.71
N GLY B 1128 61.47 39.55 -25.28
CA GLY B 1128 61.67 40.78 -24.54
C GLY B 1128 63.12 40.99 -24.12
N ASN B 1129 63.43 42.25 -23.75
CA ASN B 1129 64.74 42.65 -23.27
C ASN B 1129 64.86 42.55 -21.74
N CYS B 1130 66.10 42.42 -21.27
CA CYS B 1130 66.35 42.22 -19.83
C CYS B 1130 66.65 43.58 -19.17
N ASP B 1131 65.63 44.42 -19.00
CA ASP B 1131 65.91 45.69 -18.33
C ASP B 1131 64.80 46.17 -17.40
N VAL B 1132 63.68 45.45 -17.27
CA VAL B 1132 62.55 45.89 -16.48
C VAL B 1132 62.23 44.93 -15.34
N VAL B 1133 62.38 43.62 -15.59
CA VAL B 1133 61.95 42.60 -14.65
C VAL B 1133 62.96 42.52 -13.53
N ILE B 1134 62.48 42.48 -12.30
CA ILE B 1134 63.36 42.41 -11.14
C ILE B 1134 63.54 40.95 -10.74
N GLY B 1135 64.79 40.61 -10.48
CA GLY B 1135 65.24 39.26 -10.24
C GLY B 1135 65.80 38.56 -11.45
N ILE B 1136 66.14 39.29 -12.51
CA ILE B 1136 66.71 38.68 -13.71
C ILE B 1136 68.16 38.31 -13.41
N VAL B 1137 68.66 37.25 -14.04
CA VAL B 1137 70.07 36.91 -13.86
C VAL B 1137 70.75 37.03 -15.21
N ASN B 1138 71.95 37.59 -15.20
CA ASN B 1138 72.73 37.80 -16.42
C ASN B 1138 73.52 36.56 -16.80
N ASN B 1139 73.59 36.29 -18.11
CA ASN B 1139 74.43 35.20 -18.60
C ASN B 1139 74.92 35.50 -20.02
N GLN C 20 -44.01 47.83 33.86
CA GLN C 20 -43.95 49.26 33.56
C GLN C 20 -43.47 49.47 32.12
N CYS C 21 -43.78 48.51 31.27
CA CYS C 21 -43.18 48.38 29.94
C CYS C 21 -43.84 49.38 29.01
N VAL C 22 -43.12 50.47 28.72
CA VAL C 22 -43.67 51.65 28.05
C VAL C 22 -43.13 51.62 26.63
N ASN C 23 -43.95 52.05 25.67
CA ASN C 23 -43.55 52.05 24.27
C ASN C 23 -42.83 53.33 23.86
N LEU C 24 -42.35 53.30 22.62
CA LEU C 24 -41.63 54.40 21.97
C LEU C 24 -42.56 55.15 21.03
N ARG C 25 -42.66 56.46 21.22
CA ARG C 25 -43.49 57.26 20.31
C ARG C 25 -42.83 57.40 18.94
N THR C 26 -41.50 57.38 18.88
CA THR C 26 -40.78 57.47 17.62
C THR C 26 -40.37 56.09 17.11
N ARG C 27 -40.54 55.89 15.80
CA ARG C 27 -40.20 54.62 15.17
C ARG C 27 -38.69 54.58 14.94
N THR C 28 -38.05 53.52 15.42
CA THR C 28 -36.61 53.39 15.21
C THR C 28 -36.25 52.68 13.90
N GLN C 29 -36.80 53.18 12.80
CA GLN C 29 -36.50 52.63 11.49
C GLN C 29 -35.09 53.07 11.14
N LEU C 30 -34.14 52.13 11.13
CA LEU C 30 -32.79 52.47 10.69
C LEU C 30 -32.63 52.15 9.22
N PRO C 31 -32.32 53.12 8.37
CA PRO C 31 -32.00 52.81 6.97
C PRO C 31 -30.70 52.05 6.88
N PRO C 32 -30.68 50.90 6.23
CA PRO C 32 -29.46 50.09 6.17
C PRO C 32 -28.57 50.52 5.00
N ALA C 33 -27.35 49.96 5.00
CA ALA C 33 -26.42 50.16 3.90
C ALA C 33 -25.47 48.97 3.86
N TYR C 34 -24.60 48.97 2.85
CA TYR C 34 -23.61 47.93 2.70
C TYR C 34 -22.24 48.55 2.56
N THR C 35 -21.25 47.95 3.22
CA THR C 35 -19.91 48.50 3.28
C THR C 35 -18.91 47.36 3.38
N ASN C 36 -17.63 47.72 3.40
CA ASN C 36 -16.54 46.78 3.22
C ASN C 36 -15.99 46.35 4.58
N SER C 37 -16.01 45.03 4.84
CA SER C 37 -15.32 44.50 6.00
C SER C 37 -13.82 44.51 5.78
N PHE C 38 -13.07 44.64 6.86
CA PHE C 38 -11.61 44.64 6.79
C PHE C 38 -11.07 43.75 7.93
N THR C 39 -11.02 42.44 7.66
CA THR C 39 -10.39 41.41 8.50
C THR C 39 -10.84 41.43 9.96
N ARG C 40 -12.16 41.41 10.18
CA ARG C 40 -12.69 41.24 11.52
C ARG C 40 -13.42 39.91 11.66
N GLY C 41 -13.36 39.37 12.87
CA GLY C 41 -13.79 38.03 13.14
C GLY C 41 -12.66 37.03 13.27
N VAL C 42 -11.41 37.47 13.14
CA VAL C 42 -10.27 36.59 13.31
C VAL C 42 -10.11 36.25 14.79
N TYR C 43 -10.03 34.96 15.11
CA TYR C 43 -10.00 34.63 16.53
C TYR C 43 -9.03 33.49 16.78
N TYR C 44 -8.83 33.20 18.06
CA TYR C 44 -8.12 32.02 18.51
C TYR C 44 -8.98 30.78 18.30
N PRO C 45 -8.55 29.83 17.46
CA PRO C 45 -9.37 28.63 17.23
C PRO C 45 -9.26 27.61 18.33
N ASP C 46 -8.37 27.85 19.30
CA ASP C 46 -8.08 26.90 20.35
C ASP C 46 -7.86 27.70 21.62
N LYS C 47 -8.03 27.04 22.75
CA LYS C 47 -7.57 27.59 24.01
C LYS C 47 -6.13 27.18 24.30
N VAL C 48 -5.46 26.63 23.30
CA VAL C 48 -4.14 26.04 23.45
C VAL C 48 -3.09 27.07 23.08
N PHE C 49 -2.20 27.36 24.02
CA PHE C 49 -1.13 28.31 23.83
C PHE C 49 -0.16 27.78 22.78
N ARG C 50 0.46 28.71 22.05
CA ARG C 50 1.46 28.38 21.06
C ARG C 50 2.42 29.55 20.98
N SER C 51 3.49 29.38 20.20
CA SER C 51 4.45 30.47 20.06
C SER C 51 5.16 30.39 18.73
N SER C 52 5.08 31.49 17.97
CA SER C 52 5.81 31.73 16.72
C SER C 52 5.59 30.61 15.71
N VAL C 53 4.32 30.38 15.39
CA VAL C 53 3.92 29.13 14.75
C VAL C 53 2.60 29.40 14.05
N LEU C 54 2.36 28.68 12.95
CA LEU C 54 1.20 28.89 12.10
C LEU C 54 0.27 27.69 12.19
N HIS C 55 -0.97 27.94 12.58
CA HIS C 55 -1.94 26.88 12.79
C HIS C 55 -3.15 27.14 11.91
N SER C 56 -3.57 26.11 11.18
CA SER C 56 -4.66 26.21 10.23
C SER C 56 -5.86 25.41 10.73
N THR C 57 -7.05 25.94 10.52
CA THR C 57 -8.23 25.23 10.97
C THR C 57 -9.40 25.47 10.02
N GLN C 58 -10.22 24.45 9.89
CA GLN C 58 -11.55 24.62 9.32
C GLN C 58 -12.49 24.82 10.49
N ASP C 59 -13.23 25.92 10.43
CA ASP C 59 -14.20 26.31 11.44
C ASP C 59 -15.06 27.40 10.83
N LEU C 60 -15.78 28.10 11.67
CA LEU C 60 -16.60 29.20 11.24
C LEU C 60 -15.85 30.53 11.38
N PHE C 61 -15.92 31.37 10.35
CA PHE C 61 -15.24 32.66 10.32
C PHE C 61 -16.15 33.67 9.62
N LEU C 62 -15.89 34.96 9.85
CA LEU C 62 -16.29 35.98 8.88
C LEU C 62 -15.27 36.02 7.75
N PRO C 63 -15.68 35.80 6.52
CA PRO C 63 -14.73 35.81 5.41
C PRO C 63 -14.18 37.19 5.17
N PHE C 64 -12.97 37.22 4.63
CA PHE C 64 -12.25 38.46 4.39
C PHE C 64 -12.89 39.31 3.31
N PHE C 65 -13.01 40.61 3.59
CA PHE C 65 -13.58 41.61 2.68
C PHE C 65 -14.97 41.25 2.20
N SER C 66 -15.83 40.88 3.15
CA SER C 66 -17.22 40.64 2.84
C SER C 66 -18.01 41.93 2.94
N ASN C 67 -19.26 41.87 2.51
CA ASN C 67 -20.12 43.06 2.46
C ASN C 67 -20.88 43.08 3.78
N VAL C 68 -20.42 43.87 4.69
CA VAL C 68 -20.98 43.92 6.02
C VAL C 68 -22.08 44.98 6.08
N THR C 69 -23.17 44.62 6.75
CA THR C 69 -24.35 45.47 6.84
C THR C 69 -24.14 46.57 7.88
N TRP C 70 -24.60 47.77 7.57
CA TRP C 70 -24.49 48.90 8.48
C TRP C 70 -25.88 49.31 8.93
N PHE C 71 -26.03 49.48 10.24
CA PHE C 71 -27.27 49.91 10.86
C PHE C 71 -27.05 51.28 11.47
N HIS C 72 -27.98 52.20 11.27
CA HIS C 72 -27.78 53.54 11.80
C HIS C 72 -28.88 53.88 12.80
N ASN C 87 -34.79 48.37 15.07
CA ASN C 87 -34.38 47.18 15.81
C ASN C 87 -35.01 45.91 15.25
N PRO C 88 -34.49 45.41 14.13
CA PRO C 88 -35.14 44.29 13.47
C PRO C 88 -34.57 42.94 13.87
N VAL C 89 -35.17 41.87 13.35
CA VAL C 89 -34.71 40.51 13.61
C VAL C 89 -33.79 40.08 12.48
N LEU C 90 -32.56 39.76 12.81
CA LEU C 90 -31.66 39.24 11.80
C LEU C 90 -31.30 37.81 12.14
N PRO C 91 -31.16 36.93 11.15
CA PRO C 91 -30.90 35.53 11.45
C PRO C 91 -29.52 35.28 12.05
N PHE C 92 -29.41 34.13 12.70
CA PHE C 92 -28.17 33.66 13.33
C PHE C 92 -27.37 32.75 12.44
N ASN C 93 -28.03 32.12 11.46
CA ASN C 93 -27.53 31.14 10.49
C ASN C 93 -26.37 30.28 10.99
N ASP C 94 -25.21 30.32 10.34
CA ASP C 94 -24.09 29.54 10.85
C ASP C 94 -23.40 30.19 12.04
N GLY C 95 -22.93 31.43 11.87
CA GLY C 95 -22.65 32.31 12.97
C GLY C 95 -22.87 33.76 12.56
N VAL C 96 -22.61 34.66 13.50
CA VAL C 96 -22.78 36.10 13.29
C VAL C 96 -21.59 36.83 13.91
N TYR C 97 -21.00 37.76 13.17
CA TYR C 97 -20.07 38.73 13.72
C TYR C 97 -20.84 39.99 14.08
N PHE C 98 -20.50 40.56 15.22
CA PHE C 98 -21.11 41.81 15.67
C PHE C 98 -20.02 42.78 16.09
N ALA C 99 -20.21 44.07 15.81
CA ALA C 99 -19.30 45.09 16.31
C ALA C 99 -20.08 46.37 16.54
N SER C 100 -19.70 47.15 17.55
CA SER C 100 -20.45 48.36 17.88
C SER C 100 -19.53 49.49 18.31
N THR C 101 -19.86 50.71 17.90
CA THR C 101 -19.18 51.91 18.40
C THR C 101 -19.86 52.44 19.65
N GLU C 102 -19.46 51.91 20.81
CA GLU C 102 -20.15 52.25 22.04
C GLU C 102 -19.53 53.46 22.72
N LYS C 103 -20.42 54.32 23.22
CA LYS C 103 -20.14 55.33 24.24
C LYS C 103 -21.39 55.42 25.11
N SER C 104 -21.19 55.52 26.43
CA SER C 104 -22.24 55.58 27.45
C SER C 104 -23.05 54.29 27.57
N ASN C 105 -22.49 53.19 27.08
CA ASN C 105 -23.03 51.81 27.11
C ASN C 105 -24.51 51.73 26.74
N ILE C 106 -24.77 52.13 25.49
CA ILE C 106 -26.14 52.18 25.00
C ILE C 106 -26.69 50.77 24.77
N ILE C 107 -25.85 49.86 24.28
CA ILE C 107 -26.25 48.46 24.14
C ILE C 107 -26.31 47.71 25.46
N ARG C 108 -27.53 47.50 25.95
CA ARG C 108 -27.69 46.70 27.16
C ARG C 108 -27.32 45.24 26.91
N GLY C 109 -27.59 44.75 25.71
CA GLY C 109 -27.27 43.37 25.44
C GLY C 109 -27.85 42.87 24.14
N TRP C 110 -28.09 41.56 24.10
CA TRP C 110 -28.44 40.80 22.93
C TRP C 110 -29.65 39.92 23.27
N ILE C 111 -30.42 39.57 22.25
CA ILE C 111 -31.45 38.55 22.38
C ILE C 111 -31.22 37.53 21.29
N PHE C 112 -31.09 36.26 21.69
CA PHE C 112 -30.83 35.16 20.78
C PHE C 112 -31.84 34.06 21.02
N GLY C 113 -32.11 33.32 19.96
CA GLY C 113 -32.94 32.14 20.07
C GLY C 113 -33.43 31.70 18.71
N THR C 114 -34.38 30.78 18.74
CA THR C 114 -34.93 30.15 17.56
C THR C 114 -36.21 30.85 17.13
N THR C 115 -37.16 30.97 18.06
CA THR C 115 -38.37 31.72 17.82
C THR C 115 -38.46 33.00 18.64
N LEU C 116 -37.45 33.24 19.51
CA LEU C 116 -37.26 34.51 20.23
C LEU C 116 -38.44 34.86 21.14
N ASP C 117 -38.99 33.86 21.81
CA ASP C 117 -40.17 34.04 22.64
C ASP C 117 -40.11 33.06 23.81
N SER C 118 -41.22 32.94 24.53
CA SER C 118 -41.29 32.08 25.71
C SER C 118 -41.43 30.60 25.40
N LYS C 119 -41.71 30.20 24.15
CA LYS C 119 -41.85 28.78 23.87
C LYS C 119 -40.50 28.08 23.76
N THR C 120 -39.44 28.83 23.46
CA THR C 120 -38.09 28.32 23.26
C THR C 120 -37.15 29.09 24.18
N GLN C 121 -35.98 28.51 24.42
CA GLN C 121 -34.98 29.22 25.22
C GLN C 121 -34.50 30.46 24.50
N SER C 122 -34.35 31.53 25.29
CA SER C 122 -34.05 32.86 24.82
C SER C 122 -32.90 33.42 25.65
N LEU C 123 -32.06 34.22 25.01
CA LEU C 123 -30.92 34.84 25.66
C LEU C 123 -31.22 36.29 26.00
N LEU C 124 -30.93 36.67 27.24
CA LEU C 124 -31.08 38.06 27.67
C LEU C 124 -29.74 38.46 28.25
N ILE C 125 -29.22 39.60 27.80
CA ILE C 125 -27.95 40.15 28.28
C ILE C 125 -28.20 41.56 28.79
N VAL C 126 -27.73 41.84 30.00
CA VAL C 126 -27.81 43.18 30.57
C VAL C 126 -26.40 43.54 31.01
N ASN C 127 -25.99 44.77 30.73
CA ASN C 127 -24.75 45.33 31.26
C ASN C 127 -25.09 46.59 32.02
N ASN C 128 -24.72 46.62 33.28
CA ASN C 128 -24.76 47.82 34.10
C ASN C 128 -23.32 48.22 34.42
N ALA C 129 -23.17 49.20 35.30
CA ALA C 129 -21.84 49.69 35.63
C ALA C 129 -21.01 48.69 36.43
N THR C 130 -21.66 47.72 37.08
CA THR C 130 -21.00 46.82 38.01
C THR C 130 -20.76 45.43 37.44
N ASN C 131 -21.73 44.89 36.70
CA ASN C 131 -21.60 43.52 36.24
C ASN C 131 -22.38 43.34 34.94
N VAL C 132 -21.97 42.33 34.17
CA VAL C 132 -22.72 41.82 33.03
C VAL C 132 -23.39 40.53 33.45
N VAL C 133 -24.65 40.36 33.10
CA VAL C 133 -25.38 39.15 33.42
C VAL C 133 -25.83 38.50 32.12
N ILE C 134 -25.70 37.19 32.05
CA ILE C 134 -26.06 36.41 30.88
C ILE C 134 -27.06 35.37 31.35
N LYS C 135 -28.22 35.36 30.73
CA LYS C 135 -29.31 34.49 31.14
C LYS C 135 -29.89 33.80 29.92
N VAL C 136 -30.23 32.52 30.07
CA VAL C 136 -30.92 31.78 29.01
C VAL C 136 -32.20 31.25 29.64
N CYS C 137 -33.30 31.98 29.43
CA CYS C 137 -34.59 31.60 30.00
C CYS C 137 -35.68 31.92 28.99
N GLU C 138 -36.90 31.60 29.37
CA GLU C 138 -38.13 32.01 28.68
C GLU C 138 -38.70 33.16 29.49
N PHE C 139 -38.29 34.38 29.14
CA PHE C 139 -38.73 35.60 29.78
C PHE C 139 -40.06 36.10 29.20
N GLN C 140 -40.46 37.28 29.68
CA GLN C 140 -41.58 38.04 29.15
C GLN C 140 -41.01 39.40 28.78
N PHE C 141 -40.49 39.50 27.57
CA PHE C 141 -40.01 40.76 27.03
C PHE C 141 -41.13 41.63 26.51
N CYS C 142 -40.99 42.94 26.73
CA CYS C 142 -41.73 43.86 25.89
C CYS C 142 -40.78 44.17 24.72
N ASN C 143 -41.25 44.98 23.75
CA ASN C 143 -40.62 44.93 22.43
C ASN C 143 -39.24 45.58 22.41
N ASP C 144 -39.09 46.72 23.09
CA ASP C 144 -37.85 47.49 23.09
C ASP C 144 -37.42 47.70 24.54
N PRO C 145 -36.66 46.79 25.13
CA PRO C 145 -36.35 46.90 26.56
C PRO C 145 -35.17 47.83 26.82
N PHE C 146 -35.30 48.63 27.87
CA PHE C 146 -34.29 49.57 28.34
C PHE C 146 -34.50 49.81 29.82
N LEU C 147 -33.40 49.99 30.57
CA LEU C 147 -33.43 49.98 32.03
C LEU C 147 -33.71 51.33 32.66
N ASP C 148 -34.41 52.23 31.97
CA ASP C 148 -34.73 53.56 32.49
C ASP C 148 -35.70 53.39 33.65
N VAL C 149 -35.25 53.74 34.85
CA VAL C 149 -36.04 53.56 36.06
C VAL C 149 -37.23 54.51 36.10
N TYR C 150 -38.40 53.95 36.37
CA TYR C 150 -39.65 54.68 36.51
C TYR C 150 -40.38 54.19 37.75
N GLU C 160 -34.11 45.83 39.34
CA GLU C 160 -33.94 45.29 37.99
C GLU C 160 -35.27 45.16 37.27
N SER C 161 -36.38 45.48 37.94
CA SER C 161 -37.66 45.23 37.31
C SER C 161 -38.11 46.44 36.52
N GLY C 162 -39.31 46.35 35.95
CA GLY C 162 -39.83 47.41 35.12
C GLY C 162 -39.42 47.30 33.66
N VAL C 163 -38.53 46.37 33.33
CA VAL C 163 -38.06 46.18 31.96
C VAL C 163 -38.49 44.83 31.43
N TYR C 164 -38.52 43.82 32.30
CA TYR C 164 -39.03 42.49 31.96
C TYR C 164 -40.17 42.17 32.91
N SER C 165 -41.30 41.72 32.37
CA SER C 165 -42.45 41.50 33.22
C SER C 165 -42.37 40.16 33.95
N SER C 166 -41.88 39.11 33.30
CA SER C 166 -41.81 37.80 33.92
C SER C 166 -40.64 37.01 33.34
N ALA C 167 -40.34 35.89 34.01
CA ALA C 167 -39.27 34.99 33.63
C ALA C 167 -39.55 33.61 34.21
N ASN C 168 -39.30 32.56 33.42
CA ASN C 168 -39.47 31.20 33.93
C ASN C 168 -38.60 30.23 33.13
N ASN C 169 -38.36 29.07 33.75
CA ASN C 169 -37.58 27.95 33.19
C ASN C 169 -36.16 28.38 32.84
N CYS C 170 -35.53 29.09 33.78
CA CYS C 170 -34.17 29.57 33.57
C CYS C 170 -33.17 28.43 33.53
N THR C 171 -32.29 28.47 32.53
CA THR C 171 -31.38 27.38 32.25
C THR C 171 -29.92 27.72 32.53
N PHE C 172 -29.42 28.85 32.04
CA PHE C 172 -28.06 29.28 32.32
C PHE C 172 -28.09 30.67 32.94
N GLU C 173 -27.25 30.88 33.96
CA GLU C 173 -27.00 32.19 34.54
C GLU C 173 -25.50 32.38 34.69
N TYR C 174 -25.02 33.59 34.42
CA TYR C 174 -23.59 33.87 34.54
C TYR C 174 -23.37 35.36 34.79
N VAL C 175 -22.31 35.69 35.52
CA VAL C 175 -21.98 37.06 35.87
C VAL C 175 -20.46 37.24 35.86
N SER C 176 -20.02 38.39 35.34
CA SER C 176 -18.60 38.79 35.38
C SER C 176 -18.51 40.32 35.28
N GLN C 177 -17.31 40.80 34.97
CA GLN C 177 -17.08 42.22 34.75
C GLN C 177 -17.81 42.70 33.50
N PRO C 178 -18.54 43.81 33.55
CA PRO C 178 -19.33 44.25 32.40
C PRO C 178 -18.45 44.72 31.26
N PHE C 179 -18.83 44.31 30.05
CA PHE C 179 -17.98 44.59 28.90
C PHE C 179 -18.06 46.05 28.51
N LEU C 180 -19.24 46.62 28.64
CA LEU C 180 -19.46 47.99 28.23
C LEU C 180 -19.22 48.97 29.36
N LYS C 191 -17.74 55.53 21.19
CA LYS C 191 -16.39 55.99 20.97
C LYS C 191 -15.40 54.86 21.25
N ASN C 192 -15.91 53.72 21.70
CA ASN C 192 -15.11 52.53 21.89
C ASN C 192 -15.46 51.52 20.81
N LEU C 193 -14.54 50.62 20.47
CA LEU C 193 -14.88 49.55 19.54
C LEU C 193 -14.93 48.24 20.31
N ARG C 194 -16.08 47.60 20.25
CA ARG C 194 -16.35 46.37 20.97
C ARG C 194 -16.74 45.29 19.97
N GLU C 195 -15.96 44.20 19.91
CA GLU C 195 -16.17 43.15 18.93
C GLU C 195 -16.58 41.88 19.63
N PHE C 196 -17.67 41.25 19.16
CA PHE C 196 -18.25 40.06 19.81
C PHE C 196 -18.62 39.00 18.76
N VAL C 197 -17.65 38.18 18.36
CA VAL C 197 -17.92 37.04 17.49
C VAL C 197 -18.79 36.04 18.22
N PHE C 198 -19.90 35.67 17.61
CA PHE C 198 -20.80 34.69 18.18
C PHE C 198 -20.69 33.40 17.39
N LYS C 199 -20.44 32.31 18.09
CA LYS C 199 -20.42 30.99 17.47
C LYS C 199 -21.24 29.99 18.26
N ASN C 200 -21.79 29.02 17.54
CA ASN C 200 -22.46 27.87 18.14
C ASN C 200 -21.92 26.65 17.41
N ILE C 201 -20.87 26.04 17.94
CA ILE C 201 -20.31 24.81 17.39
C ILE C 201 -19.99 23.88 18.54
N ASP C 202 -20.21 22.58 18.31
CA ASP C 202 -19.77 21.49 19.21
C ASP C 202 -20.41 21.57 20.58
N GLY C 203 -21.72 21.87 20.64
CA GLY C 203 -22.40 22.03 21.90
C GLY C 203 -21.97 23.22 22.74
N TYR C 204 -21.32 24.20 22.13
CA TYR C 204 -20.74 25.33 22.84
C TYR C 204 -21.36 26.62 22.31
N PHE C 205 -21.65 27.54 23.21
CA PHE C 205 -21.98 28.92 22.83
C PHE C 205 -20.77 29.76 23.13
N LYS C 206 -20.08 30.21 22.10
CA LYS C 206 -18.91 31.05 22.27
C LYS C 206 -19.30 32.51 22.11
N ILE C 207 -18.85 33.34 23.03
CA ILE C 207 -18.92 34.80 22.93
C ILE C 207 -17.53 35.31 23.24
N TYR C 208 -16.90 35.97 22.27
CA TYR C 208 -15.56 36.48 22.48
C TYR C 208 -15.64 37.97 22.77
N SER C 209 -14.50 38.59 23.05
CA SER C 209 -14.51 40.02 23.32
C SER C 209 -13.20 40.65 22.86
N LYS C 210 -13.27 41.95 22.59
CA LYS C 210 -12.10 42.82 22.43
C LYS C 210 -12.60 44.25 22.58
N HIS C 211 -11.88 45.06 23.35
CA HIS C 211 -12.24 46.44 23.57
C HIS C 211 -11.17 47.38 23.06
N THR C 212 -11.59 48.46 22.38
CA THR C 212 -10.65 49.49 21.94
C THR C 212 -11.34 50.84 21.79
N PRO C 213 -10.90 51.87 22.52
CA PRO C 213 -11.43 53.21 22.31
C PRO C 213 -11.06 53.75 20.94
N ILE C 214 -12.01 54.41 20.27
CA ILE C 214 -11.79 54.82 18.89
C ILE C 214 -12.14 56.29 18.72
N ASN C 215 -11.58 56.89 17.67
CA ASN C 215 -11.89 58.25 17.28
C ASN C 215 -12.23 58.34 15.80
N LEU C 216 -12.19 57.23 15.07
CA LEU C 216 -12.56 57.23 13.67
C LEU C 216 -14.08 57.36 13.56
N VAL C 217 -14.55 57.97 12.48
CA VAL C 217 -15.93 58.46 12.49
C VAL C 217 -16.93 57.38 12.10
N ARG C 218 -16.73 56.67 10.99
CA ARG C 218 -17.82 55.85 10.47
C ARG C 218 -17.53 54.35 10.46
N ASP C 219 -16.44 53.92 9.82
CA ASP C 219 -16.34 52.49 9.52
C ASP C 219 -15.22 51.79 10.26
N LEU C 220 -15.17 50.49 10.04
CA LEU C 220 -14.14 49.65 10.61
C LEU C 220 -12.78 49.97 10.00
N PRO C 221 -11.72 49.97 10.78
CA PRO C 221 -10.42 50.39 10.31
C PRO C 221 -9.78 49.31 9.44
N GLN C 222 -8.56 49.59 8.99
CA GLN C 222 -7.74 48.58 8.36
C GLN C 222 -6.91 47.80 9.38
N GLY C 223 -7.21 47.97 10.67
CA GLY C 223 -6.43 47.33 11.71
C GLY C 223 -6.72 45.84 11.83
N PHE C 224 -5.92 45.19 12.68
CA PHE C 224 -6.02 43.75 12.87
C PHE C 224 -5.87 43.45 14.35
N SER C 225 -6.94 42.94 14.96
CA SER C 225 -6.87 42.43 16.32
C SER C 225 -7.72 41.18 16.43
N ALA C 226 -7.27 40.24 17.22
CA ALA C 226 -8.03 39.02 17.43
C ALA C 226 -9.17 39.30 18.42
N LEU C 227 -9.95 38.27 18.69
CA LEU C 227 -11.03 38.35 19.66
C LEU C 227 -10.79 37.22 20.65
N GLU C 228 -10.22 37.55 21.80
CA GLU C 228 -9.85 36.54 22.76
C GLU C 228 -11.07 36.03 23.53
N PRO C 229 -11.14 34.73 23.79
CA PRO C 229 -12.29 34.21 24.50
C PRO C 229 -12.22 34.59 25.95
N LEU C 230 -13.37 35.00 26.48
CA LEU C 230 -13.50 35.29 27.90
C LEU C 230 -14.29 34.21 28.60
N VAL C 231 -15.38 33.78 27.96
CA VAL C 231 -16.18 32.66 28.43
C VAL C 231 -16.45 31.76 27.25
N ASP C 232 -16.75 30.52 27.57
CA ASP C 232 -17.40 29.60 26.67
C ASP C 232 -18.57 29.00 27.44
N LEU C 233 -19.70 28.81 26.76
CA LEU C 233 -20.85 28.32 27.48
C LEU C 233 -21.17 26.94 26.95
N PRO C 234 -21.09 25.91 27.78
CA PRO C 234 -21.24 24.52 27.34
C PRO C 234 -22.69 24.11 27.24
N ILE C 235 -23.38 24.73 26.27
CA ILE C 235 -24.81 24.56 26.09
C ILE C 235 -25.07 24.32 24.61
N GLY C 236 -25.96 23.38 24.32
CA GLY C 236 -26.27 23.11 22.93
C GLY C 236 -27.65 23.60 22.54
N ILE C 237 -27.65 24.61 21.68
CA ILE C 237 -28.83 25.35 21.28
C ILE C 237 -28.78 25.52 19.77
N ASN C 238 -29.96 25.64 19.15
CA ASN C 238 -30.06 25.68 17.70
C ASN C 238 -30.61 27.05 17.29
N ILE C 239 -29.98 28.11 17.82
CA ILE C 239 -30.40 29.48 17.54
C ILE C 239 -30.40 29.77 16.04
N THR C 240 -31.48 30.44 15.59
CA THR C 240 -31.74 30.76 14.20
C THR C 240 -31.74 32.25 13.92
N ARG C 241 -32.04 33.06 14.93
CA ARG C 241 -32.25 34.50 14.81
C ARG C 241 -31.64 35.21 16.01
N PHE C 242 -31.37 36.50 15.86
CA PHE C 242 -30.87 37.26 16.99
C PHE C 242 -31.31 38.71 16.91
N GLN C 243 -31.25 39.39 18.06
CA GLN C 243 -31.82 40.72 18.26
C GLN C 243 -30.91 41.52 19.19
N THR C 244 -30.83 42.83 18.96
CA THR C 244 -29.96 43.71 19.74
C THR C 244 -30.78 44.57 20.70
N LEU C 245 -30.23 44.82 21.88
CA LEU C 245 -30.89 45.53 22.98
C LEU C 245 -30.22 46.86 23.20
N LEU C 246 -31.01 47.93 23.33
CA LEU C 246 -30.44 49.24 23.53
C LEU C 246 -31.01 49.89 24.79
N ALA C 247 -30.19 50.74 25.41
CA ALA C 247 -30.67 51.60 26.49
C ALA C 247 -31.03 52.95 25.88
N LEU C 248 -32.09 52.91 25.08
CA LEU C 248 -32.59 54.10 24.42
C LEU C 248 -33.19 55.03 25.46
N HIS C 249 -32.48 56.12 25.75
CA HIS C 249 -32.99 57.11 26.68
C HIS C 249 -34.15 57.84 26.04
N ARG C 250 -35.07 58.33 26.87
CA ARG C 250 -36.30 58.93 26.36
C ARG C 250 -35.96 60.33 25.85
N SER C 251 -35.75 60.43 24.55
CA SER C 251 -35.44 61.71 23.92
C SER C 251 -36.37 61.98 22.75
N ALA C 266 -31.17 54.97 16.85
CA ALA C 266 -30.29 56.08 16.54
C ALA C 266 -28.85 55.79 16.99
N ALA C 267 -28.42 54.54 16.81
CA ALA C 267 -27.07 54.12 17.15
C ALA C 267 -26.54 53.22 16.04
N ALA C 268 -25.23 53.23 15.86
CA ALA C 268 -24.61 52.60 14.70
C ALA C 268 -23.84 51.34 15.06
N TYR C 269 -24.04 50.26 14.30
CA TYR C 269 -23.27 49.05 14.47
C TYR C 269 -23.20 48.28 13.15
N TYR C 270 -22.28 47.31 13.09
CA TYR C 270 -22.01 46.52 11.90
C TYR C 270 -22.26 45.05 12.19
N VAL C 271 -22.95 44.37 11.29
CA VAL C 271 -23.24 42.94 11.40
C VAL C 271 -22.88 42.26 10.09
N GLY C 272 -22.10 41.17 10.18
CA GLY C 272 -21.79 40.36 9.02
C GLY C 272 -22.07 38.92 9.36
N TYR C 273 -22.19 38.09 8.33
CA TYR C 273 -22.56 36.70 8.55
C TYR C 273 -21.36 35.80 8.31
N LEU C 274 -21.19 34.82 9.20
CA LEU C 274 -20.01 33.98 9.20
C LEU C 274 -20.21 32.73 8.37
N GLN C 275 -19.10 32.21 7.83
CA GLN C 275 -19.15 31.15 6.85
C GLN C 275 -18.05 30.14 7.12
N PRO C 276 -18.31 28.85 6.88
CA PRO C 276 -17.27 27.84 7.17
C PRO C 276 -16.27 27.67 6.04
N ARG C 277 -15.00 27.73 6.40
CA ARG C 277 -13.87 27.68 5.48
C ARG C 277 -12.61 27.55 6.31
N THR C 278 -11.47 27.50 5.64
CA THR C 278 -10.21 27.31 6.34
C THR C 278 -9.41 28.60 6.33
N PHE C 279 -8.55 28.73 7.34
CA PHE C 279 -7.76 29.94 7.57
C PHE C 279 -6.33 29.57 7.87
N LEU C 280 -5.42 30.51 7.64
CA LEU C 280 -4.05 30.39 8.11
C LEU C 280 -3.78 31.52 9.08
N LEU C 281 -3.43 31.20 10.33
CA LEU C 281 -3.23 32.19 11.38
C LEU C 281 -1.78 32.20 11.85
N LYS C 282 -1.29 33.38 12.19
CA LYS C 282 0.07 33.58 12.66
C LYS C 282 0.05 33.97 14.14
N TYR C 283 0.95 33.36 14.92
CA TYR C 283 1.18 33.74 16.32
C TYR C 283 2.55 34.40 16.51
N ASN C 284 2.61 35.39 17.39
CA ASN C 284 3.82 36.13 17.75
C ASN C 284 4.52 35.42 18.91
N GLU C 285 5.35 36.15 19.66
CA GLU C 285 6.01 35.57 20.82
C GLU C 285 5.06 35.36 21.99
N ASN C 286 4.11 36.26 22.20
CA ASN C 286 3.30 36.23 23.41
C ASN C 286 2.11 35.30 23.29
N GLY C 287 2.04 34.49 22.25
CA GLY C 287 0.92 33.59 22.09
C GLY C 287 -0.33 34.26 21.61
N THR C 288 -0.23 35.39 20.93
CA THR C 288 -1.40 36.09 20.42
C THR C 288 -1.33 36.22 18.91
N ILE C 289 -2.46 36.56 18.34
CA ILE C 289 -2.64 36.56 16.90
C ILE C 289 -2.23 37.90 16.33
N THR C 290 -1.36 37.89 15.32
CA THR C 290 -0.94 39.12 14.67
C THR C 290 -1.26 39.21 13.20
N ASP C 291 -1.60 38.11 12.54
CA ASP C 291 -1.95 38.17 11.13
C ASP C 291 -2.80 36.94 10.79
N ALA C 292 -3.67 37.09 9.79
CA ALA C 292 -4.56 36.01 9.37
C ALA C 292 -4.62 35.98 7.84
N VAL C 293 -5.05 34.84 7.29
CA VAL C 293 -5.35 34.67 5.88
C VAL C 293 -6.58 33.77 5.77
N ASP C 294 -7.59 34.22 5.03
CA ASP C 294 -8.73 33.40 4.64
C ASP C 294 -8.34 32.50 3.47
N CYS C 295 -8.84 31.27 3.45
CA CYS C 295 -8.70 30.47 2.23
C CYS C 295 -9.94 30.59 1.36
N ALA C 296 -10.45 31.83 1.15
CA ALA C 296 -11.52 32.05 0.20
C ALA C 296 -11.45 33.35 -0.58
N LEU C 297 -10.46 34.21 -0.32
CA LEU C 297 -10.51 35.58 -0.84
C LEU C 297 -10.11 35.62 -2.31
N ASP C 298 -8.87 35.28 -2.57
CA ASP C 298 -8.36 35.26 -3.93
C ASP C 298 -7.48 34.04 -4.02
N PRO C 299 -7.00 33.68 -5.21
CA PRO C 299 -5.97 32.67 -5.30
C PRO C 299 -4.69 32.98 -4.54
N LEU C 300 -4.37 34.24 -4.23
CA LEU C 300 -3.24 34.44 -3.33
C LEU C 300 -3.59 33.98 -1.93
N SER C 301 -4.82 34.24 -1.50
CA SER C 301 -5.24 33.84 -0.17
C SER C 301 -5.35 32.33 -0.07
N GLU C 302 -5.87 31.70 -1.10
CA GLU C 302 -5.97 30.25 -1.13
C GLU C 302 -4.59 29.59 -1.19
N THR C 303 -3.63 30.20 -1.89
CA THR C 303 -2.26 29.69 -1.90
C THR C 303 -1.57 29.78 -0.54
N LYS C 304 -1.76 30.88 0.18
CA LYS C 304 -1.18 31.03 1.52
C LYS C 304 -1.72 29.97 2.47
N CYS C 305 -2.95 29.56 2.25
CA CYS C 305 -3.57 28.50 3.03
C CYS C 305 -2.90 27.15 2.80
N THR C 306 -2.45 26.87 1.57
CA THR C 306 -1.69 25.64 1.31
C THR C 306 -0.25 25.72 1.78
N LEU C 307 0.46 26.79 1.43
CA LEU C 307 1.90 26.87 1.70
C LEU C 307 2.24 27.09 3.17
N LYS C 308 1.23 27.38 4.01
CA LYS C 308 1.37 27.56 5.46
C LYS C 308 2.33 28.70 5.81
N SER C 309 2.17 29.82 5.12
CA SER C 309 3.06 30.95 5.36
C SER C 309 2.32 32.23 5.03
N PHE C 310 2.81 33.34 5.57
CA PHE C 310 2.27 34.64 5.21
C PHE C 310 3.12 35.35 4.18
N THR C 311 4.30 34.83 3.93
CA THR C 311 5.10 35.26 2.79
C THR C 311 5.10 34.10 1.82
N VAL C 312 4.86 34.41 0.55
CA VAL C 312 4.72 33.41 -0.49
C VAL C 312 5.54 33.89 -1.67
N GLU C 313 6.44 33.05 -2.15
CA GLU C 313 7.43 33.50 -3.10
C GLU C 313 6.88 33.46 -4.52
N LYS C 314 7.59 34.13 -5.42
CA LYS C 314 7.17 34.21 -6.81
C LYS C 314 7.33 32.85 -7.47
N GLY C 315 6.23 32.38 -8.06
CA GLY C 315 6.22 31.06 -8.66
C GLY C 315 4.81 30.55 -8.83
N ILE C 316 4.74 29.25 -9.12
CA ILE C 316 3.50 28.56 -9.45
C ILE C 316 3.22 27.57 -8.34
N TYR C 317 1.95 27.45 -7.96
CA TYR C 317 1.59 26.58 -6.84
C TYR C 317 0.45 25.73 -7.31
N GLN C 318 -0.21 25.03 -6.39
CA GLN C 318 -1.39 24.27 -6.78
C GLN C 318 -2.27 24.16 -5.56
N THR C 319 -3.51 24.64 -5.64
CA THR C 319 -4.39 24.61 -4.49
C THR C 319 -5.32 23.41 -4.52
N SER C 320 -6.18 23.31 -5.53
CA SER C 320 -7.21 22.28 -5.48
C SER C 320 -7.59 21.87 -6.90
N ASN C 321 -8.68 21.14 -6.98
CA ASN C 321 -9.20 20.56 -8.21
C ASN C 321 -10.55 21.20 -8.53
N PHE C 322 -11.07 20.85 -9.69
CA PHE C 322 -12.35 21.32 -10.17
C PHE C 322 -12.91 20.30 -11.13
N ARG C 323 -14.22 20.26 -11.23
CA ARG C 323 -14.90 19.35 -12.12
C ARG C 323 -16.07 20.11 -12.72
N VAL C 324 -16.47 19.71 -13.91
CA VAL C 324 -17.66 20.29 -14.50
C VAL C 324 -18.86 19.51 -13.98
N GLN C 325 -19.78 20.24 -13.39
CA GLN C 325 -21.01 19.66 -12.89
C GLN C 325 -21.93 19.35 -14.07
N PRO C 326 -22.82 18.36 -13.92
CA PRO C 326 -23.82 18.14 -14.99
C PRO C 326 -24.81 19.30 -15.18
N THR C 327 -25.64 19.15 -16.21
CA THR C 327 -26.76 20.03 -16.56
C THR C 327 -28.16 19.48 -16.27
N GLU C 328 -28.62 18.60 -17.14
CA GLU C 328 -29.97 18.07 -17.24
C GLU C 328 -29.78 16.83 -18.09
N SER C 329 -30.84 16.09 -18.39
CA SER C 329 -30.58 14.86 -19.13
C SER C 329 -31.82 14.27 -19.75
N ILE C 330 -31.61 13.18 -20.52
CA ILE C 330 -32.73 12.47 -21.20
C ILE C 330 -32.40 10.97 -21.25
N VAL C 331 -33.40 10.15 -21.59
CA VAL C 331 -33.21 8.66 -21.68
C VAL C 331 -33.65 8.19 -23.07
N ARG C 332 -33.38 6.93 -23.40
CA ARG C 332 -33.76 6.36 -24.68
C ARG C 332 -34.32 4.98 -24.41
N PHE C 333 -35.60 4.89 -24.67
CA PHE C 333 -36.56 3.81 -24.58
C PHE C 333 -37.98 4.15 -25.07
N PRO C 334 -38.27 5.02 -26.04
CA PRO C 334 -39.70 5.30 -26.20
C PRO C 334 -40.39 4.45 -27.25
N ASN C 335 -39.64 3.65 -28.02
CA ASN C 335 -40.15 2.73 -29.05
C ASN C 335 -41.08 3.45 -30.04
N ILE C 336 -40.57 4.38 -30.84
CA ILE C 336 -41.47 5.10 -31.73
C ILE C 336 -42.06 4.17 -32.79
N THR C 337 -41.26 3.23 -33.30
CA THR C 337 -41.73 2.27 -34.29
C THR C 337 -42.95 1.46 -33.82
N ASN C 338 -43.97 1.45 -34.68
CA ASN C 338 -45.27 0.75 -34.58
C ASN C 338 -46.02 0.99 -33.26
N LEU C 339 -46.41 2.25 -33.00
CA LEU C 339 -47.21 2.69 -31.83
C LEU C 339 -48.32 1.73 -31.41
N CYS C 340 -48.76 1.68 -30.14
CA CYS C 340 -50.08 1.07 -29.99
C CYS C 340 -51.05 2.09 -30.61
N PRO C 341 -52.08 1.63 -31.34
CA PRO C 341 -52.83 2.62 -32.16
C PRO C 341 -53.77 3.57 -31.45
N PHE C 342 -53.22 4.61 -30.81
CA PHE C 342 -54.04 5.76 -30.43
C PHE C 342 -54.39 6.66 -31.61
N GLY C 343 -53.78 6.46 -32.77
CA GLY C 343 -54.20 7.21 -33.95
C GLY C 343 -55.61 6.86 -34.40
N GLU C 344 -55.91 5.57 -34.47
CA GLU C 344 -57.25 5.15 -34.85
C GLU C 344 -58.25 5.37 -33.73
N VAL C 345 -57.76 5.55 -32.51
CA VAL C 345 -58.64 5.78 -31.37
C VAL C 345 -59.22 7.18 -31.40
N PHE C 346 -58.35 8.20 -31.48
CA PHE C 346 -58.84 9.56 -31.43
C PHE C 346 -59.42 10.01 -32.78
N ASN C 347 -58.69 9.79 -33.87
CA ASN C 347 -59.14 10.26 -35.18
C ASN C 347 -59.88 9.17 -35.98
N ALA C 348 -60.98 8.66 -35.43
CA ALA C 348 -61.74 7.67 -36.18
C ALA C 348 -62.95 8.31 -36.85
N THR C 349 -63.33 7.77 -38.01
CA THR C 349 -64.50 8.27 -38.72
C THR C 349 -65.80 7.94 -38.00
N ARG C 350 -65.89 6.78 -37.35
CA ARG C 350 -67.13 6.35 -36.70
C ARG C 350 -66.85 6.01 -35.25
N PHE C 351 -67.58 6.67 -34.34
CA PHE C 351 -67.64 6.28 -32.94
C PHE C 351 -69.05 5.72 -32.68
N ALA C 352 -69.14 4.55 -32.06
CA ALA C 352 -70.40 3.90 -31.75
C ALA C 352 -71.11 4.57 -30.56
N SER C 353 -72.32 4.07 -30.27
CA SER C 353 -73.23 4.72 -29.32
C SER C 353 -72.78 4.51 -27.88
N VAL C 354 -73.54 5.12 -26.96
CA VAL C 354 -73.13 5.17 -25.57
C VAL C 354 -73.39 3.85 -24.86
N TYR C 355 -74.47 3.14 -25.23
CA TYR C 355 -74.73 1.83 -24.69
C TYR C 355 -73.81 0.77 -25.28
N ALA C 356 -73.22 1.06 -26.43
CA ALA C 356 -72.36 0.18 -27.21
C ALA C 356 -71.04 0.86 -27.47
N TRP C 357 -70.42 1.36 -26.40
CA TRP C 357 -69.19 2.13 -26.46
C TRP C 357 -68.06 1.27 -27.01
N ASN C 358 -67.26 1.86 -27.91
CA ASN C 358 -66.17 1.10 -28.51
C ASN C 358 -65.02 0.94 -27.54
N ARG C 359 -64.67 -0.31 -27.31
CA ARG C 359 -63.52 -0.71 -26.52
C ARG C 359 -62.43 -1.23 -27.44
N LYS C 360 -61.21 -0.76 -27.22
CA LYS C 360 -60.07 -1.12 -28.04
C LYS C 360 -59.08 -1.71 -27.07
N ARG C 361 -58.35 -2.75 -27.48
CA ARG C 361 -57.36 -3.29 -26.59
C ARG C 361 -55.95 -2.95 -27.01
N ILE C 362 -55.19 -2.37 -26.08
CA ILE C 362 -53.83 -1.94 -26.34
C ILE C 362 -52.96 -2.71 -25.34
N SER C 363 -51.89 -3.32 -25.84
CA SER C 363 -51.03 -4.10 -24.97
C SER C 363 -49.67 -4.16 -25.64
N ASN C 364 -48.63 -4.25 -24.80
CA ASN C 364 -47.27 -4.61 -25.21
C ASN C 364 -46.74 -3.59 -26.21
N CYS C 365 -46.68 -2.35 -25.78
CA CYS C 365 -46.35 -1.28 -26.71
C CYS C 365 -45.86 -0.09 -25.92
N VAL C 366 -45.84 1.03 -26.61
CA VAL C 366 -45.91 2.39 -26.15
C VAL C 366 -47.13 3.01 -26.82
N ALA C 367 -47.75 3.95 -26.14
CA ALA C 367 -48.92 4.66 -26.66
C ALA C 367 -48.51 6.11 -26.65
N ASP C 368 -48.44 6.69 -27.85
CA ASP C 368 -47.94 8.04 -28.08
C ASP C 368 -49.02 9.07 -28.26
N TYR C 369 -49.13 9.97 -27.29
CA TYR C 369 -50.00 11.12 -27.40
C TYR C 369 -49.33 12.26 -28.15
N SER C 370 -48.03 12.12 -28.49
CA SER C 370 -47.26 13.21 -29.07
C SER C 370 -47.61 13.48 -30.52
N VAL C 371 -47.82 12.42 -31.30
CA VAL C 371 -48.16 12.57 -32.72
C VAL C 371 -49.56 13.16 -32.86
N LEU C 372 -50.43 12.85 -31.90
CA LEU C 372 -51.75 13.45 -31.82
C LEU C 372 -51.72 14.83 -31.16
N TYR C 373 -50.66 15.13 -30.38
CA TYR C 373 -50.57 16.39 -29.67
C TYR C 373 -50.30 17.55 -30.62
N ASN C 374 -49.39 17.35 -31.59
CA ASN C 374 -49.13 18.43 -32.53
C ASN C 374 -50.19 18.52 -33.62
N SER C 375 -51.13 17.58 -33.65
CA SER C 375 -52.27 17.67 -34.54
C SER C 375 -53.16 18.82 -34.07
N ALA C 376 -53.49 19.72 -34.98
CA ALA C 376 -54.31 20.86 -34.60
C ALA C 376 -55.80 20.61 -34.77
N SER C 377 -56.20 19.38 -35.11
CA SER C 377 -57.61 19.08 -35.29
C SER C 377 -58.38 18.89 -33.99
N PHE C 378 -57.72 18.92 -32.83
CA PHE C 378 -58.42 18.69 -31.57
C PHE C 378 -58.81 20.02 -30.95
N SER C 379 -60.11 20.20 -30.72
CA SER C 379 -60.61 21.46 -30.18
C SER C 379 -60.42 21.56 -28.66
N THR C 380 -60.80 20.51 -27.94
CA THR C 380 -60.84 20.47 -26.49
C THR C 380 -60.09 19.26 -25.94
N PHE C 381 -59.39 19.45 -24.83
CA PHE C 381 -58.59 18.41 -24.20
C PHE C 381 -58.54 18.75 -22.71
N LYS C 382 -59.40 18.07 -21.95
CA LYS C 382 -59.63 18.30 -20.53
C LYS C 382 -59.44 17.02 -19.72
N CYS C 383 -58.65 17.12 -18.67
CA CYS C 383 -58.28 16.02 -17.79
C CYS C 383 -58.87 16.33 -16.43
N TYR C 384 -59.50 15.34 -15.80
CA TYR C 384 -60.22 15.58 -14.56
C TYR C 384 -59.56 14.95 -13.34
N GLY C 385 -59.28 13.65 -13.36
CA GLY C 385 -58.75 13.02 -12.17
C GLY C 385 -57.29 13.34 -11.95
N VAL C 386 -56.51 13.31 -13.04
CA VAL C 386 -55.07 13.48 -12.98
C VAL C 386 -54.64 14.65 -13.88
N SER C 387 -53.42 15.10 -13.63
CA SER C 387 -52.73 16.02 -14.54
C SER C 387 -52.47 15.34 -15.88
N PRO C 388 -52.62 16.07 -16.99
CA PRO C 388 -52.38 15.48 -18.32
C PRO C 388 -50.94 15.05 -18.55
N THR C 389 -49.97 15.77 -18.00
CA THR C 389 -48.58 15.48 -18.31
C THR C 389 -48.03 14.35 -17.44
N LYS C 390 -48.45 14.26 -16.18
CA LYS C 390 -47.79 13.33 -15.27
C LYS C 390 -48.66 12.10 -14.96
N LEU C 391 -49.66 11.80 -15.80
CA LEU C 391 -50.28 10.48 -15.76
C LEU C 391 -49.39 9.46 -16.43
N ASN C 392 -48.39 9.95 -17.16
CA ASN C 392 -47.45 9.15 -17.94
C ASN C 392 -46.48 8.38 -17.06
N ASP C 393 -45.95 9.00 -16.00
CA ASP C 393 -44.88 8.35 -15.25
C ASP C 393 -45.40 7.17 -14.46
N LEU C 394 -46.33 7.41 -13.53
CA LEU C 394 -46.92 6.24 -12.87
C LEU C 394 -47.76 5.50 -13.91
N CYS C 395 -47.80 4.18 -13.80
CA CYS C 395 -48.39 3.38 -14.87
C CYS C 395 -48.78 2.00 -14.39
N PHE C 396 -49.58 1.36 -15.22
CA PHE C 396 -50.27 0.12 -14.96
C PHE C 396 -49.89 -0.84 -16.09
N THR C 397 -50.45 -2.05 -16.06
CA THR C 397 -50.12 -3.06 -17.06
C THR C 397 -50.72 -2.80 -18.44
N ASN C 398 -51.78 -2.00 -18.54
CA ASN C 398 -52.38 -1.71 -19.84
C ASN C 398 -53.19 -0.43 -19.76
N VAL C 399 -53.49 0.12 -20.94
CA VAL C 399 -54.39 1.25 -21.09
C VAL C 399 -55.56 0.83 -21.98
N TYR C 400 -56.77 1.14 -21.55
CA TYR C 400 -58.00 0.80 -22.24
C TYR C 400 -58.69 2.09 -22.69
N ALA C 401 -58.89 2.25 -24.00
CA ALA C 401 -59.56 3.43 -24.52
C ALA C 401 -61.02 3.09 -24.84
N ASP C 402 -61.95 3.83 -24.24
CA ASP C 402 -63.39 3.64 -24.42
C ASP C 402 -64.01 4.85 -25.13
N SER C 403 -64.44 4.65 -26.37
CA SER C 403 -64.88 5.73 -27.24
C SER C 403 -66.38 5.65 -27.51
N PHE C 404 -67.04 6.83 -27.53
CA PHE C 404 -68.46 6.95 -27.84
C PHE C 404 -68.77 8.39 -28.27
N VAL C 405 -70.04 8.64 -28.58
CA VAL C 405 -70.56 9.98 -28.89
C VAL C 405 -71.76 10.25 -28.00
N ILE C 406 -71.72 11.38 -27.28
CA ILE C 406 -72.77 11.82 -26.37
C ILE C 406 -73.20 13.23 -26.76
N ARG C 407 -74.05 13.84 -25.95
CA ARG C 407 -74.44 15.23 -26.16
C ARG C 407 -73.41 16.16 -25.50
N GLY C 408 -73.48 17.44 -25.89
CA GLY C 408 -72.59 18.43 -25.32
C GLY C 408 -72.94 18.81 -23.91
N ASP C 409 -74.22 18.74 -23.54
CA ASP C 409 -74.58 19.00 -22.15
C ASP C 409 -74.23 17.83 -21.26
N GLU C 410 -74.07 16.64 -21.84
CA GLU C 410 -73.77 15.44 -21.10
C GLU C 410 -72.29 15.08 -21.12
N VAL C 411 -71.45 15.98 -21.65
CA VAL C 411 -70.00 15.80 -21.59
C VAL C 411 -69.52 15.81 -20.15
N ARG C 412 -70.18 16.61 -19.31
CA ARG C 412 -69.93 16.61 -17.88
C ARG C 412 -70.35 15.31 -17.19
N GLN C 413 -71.25 14.52 -17.79
CA GLN C 413 -71.72 13.30 -17.14
C GLN C 413 -70.64 12.24 -17.10
N ILE C 414 -69.79 12.17 -18.13
CA ILE C 414 -68.75 11.14 -18.20
C ILE C 414 -67.55 11.69 -17.42
N ALA C 415 -67.60 11.50 -16.11
CA ALA C 415 -66.63 12.05 -15.17
C ALA C 415 -66.78 11.30 -13.86
N PRO C 416 -65.74 11.26 -13.02
CA PRO C 416 -65.89 10.60 -11.71
C PRO C 416 -66.86 11.36 -10.81
N GLY C 417 -67.66 10.59 -10.07
CA GLY C 417 -68.62 11.14 -9.13
C GLY C 417 -69.71 11.98 -9.76
N GLN C 418 -70.31 11.48 -10.84
CA GLN C 418 -71.32 12.21 -11.58
C GLN C 418 -72.66 11.47 -11.55
N THR C 419 -73.74 12.25 -11.57
CA THR C 419 -75.11 11.74 -11.60
C THR C 419 -75.84 12.26 -12.82
N GLY C 420 -76.79 11.48 -13.30
CA GLY C 420 -77.56 11.84 -14.48
C GLY C 420 -78.09 10.61 -15.20
N LYS C 421 -78.74 10.89 -16.33
CA LYS C 421 -79.35 9.84 -17.16
C LYS C 421 -78.29 9.01 -17.89
N ILE C 422 -77.41 9.67 -18.65
CA ILE C 422 -76.39 8.94 -19.41
C ILE C 422 -75.31 8.39 -18.48
N ALA C 423 -74.99 9.12 -17.41
CA ALA C 423 -73.92 8.71 -16.50
C ALA C 423 -74.25 7.43 -15.72
N ASP C 424 -75.53 7.10 -15.55
CA ASP C 424 -75.91 5.93 -14.77
C ASP C 424 -76.70 4.88 -15.54
N TYR C 425 -77.08 5.14 -16.79
CA TYR C 425 -77.86 4.16 -17.54
C TYR C 425 -77.25 3.75 -18.87
N ASN C 426 -76.34 4.54 -19.43
CA ASN C 426 -75.71 4.26 -20.72
C ASN C 426 -74.22 3.96 -20.60
N TYR C 427 -73.47 4.86 -19.97
CA TYR C 427 -72.06 4.65 -19.71
C TYR C 427 -71.74 5.15 -18.31
N LYS C 428 -70.99 4.34 -17.58
CA LYS C 428 -70.63 4.59 -16.19
C LYS C 428 -69.11 4.58 -16.07
N LEU C 429 -68.59 5.56 -15.37
CA LEU C 429 -67.16 5.65 -15.08
C LEU C 429 -66.90 5.22 -13.65
N PRO C 430 -65.85 4.42 -13.43
CA PRO C 430 -65.52 4.00 -12.07
C PRO C 430 -65.06 5.16 -11.21
N ASP C 431 -65.17 4.94 -9.90
CA ASP C 431 -64.77 5.92 -8.90
C ASP C 431 -63.26 6.16 -8.92
N ASP C 432 -62.49 5.17 -9.32
CA ASP C 432 -61.04 5.33 -9.50
C ASP C 432 -60.69 5.51 -10.98
N PHE C 433 -61.47 6.29 -11.74
CA PHE C 433 -61.08 6.54 -13.12
C PHE C 433 -59.83 7.41 -13.10
N THR C 434 -58.84 7.04 -13.89
CA THR C 434 -57.58 7.74 -14.00
C THR C 434 -57.41 8.21 -15.45
N GLY C 435 -57.20 9.51 -15.68
CA GLY C 435 -57.09 9.90 -17.07
C GLY C 435 -57.71 11.16 -17.61
N CYS C 436 -58.13 11.14 -18.88
CA CYS C 436 -58.49 12.36 -19.61
C CYS C 436 -59.67 12.15 -20.55
N VAL C 437 -60.16 13.28 -21.04
CA VAL C 437 -61.26 13.41 -22.00
C VAL C 437 -60.80 14.29 -23.14
N ILE C 438 -60.87 13.76 -24.36
CA ILE C 438 -60.55 14.49 -25.58
C ILE C 438 -61.86 14.59 -26.36
N ALA C 439 -62.10 15.77 -26.95
CA ALA C 439 -63.39 16.00 -27.61
C ALA C 439 -63.25 16.84 -28.87
N TRP C 440 -63.93 16.41 -29.93
CA TRP C 440 -63.93 17.13 -31.20
C TRP C 440 -65.30 17.00 -31.85
N ASN C 441 -65.68 18.05 -32.57
CA ASN C 441 -66.99 18.17 -33.19
C ASN C 441 -67.23 17.20 -34.34
N SER C 442 -68.42 16.59 -34.37
CA SER C 442 -68.81 15.60 -35.35
C SER C 442 -70.20 15.93 -35.90
N ASN C 443 -70.46 17.22 -36.09
CA ASN C 443 -71.69 17.69 -36.70
C ASN C 443 -71.80 17.34 -38.18
N ASN C 444 -70.66 17.18 -38.86
CA ASN C 444 -70.65 16.98 -40.30
C ASN C 444 -71.08 15.60 -40.76
N LEU C 445 -70.73 14.54 -40.04
CA LEU C 445 -71.04 13.21 -40.58
C LEU C 445 -72.01 12.39 -39.75
N ASP C 446 -71.96 12.42 -38.42
CA ASP C 446 -72.83 11.53 -37.67
C ASP C 446 -74.25 12.09 -37.52
N SER C 447 -74.37 13.41 -37.44
CA SER C 447 -75.69 14.03 -37.35
C SER C 447 -76.42 13.97 -38.69
N LYS C 448 -77.72 13.67 -38.64
CA LYS C 448 -78.53 13.55 -39.84
C LYS C 448 -79.61 14.63 -39.86
N VAL C 449 -80.00 15.01 -41.09
CA VAL C 449 -80.99 16.07 -41.29
C VAL C 449 -82.36 15.62 -40.83
N GLY C 450 -82.71 14.35 -41.08
CA GLY C 450 -83.97 13.77 -40.68
C GLY C 450 -83.99 13.18 -39.29
N GLY C 451 -82.95 13.40 -38.50
CA GLY C 451 -82.91 12.86 -37.16
C GLY C 451 -82.06 11.62 -37.01
N ASN C 452 -81.07 11.70 -36.12
CA ASN C 452 -80.09 10.64 -35.90
C ASN C 452 -80.70 9.63 -34.93
N TYR C 453 -81.64 8.85 -35.47
CA TYR C 453 -82.49 8.00 -34.65
C TYR C 453 -81.89 6.64 -34.33
N ASN C 454 -80.79 6.25 -35.00
CA ASN C 454 -80.18 4.96 -34.66
C ASN C 454 -79.53 5.03 -33.29
N TYR C 455 -79.05 6.21 -32.89
CA TYR C 455 -78.55 6.38 -31.54
C TYR C 455 -79.72 6.42 -30.55
N ARG C 456 -79.60 5.66 -29.47
CA ARG C 456 -80.68 5.53 -28.50
C ARG C 456 -80.07 5.62 -27.12
N TYR C 457 -80.89 5.95 -26.14
CA TYR C 457 -80.39 6.08 -24.79
C TYR C 457 -81.32 5.41 -23.79
N ARG C 458 -80.71 4.80 -22.77
CA ARG C 458 -81.47 4.11 -21.74
C ARG C 458 -81.96 5.14 -20.75
N LEU C 459 -83.25 5.07 -20.41
CA LEU C 459 -83.83 6.11 -19.59
C LEU C 459 -84.43 5.58 -18.28
N PHE C 460 -85.09 4.43 -18.32
CA PHE C 460 -85.79 3.90 -17.15
C PHE C 460 -85.21 2.55 -16.77
N ARG C 461 -84.69 2.46 -15.54
CA ARG C 461 -84.24 1.23 -14.92
C ARG C 461 -84.20 1.44 -13.42
N LYS C 462 -84.60 0.40 -12.67
CA LYS C 462 -84.64 0.51 -11.21
C LYS C 462 -83.23 0.57 -10.64
N SER C 463 -82.31 -0.20 -11.20
CA SER C 463 -80.93 -0.27 -10.75
C SER C 463 -80.04 0.58 -11.65
N ASN C 464 -78.80 0.76 -11.20
CA ASN C 464 -77.80 1.54 -11.92
C ASN C 464 -76.89 0.62 -12.74
N LEU C 465 -75.92 1.23 -13.42
CA LEU C 465 -75.05 0.55 -14.36
C LEU C 465 -73.69 0.39 -13.70
N LYS C 466 -73.13 -0.82 -13.73
CA LYS C 466 -71.77 -1.00 -13.26
C LYS C 466 -70.78 -0.44 -14.27
N PRO C 467 -69.62 0.03 -13.82
CA PRO C 467 -68.60 0.51 -14.76
C PRO C 467 -68.06 -0.61 -15.63
N PHE C 468 -67.74 -0.24 -16.88
CA PHE C 468 -67.24 -1.14 -17.92
C PHE C 468 -68.22 -2.29 -18.19
N GLU C 469 -69.50 -1.94 -18.33
CA GLU C 469 -70.56 -2.87 -18.70
C GLU C 469 -71.23 -2.39 -19.99
N ARG C 470 -71.47 -3.31 -20.91
CA ARG C 470 -72.27 -3.04 -22.10
C ARG C 470 -73.66 -3.65 -21.93
N ASP C 471 -74.68 -2.78 -22.06
CA ASP C 471 -76.08 -3.11 -21.85
C ASP C 471 -76.80 -3.23 -23.19
N ILE C 472 -77.18 -4.46 -23.56
CA ILE C 472 -78.02 -4.66 -24.74
C ILE C 472 -79.40 -5.24 -24.32
N SER C 473 -79.78 -5.09 -23.05
CA SER C 473 -81.09 -5.61 -22.63
C SER C 473 -82.23 -4.76 -23.19
N THR C 474 -83.26 -5.43 -23.72
CA THR C 474 -84.39 -4.79 -24.37
C THR C 474 -85.70 -4.81 -23.57
N GLU C 475 -85.67 -5.05 -22.26
CA GLU C 475 -86.94 -5.15 -21.52
C GLU C 475 -87.68 -3.82 -21.43
N ILE C 476 -89.01 -3.90 -21.45
CA ILE C 476 -89.90 -2.74 -21.46
C ILE C 476 -90.20 -2.26 -20.04
N TYR C 477 -90.05 -0.95 -19.82
CA TYR C 477 -90.39 -0.37 -18.53
C TYR C 477 -91.92 -0.31 -18.36
N GLN C 478 -92.41 -0.57 -17.15
CA GLN C 478 -93.86 -0.63 -16.86
C GLN C 478 -94.10 0.44 -15.80
N ALA C 479 -94.48 1.65 -16.24
CA ALA C 479 -94.76 2.72 -15.29
C ALA C 479 -96.02 2.50 -14.44
N GLY C 480 -97.12 2.06 -15.03
CA GLY C 480 -98.29 1.68 -14.27
C GLY C 480 -98.43 0.19 -14.02
N SER C 481 -99.64 -0.19 -13.60
CA SER C 481 -99.99 -1.58 -13.35
C SER C 481 -100.80 -2.18 -14.50
N LYS C 482 -100.99 -1.42 -15.58
CA LYS C 482 -101.80 -1.87 -16.70
C LYS C 482 -100.92 -2.57 -17.72
N PRO C 483 -101.15 -3.85 -18.01
CA PRO C 483 -100.35 -4.50 -19.06
C PRO C 483 -100.75 -3.98 -20.44
N CYS C 484 -99.79 -3.96 -21.35
CA CYS C 484 -100.01 -3.50 -22.71
C CYS C 484 -99.63 -4.58 -23.71
N ASN C 485 -100.53 -4.85 -24.67
CA ASN C 485 -100.25 -5.87 -25.68
C ASN C 485 -99.57 -5.23 -26.89
N GLY C 486 -98.41 -4.64 -26.64
CA GLY C 486 -97.61 -4.06 -27.71
C GLY C 486 -98.01 -2.66 -28.13
N VAL C 487 -98.92 -2.01 -27.42
CA VAL C 487 -99.38 -0.66 -27.76
C VAL C 487 -99.08 0.30 -26.61
N GLU C 488 -98.42 1.41 -26.94
CA GLU C 488 -98.06 2.40 -25.94
C GLU C 488 -99.30 3.22 -25.54
N GLY C 489 -99.53 3.36 -24.24
CA GLY C 489 -100.75 4.02 -23.81
C GLY C 489 -100.61 4.98 -22.64
N PHE C 490 -101.62 5.00 -21.76
CA PHE C 490 -101.68 6.00 -20.71
C PHE C 490 -100.72 5.69 -19.56
N ASN C 491 -100.64 4.43 -19.14
CA ASN C 491 -99.77 4.03 -18.04
C ASN C 491 -98.69 3.07 -18.52
N CYS C 492 -98.34 3.17 -19.80
CA CYS C 492 -97.30 2.38 -20.42
C CYS C 492 -96.38 3.28 -21.23
N TYR C 493 -95.07 3.13 -21.05
CA TYR C 493 -94.14 4.00 -21.76
C TYR C 493 -92.94 3.17 -22.18
N PHE C 494 -92.30 3.61 -23.25
CA PHE C 494 -91.13 2.93 -23.78
C PHE C 494 -89.91 3.32 -22.95
N PRO C 495 -89.05 2.37 -22.55
CA PRO C 495 -87.84 2.75 -21.81
C PRO C 495 -86.82 3.48 -22.66
N LEU C 496 -86.88 3.32 -23.98
CA LEU C 496 -85.87 3.83 -24.91
C LEU C 496 -86.46 5.05 -25.59
N GLN C 497 -85.69 6.13 -25.71
CA GLN C 497 -86.16 7.27 -26.49
C GLN C 497 -85.12 7.69 -27.52
N SER C 498 -85.61 8.12 -28.68
CA SER C 498 -84.72 8.42 -29.80
C SER C 498 -84.05 9.78 -29.60
N TYR C 499 -82.79 9.87 -30.03
CA TYR C 499 -82.10 11.16 -30.06
C TYR C 499 -82.62 12.07 -31.18
N GLY C 500 -82.42 13.36 -30.98
CA GLY C 500 -82.84 14.40 -31.91
C GLY C 500 -81.67 15.21 -32.46
N PHE C 501 -80.60 14.54 -32.89
CA PHE C 501 -79.41 15.22 -33.37
C PHE C 501 -79.58 15.83 -34.75
N GLN C 502 -79.20 17.10 -34.88
CA GLN C 502 -79.11 17.82 -36.14
C GLN C 502 -77.83 18.63 -36.13
N PRO C 503 -77.36 19.09 -37.31
CA PRO C 503 -76.24 20.05 -37.33
C PRO C 503 -76.52 21.37 -36.64
N THR C 504 -77.76 21.84 -36.66
CA THR C 504 -78.17 23.10 -36.04
C THR C 504 -79.26 22.81 -35.00
N ASN C 505 -78.79 22.59 -33.77
CA ASN C 505 -79.68 22.39 -32.63
C ASN C 505 -79.31 23.17 -31.38
N GLY C 506 -78.27 23.98 -31.41
CA GLY C 506 -77.83 24.67 -30.21
C GLY C 506 -76.66 23.98 -29.54
N VAL C 507 -75.88 24.77 -28.80
CA VAL C 507 -74.70 24.23 -28.12
C VAL C 507 -75.13 23.38 -26.95
N GLY C 508 -74.57 22.17 -26.88
CA GLY C 508 -74.95 21.22 -25.86
C GLY C 508 -75.82 20.11 -26.44
N TYR C 509 -76.69 20.46 -27.38
CA TYR C 509 -77.44 19.42 -28.07
C TYR C 509 -76.64 18.83 -29.23
N GLN C 510 -75.51 19.43 -29.57
CA GLN C 510 -74.65 18.95 -30.64
C GLN C 510 -73.97 17.64 -30.23
N PRO C 511 -73.67 16.75 -31.18
CA PRO C 511 -72.92 15.55 -30.84
C PRO C 511 -71.50 15.90 -30.46
N TYR C 512 -70.96 15.14 -29.51
CA TYR C 512 -69.60 15.37 -29.00
C TYR C 512 -68.89 14.03 -28.91
N ARG C 513 -67.87 13.86 -29.74
CA ARG C 513 -67.07 12.63 -29.72
C ARG C 513 -66.15 12.65 -28.52
N VAL C 514 -66.34 11.70 -27.62
CA VAL C 514 -65.65 11.64 -26.35
C VAL C 514 -64.92 10.32 -26.25
N VAL C 515 -63.61 10.38 -26.01
CA VAL C 515 -62.83 9.20 -25.68
C VAL C 515 -62.33 9.37 -24.26
N VAL C 516 -62.61 8.38 -23.42
CA VAL C 516 -62.13 8.32 -22.04
C VAL C 516 -61.10 7.20 -21.94
N LEU C 517 -60.00 7.49 -21.25
CA LEU C 517 -58.84 6.61 -21.22
C LEU C 517 -58.87 5.92 -19.87
N SER C 518 -59.03 4.61 -19.88
CA SER C 518 -59.18 3.82 -18.65
C SER C 518 -57.97 2.95 -18.38
N PHE C 519 -57.48 3.02 -17.15
CA PHE C 519 -56.30 2.30 -16.69
C PHE C 519 -56.70 1.15 -15.78
N GLU C 520 -56.29 -0.06 -16.14
CA GLU C 520 -56.62 -1.30 -15.45
C GLU C 520 -55.31 -1.90 -14.94
N LEU C 521 -55.38 -2.63 -13.83
CA LEU C 521 -54.19 -3.03 -13.05
C LEU C 521 -54.14 -4.55 -12.86
N LEU C 522 -54.21 -5.27 -13.99
CA LEU C 522 -54.04 -6.71 -13.99
C LEU C 522 -52.62 -7.09 -13.53
N HIS C 523 -52.46 -8.34 -13.10
CA HIS C 523 -51.24 -8.86 -12.47
C HIS C 523 -50.03 -8.92 -13.40
N ALA C 524 -50.22 -8.73 -14.70
CA ALA C 524 -49.12 -8.69 -15.65
C ALA C 524 -48.25 -7.46 -15.37
N PRO C 525 -46.96 -7.50 -15.74
CA PRO C 525 -46.10 -6.32 -15.55
C PRO C 525 -46.52 -5.17 -16.44
N ALA C 526 -46.12 -3.98 -16.01
CA ALA C 526 -46.41 -2.76 -16.75
C ALA C 526 -45.67 -2.74 -18.08
N THR C 527 -46.38 -2.34 -19.14
CA THR C 527 -45.81 -2.33 -20.47
C THR C 527 -45.77 -0.94 -21.08
N VAL C 528 -46.77 -0.10 -20.80
CA VAL C 528 -46.83 1.22 -21.41
C VAL C 528 -46.91 2.25 -20.31
N CYS C 529 -46.00 3.21 -20.30
CA CYS C 529 -46.19 4.29 -19.35
C CYS C 529 -46.17 5.67 -19.97
N GLY C 530 -45.18 5.98 -20.77
CA GLY C 530 -45.14 7.23 -21.48
C GLY C 530 -44.04 7.21 -22.50
N PRO C 531 -44.25 7.80 -23.68
CA PRO C 531 -43.13 7.83 -24.65
C PRO C 531 -42.38 9.16 -24.67
N LYS C 532 -42.75 10.08 -23.76
CA LYS C 532 -42.13 11.43 -23.69
C LYS C 532 -40.60 11.33 -23.65
N LYS C 533 -39.95 11.96 -24.63
CA LYS C 533 -38.46 12.01 -24.72
C LYS C 533 -38.05 13.47 -24.44
N SER C 534 -38.67 14.05 -23.42
CA SER C 534 -38.49 15.47 -22.99
C SER C 534 -37.04 15.97 -23.13
N THR C 535 -36.90 17.11 -23.80
CA THR C 535 -35.63 17.83 -23.98
C THR C 535 -34.43 16.93 -24.36
N ASN C 536 -34.27 16.69 -25.66
CA ASN C 536 -33.14 15.88 -26.21
C ASN C 536 -31.82 16.44 -25.70
N LEU C 537 -30.69 15.91 -26.20
CA LEU C 537 -29.33 16.34 -25.76
C LEU C 537 -28.76 17.39 -26.73
N VAL C 538 -27.49 17.75 -26.54
CA VAL C 538 -26.74 18.74 -27.39
C VAL C 538 -25.28 18.29 -27.50
N LYS C 539 -24.85 17.86 -28.69
CA LYS C 539 -23.50 17.39 -28.86
C LYS C 539 -22.54 18.54 -28.59
N ASN C 540 -21.30 18.14 -28.23
CA ASN C 540 -20.20 19.05 -27.92
C ASN C 540 -20.50 19.93 -26.71
N LYS C 541 -21.18 19.34 -25.72
CA LYS C 541 -21.55 20.01 -24.49
C LYS C 541 -21.51 18.93 -23.41
N CYS C 542 -20.91 19.29 -22.28
CA CYS C 542 -20.71 18.41 -21.12
C CYS C 542 -22.03 18.11 -20.44
N VAL C 543 -22.55 16.90 -20.60
CA VAL C 543 -23.84 16.56 -20.02
C VAL C 543 -23.77 15.16 -19.41
N ASN C 544 -24.85 14.74 -18.75
CA ASN C 544 -24.99 13.36 -18.35
C ASN C 544 -26.10 12.68 -19.14
N PHE C 545 -25.93 11.39 -19.40
CA PHE C 545 -26.80 10.67 -20.30
C PHE C 545 -27.24 9.37 -19.64
N ASN C 546 -28.32 8.82 -20.17
CA ASN C 546 -28.86 7.54 -19.70
C ASN C 546 -29.20 6.72 -20.92
N PHE C 547 -28.21 6.55 -21.80
CA PHE C 547 -28.36 5.86 -23.07
C PHE C 547 -28.77 4.40 -22.93
N ASN C 548 -30.07 4.17 -23.16
CA ASN C 548 -30.75 2.87 -23.11
C ASN C 548 -30.55 2.15 -21.77
N GLY C 549 -30.71 2.92 -20.69
CA GLY C 549 -30.50 2.49 -19.32
C GLY C 549 -29.08 2.49 -18.84
N LEU C 550 -28.11 2.76 -19.70
CA LEU C 550 -26.70 2.78 -19.35
C LEU C 550 -26.38 4.24 -19.00
N THR C 551 -26.18 4.52 -17.73
CA THR C 551 -26.00 5.90 -17.28
C THR C 551 -24.51 6.23 -17.17
N GLY C 552 -24.14 7.36 -17.75
CA GLY C 552 -22.79 7.88 -17.70
C GLY C 552 -22.84 9.35 -18.07
N THR C 553 -21.80 10.07 -17.68
CA THR C 553 -21.72 11.52 -17.81
C THR C 553 -20.60 11.92 -18.77
N GLY C 554 -20.78 12.98 -19.54
CA GLY C 554 -19.66 13.43 -20.33
C GLY C 554 -19.99 14.34 -21.49
N VAL C 555 -19.00 14.51 -22.36
CA VAL C 555 -19.17 15.24 -23.61
C VAL C 555 -19.42 14.25 -24.75
N LEU C 556 -20.31 14.67 -25.65
CA LEU C 556 -20.92 13.80 -26.65
C LEU C 556 -20.58 14.35 -28.02
N THR C 557 -19.90 13.56 -28.83
CA THR C 557 -19.38 14.02 -30.11
C THR C 557 -19.82 13.03 -31.19
N GLU C 558 -19.79 13.47 -32.45
CA GLU C 558 -20.16 12.57 -33.53
C GLU C 558 -19.08 11.51 -33.73
N SER C 559 -19.54 10.28 -33.97
CA SER C 559 -18.69 9.13 -34.14
C SER C 559 -18.90 8.47 -35.50
N ASN C 560 -17.82 7.89 -36.00
CA ASN C 560 -17.80 7.18 -37.27
C ASN C 560 -17.73 5.67 -37.06
N LYS C 561 -17.86 5.20 -35.81
CA LYS C 561 -17.83 3.76 -35.57
C LYS C 561 -19.09 3.07 -36.08
N LYS C 562 -18.89 1.85 -36.54
CA LYS C 562 -19.88 1.05 -37.25
C LYS C 562 -20.37 -0.10 -36.38
N PHE C 563 -21.54 0.05 -35.76
CA PHE C 563 -22.07 -1.06 -34.98
C PHE C 563 -22.57 -2.18 -35.86
N LEU C 564 -22.23 -3.42 -35.49
CA LEU C 564 -22.89 -4.57 -36.06
C LEU C 564 -24.32 -4.63 -35.54
N PRO C 565 -25.31 -4.91 -36.41
CA PRO C 565 -26.70 -4.49 -36.15
C PRO C 565 -27.42 -5.07 -34.94
N PHE C 566 -26.76 -5.89 -34.12
CA PHE C 566 -27.33 -6.32 -32.85
C PHE C 566 -26.65 -5.71 -31.64
N GLN C 567 -25.51 -5.04 -31.82
CA GLN C 567 -24.83 -4.54 -30.64
C GLN C 567 -25.44 -3.21 -30.18
N GLN C 568 -25.26 -2.94 -28.89
CA GLN C 568 -25.98 -1.86 -28.24
C GLN C 568 -25.05 -0.83 -27.65
N PHE C 569 -23.85 -1.22 -27.23
CA PHE C 569 -22.92 -0.23 -26.74
C PHE C 569 -21.54 -0.72 -27.14
N GLY C 570 -20.64 0.24 -27.38
CA GLY C 570 -19.25 -0.06 -27.76
C GLY C 570 -18.26 0.46 -26.73
N ARG C 571 -18.16 -0.22 -25.59
CA ARG C 571 -17.23 0.19 -24.49
C ARG C 571 -15.79 0.06 -24.97
N ASP C 572 -14.91 0.95 -24.50
CA ASP C 572 -13.47 0.93 -24.88
C ASP C 572 -12.61 0.75 -23.61
N ILE C 573 -12.91 1.52 -22.56
CA ILE C 573 -12.15 1.44 -21.27
C ILE C 573 -12.98 2.12 -20.19
N ALA C 574 -14.08 1.49 -19.77
CA ALA C 574 -14.95 2.06 -18.72
C ALA C 574 -16.47 2.13 -18.98
N ASP C 575 -17.04 1.21 -19.78
CA ASP C 575 -18.51 1.04 -19.92
C ASP C 575 -19.25 2.28 -20.44
N THR C 576 -19.11 2.60 -21.73
CA THR C 576 -19.95 3.70 -22.18
C THR C 576 -20.56 3.53 -23.57
N THR C 577 -21.88 3.71 -23.59
CA THR C 577 -22.79 3.55 -24.72
C THR C 577 -22.59 4.56 -25.84
N ASP C 578 -22.54 4.11 -27.08
CA ASP C 578 -22.08 4.91 -28.21
C ASP C 578 -23.15 4.97 -29.27
N ALA C 579 -24.14 4.09 -29.24
CA ALA C 579 -25.27 4.32 -30.09
C ALA C 579 -26.49 3.82 -29.35
N VAL C 580 -27.61 4.42 -29.72
CA VAL C 580 -28.94 4.08 -29.23
C VAL C 580 -29.83 4.05 -30.43
N ARG C 581 -31.03 3.48 -30.26
CA ARG C 581 -31.88 3.22 -31.46
C ARG C 581 -33.19 4.02 -31.52
N ASP C 582 -33.14 5.34 -31.68
CA ASP C 582 -34.41 6.03 -32.00
C ASP C 582 -34.75 5.37 -33.35
N PRO C 583 -35.90 4.71 -33.57
CA PRO C 583 -36.01 3.88 -34.78
C PRO C 583 -35.91 4.68 -36.05
N GLN C 584 -36.01 6.00 -35.96
CA GLN C 584 -36.14 6.91 -37.09
C GLN C 584 -34.84 7.60 -37.51
N THR C 585 -34.04 8.22 -36.61
CA THR C 585 -32.83 8.83 -37.16
C THR C 585 -31.57 7.94 -37.20
N LEU C 586 -31.43 6.91 -36.34
CA LEU C 586 -30.33 5.92 -36.47
C LEU C 586 -28.91 6.52 -36.39
N GLU C 587 -28.49 7.07 -35.24
CA GLU C 587 -27.07 7.41 -35.19
C GLU C 587 -26.28 7.06 -33.94
N ILE C 588 -24.99 6.79 -34.22
CA ILE C 588 -23.93 6.43 -33.28
C ILE C 588 -23.27 7.73 -32.81
N LEU C 589 -23.18 7.94 -31.50
CA LEU C 589 -22.47 9.11 -30.99
C LEU C 589 -21.31 8.78 -30.04
N ASP C 590 -20.20 9.51 -30.14
CA ASP C 590 -19.06 9.20 -29.28
C ASP C 590 -19.07 10.00 -27.98
N ILE C 591 -18.45 9.42 -26.94
CA ILE C 591 -18.54 9.87 -25.55
C ILE C 591 -17.19 9.96 -24.85
N THR C 592 -16.91 11.13 -24.27
CA THR C 592 -15.76 11.35 -23.41
C THR C 592 -16.32 11.95 -22.13
N PRO C 593 -16.05 11.35 -20.96
CA PRO C 593 -16.45 11.95 -19.67
C PRO C 593 -15.76 13.28 -19.45
N CYS C 594 -16.55 14.32 -19.27
CA CYS C 594 -16.11 15.67 -19.61
C CYS C 594 -15.06 16.21 -18.67
N SER C 595 -14.28 17.14 -19.22
CA SER C 595 -12.91 17.37 -18.80
C SER C 595 -12.82 18.00 -17.42
N PHE C 596 -11.68 17.78 -16.78
CA PHE C 596 -11.46 18.18 -15.41
C PHE C 596 -9.97 18.43 -15.22
N GLY C 597 -9.60 18.87 -14.03
CA GLY C 597 -8.20 19.14 -13.77
C GLY C 597 -8.04 19.71 -12.39
N GLY C 598 -6.79 20.04 -12.07
CA GLY C 598 -6.50 20.86 -10.92
C GLY C 598 -6.65 22.32 -11.28
N VAL C 599 -6.47 23.17 -10.29
CA VAL C 599 -6.23 24.58 -10.52
C VAL C 599 -4.81 24.89 -10.09
N SER C 600 -4.27 25.96 -10.64
CA SER C 600 -2.92 26.38 -10.27
C SER C 600 -2.88 27.90 -10.21
N VAL C 601 -2.02 28.43 -9.36
CA VAL C 601 -1.94 29.87 -9.12
C VAL C 601 -0.57 30.36 -9.55
N ILE C 602 -0.56 31.39 -10.37
CA ILE C 602 0.67 32.10 -10.68
C ILE C 602 0.61 33.40 -9.88
N THR C 603 1.40 33.52 -8.83
CA THR C 603 1.42 34.76 -8.08
C THR C 603 2.87 35.21 -7.92
N PRO C 604 3.17 36.48 -8.15
CA PRO C 604 4.57 36.93 -8.16
C PRO C 604 5.13 37.35 -6.82
N GLY C 605 4.48 37.02 -5.71
CA GLY C 605 5.04 37.34 -4.39
C GLY C 605 4.20 38.30 -3.56
N THR C 606 4.00 37.92 -2.30
CA THR C 606 3.28 38.78 -1.37
C THR C 606 4.02 40.07 -1.11
N ASN C 607 5.35 40.01 -1.05
CA ASN C 607 6.13 41.21 -0.80
C ASN C 607 6.17 42.15 -2.00
N THR C 608 5.76 41.68 -3.18
CA THR C 608 5.65 42.55 -4.35
C THR C 608 4.20 42.97 -4.60
N SER C 609 3.28 42.03 -4.72
CA SER C 609 1.93 42.43 -5.10
C SER C 609 0.91 41.52 -4.43
N ASN C 610 -0.32 41.53 -4.95
CA ASN C 610 -1.40 40.74 -4.38
C ASN C 610 -2.35 40.21 -5.45
N GLN C 611 -2.05 40.36 -6.74
CA GLN C 611 -2.88 39.86 -7.82
C GLN C 611 -2.28 38.61 -8.44
N VAL C 612 -3.16 37.75 -8.98
CA VAL C 612 -2.84 36.36 -9.29
C VAL C 612 -3.18 36.02 -10.74
N ALA C 613 -2.68 34.87 -11.20
CA ALA C 613 -3.20 34.21 -12.39
C ALA C 613 -3.62 32.79 -12.03
N VAL C 614 -4.75 32.35 -12.58
CA VAL C 614 -5.37 31.07 -12.25
C VAL C 614 -5.43 30.21 -13.50
N LEU C 615 -4.83 29.03 -13.45
CA LEU C 615 -4.84 28.10 -14.58
C LEU C 615 -5.67 26.88 -14.24
N TYR C 616 -6.77 26.66 -14.98
CA TYR C 616 -7.58 25.47 -14.83
C TYR C 616 -7.05 24.41 -15.78
N GLN C 617 -6.77 23.21 -15.29
CA GLN C 617 -6.00 22.25 -16.07
C GLN C 617 -6.90 21.44 -17.00
N GLY C 618 -6.58 21.49 -18.29
CA GLY C 618 -7.18 20.62 -19.29
C GLY C 618 -8.62 20.86 -19.66
N VAL C 619 -9.07 22.11 -19.71
CA VAL C 619 -10.46 22.42 -20.07
C VAL C 619 -10.49 23.54 -21.08
N ASN C 620 -11.19 23.33 -22.18
CA ASN C 620 -11.33 24.38 -23.17
C ASN C 620 -12.15 25.51 -22.55
N CYS C 621 -11.93 26.74 -23.04
CA CYS C 621 -12.70 27.89 -22.55
C CYS C 621 -14.11 27.95 -23.15
N THR C 622 -14.88 26.93 -22.86
CA THR C 622 -16.31 26.84 -23.13
C THR C 622 -17.08 26.48 -21.87
N GLU C 623 -16.50 25.65 -21.01
CA GLU C 623 -17.05 25.30 -19.71
C GLU C 623 -16.11 25.89 -18.66
N VAL C 624 -16.31 27.17 -18.38
CA VAL C 624 -15.49 27.88 -17.40
C VAL C 624 -15.79 27.50 -15.95
N PRO C 625 -17.06 27.22 -15.51
CA PRO C 625 -17.04 26.98 -14.06
C PRO C 625 -16.78 25.52 -13.70
N VAL C 639 -17.68 36.28 -8.69
CA VAL C 639 -17.19 37.20 -9.71
C VAL C 639 -16.44 36.37 -10.74
N TYR C 640 -15.98 35.18 -10.35
CA TYR C 640 -15.14 34.35 -11.22
C TYR C 640 -15.97 33.57 -12.25
N SER C 641 -16.70 34.34 -13.06
CA SER C 641 -17.32 33.86 -14.28
C SER C 641 -16.56 34.36 -15.50
N THR C 642 -16.15 35.64 -15.46
CA THR C 642 -15.19 36.22 -16.38
C THR C 642 -13.91 36.62 -15.68
N GLY C 643 -13.99 37.40 -14.60
CA GLY C 643 -12.78 37.95 -14.02
C GLY C 643 -12.21 38.96 -15.00
N SER C 644 -10.95 38.78 -15.37
CA SER C 644 -10.35 39.54 -16.45
C SER C 644 -10.68 38.85 -17.77
N ASN C 645 -9.99 39.23 -18.84
CA ASN C 645 -10.14 38.49 -20.08
C ASN C 645 -9.56 37.10 -19.90
N VAL C 646 -10.27 36.12 -20.42
CA VAL C 646 -9.96 34.71 -20.19
C VAL C 646 -9.23 34.18 -21.41
N PHE C 647 -8.11 33.54 -21.16
CA PHE C 647 -7.22 33.05 -22.21
C PHE C 647 -7.25 31.54 -22.21
N GLN C 648 -7.09 30.96 -23.40
CA GLN C 648 -7.24 29.54 -23.64
C GLN C 648 -5.89 28.95 -23.99
N THR C 649 -5.51 27.91 -23.26
CA THR C 649 -4.22 27.27 -23.42
C THR C 649 -4.48 25.85 -23.88
N ARG C 650 -3.46 25.21 -24.41
CA ARG C 650 -3.59 23.79 -24.71
C ARG C 650 -3.77 22.97 -23.42
N ALA C 651 -3.26 23.46 -22.29
CA ALA C 651 -3.46 22.85 -20.99
C ALA C 651 -4.70 23.34 -20.26
N GLY C 652 -5.41 24.31 -20.80
CA GLY C 652 -6.65 24.72 -20.16
C GLY C 652 -6.96 26.19 -20.41
N CYS C 653 -7.35 26.88 -19.33
CA CYS C 653 -7.80 28.26 -19.38
C CYS C 653 -7.15 29.06 -18.28
N LEU C 654 -7.02 30.36 -18.55
CA LEU C 654 -6.22 31.26 -17.74
C LEU C 654 -7.07 32.47 -17.40
N ILE C 655 -7.36 32.64 -16.11
CA ILE C 655 -8.32 33.62 -15.62
C ILE C 655 -7.58 34.59 -14.71
N GLY C 656 -7.64 35.86 -15.04
CA GLY C 656 -6.84 36.86 -14.39
C GLY C 656 -5.52 37.08 -15.10
N ALA C 657 -5.49 36.90 -16.41
CA ALA C 657 -4.26 37.14 -17.14
C ALA C 657 -4.60 37.63 -18.53
N GLU C 658 -4.00 38.75 -18.92
CA GLU C 658 -4.06 39.21 -20.30
C GLU C 658 -2.91 38.58 -21.06
N HIS C 659 -3.21 37.91 -22.15
CA HIS C 659 -2.16 37.24 -22.89
C HIS C 659 -1.55 38.17 -23.90
N VAL C 660 -0.24 38.27 -23.90
CA VAL C 660 0.44 39.15 -24.81
C VAL C 660 1.06 38.34 -25.92
N ASN C 661 1.44 39.03 -26.99
CA ASN C 661 2.12 38.45 -28.14
C ASN C 661 3.62 38.47 -27.96
N ASN C 662 4.11 38.88 -26.79
CA ASN C 662 5.54 38.96 -26.56
C ASN C 662 6.06 37.55 -26.32
N SER C 663 7.38 37.44 -26.13
CA SER C 663 7.93 36.23 -25.54
C SER C 663 9.26 36.64 -24.95
N TYR C 664 9.32 36.71 -23.62
CA TYR C 664 10.57 36.95 -22.90
C TYR C 664 11.10 35.62 -22.42
N GLU C 665 12.28 35.66 -21.80
CA GLU C 665 12.73 34.50 -21.05
C GLU C 665 11.82 34.31 -19.85
N CYS C 666 11.51 33.06 -19.55
CA CYS C 666 10.43 32.77 -18.64
C CYS C 666 10.77 33.08 -17.20
N ASP C 667 9.76 33.57 -16.47
CA ASP C 667 9.84 33.81 -15.03
C ASP C 667 9.23 32.66 -14.24
N ILE C 668 7.97 32.35 -14.50
CA ILE C 668 7.23 31.32 -13.78
C ILE C 668 6.63 30.34 -14.77
N PRO C 669 7.21 29.15 -14.95
CA PRO C 669 6.60 28.15 -15.83
C PRO C 669 5.21 27.72 -15.40
N ILE C 670 4.35 27.46 -16.39
CA ILE C 670 2.95 27.11 -16.13
C ILE C 670 2.59 25.76 -16.72
N GLY C 671 2.71 25.59 -18.02
CA GLY C 671 2.30 24.37 -18.68
C GLY C 671 1.87 24.62 -20.10
N ALA C 672 1.84 23.53 -20.89
CA ALA C 672 1.63 23.55 -22.34
C ALA C 672 2.54 24.52 -23.08
N GLY C 673 3.74 24.76 -22.57
CA GLY C 673 4.64 25.71 -23.18
C GLY C 673 4.35 27.17 -22.91
N ILE C 674 3.39 27.52 -22.06
CA ILE C 674 3.15 28.93 -21.79
C ILE C 674 3.57 29.18 -20.35
N CYS C 675 3.89 30.44 -20.06
CA CYS C 675 4.40 30.79 -18.75
C CYS C 675 4.20 32.28 -18.56
N ALA C 676 4.25 32.72 -17.31
CA ALA C 676 3.80 34.05 -16.95
C ALA C 676 4.93 34.90 -16.39
N SER C 677 4.55 36.11 -16.00
CA SER C 677 5.39 37.10 -15.32
C SER C 677 4.45 38.15 -14.73
N TYR C 678 5.02 39.11 -14.03
CA TYR C 678 4.25 40.21 -13.45
C TYR C 678 4.50 41.51 -14.21
N GLN C 679 3.46 42.32 -14.32
CA GLN C 679 3.53 43.65 -14.93
C GLN C 679 4.48 44.58 -14.16
N SER C 695 -0.91 44.32 -13.57
CA SER C 695 -1.66 43.19 -14.11
C SER C 695 -0.75 41.97 -14.25
N ILE C 696 -1.25 40.91 -14.86
CA ILE C 696 -0.53 39.63 -14.91
C ILE C 696 -0.40 39.22 -16.36
N ILE C 697 0.82 38.97 -16.82
CA ILE C 697 1.05 38.73 -18.24
C ILE C 697 1.52 37.30 -18.41
N ALA C 698 0.71 36.48 -19.06
CA ALA C 698 1.09 35.14 -19.45
C ALA C 698 1.34 35.11 -20.95
N TYR C 699 2.44 34.51 -21.36
CA TYR C 699 2.81 34.49 -22.75
C TYR C 699 3.37 33.11 -23.04
N THR C 700 3.99 32.93 -24.20
CA THR C 700 4.57 31.63 -24.52
C THR C 700 6.07 31.74 -24.31
N MET C 701 6.64 30.67 -23.73
CA MET C 701 8.02 30.70 -23.26
C MET C 701 9.00 30.96 -24.40
N SER C 702 10.12 31.58 -24.07
CA SER C 702 11.16 31.88 -25.05
C SER C 702 12.46 31.24 -24.64
N LEU C 703 13.02 30.45 -25.53
CA LEU C 703 14.42 30.07 -25.39
C LEU C 703 15.38 31.25 -25.58
N GLY C 704 14.92 32.36 -26.14
CA GLY C 704 15.78 33.47 -26.50
C GLY C 704 15.52 33.86 -27.93
N ALA C 705 16.42 34.66 -28.49
CA ALA C 705 16.41 34.97 -29.90
C ALA C 705 17.08 33.90 -30.76
N GLU C 706 16.57 33.75 -31.97
CA GLU C 706 17.11 32.85 -32.97
C GLU C 706 18.15 33.61 -33.77
N ASN C 707 19.34 33.04 -33.91
CA ASN C 707 20.40 33.71 -34.64
C ASN C 707 21.32 32.70 -35.32
N SER C 708 21.86 33.09 -36.45
CA SER C 708 22.70 32.20 -37.22
C SER C 708 24.15 32.61 -37.13
N VAL C 709 24.99 31.74 -36.56
CA VAL C 709 26.42 32.04 -36.54
C VAL C 709 26.98 31.94 -37.96
N ALA C 710 27.86 32.88 -38.29
CA ALA C 710 28.48 32.96 -39.60
C ALA C 710 29.51 31.87 -39.85
N TYR C 711 29.35 31.17 -40.96
CA TYR C 711 30.38 30.41 -41.64
C TYR C 711 30.40 30.87 -43.09
N SER C 712 31.59 31.02 -43.64
CA SER C 712 31.76 31.11 -45.08
C SER C 712 33.05 30.40 -45.42
N ASN C 713 33.22 30.07 -46.71
CA ASN C 713 34.43 29.36 -47.11
C ASN C 713 35.70 30.19 -47.02
N ASN C 714 35.60 31.52 -46.81
CA ASN C 714 36.75 32.42 -46.96
C ASN C 714 36.79 33.54 -45.91
N SER C 715 36.57 33.22 -44.63
CA SER C 715 36.59 34.25 -43.60
C SER C 715 37.05 33.65 -42.27
N ILE C 716 37.64 34.49 -41.42
CA ILE C 716 37.92 34.16 -40.04
C ILE C 716 37.65 35.39 -39.17
N ALA C 717 37.21 35.18 -37.94
CA ALA C 717 36.95 36.27 -37.01
C ALA C 717 37.67 36.01 -35.71
N ILE C 718 38.74 36.76 -35.46
CA ILE C 718 39.77 36.37 -34.50
C ILE C 718 39.29 37.02 -33.21
N PRO C 719 39.55 36.43 -32.03
CA PRO C 719 39.21 37.15 -30.80
C PRO C 719 40.11 38.36 -30.67
N THR C 720 39.48 39.52 -30.54
CA THR C 720 40.16 40.75 -30.17
C THR C 720 39.78 41.15 -28.76
N ASN C 721 38.92 40.37 -28.13
CA ASN C 721 38.66 40.49 -26.72
C ASN C 721 38.50 39.08 -26.18
N PHE C 722 38.00 38.98 -24.95
CA PHE C 722 37.91 37.72 -24.25
C PHE C 722 36.72 37.78 -23.32
N THR C 723 36.10 36.64 -23.08
CA THR C 723 35.04 36.55 -22.09
C THR C 723 35.57 35.67 -20.97
N ILE C 724 35.54 36.18 -19.76
CA ILE C 724 35.83 35.34 -18.62
C ILE C 724 34.65 35.49 -17.69
N SER C 725 34.07 34.36 -17.33
CA SER C 725 32.93 34.27 -16.46
C SER C 725 33.25 33.40 -15.27
N VAL C 726 32.74 33.74 -14.10
CA VAL C 726 32.89 32.91 -12.93
C VAL C 726 31.50 32.76 -12.33
N THR C 727 31.16 31.54 -11.91
CA THR C 727 29.81 31.15 -11.53
C THR C 727 29.90 30.49 -10.16
N THR C 728 28.78 30.09 -9.61
CA THR C 728 28.76 29.38 -8.35
C THR C 728 27.74 28.27 -8.43
N GLU C 729 28.12 27.08 -7.99
CA GLU C 729 27.22 25.95 -8.02
C GLU C 729 27.24 25.28 -6.67
N ILE C 730 26.21 24.50 -6.40
CA ILE C 730 26.01 23.93 -5.10
C ILE C 730 25.65 22.47 -5.30
N LEU C 731 26.21 21.60 -4.45
CA LEU C 731 25.79 20.22 -4.40
C LEU C 731 25.59 19.98 -2.90
N PRO C 732 24.50 19.37 -2.46
CA PRO C 732 24.49 18.89 -1.09
C PRO C 732 25.43 17.69 -1.03
N VAL C 733 26.10 17.52 0.11
CA VAL C 733 27.07 16.44 0.28
C VAL C 733 26.69 15.52 1.40
N SER C 734 25.72 15.89 2.19
CA SER C 734 25.27 15.10 3.31
C SER C 734 23.85 15.52 3.55
N MET C 735 23.27 15.00 4.60
CA MET C 735 22.20 15.67 5.28
C MET C 735 22.60 15.76 6.73
N THR C 736 21.77 16.39 7.54
CA THR C 736 22.02 16.32 8.96
C THR C 736 21.77 14.89 9.38
N LYS C 737 22.68 14.35 10.20
CA LYS C 737 22.54 12.95 10.56
C LYS C 737 21.39 12.83 11.53
N THR C 738 20.34 12.18 11.11
CA THR C 738 19.28 11.90 12.03
C THR C 738 19.30 10.41 12.31
N SER C 739 18.65 10.08 13.40
CA SER C 739 18.43 8.70 13.77
C SER C 739 17.07 8.67 14.42
N VAL C 740 16.37 7.57 14.20
CA VAL C 740 15.08 7.35 14.79
C VAL C 740 15.19 6.01 15.48
N ASP C 741 15.05 6.02 16.78
CA ASP C 741 15.08 4.77 17.48
C ASP C 741 13.67 4.26 17.50
N CYS C 742 13.54 2.95 17.39
CA CYS C 742 12.23 2.36 17.20
C CYS C 742 11.35 2.50 18.43
N THR C 743 11.92 2.30 19.61
CA THR C 743 11.09 2.25 20.79
C THR C 743 10.89 3.61 21.44
N MET C 744 11.61 4.62 21.03
CA MET C 744 11.24 5.93 21.51
C MET C 744 10.37 6.66 20.51
N TYR C 745 10.52 6.42 19.22
CA TYR C 745 9.63 7.09 18.28
C TYR C 745 8.28 6.39 18.23
N ILE C 746 8.25 5.15 17.75
CA ILE C 746 6.94 4.55 17.53
C ILE C 746 6.34 4.05 18.82
N CYS C 747 7.12 3.97 19.89
CA CYS C 747 6.57 3.58 21.18
C CYS C 747 6.71 4.70 22.21
N GLY C 748 7.93 5.13 22.50
CA GLY C 748 8.09 6.16 23.51
C GLY C 748 7.86 5.66 24.91
N ASP C 749 8.75 4.76 25.36
CA ASP C 749 8.83 4.31 26.76
C ASP C 749 7.53 3.65 27.19
N SER C 750 7.25 2.52 26.56
CA SER C 750 6.03 1.79 26.85
C SER C 750 6.33 0.30 26.73
N THR C 751 6.22 -0.40 27.87
CA THR C 751 6.60 -1.81 27.92
C THR C 751 5.70 -2.66 27.05
N GLU C 752 4.41 -2.31 27.00
CA GLU C 752 3.50 -2.95 26.06
C GLU C 752 3.89 -2.69 24.62
N CYS C 753 4.37 -1.47 24.33
CA CYS C 753 4.71 -1.16 22.95
C CYS C 753 6.01 -1.83 22.51
N SER C 754 7.00 -1.94 23.39
CA SER C 754 8.22 -2.65 23.03
C SER C 754 7.95 -4.14 22.85
N ASN C 755 7.10 -4.72 23.70
CA ASN C 755 6.69 -6.11 23.53
C ASN C 755 5.88 -6.33 22.26
N LEU C 756 4.99 -5.39 21.94
CA LEU C 756 4.18 -5.52 20.74
C LEU C 756 4.99 -5.37 19.47
N LEU C 757 6.03 -4.55 19.51
CA LEU C 757 6.82 -4.33 18.32
C LEU C 757 7.84 -5.45 18.08
N LEU C 758 8.41 -6.02 19.14
CA LEU C 758 9.38 -7.09 18.90
C LEU C 758 8.73 -8.34 18.31
N GLN C 759 7.43 -8.53 18.49
CA GLN C 759 6.74 -9.56 17.76
C GLN C 759 6.12 -9.04 16.46
N TYR C 760 6.45 -7.80 16.07
CA TYR C 760 6.26 -7.28 14.72
C TYR C 760 7.51 -7.48 13.88
N GLY C 761 8.34 -8.42 14.26
CA GLY C 761 9.51 -8.73 13.50
C GLY C 761 10.61 -7.75 13.74
N SER C 762 11.68 -7.97 12.99
CA SER C 762 12.83 -7.10 12.98
C SER C 762 12.69 -6.06 11.87
N PHE C 763 11.58 -5.32 11.91
CA PHE C 763 11.55 -4.13 11.08
C PHE C 763 12.51 -3.09 11.60
N CYS C 764 12.21 -2.58 12.81
CA CYS C 764 13.00 -1.57 13.51
C CYS C 764 14.48 -1.88 13.51
N THR C 765 14.82 -3.12 13.84
CA THR C 765 16.21 -3.55 13.85
C THR C 765 16.87 -3.25 12.50
N GLN C 766 16.17 -3.50 11.39
CA GLN C 766 16.72 -3.08 10.10
C GLN C 766 16.64 -1.58 9.93
N LEU C 767 15.58 -0.95 10.44
CA LEU C 767 15.44 0.50 10.34
C LEU C 767 16.48 1.21 11.17
N ASN C 768 16.73 0.71 12.38
CA ASN C 768 17.86 1.24 13.12
C ASN C 768 19.14 0.94 12.37
N ARG C 769 19.24 -0.25 11.76
CA ARG C 769 20.42 -0.57 10.98
C ARG C 769 20.46 0.28 9.71
N ALA C 770 19.30 0.59 9.13
CA ALA C 770 19.34 1.43 7.94
C ALA C 770 19.68 2.86 8.28
N LEU C 771 19.07 3.40 9.34
CA LEU C 771 19.31 4.79 9.71
C LEU C 771 20.67 4.96 10.35
N THR C 772 21.12 4.00 11.16
CA THR C 772 22.50 4.09 11.62
C THR C 772 23.43 3.79 10.47
N GLY C 773 23.01 2.90 9.57
CA GLY C 773 23.73 2.73 8.34
C GLY C 773 23.70 3.98 7.51
N ILE C 774 22.56 4.70 7.52
CA ILE C 774 22.55 6.05 6.96
C ILE C 774 23.50 6.93 7.74
N ALA C 775 23.48 6.80 9.07
CA ALA C 775 24.28 7.68 9.91
C ALA C 775 25.76 7.44 9.70
N VAL C 776 26.19 6.19 9.72
CA VAL C 776 27.61 5.92 9.49
C VAL C 776 27.97 6.24 8.05
N GLU C 777 27.02 6.14 7.12
CA GLU C 777 27.38 6.48 5.77
C GLU C 777 27.39 7.98 5.58
N GLN C 778 26.63 8.74 6.40
CA GLN C 778 26.78 10.20 6.36
C GLN C 778 28.14 10.61 6.88
N ASP C 779 28.60 9.95 7.93
CA ASP C 779 29.98 10.15 8.37
C ASP C 779 30.92 9.70 7.28
N LYS C 780 30.60 8.57 6.64
CA LYS C 780 31.36 8.13 5.49
C LYS C 780 31.23 9.12 4.33
N ASN C 781 30.04 9.71 4.17
CA ASN C 781 29.82 10.71 3.12
C ASN C 781 30.73 11.90 3.32
N THR C 782 30.72 12.43 4.54
CA THR C 782 31.45 13.65 4.86
C THR C 782 32.95 13.44 4.73
N GLN C 783 33.43 12.30 5.20
CA GLN C 783 34.85 11.98 5.06
C GLN C 783 35.21 11.75 3.61
N GLU C 784 34.28 11.20 2.82
CA GLU C 784 34.53 10.99 1.40
C GLU C 784 34.65 12.31 0.67
N VAL C 785 33.70 13.22 0.91
CA VAL C 785 33.69 14.46 0.15
C VAL C 785 34.77 15.42 0.62
N PHE C 786 35.21 15.34 1.88
CA PHE C 786 36.11 16.33 2.45
C PHE C 786 37.53 15.83 2.65
N ALA C 787 37.76 14.57 3.06
CA ALA C 787 39.12 14.05 3.20
C ALA C 787 39.56 13.47 1.87
N GLN C 788 40.01 14.35 0.98
CA GLN C 788 40.51 13.99 -0.33
C GLN C 788 42.03 13.86 -0.38
N VAL C 789 42.72 14.64 0.43
CA VAL C 789 44.17 14.59 0.50
C VAL C 789 44.56 14.03 1.87
N LYS C 790 45.84 13.71 2.02
CA LYS C 790 46.32 12.89 3.12
C LYS C 790 46.73 13.71 4.35
N GLN C 791 47.21 14.93 4.17
CA GLN C 791 47.59 15.81 5.27
C GLN C 791 47.11 17.22 4.98
N ILE C 792 47.13 18.06 6.01
CA ILE C 792 46.75 19.46 5.87
C ILE C 792 47.94 20.14 5.22
N TYR C 793 47.99 20.16 3.90
CA TYR C 793 48.99 20.98 3.22
C TYR C 793 48.64 22.45 3.44
N LYS C 794 49.64 23.32 3.39
CA LYS C 794 49.39 24.75 3.57
C LYS C 794 50.29 25.56 2.64
N THR C 795 49.80 26.68 2.13
CA THR C 795 50.76 27.54 1.46
C THR C 795 51.46 28.40 2.53
N PRO C 796 52.69 28.86 2.30
CA PRO C 796 53.31 29.78 3.26
C PRO C 796 52.58 31.11 3.28
N PRO C 797 52.40 31.73 4.46
CA PRO C 797 51.41 32.83 4.60
C PRO C 797 51.74 34.09 3.81
N ILE C 798 52.97 34.25 3.31
CA ILE C 798 53.29 35.37 2.45
C ILE C 798 52.70 35.10 1.06
N LYS C 799 52.18 36.16 0.43
CA LYS C 799 51.40 36.03 -0.80
C LYS C 799 52.20 36.86 -1.80
N ASP C 800 53.10 36.22 -2.56
CA ASP C 800 53.92 36.91 -3.55
C ASP C 800 54.11 36.11 -4.84
N PHE C 801 53.26 36.38 -5.85
CA PHE C 801 53.41 35.79 -7.18
C PHE C 801 53.82 36.78 -8.26
N GLY C 802 53.61 38.08 -8.05
CA GLY C 802 53.58 39.04 -9.14
C GLY C 802 52.38 39.96 -9.10
N GLY C 803 51.73 40.05 -7.95
CA GLY C 803 50.64 41.01 -7.80
C GLY C 803 49.25 40.44 -7.95
N PHE C 804 48.97 39.36 -7.22
CA PHE C 804 47.73 38.60 -7.37
C PHE C 804 46.87 38.78 -6.13
N ASN C 805 45.57 38.95 -6.34
CA ASN C 805 44.69 39.27 -5.24
C ASN C 805 43.57 38.25 -5.25
N PHE C 806 43.39 37.61 -4.09
CA PHE C 806 42.37 36.57 -3.81
C PHE C 806 42.36 36.35 -2.29
N SER C 807 42.18 37.46 -1.56
CA SER C 807 42.24 37.51 -0.07
C SER C 807 41.26 36.55 0.62
N GLN C 808 40.21 36.06 -0.05
CA GLN C 808 39.31 35.20 0.69
C GLN C 808 39.39 33.74 0.28
N ILE C 809 40.27 33.36 -0.65
CA ILE C 809 40.37 31.95 -0.98
C ILE C 809 41.43 31.27 -0.13
N LEU C 810 42.36 32.01 0.38
CA LEU C 810 43.02 31.36 1.49
C LEU C 810 42.50 31.98 2.77
N PRO C 811 41.99 31.20 3.72
CA PRO C 811 41.31 31.78 4.87
C PRO C 811 42.31 32.42 5.82
N ASP C 812 41.79 33.19 6.77
CA ASP C 812 42.61 34.11 7.53
C ASP C 812 43.00 33.47 8.86
N PRO C 813 44.26 33.08 9.05
CA PRO C 813 44.64 32.40 10.31
C PRO C 813 44.64 33.31 11.52
N SER C 814 44.54 34.63 11.36
CA SER C 814 44.32 35.51 12.50
C SER C 814 42.94 35.27 13.11
N LYS C 815 41.96 34.95 12.27
CA LYS C 815 40.67 34.53 12.80
C LYS C 815 40.79 33.16 13.45
N PRO C 816 40.20 32.96 14.63
CA PRO C 816 40.21 31.64 15.23
C PRO C 816 39.34 30.64 14.47
N SER C 817 38.41 31.14 13.66
CA SER C 817 37.53 30.28 12.88
C SER C 817 38.28 29.51 11.79
N LYS C 818 39.39 30.08 11.29
CA LYS C 818 40.20 29.54 10.19
C LYS C 818 39.38 29.28 8.94
N ARG C 819 38.32 30.05 8.75
CA ARG C 819 37.44 29.92 7.60
C ARG C 819 37.44 31.21 6.81
N SER C 820 36.88 31.17 5.61
CA SER C 820 36.74 32.39 4.83
C SER C 820 35.46 33.12 5.25
N PHE C 821 35.34 34.37 4.79
CA PHE C 821 34.20 35.19 5.18
C PHE C 821 32.89 34.66 4.65
N ILE C 822 32.90 34.09 3.45
CA ILE C 822 31.68 33.60 2.85
C ILE C 822 31.04 32.51 3.68
N GLU C 823 31.88 31.69 4.33
CA GLU C 823 31.40 30.64 5.22
C GLU C 823 30.63 31.21 6.41
N ASP C 824 31.09 32.36 6.92
CA ASP C 824 30.40 33.03 8.02
C ASP C 824 28.98 33.43 7.61
N LEU C 825 28.85 34.04 6.44
CA LEU C 825 27.53 34.39 5.92
C LEU C 825 26.74 33.15 5.55
N LEU C 826 27.44 32.11 5.10
CA LEU C 826 26.82 30.83 4.78
C LEU C 826 26.17 30.22 6.01
N PHE C 827 26.88 30.24 7.14
CA PHE C 827 26.37 29.70 8.38
C PHE C 827 25.13 30.47 8.85
N ASN C 828 25.12 31.79 8.68
CA ASN C 828 23.96 32.57 9.10
C ASN C 828 22.78 32.47 8.14
N LYS C 829 23.04 32.30 6.84
CA LYS C 829 21.98 32.49 5.84
C LYS C 829 20.96 31.37 5.88
N VAL C 830 21.41 30.14 6.09
CA VAL C 830 20.52 29.00 6.14
C VAL C 830 19.74 28.98 7.45
N THR C 831 18.47 28.65 7.36
CA THR C 831 17.63 28.48 8.54
C THR C 831 16.87 27.15 8.46
N PHE C 859 11.08 16.74 21.54
CA PHE C 859 11.13 15.66 20.57
C PHE C 859 10.92 14.29 21.20
N ASN C 860 10.50 13.31 20.38
CA ASN C 860 10.10 11.99 20.87
C ASN C 860 10.98 10.92 20.26
N GLY C 861 12.28 11.09 20.33
CA GLY C 861 13.21 10.11 19.83
C GLY C 861 13.87 10.48 18.52
N LEU C 862 13.51 11.62 17.93
CA LEU C 862 14.08 12.01 16.65
C LEU C 862 15.44 12.67 16.86
N THR C 863 16.35 11.86 17.40
CA THR C 863 17.64 12.37 17.81
C THR C 863 18.47 12.82 16.64
N VAL C 864 19.38 13.73 16.91
CA VAL C 864 20.35 14.16 15.94
C VAL C 864 21.67 13.69 16.47
N LEU C 865 22.33 12.97 15.71
CA LEU C 865 23.64 12.67 16.20
C LEU C 865 24.64 13.55 15.48
N PRO C 866 25.53 14.20 16.22
CA PRO C 866 26.42 15.17 15.62
C PRO C 866 27.40 14.48 14.68
N PRO C 867 27.91 15.20 13.69
CA PRO C 867 28.85 14.58 12.77
C PRO C 867 30.16 14.32 13.47
N LEU C 868 30.78 13.17 13.17
CA LEU C 868 32.10 12.89 13.74
C LEU C 868 33.08 13.91 13.24
N LEU C 869 33.12 14.12 11.94
CA LEU C 869 33.95 15.19 11.39
C LEU C 869 33.15 16.43 11.74
N THR C 870 33.39 17.01 12.92
CA THR C 870 32.54 18.13 13.30
C THR C 870 33.07 19.38 12.66
N ASP C 871 32.25 20.44 12.71
CA ASP C 871 32.32 21.50 11.71
C ASP C 871 33.63 22.29 11.73
N GLU C 872 34.31 22.39 12.87
CA GLU C 872 35.60 23.07 12.87
C GLU C 872 36.62 22.23 12.12
N MET C 873 36.59 20.91 12.35
CA MET C 873 37.41 20.01 11.56
C MET C 873 36.96 20.02 10.11
N ILE C 874 35.67 20.21 9.85
CA ILE C 874 35.23 20.35 8.48
C ILE C 874 35.82 21.62 7.90
N ALA C 875 35.88 22.65 8.73
CA ALA C 875 36.48 23.91 8.33
C ALA C 875 37.99 23.77 8.15
N GLN C 876 38.64 23.00 9.03
CA GLN C 876 40.07 22.78 8.88
C GLN C 876 40.38 21.96 7.63
N TYR C 877 39.55 20.94 7.34
CA TYR C 877 39.65 20.19 6.10
C TYR C 877 39.58 21.07 4.87
N THR C 878 38.52 21.86 4.76
CA THR C 878 38.35 22.65 3.56
C THR C 878 39.40 23.74 3.45
N SER C 879 39.99 24.17 4.57
CA SER C 879 41.10 25.10 4.49
C SER C 879 42.31 24.45 3.84
N ALA C 880 42.54 23.18 4.14
CA ALA C 880 43.58 22.44 3.44
C ALA C 880 43.26 22.27 1.98
N LEU C 881 42.00 21.99 1.67
CA LEU C 881 41.61 21.81 0.28
C LEU C 881 41.70 23.11 -0.49
N LEU C 882 41.54 24.25 0.19
CA LEU C 882 41.90 25.49 -0.44
C LEU C 882 43.40 25.56 -0.61
N ALA C 883 44.13 25.14 0.43
CA ALA C 883 45.59 25.19 0.42
C ALA C 883 46.20 24.19 -0.55
N GLY C 884 45.47 23.12 -0.85
CA GLY C 884 46.01 22.03 -1.64
C GLY C 884 46.34 22.42 -3.07
N THR C 885 45.46 23.22 -3.69
CA THR C 885 45.45 23.50 -5.12
C THR C 885 45.98 24.86 -5.56
N ILE C 886 46.08 25.83 -4.65
CA ILE C 886 46.41 27.20 -5.03
C ILE C 886 47.93 27.42 -5.02
N THR C 887 48.67 26.62 -4.25
CA THR C 887 50.12 26.69 -4.23
C THR C 887 50.85 25.58 -4.97
N SER C 888 50.28 24.39 -5.11
CA SER C 888 51.04 23.22 -5.52
C SER C 888 50.66 22.66 -6.89
N GLY C 889 49.73 23.30 -7.60
CA GLY C 889 49.44 23.05 -9.02
C GLY C 889 48.77 21.73 -9.35
N TRP C 890 48.99 21.26 -10.58
CA TRP C 890 48.27 20.11 -11.11
C TRP C 890 49.08 18.84 -11.08
N THR C 891 50.30 18.89 -10.54
CA THR C 891 51.19 17.75 -10.66
C THR C 891 51.10 16.80 -9.47
N PHE C 892 50.48 17.20 -8.36
CA PHE C 892 50.47 16.31 -7.20
C PHE C 892 49.44 15.18 -7.33
N GLY C 893 48.49 15.27 -8.25
CA GLY C 893 47.72 14.09 -8.62
C GLY C 893 48.43 13.19 -9.60
N ALA C 894 49.46 13.73 -10.25
CA ALA C 894 50.44 12.95 -10.97
C ALA C 894 51.55 12.52 -10.03
N GLY C 895 52.04 13.43 -9.19
CA GLY C 895 53.13 13.08 -8.30
C GLY C 895 53.06 13.41 -6.82
N ALA C 896 54.12 13.98 -6.27
CA ALA C 896 54.14 14.41 -4.88
C ALA C 896 53.72 15.86 -4.77
N ALA C 897 53.19 16.22 -3.60
CA ALA C 897 52.77 17.60 -3.37
C ALA C 897 54.00 18.44 -3.10
N LEU C 898 54.68 18.77 -4.19
CA LEU C 898 56.01 19.36 -4.16
C LEU C 898 55.92 20.74 -4.80
N GLN C 899 56.71 21.68 -4.32
CA GLN C 899 56.58 23.02 -4.86
C GLN C 899 57.24 23.09 -6.23
N ILE C 900 56.68 23.95 -7.08
CA ILE C 900 57.27 24.46 -8.32
C ILE C 900 56.67 25.87 -8.34
N PRO C 901 57.41 26.89 -8.79
CA PRO C 901 56.91 28.27 -8.77
C PRO C 901 55.57 28.53 -9.45
N PHE C 902 54.70 29.28 -8.75
CA PHE C 902 53.38 29.61 -9.27
C PHE C 902 53.44 30.65 -10.37
N ALA C 903 54.48 31.50 -10.39
CA ALA C 903 54.52 32.55 -11.40
C ALA C 903 54.81 31.97 -12.79
N MET C 904 55.83 31.16 -12.92
CA MET C 904 55.94 30.37 -14.14
C MET C 904 54.88 29.29 -14.23
N GLN C 905 54.21 28.93 -13.12
CA GLN C 905 53.05 28.07 -13.30
C GLN C 905 51.96 28.82 -14.01
N MET C 906 51.83 30.14 -13.77
CA MET C 906 50.85 30.95 -14.51
C MET C 906 51.18 31.05 -15.99
N ALA C 907 52.46 30.98 -16.39
CA ALA C 907 52.81 30.93 -17.81
C ALA C 907 52.41 29.62 -18.47
N TYR C 908 52.71 28.48 -17.83
CA TYR C 908 52.32 27.17 -18.35
C TYR C 908 50.82 26.94 -18.23
N ARG C 909 50.21 27.41 -17.14
CA ARG C 909 48.76 27.36 -17.02
C ARG C 909 48.11 28.25 -18.07
N PHE C 910 48.86 29.21 -18.63
CA PHE C 910 48.51 29.93 -19.84
C PHE C 910 48.92 29.26 -21.14
N ASN C 911 50.17 28.77 -21.25
CA ASN C 911 50.62 28.16 -22.51
C ASN C 911 49.92 26.88 -22.89
N GLY C 912 49.23 26.21 -21.96
CA GLY C 912 48.28 25.23 -22.48
C GLY C 912 47.09 25.83 -23.20
N ILE C 913 46.79 27.09 -22.93
CA ILE C 913 45.65 27.72 -23.60
C ILE C 913 46.10 28.46 -24.85
N THR C 916 52.41 32.36 -25.45
CA THR C 916 53.67 32.08 -24.77
C THR C 916 53.92 33.16 -23.72
N GLN C 917 54.91 32.91 -22.88
CA GLN C 917 55.16 33.53 -21.58
C GLN C 917 55.62 34.97 -21.63
N ASN C 918 55.72 35.57 -22.83
CA ASN C 918 56.02 36.99 -22.95
C ASN C 918 54.91 37.82 -22.33
N VAL C 919 53.67 37.35 -22.47
CA VAL C 919 52.50 38.02 -21.91
C VAL C 919 52.56 38.08 -20.38
N LEU C 920 53.17 37.07 -19.70
CA LEU C 920 53.07 37.13 -18.24
C LEU C 920 54.13 38.02 -17.58
N TYR C 921 55.44 37.89 -17.89
CA TYR C 921 56.40 38.81 -17.25
C TYR C 921 56.24 40.26 -17.67
N GLU C 922 55.55 40.53 -18.75
CA GLU C 922 55.32 41.92 -19.11
C GLU C 922 53.97 42.43 -18.62
N ASN C 923 52.97 41.55 -18.49
CA ASN C 923 51.61 41.91 -18.11
C ASN C 923 51.14 41.04 -16.95
N GLN C 924 52.01 40.81 -15.97
CA GLN C 924 51.68 40.02 -14.78
C GLN C 924 50.49 40.58 -14.04
N LYS C 925 50.43 41.91 -13.92
CA LYS C 925 49.32 42.58 -13.26
C LYS C 925 48.01 42.32 -13.99
N LEU C 926 48.02 42.46 -15.32
CA LEU C 926 46.80 42.31 -16.12
C LEU C 926 46.26 40.89 -16.10
N ILE C 927 47.14 39.90 -16.30
CA ILE C 927 46.72 38.50 -16.32
C ILE C 927 46.18 38.09 -14.95
N ALA C 928 46.78 38.61 -13.89
CA ALA C 928 46.27 38.42 -12.53
C ALA C 928 44.89 39.05 -12.35
N ASN C 929 44.79 40.35 -12.62
CA ASN C 929 43.66 41.16 -12.20
C ASN C 929 42.38 40.78 -12.91
N GLN C 930 42.48 40.11 -14.06
CA GLN C 930 41.34 39.45 -14.67
C GLN C 930 40.61 38.57 -13.65
N PHE C 931 41.29 37.56 -13.12
CA PHE C 931 40.72 36.66 -12.12
C PHE C 931 40.42 37.37 -10.80
N ASN C 932 41.29 38.30 -10.40
CA ASN C 932 41.22 38.92 -9.08
C ASN C 932 39.93 39.69 -8.85
N SER C 933 39.67 40.66 -9.70
CA SER C 933 38.44 41.42 -9.59
C SER C 933 37.23 40.56 -9.92
N ALA C 934 37.38 39.59 -10.84
CA ALA C 934 36.23 38.78 -11.20
C ALA C 934 35.89 37.83 -10.08
N ILE C 935 36.90 37.23 -9.44
CA ILE C 935 36.55 36.48 -8.24
C ILE C 935 36.18 37.47 -7.15
N GLY C 936 36.73 38.69 -7.19
CA GLY C 936 36.31 39.70 -6.25
C GLY C 936 34.87 40.11 -6.45
N LYS C 937 34.46 40.25 -7.71
CA LYS C 937 33.07 40.60 -8.01
C LYS C 937 32.12 39.50 -7.58
N ILE C 938 32.48 38.24 -7.83
CA ILE C 938 31.56 37.16 -7.48
C ILE C 938 31.59 36.90 -5.98
N GLN C 939 32.73 37.10 -5.33
CA GLN C 939 32.75 36.89 -3.89
C GLN C 939 31.99 38.02 -3.21
N ASP C 940 32.05 39.22 -3.79
CA ASP C 940 31.14 40.26 -3.34
C ASP C 940 29.71 39.88 -3.69
N SER C 941 29.52 39.23 -4.84
CA SER C 941 28.18 38.78 -5.22
C SER C 941 27.71 37.67 -4.29
N LEU C 942 28.62 36.79 -3.88
CA LEU C 942 28.23 35.78 -2.91
C LEU C 942 27.87 36.42 -1.58
N SER C 943 28.68 37.41 -1.16
CA SER C 943 28.40 38.11 0.09
C SER C 943 27.13 38.94 -0.02
N SER C 944 26.92 39.62 -1.14
CA SER C 944 25.77 40.50 -1.26
C SER C 944 24.51 39.73 -1.60
N THR C 945 24.53 39.00 -2.71
CA THR C 945 23.32 38.31 -3.15
C THR C 945 23.03 37.12 -2.25
N ALA C 946 21.86 37.13 -1.64
CA ALA C 946 21.30 35.98 -0.97
C ALA C 946 20.44 35.22 -1.98
N SER C 947 19.72 34.20 -1.51
CA SER C 947 18.84 33.32 -2.29
C SER C 947 19.56 32.63 -3.47
N ALA C 948 20.87 32.49 -3.39
CA ALA C 948 21.61 31.69 -4.36
C ALA C 948 21.82 30.25 -3.89
N LEU C 949 21.29 29.92 -2.71
CA LEU C 949 21.50 28.67 -2.02
C LEU C 949 20.21 27.87 -1.93
N GLY C 950 19.60 27.61 -3.08
CA GLY C 950 18.37 26.85 -3.08
C GLY C 950 18.53 25.43 -2.59
N LYS C 951 19.57 24.74 -3.07
CA LYS C 951 19.60 23.27 -3.01
C LYS C 951 19.80 22.75 -1.60
N LEU C 952 20.81 23.27 -0.88
CA LEU C 952 21.00 22.89 0.52
C LEU C 952 19.78 23.29 1.32
N GLN C 953 19.23 24.46 1.02
CA GLN C 953 17.97 24.86 1.62
C GLN C 953 16.87 23.91 1.19
N ASN C 954 16.91 23.42 -0.06
CA ASN C 954 15.93 22.42 -0.46
C ASN C 954 16.12 21.12 0.29
N VAL C 955 17.36 20.70 0.49
CA VAL C 955 17.63 19.47 1.24
C VAL C 955 17.17 19.61 2.68
N VAL C 956 17.54 20.73 3.32
CA VAL C 956 17.21 20.90 4.73
C VAL C 956 15.72 21.13 4.93
N ASN C 957 15.09 21.95 4.08
CA ASN C 957 13.66 22.22 4.23
C ASN C 957 12.84 20.97 3.94
N GLN C 958 13.25 20.18 2.95
CA GLN C 958 12.52 18.96 2.66
C GLN C 958 12.70 17.97 3.81
N ASN C 959 13.94 17.82 4.28
CA ASN C 959 14.20 16.92 5.39
C ASN C 959 13.60 17.42 6.67
N ALA C 960 13.59 18.74 6.87
CA ALA C 960 12.95 19.26 8.08
C ALA C 960 11.46 19.05 7.97
N GLN C 961 10.90 19.29 6.79
CA GLN C 961 9.50 18.94 6.59
C GLN C 961 9.31 17.45 6.55
N ALA C 962 10.33 16.69 6.14
CA ALA C 962 10.22 15.25 6.25
C ALA C 962 10.16 14.87 7.70
N LEU C 963 11.06 15.45 8.50
CA LEU C 963 10.98 15.30 9.95
C LEU C 963 9.70 15.89 10.49
N ASN C 964 9.25 17.00 9.91
CA ASN C 964 8.07 17.67 10.45
C ASN C 964 6.82 16.90 10.09
N THR C 965 6.74 16.37 8.87
CA THR C 965 5.61 15.50 8.59
C THR C 965 5.75 14.18 9.33
N LEU C 966 6.98 13.77 9.66
CA LEU C 966 7.17 12.53 10.41
C LEU C 966 6.64 12.71 11.83
N VAL C 967 6.91 13.87 12.42
CA VAL C 967 6.35 14.14 13.73
C VAL C 967 4.90 14.58 13.59
N LYS C 968 4.50 15.09 12.41
CA LYS C 968 3.09 15.37 12.21
C LYS C 968 2.31 14.08 12.10
N GLN C 969 2.94 13.00 11.66
CA GLN C 969 2.26 11.73 11.64
C GLN C 969 1.96 11.23 13.05
N LEU C 970 2.71 11.70 14.04
CA LEU C 970 2.31 11.45 15.43
C LEU C 970 1.05 12.22 15.80
N SER C 971 0.69 13.24 15.02
CA SER C 971 -0.57 13.94 15.21
C SER C 971 -1.63 13.45 14.23
N SER C 972 -1.60 12.17 13.89
CA SER C 972 -2.65 11.54 13.11
C SER C 972 -3.11 10.32 13.88
N ASN C 973 -4.43 10.17 14.00
CA ASN C 973 -4.99 9.09 14.80
C ASN C 973 -4.80 7.73 14.15
N PHE C 974 -4.68 7.71 12.82
CA PHE C 974 -4.55 6.49 12.01
C PHE C 974 -5.70 5.53 12.21
N GLY C 975 -6.88 6.05 12.53
CA GLY C 975 -8.03 5.21 12.77
C GLY C 975 -8.17 4.71 14.19
N ALA C 976 -7.28 5.11 15.10
CA ALA C 976 -7.43 4.73 16.50
C ALA C 976 -8.35 5.68 17.22
N ILE C 977 -8.31 5.68 18.55
CA ILE C 977 -9.13 6.62 19.32
C ILE C 977 -8.34 7.81 19.83
N SER C 978 -7.02 7.79 19.78
CA SER C 978 -6.22 8.92 20.23
C SER C 978 -4.88 8.89 19.53
N SER C 979 -4.25 10.05 19.42
CA SER C 979 -3.01 10.16 18.67
C SER C 979 -1.77 10.23 19.54
N VAL C 980 -1.89 10.08 20.86
CA VAL C 980 -0.73 9.96 21.72
C VAL C 980 -0.78 8.59 22.40
N LEU C 981 0.36 7.89 22.42
CA LEU C 981 0.36 6.52 22.91
C LEU C 981 0.23 6.49 24.43
N ASN C 982 0.68 7.56 25.10
CA ASN C 982 0.62 7.61 26.56
C ASN C 982 -0.82 7.63 27.05
N ASP C 983 -1.71 8.25 26.27
CA ASP C 983 -3.12 8.16 26.57
C ASP C 983 -3.62 6.74 26.46
N ILE C 984 -3.19 6.01 25.44
CA ILE C 984 -3.68 4.65 25.17
C ILE C 984 -3.31 3.70 26.29
N LEU C 985 -2.11 3.86 26.85
CA LEU C 985 -1.72 3.02 27.98
C LEU C 985 -2.51 3.39 29.22
N SER C 986 -2.77 4.68 29.41
CA SER C 986 -3.42 5.15 30.62
C SER C 986 -4.94 5.11 30.56
N ARG C 987 -5.52 4.84 29.39
CA ARG C 987 -6.96 4.94 29.18
C ARG C 987 -7.65 3.59 29.15
N LEU C 988 -6.96 2.56 28.68
CA LEU C 988 -7.58 1.25 28.58
C LEU C 988 -6.59 0.19 29.02
N ASP C 989 -7.06 -1.04 29.02
CA ASP C 989 -6.21 -2.15 29.39
C ASP C 989 -5.41 -2.60 28.17
N PRO C 990 -4.17 -3.08 28.39
CA PRO C 990 -3.29 -3.47 27.26
C PRO C 990 -3.88 -4.57 26.35
N PRO C 991 -4.70 -5.52 26.84
CA PRO C 991 -5.40 -6.40 25.87
C PRO C 991 -6.28 -5.70 24.84
N GLU C 992 -6.81 -4.52 25.14
CA GLU C 992 -7.50 -3.74 24.12
C GLU C 992 -6.72 -2.52 23.67
N ALA C 993 -5.76 -2.06 24.47
CA ALA C 993 -4.90 -0.97 24.04
C ALA C 993 -4.03 -1.40 22.88
N GLU C 994 -3.69 -2.68 22.81
CA GLU C 994 -2.65 -3.14 21.89
C GLU C 994 -3.05 -2.99 20.43
N VAL C 995 -4.34 -3.14 20.11
CA VAL C 995 -4.75 -2.99 18.71
C VAL C 995 -4.68 -1.53 18.30
N GLN C 996 -5.05 -0.62 19.21
CA GLN C 996 -4.90 0.81 18.97
C GLN C 996 -3.43 1.17 18.83
N ILE C 997 -2.60 0.57 19.69
CA ILE C 997 -1.16 0.76 19.55
C ILE C 997 -0.68 0.16 18.24
N ASP C 998 -1.28 -0.95 17.80
CA ASP C 998 -0.88 -1.58 16.55
C ASP C 998 -1.22 -0.71 15.36
N ARG C 999 -2.38 -0.06 15.36
CA ARG C 999 -2.72 0.87 14.29
C ARG C 999 -1.77 2.04 14.33
N LEU C 1000 -1.50 2.55 15.54
CA LEU C 1000 -0.49 3.58 15.70
C LEU C 1000 0.88 3.06 15.30
N ILE C 1001 1.18 1.79 15.60
CA ILE C 1001 2.50 1.31 15.25
C ILE C 1001 2.61 1.17 13.75
N THR C 1002 1.60 0.55 13.11
CA THR C 1002 1.67 0.38 11.66
C THR C 1002 1.46 1.70 10.96
N GLY C 1003 0.78 2.64 11.62
CA GLY C 1003 0.63 3.95 11.03
C GLY C 1003 1.95 4.69 11.09
N ARG C 1004 2.55 4.75 12.28
CA ARG C 1004 3.87 5.36 12.37
C ARG C 1004 4.93 4.55 11.64
N LEU C 1005 4.76 3.21 11.54
CA LEU C 1005 5.81 2.42 10.88
C LEU C 1005 5.77 2.56 9.38
N GLN C 1006 4.56 2.53 8.80
CA GLN C 1006 4.44 2.77 7.37
C GLN C 1006 4.89 4.17 7.04
N SER C 1007 4.53 5.13 7.89
CA SER C 1007 5.05 6.47 7.73
C SER C 1007 6.55 6.50 7.98
N LEU C 1008 7.03 5.70 8.93
CA LEU C 1008 8.47 5.67 9.17
C LEU C 1008 9.17 5.01 8.02
N GLN C 1009 8.59 3.92 7.50
CA GLN C 1009 9.18 3.27 6.34
C GLN C 1009 9.07 4.15 5.12
N THR C 1010 7.98 4.92 5.00
CA THR C 1010 7.87 5.88 3.90
C THR C 1010 8.91 6.96 4.07
N TYR C 1011 9.02 7.48 5.30
CA TYR C 1011 10.05 8.46 5.60
C TYR C 1011 11.42 7.86 5.41
N VAL C 1012 11.61 6.60 5.83
CA VAL C 1012 12.88 5.95 5.58
C VAL C 1012 13.10 5.72 4.10
N THR C 1013 12.04 5.44 3.34
CA THR C 1013 12.21 5.13 1.93
C THR C 1013 12.59 6.36 1.14
N GLN C 1014 11.85 7.46 1.35
CA GLN C 1014 12.26 8.70 0.74
C GLN C 1014 13.60 9.17 1.30
N GLN C 1015 13.89 8.89 2.57
CA GLN C 1015 15.21 9.22 3.07
C GLN C 1015 16.25 8.28 2.50
N LEU C 1016 15.86 7.03 2.24
CA LEU C 1016 16.79 6.14 1.55
C LEU C 1016 16.98 6.62 0.14
N ILE C 1017 15.89 7.08 -0.48
CA ILE C 1017 15.98 7.73 -1.78
C ILE C 1017 16.80 9.00 -1.64
N ARG C 1018 16.54 9.77 -0.57
CA ARG C 1018 17.36 10.95 -0.34
C ARG C 1018 18.78 10.54 -0.03
N ALA C 1019 18.98 9.43 0.69
CA ALA C 1019 20.34 8.96 0.92
C ALA C 1019 20.94 8.49 -0.38
N ALA C 1020 20.13 7.87 -1.24
CA ALA C 1020 20.64 7.48 -2.54
C ALA C 1020 20.97 8.71 -3.37
N GLU C 1021 20.10 9.73 -3.32
CA GLU C 1021 20.35 10.91 -4.13
C GLU C 1021 21.49 11.72 -3.56
N ILE C 1022 21.56 11.86 -2.23
CA ILE C 1022 22.65 12.62 -1.64
C ILE C 1022 23.95 11.86 -1.82
N ARG C 1023 23.92 10.53 -1.83
CA ARG C 1023 25.15 9.80 -2.08
C ARG C 1023 25.49 9.87 -3.56
N ALA C 1024 24.48 9.89 -4.42
CA ALA C 1024 24.71 10.26 -5.80
C ALA C 1024 25.24 11.67 -5.87
N SER C 1025 24.70 12.55 -5.04
CA SER C 1025 25.26 13.89 -4.99
C SER C 1025 26.63 13.88 -4.34
N ALA C 1026 26.86 12.98 -3.39
CA ALA C 1026 28.17 12.91 -2.74
C ALA C 1026 29.19 12.32 -3.68
N ASN C 1027 28.78 11.30 -4.44
CA ASN C 1027 29.64 10.73 -5.47
C ASN C 1027 29.97 11.80 -6.50
N LEU C 1028 28.97 12.60 -6.87
CA LEU C 1028 29.24 13.81 -7.64
C LEU C 1028 30.16 14.74 -6.87
N ALA C 1029 29.92 14.90 -5.57
CA ALA C 1029 30.63 15.90 -4.78
C ALA C 1029 32.06 15.47 -4.55
N ALA C 1030 32.24 14.20 -4.22
CA ALA C 1030 33.59 13.66 -4.16
C ALA C 1030 34.31 13.86 -5.48
N THR C 1031 33.62 13.62 -6.61
CA THR C 1031 34.24 13.70 -7.91
C THR C 1031 34.56 15.14 -8.32
N LYS C 1032 33.72 16.10 -7.93
CA LYS C 1032 33.89 17.48 -8.39
C LYS C 1032 35.17 18.09 -7.86
N MET C 1033 35.43 17.92 -6.56
CA MET C 1033 36.69 18.36 -6.00
C MET C 1033 37.83 17.46 -6.45
N SER C 1034 37.54 16.18 -6.73
CA SER C 1034 38.61 15.25 -7.05
C SER C 1034 39.05 15.40 -8.49
N GLU C 1035 38.10 15.25 -9.40
CA GLU C 1035 38.40 15.24 -10.87
C GLU C 1035 37.94 16.55 -11.52
N CYS C 1036 38.47 17.67 -11.02
CA CYS C 1036 38.14 19.01 -11.55
C CYS C 1036 39.11 20.02 -10.95
N VAL C 1037 40.26 19.56 -10.44
CA VAL C 1037 41.16 20.53 -9.84
C VAL C 1037 42.60 20.07 -9.95
N LEU C 1038 42.81 18.79 -9.70
CA LEU C 1038 44.11 18.22 -9.41
C LEU C 1038 44.93 17.99 -10.67
N GLY C 1039 44.34 18.21 -11.84
CA GLY C 1039 45.01 18.15 -13.12
C GLY C 1039 44.10 18.70 -14.20
N GLN C 1040 44.67 18.95 -15.37
CA GLN C 1040 43.91 19.43 -16.52
C GLN C 1040 43.60 18.27 -17.44
N SER C 1041 42.38 17.79 -17.38
CA SER C 1041 41.92 16.75 -18.27
C SER C 1041 41.11 17.47 -19.34
N LYS C 1042 40.34 16.74 -20.12
CA LYS C 1042 39.46 17.40 -21.06
C LYS C 1042 38.03 17.45 -20.53
N ARG C 1043 37.86 17.38 -19.22
CA ARG C 1043 36.52 17.37 -18.64
C ARG C 1043 35.90 18.74 -18.80
N VAL C 1044 34.62 18.77 -19.20
CA VAL C 1044 33.84 19.99 -19.40
C VAL C 1044 32.37 19.55 -19.22
N ASP C 1045 31.49 20.52 -18.92
CA ASP C 1045 30.03 20.41 -18.76
C ASP C 1045 29.59 19.58 -17.57
N PHE C 1046 30.51 19.21 -16.72
CA PHE C 1046 30.29 18.44 -15.50
C PHE C 1046 30.69 19.35 -14.35
N CYS C 1047 31.96 19.70 -14.35
CA CYS C 1047 32.57 20.69 -13.49
C CYS C 1047 33.27 21.64 -14.46
N GLY C 1048 32.96 22.91 -14.39
CA GLY C 1048 33.67 23.76 -15.32
C GLY C 1048 32.93 23.88 -16.65
N LYS C 1049 33.30 24.91 -17.39
CA LYS C 1049 32.57 25.26 -18.59
C LYS C 1049 33.54 25.69 -19.66
N GLY C 1050 34.80 25.28 -19.55
CA GLY C 1050 35.81 25.58 -20.53
C GLY C 1050 37.09 24.81 -20.29
N TYR C 1051 38.23 25.37 -20.69
CA TYR C 1051 39.52 24.73 -20.53
C TYR C 1051 39.85 24.69 -19.07
N HIS C 1052 39.51 23.61 -18.38
CA HIS C 1052 39.40 23.78 -16.94
C HIS C 1052 40.80 23.59 -16.38
N LEU C 1053 41.07 24.28 -15.28
CA LEU C 1053 42.43 24.38 -14.77
C LEU C 1053 42.52 24.03 -13.28
N MET C 1054 41.56 24.47 -12.48
CA MET C 1054 41.42 24.26 -11.03
C MET C 1054 40.03 24.74 -10.59
N SER C 1055 39.71 24.52 -9.32
CA SER C 1055 38.46 24.93 -8.66
C SER C 1055 38.76 25.11 -7.20
N PHE C 1056 37.90 25.83 -6.48
CA PHE C 1056 38.22 26.25 -5.12
C PHE C 1056 37.01 26.12 -4.22
N PRO C 1057 36.92 25.06 -3.46
CA PRO C 1057 35.68 24.71 -2.77
C PRO C 1057 35.56 25.48 -1.48
N GLN C 1058 34.45 25.24 -0.80
CA GLN C 1058 34.18 25.88 0.46
C GLN C 1058 33.34 24.92 1.26
N SER C 1059 33.22 25.18 2.54
CA SER C 1059 32.26 24.43 3.30
C SER C 1059 30.89 25.04 3.13
N ALA C 1060 29.95 24.42 3.76
CA ALA C 1060 28.56 24.80 3.77
C ALA C 1060 28.10 24.09 5.02
N PRO C 1061 26.82 24.20 5.41
CA PRO C 1061 26.29 23.20 6.33
C PRO C 1061 26.47 21.78 5.82
N HIS C 1062 26.06 21.51 4.60
CA HIS C 1062 26.01 20.15 4.09
C HIS C 1062 26.41 20.12 2.63
N GLY C 1063 27.30 20.98 2.20
CA GLY C 1063 27.42 21.16 0.77
C GLY C 1063 28.76 21.69 0.36
N VAL C 1064 28.85 22.10 -0.91
CA VAL C 1064 30.06 22.61 -1.53
C VAL C 1064 29.75 23.71 -2.54
N VAL C 1065 30.77 24.48 -2.87
CA VAL C 1065 30.67 25.63 -3.76
C VAL C 1065 31.82 25.56 -4.76
N PHE C 1066 31.52 25.56 -6.06
CA PHE C 1066 32.55 25.32 -7.08
C PHE C 1066 32.55 26.38 -8.18
N LEU C 1067 33.67 27.05 -8.33
CA LEU C 1067 33.82 28.19 -9.22
C LEU C 1067 35.01 27.96 -10.12
N HIS C 1068 34.85 27.47 -11.34
CA HIS C 1068 36.06 27.03 -12.05
C HIS C 1068 36.83 28.19 -12.66
N VAL C 1069 37.92 27.81 -13.31
CA VAL C 1069 38.69 28.70 -14.15
C VAL C 1069 38.27 28.39 -15.57
N THR C 1070 37.56 29.33 -16.21
CA THR C 1070 36.84 29.08 -17.46
C THR C 1070 37.35 30.06 -18.52
N TYR C 1071 38.44 29.70 -19.18
CA TYR C 1071 39.01 30.54 -20.21
C TYR C 1071 38.37 30.12 -21.52
N VAL C 1072 37.81 31.07 -22.25
CA VAL C 1072 37.20 30.73 -23.54
C VAL C 1072 37.56 31.80 -24.56
N PRO C 1073 38.19 31.48 -25.69
CA PRO C 1073 38.41 32.53 -26.68
C PRO C 1073 37.11 32.89 -27.40
N ALA C 1074 36.80 34.18 -27.47
CA ALA C 1074 35.46 34.64 -27.81
C ALA C 1074 35.53 36.14 -28.12
N GLN C 1075 34.35 36.77 -28.31
CA GLN C 1075 34.19 38.19 -28.69
C GLN C 1075 34.93 38.47 -30.00
N GLU C 1076 34.37 37.92 -31.06
CA GLU C 1076 35.08 37.99 -32.32
C GLU C 1076 34.85 39.32 -33.05
N LYS C 1077 35.50 39.41 -34.21
CA LYS C 1077 35.51 40.54 -35.13
C LYS C 1077 36.14 40.01 -36.41
N ASN C 1078 35.51 40.23 -37.58
CA ASN C 1078 35.91 39.54 -38.81
C ASN C 1078 37.30 39.98 -39.28
N PHE C 1079 37.99 39.06 -39.97
CA PHE C 1079 39.29 39.30 -40.58
C PHE C 1079 39.45 38.37 -41.79
N THR C 1080 40.50 38.57 -42.56
CA THR C 1080 40.74 37.73 -43.73
C THR C 1080 41.86 36.71 -43.54
N THR C 1081 41.63 35.51 -44.09
CA THR C 1081 42.42 34.27 -44.01
C THR C 1081 42.88 33.85 -45.40
N ALA C 1082 43.64 32.74 -45.48
CA ALA C 1082 44.15 32.24 -46.75
C ALA C 1082 44.29 30.73 -46.65
N PRO C 1083 44.08 29.97 -47.77
CA PRO C 1083 44.22 28.51 -47.69
C PRO C 1083 45.65 27.99 -47.74
N ALA C 1084 46.52 28.61 -48.54
CA ALA C 1084 47.90 28.19 -48.68
C ALA C 1084 48.70 29.33 -49.30
N ILE C 1085 49.99 29.09 -49.48
CA ILE C 1085 50.87 29.99 -50.23
C ILE C 1085 51.65 29.17 -51.25
N CYS C 1086 51.70 29.65 -52.49
CA CYS C 1086 52.54 29.07 -53.52
C CYS C 1086 53.86 29.83 -53.53
N HIS C 1087 54.97 29.10 -53.38
CA HIS C 1087 56.30 29.71 -53.34
C HIS C 1087 57.22 28.84 -54.18
N ASP C 1088 57.84 29.47 -55.20
CA ASP C 1088 58.69 28.81 -56.21
C ASP C 1088 57.94 27.67 -56.92
N GLY C 1089 56.63 27.84 -57.11
CA GLY C 1089 55.79 26.84 -57.70
C GLY C 1089 55.34 25.73 -56.76
N LYS C 1090 55.77 25.74 -55.51
CA LYS C 1090 55.46 24.66 -54.58
C LYS C 1090 54.67 25.21 -53.39
N ALA C 1091 53.73 24.40 -52.92
CA ALA C 1091 52.72 24.80 -51.96
C ALA C 1091 53.19 24.49 -50.54
N HIS C 1092 52.79 25.35 -49.62
CA HIS C 1092 53.11 25.19 -48.21
C HIS C 1092 51.80 24.95 -47.46
N PHE C 1093 51.73 23.84 -46.72
CA PHE C 1093 50.53 23.63 -45.92
C PHE C 1093 50.98 23.57 -44.48
N PRO C 1094 50.39 24.36 -43.59
CA PRO C 1094 51.00 24.59 -42.27
C PRO C 1094 50.73 23.50 -41.24
N ARG C 1095 51.71 23.34 -40.33
CA ARG C 1095 51.59 22.36 -39.26
C ARG C 1095 50.76 22.90 -38.10
N GLU C 1096 51.19 24.03 -37.53
CA GLU C 1096 50.59 24.68 -36.37
C GLU C 1096 50.87 26.17 -36.55
N GLY C 1097 49.84 26.91 -36.92
CA GLY C 1097 49.91 28.26 -37.41
C GLY C 1097 48.98 28.36 -38.61
N VAL C 1098 48.26 29.47 -38.72
CA VAL C 1098 47.15 29.59 -39.65
C VAL C 1098 47.21 30.96 -40.29
N PHE C 1099 46.67 31.06 -41.51
CA PHE C 1099 46.72 32.35 -42.20
C PHE C 1099 45.64 33.22 -41.58
N VAL C 1100 46.09 34.30 -40.95
CA VAL C 1100 45.22 35.29 -40.30
C VAL C 1100 45.82 36.68 -40.47
N SER C 1101 45.01 37.64 -40.87
CA SER C 1101 45.50 38.93 -41.29
C SER C 1101 44.75 39.95 -40.46
N ASN C 1102 45.44 40.92 -39.88
CA ASN C 1102 44.79 42.11 -39.34
C ASN C 1102 44.67 43.22 -40.36
N GLY C 1103 44.84 42.89 -41.63
CA GLY C 1103 44.51 43.78 -42.72
C GLY C 1103 45.52 44.87 -42.88
N THR C 1104 46.76 44.64 -42.45
CA THR C 1104 47.92 45.44 -42.84
C THR C 1104 49.07 44.56 -43.31
N HIS C 1105 49.36 43.49 -42.58
CA HIS C 1105 50.42 42.56 -42.91
C HIS C 1105 49.89 41.15 -42.69
N TRP C 1106 50.66 40.13 -43.09
CA TRP C 1106 50.23 38.75 -42.87
C TRP C 1106 51.16 38.08 -41.86
N PHE C 1107 50.55 37.29 -40.99
CA PHE C 1107 51.22 36.60 -39.89
C PHE C 1107 50.60 35.22 -39.70
N VAL C 1108 51.25 34.41 -38.88
CA VAL C 1108 50.69 33.18 -38.34
C VAL C 1108 50.53 33.46 -36.86
N THR C 1109 49.40 33.08 -36.31
CA THR C 1109 49.16 33.25 -34.88
C THR C 1109 48.82 31.92 -34.27
N GLN C 1110 48.15 31.98 -33.13
CA GLN C 1110 47.59 30.78 -32.57
C GLN C 1110 46.30 30.50 -33.34
N ARG C 1111 45.93 29.23 -33.40
CA ARG C 1111 44.82 28.78 -34.23
C ARG C 1111 43.51 29.31 -33.69
N ASN C 1112 43.39 29.38 -32.36
CA ASN C 1112 42.21 29.93 -31.73
C ASN C 1112 42.35 31.40 -31.39
N PHE C 1113 43.50 32.04 -31.63
CA PHE C 1113 43.64 33.31 -30.95
C PHE C 1113 44.70 34.18 -31.58
N TYR C 1114 44.59 35.49 -31.33
CA TYR C 1114 45.46 36.46 -31.95
C TYR C 1114 46.77 36.53 -31.16
N GLU C 1115 47.89 36.30 -31.84
CA GLU C 1115 49.26 36.50 -31.35
C GLU C 1115 50.20 36.50 -32.55
N PRO C 1116 50.50 37.65 -33.16
CA PRO C 1116 51.20 37.64 -34.46
C PRO C 1116 52.65 37.19 -34.37
N GLN C 1117 53.06 36.46 -35.41
CA GLN C 1117 54.42 35.99 -35.60
C GLN C 1117 54.69 35.80 -37.08
N ILE C 1118 55.89 36.19 -37.50
CA ILE C 1118 56.31 36.12 -38.89
C ILE C 1118 56.46 34.66 -39.29
N ILE C 1119 56.13 34.34 -40.55
CA ILE C 1119 56.20 32.98 -41.04
C ILE C 1119 57.66 32.54 -41.11
N THR C 1120 57.93 31.35 -40.60
CA THR C 1120 59.26 30.76 -40.59
C THR C 1120 59.15 29.26 -40.81
N THR C 1121 60.31 28.63 -40.95
CA THR C 1121 60.40 27.18 -41.07
C THR C 1121 59.98 26.47 -39.78
N ASP C 1122 59.91 27.20 -38.65
CA ASP C 1122 59.63 26.53 -37.39
C ASP C 1122 58.15 26.23 -37.26
N ASN C 1123 57.29 27.13 -37.73
CA ASN C 1123 55.86 26.94 -37.57
C ASN C 1123 55.14 26.53 -38.86
N THR C 1124 55.86 26.35 -39.96
CA THR C 1124 55.22 25.94 -41.20
C THR C 1124 56.13 24.95 -41.92
N PHE C 1125 55.54 23.92 -42.53
CA PHE C 1125 56.29 22.90 -43.26
C PHE C 1125 55.77 22.81 -44.69
N VAL C 1126 56.55 22.20 -45.58
CA VAL C 1126 56.34 22.34 -47.02
C VAL C 1126 55.83 21.00 -47.54
N SER C 1127 54.73 21.02 -48.31
CA SER C 1127 54.18 19.80 -48.90
C SER C 1127 53.24 20.13 -50.06
N GLY C 1128 53.46 19.51 -51.21
CA GLY C 1128 52.58 19.67 -52.35
C GLY C 1128 52.86 20.91 -53.19
N ASN C 1129 52.13 21.01 -54.31
CA ASN C 1129 52.36 22.04 -55.31
C ASN C 1129 51.11 22.91 -55.48
N CYS C 1130 51.33 24.13 -55.99
CA CYS C 1130 50.26 25.13 -56.11
C CYS C 1130 49.49 24.95 -57.43
N ASP C 1131 48.89 23.77 -57.56
CA ASP C 1131 48.02 23.39 -58.66
C ASP C 1131 46.69 22.80 -58.21
N VAL C 1132 46.55 22.48 -56.93
CA VAL C 1132 45.46 21.65 -56.43
C VAL C 1132 44.52 22.39 -55.49
N VAL C 1133 44.82 23.62 -55.09
CA VAL C 1133 44.05 24.30 -54.04
C VAL C 1133 43.02 25.20 -54.68
N ILE C 1134 41.78 25.08 -54.21
CA ILE C 1134 40.62 25.69 -54.82
C ILE C 1134 40.49 27.11 -54.29
N GLY C 1135 40.84 28.08 -55.12
CA GLY C 1135 40.80 29.47 -54.73
C GLY C 1135 42.15 30.03 -54.38
N ILE C 1136 43.24 29.34 -54.79
CA ILE C 1136 44.57 29.70 -54.35
C ILE C 1136 45.01 31.00 -55.04
N VAL C 1137 45.76 31.82 -54.33
CA VAL C 1137 46.19 33.13 -54.79
C VAL C 1137 47.71 33.09 -54.88
N ASN C 1138 48.27 34.06 -55.60
CA ASN C 1138 49.71 34.13 -55.77
C ASN C 1138 50.27 35.18 -54.83
N ASN C 1139 51.31 34.80 -54.09
CA ASN C 1139 52.02 35.69 -53.18
C ASN C 1139 53.38 35.11 -52.80
N GLN D 1 -44.78 -7.74 27.10
CA GLN D 1 -45.51 -8.34 26.00
C GLN D 1 -46.98 -7.99 25.96
N VAL D 2 -47.51 -7.94 24.74
CA VAL D 2 -48.95 -7.86 24.50
C VAL D 2 -49.34 -9.29 24.19
N GLN D 3 -49.76 -10.02 25.22
CA GLN D 3 -50.14 -11.41 25.03
C GLN D 3 -51.61 -11.46 24.66
N LEU D 4 -51.90 -12.20 23.59
CA LEU D 4 -53.23 -12.30 23.01
C LEU D 4 -53.63 -13.76 23.15
N GLN D 5 -54.63 -14.04 23.98
CA GLN D 5 -55.04 -15.40 24.26
C GLN D 5 -56.34 -15.82 23.58
N GLN D 6 -56.25 -16.87 22.77
CA GLN D 6 -57.35 -17.40 22.00
C GLN D 6 -57.95 -18.53 22.82
N SER D 7 -59.28 -18.69 22.79
CA SER D 7 -59.93 -19.60 23.72
C SER D 7 -61.17 -20.24 23.10
N GLY D 8 -61.55 -21.38 23.65
CA GLY D 8 -62.70 -22.11 23.16
C GLY D 8 -62.41 -23.46 22.53
N PRO D 9 -63.47 -24.13 22.07
CA PRO D 9 -63.31 -25.42 21.38
C PRO D 9 -62.80 -25.23 19.96
N GLY D 10 -62.23 -26.32 19.44
CA GLY D 10 -61.70 -26.31 18.09
C GLY D 10 -62.23 -27.26 17.03
N LEU D 11 -62.74 -28.44 17.35
CA LEU D 11 -63.17 -29.32 16.28
C LEU D 11 -64.61 -28.97 15.89
N VAL D 12 -64.81 -28.82 14.58
CA VAL D 12 -66.05 -28.39 13.93
C VAL D 12 -66.34 -29.33 12.76
N LYS D 13 -67.62 -29.47 12.44
CA LYS D 13 -68.03 -30.26 11.29
C LYS D 13 -67.98 -29.42 10.02
N PRO D 14 -68.01 -30.08 8.85
CA PRO D 14 -68.13 -29.37 7.56
C PRO D 14 -69.41 -28.55 7.44
N SER D 15 -69.30 -27.41 6.75
CA SER D 15 -70.36 -26.41 6.59
C SER D 15 -70.87 -25.86 7.92
N GLY D 16 -69.98 -25.79 8.92
CA GLY D 16 -70.28 -25.27 10.23
C GLY D 16 -69.67 -23.88 10.37
N THR D 17 -69.85 -23.30 11.55
CA THR D 17 -69.38 -21.95 11.79
C THR D 17 -68.36 -21.91 12.92
N LEU D 18 -67.43 -20.96 12.80
CA LEU D 18 -66.43 -20.67 13.82
C LEU D 18 -66.72 -19.31 14.42
N SER D 19 -66.88 -19.28 15.75
CA SER D 19 -67.08 -18.07 16.54
C SER D 19 -65.83 -17.93 17.40
N LEU D 20 -64.85 -17.17 16.90
CA LEU D 20 -63.56 -17.06 17.58
C LEU D 20 -63.43 -15.72 18.29
N THR D 21 -62.57 -15.71 19.31
CA THR D 21 -62.43 -14.63 20.28
C THR D 21 -60.95 -14.44 20.58
N CYS D 22 -60.50 -13.20 20.78
CA CYS D 22 -59.09 -12.94 21.13
C CYS D 22 -59.04 -11.99 22.31
N ALA D 23 -58.80 -12.56 23.50
CA ALA D 23 -58.61 -11.83 24.74
C ALA D 23 -57.26 -11.13 24.78
N VAL D 24 -57.24 -9.87 25.22
CA VAL D 24 -56.04 -9.03 25.20
C VAL D 24 -55.55 -8.84 26.62
N SER D 25 -54.27 -9.13 26.84
CA SER D 25 -53.60 -8.84 28.11
C SER D 25 -52.32 -8.05 27.87
N GLY D 26 -52.29 -6.81 28.37
CA GLY D 26 -51.08 -6.02 28.37
C GLY D 26 -51.04 -4.83 27.42
N ALA D 27 -52.18 -4.41 26.88
CA ALA D 27 -52.21 -3.26 26.00
C ALA D 27 -53.57 -2.58 26.08
N SER D 28 -53.56 -1.25 26.14
CA SER D 28 -54.81 -0.52 26.23
C SER D 28 -55.43 -0.47 24.84
N ILE D 29 -56.73 -0.78 24.77
CA ILE D 29 -57.47 -0.64 23.53
C ILE D 29 -57.68 0.82 23.19
N SER D 30 -57.84 1.67 24.21
CA SER D 30 -57.98 3.12 23.99
C SER D 30 -56.61 3.70 23.67
N SER D 31 -56.18 3.49 22.42
CA SER D 31 -54.87 3.85 21.92
C SER D 31 -54.95 3.83 20.40
N GLY D 32 -53.79 3.94 19.74
CA GLY D 32 -53.77 3.90 18.30
C GLY D 32 -53.60 2.51 17.70
N ASP D 33 -53.86 1.49 18.51
CA ASP D 33 -53.67 0.12 18.06
C ASP D 33 -54.85 -0.32 17.21
N TRP D 34 -54.56 -0.88 16.04
CA TRP D 34 -55.54 -1.51 15.18
C TRP D 34 -55.57 -3.01 15.50
N TRP D 35 -56.60 -3.46 16.20
CA TRP D 35 -56.67 -4.84 16.68
C TRP D 35 -57.09 -5.80 15.56
N SER D 36 -56.13 -6.45 14.91
CA SER D 36 -56.36 -7.10 13.63
C SER D 36 -56.25 -8.62 13.72
N TRP D 37 -56.47 -9.29 12.57
CA TRP D 37 -56.41 -10.73 12.45
C TRP D 37 -55.64 -11.12 11.20
N VAL D 38 -54.85 -12.21 11.27
CA VAL D 38 -54.16 -12.78 10.12
C VAL D 38 -54.43 -14.28 10.01
N ARG D 39 -54.98 -14.72 8.89
CA ARG D 39 -55.16 -16.14 8.60
C ARG D 39 -53.97 -16.66 7.78
N GLN D 40 -53.83 -17.99 7.70
CA GLN D 40 -52.73 -18.63 6.96
C GLN D 40 -53.29 -19.68 5.99
N SER D 41 -53.65 -19.25 4.75
CA SER D 41 -54.17 -20.29 3.85
C SER D 41 -53.03 -20.92 3.06
N PRO D 42 -53.12 -22.22 2.77
CA PRO D 42 -52.12 -22.87 1.90
C PRO D 42 -52.22 -22.36 0.47
N GLY D 43 -51.11 -21.82 -0.02
CA GLY D 43 -51.04 -21.19 -1.32
C GLY D 43 -51.03 -19.68 -1.21
N ARG D 44 -51.86 -19.15 -0.31
CA ARG D 44 -51.90 -17.70 -0.09
C ARG D 44 -50.95 -17.26 1.01
N GLY D 45 -50.47 -18.19 1.84
CA GLY D 45 -49.67 -17.80 2.98
C GLY D 45 -50.52 -17.05 4.00
N LEU D 46 -49.84 -16.24 4.79
CA LEU D 46 -50.50 -15.24 5.60
C LEU D 46 -51.15 -14.19 4.70
N GLU D 47 -52.30 -13.71 5.14
CA GLU D 47 -53.06 -12.72 4.38
C GLU D 47 -53.66 -11.75 5.37
N TRP D 48 -53.52 -10.47 5.06
CA TRP D 48 -54.05 -9.41 5.90
C TRP D 48 -55.54 -9.30 5.65
N ILE D 49 -56.34 -9.43 6.72
CA ILE D 49 -57.78 -9.30 6.58
C ILE D 49 -58.18 -7.89 6.97
N GLY D 50 -57.92 -7.50 8.22
CA GLY D 50 -58.29 -6.17 8.65
C GLY D 50 -58.27 -6.05 10.16
N GLY D 51 -58.41 -4.79 10.60
CA GLY D 51 -58.35 -4.46 12.00
C GLY D 51 -59.43 -3.48 12.39
N ILE D 52 -59.53 -3.27 13.71
CA ILE D 52 -60.53 -2.37 14.27
C ILE D 52 -59.84 -1.38 15.19
N PHE D 53 -60.46 -0.20 15.29
CA PHE D 53 -60.09 0.85 16.22
C PHE D 53 -61.10 0.85 17.36
N HIS D 54 -60.70 1.41 18.51
CA HIS D 54 -61.54 1.28 19.69
C HIS D 54 -62.80 2.14 19.61
N SER D 55 -62.83 3.14 18.74
CA SER D 55 -64.06 3.89 18.53
C SER D 55 -65.01 3.19 17.56
N GLY D 56 -64.57 2.18 16.83
CA GLY D 56 -65.42 1.47 15.89
C GLY D 56 -65.02 1.55 14.43
N THR D 57 -64.01 2.35 14.04
CA THR D 57 -63.62 2.42 12.65
C THR D 57 -62.79 1.22 12.21
N THR D 58 -62.95 0.84 10.94
CA THR D 58 -62.49 -0.44 10.42
C THR D 58 -61.91 -0.20 9.03
N ASN D 59 -60.93 -1.04 8.64
CA ASN D 59 -60.39 -1.05 7.29
C ASN D 59 -60.04 -2.49 6.93
N TYR D 60 -60.62 -3.01 5.84
CA TYR D 60 -60.36 -4.39 5.43
C TYR D 60 -59.59 -4.45 4.12
N SER D 61 -59.15 -5.69 3.79
CA SER D 61 -58.72 -6.21 2.49
C SER D 61 -59.92 -6.48 1.57
N PRO D 62 -59.80 -6.18 0.28
CA PRO D 62 -60.91 -6.44 -0.64
C PRO D 62 -61.22 -7.92 -0.90
N SER D 63 -60.29 -8.84 -0.61
CA SER D 63 -60.64 -10.26 -0.73
C SER D 63 -61.50 -10.78 0.42
N LEU D 64 -61.40 -10.18 1.61
CA LEU D 64 -62.20 -10.58 2.77
C LEU D 64 -62.93 -9.39 3.38
N LYS D 65 -63.31 -8.42 2.54
CA LYS D 65 -64.17 -7.35 3.04
C LYS D 65 -65.62 -7.80 3.17
N SER D 66 -66.08 -8.66 2.26
CA SER D 66 -67.51 -8.92 2.14
C SER D 66 -68.03 -9.88 3.21
N ARG D 67 -67.15 -10.63 3.88
CA ARG D 67 -67.58 -11.63 4.85
C ARG D 67 -67.22 -11.31 6.29
N VAL D 68 -66.26 -10.43 6.55
CA VAL D 68 -65.77 -10.17 7.89
C VAL D 68 -66.42 -8.91 8.44
N THR D 69 -66.99 -9.02 9.64
CA THR D 69 -67.32 -7.89 10.50
C THR D 69 -66.71 -8.15 11.87
N MET D 70 -66.14 -7.13 12.51
CA MET D 70 -65.53 -7.31 13.82
C MET D 70 -66.00 -6.23 14.78
N SER D 71 -65.99 -6.58 16.08
CA SER D 71 -66.48 -5.71 17.15
C SER D 71 -65.43 -5.67 18.26
N VAL D 72 -65.59 -4.68 19.15
CA VAL D 72 -64.61 -4.39 20.19
C VAL D 72 -65.29 -4.40 21.56
N ASP D 73 -64.59 -4.93 22.57
CA ASP D 73 -65.01 -4.88 23.97
C ASP D 73 -63.88 -4.26 24.79
N GLN D 74 -64.04 -2.98 25.14
CA GLN D 74 -62.95 -2.24 25.80
C GLN D 74 -62.75 -2.60 27.28
N PRO D 75 -63.78 -2.64 28.16
CA PRO D 75 -63.48 -3.03 29.55
C PRO D 75 -63.21 -4.52 29.70
N LYS D 76 -63.71 -5.35 28.79
CA LYS D 76 -63.43 -6.78 28.79
C LYS D 76 -62.04 -7.07 28.23
N ASN D 77 -61.46 -6.08 27.53
CA ASN D 77 -60.10 -6.08 26.99
C ASN D 77 -59.88 -7.24 26.02
N GLN D 78 -60.60 -7.16 24.90
CA GLN D 78 -60.51 -8.19 23.88
C GLN D 78 -60.91 -7.56 22.54
N PHE D 79 -60.75 -8.35 21.48
CA PHE D 79 -61.29 -8.01 20.17
C PHE D 79 -61.59 -9.30 19.43
N SER D 80 -62.65 -9.29 18.62
CA SER D 80 -63.20 -10.51 18.06
C SER D 80 -63.15 -10.49 16.53
N LEU D 81 -63.53 -11.62 15.95
CA LEU D 81 -63.65 -11.83 14.51
C LEU D 81 -64.99 -12.53 14.32
N HIS D 82 -65.71 -12.17 13.26
CA HIS D 82 -66.87 -12.95 12.85
C HIS D 82 -66.68 -13.33 11.39
N LEU D 83 -66.63 -14.64 11.14
CA LEU D 83 -66.60 -15.19 9.80
C LEU D 83 -67.97 -15.77 9.49
N THR D 84 -68.64 -15.21 8.48
CA THR D 84 -69.83 -15.83 7.94
C THR D 84 -69.47 -16.68 6.74
N SER D 85 -70.11 -17.85 6.64
CA SER D 85 -69.92 -18.85 5.58
C SER D 85 -68.45 -19.27 5.47
N VAL D 86 -67.98 -19.93 6.52
CA VAL D 86 -66.60 -20.43 6.53
C VAL D 86 -66.49 -21.55 5.52
N THR D 87 -65.63 -21.37 4.52
CA THR D 87 -65.49 -22.33 3.44
C THR D 87 -64.28 -23.22 3.69
N ALA D 88 -64.06 -24.16 2.77
CA ALA D 88 -62.94 -25.09 2.92
C ALA D 88 -61.61 -24.40 2.66
N ALA D 89 -61.62 -23.30 1.88
CA ALA D 89 -60.41 -22.53 1.66
C ALA D 89 -59.99 -21.74 2.89
N ASP D 90 -60.89 -21.63 3.88
CA ASP D 90 -60.62 -21.00 5.16
C ASP D 90 -59.91 -21.94 6.12
N THR D 91 -59.45 -23.09 5.62
CA THR D 91 -58.64 -24.03 6.37
C THR D 91 -57.32 -23.32 6.56
N ALA D 92 -57.19 -22.65 7.70
CA ALA D 92 -56.13 -21.69 7.93
C ALA D 92 -56.01 -21.47 9.41
N VAL D 93 -54.80 -21.17 9.85
CA VAL D 93 -54.58 -20.80 11.24
C VAL D 93 -54.81 -19.30 11.37
N TYR D 94 -55.79 -18.92 12.17
CA TYR D 94 -56.21 -17.53 12.26
C TYR D 94 -55.47 -16.91 13.44
N TYR D 95 -54.71 -15.87 13.20
CA TYR D 95 -53.90 -15.25 14.24
C TYR D 95 -54.44 -13.88 14.58
N CYS D 96 -54.94 -13.72 15.80
CA CYS D 96 -55.25 -12.38 16.26
C CYS D 96 -53.92 -11.72 16.58
N ALA D 97 -53.79 -10.43 16.25
CA ALA D 97 -52.53 -9.75 16.49
C ALA D 97 -52.77 -8.26 16.57
N ARG D 98 -52.00 -7.59 17.43
CA ARG D 98 -52.09 -6.14 17.54
C ARG D 98 -51.31 -5.49 16.42
N MET D 99 -51.93 -4.51 15.75
CA MET D 99 -51.39 -3.91 14.55
C MET D 99 -51.32 -2.40 14.71
N ARG D 100 -50.16 -1.83 14.37
CA ARG D 100 -50.06 -0.45 13.89
C ARG D 100 -49.24 -0.56 12.62
N GLY D 101 -49.91 -0.92 11.53
CA GLY D 101 -49.26 -1.26 10.28
C GLY D 101 -48.56 -2.60 10.37
N ILE D 102 -47.47 -2.63 11.13
CA ILE D 102 -46.75 -3.83 11.51
C ILE D 102 -47.58 -4.60 12.54
N PHE D 103 -47.20 -5.84 12.81
CA PHE D 103 -47.84 -6.65 13.84
C PHE D 103 -46.78 -7.09 14.84
N ASP D 104 -46.52 -6.22 15.81
CA ASP D 104 -45.40 -6.46 16.72
C ASP D 104 -45.69 -7.58 17.70
N TYR D 105 -46.97 -7.80 18.04
CA TYR D 105 -47.31 -8.82 19.01
C TYR D 105 -48.54 -9.59 18.53
N TRP D 106 -48.47 -10.91 18.67
CA TRP D 106 -49.38 -11.83 18.01
C TRP D 106 -50.09 -12.71 19.03
N GLY D 107 -51.19 -13.32 18.59
CA GLY D 107 -51.77 -14.45 19.30
C GLY D 107 -51.25 -15.72 18.66
N GLN D 108 -51.38 -16.84 19.36
CA GLN D 108 -50.70 -18.04 18.87
C GLN D 108 -51.44 -18.73 17.73
N GLY D 109 -52.74 -18.53 17.58
CA GLY D 109 -53.40 -19.02 16.38
C GLY D 109 -54.17 -20.31 16.55
N THR D 110 -55.36 -20.42 15.97
CA THR D 110 -56.11 -21.67 15.93
C THR D 110 -56.37 -22.08 14.50
N LEU D 111 -55.91 -23.27 14.14
CA LEU D 111 -56.14 -23.82 12.81
C LEU D 111 -57.61 -24.25 12.74
N VAL D 112 -58.29 -23.92 11.66
CA VAL D 112 -59.63 -24.47 11.48
C VAL D 112 -59.48 -25.70 10.61
N THR D 113 -59.70 -26.86 11.23
CA THR D 113 -59.73 -28.17 10.59
C THR D 113 -61.13 -28.76 10.66
N VAL D 114 -61.91 -28.64 9.58
CA VAL D 114 -63.27 -29.14 9.65
C VAL D 114 -63.22 -30.66 9.58
N SER D 115 -64.05 -31.32 10.40
CA SER D 115 -64.05 -32.78 10.47
C SER D 115 -65.45 -33.34 10.70
N ASP E 1 -54.50 -1.58 -5.92
CA ASP E 1 -53.77 -1.83 -4.68
C ASP E 1 -52.38 -2.39 -4.96
N ILE E 2 -51.48 -2.28 -3.98
CA ILE E 2 -50.11 -2.72 -4.14
C ILE E 2 -50.00 -4.20 -3.80
N GLN E 3 -49.50 -4.99 -4.75
CA GLN E 3 -49.37 -6.43 -4.59
C GLN E 3 -47.92 -6.76 -4.27
N LEU E 4 -47.70 -7.92 -3.65
CA LEU E 4 -46.37 -8.27 -3.17
C LEU E 4 -45.90 -9.53 -3.87
N THR E 5 -44.84 -9.38 -4.67
CA THR E 5 -44.24 -10.51 -5.38
C THR E 5 -42.99 -10.91 -4.59
N GLN E 6 -43.03 -12.09 -3.99
CA GLN E 6 -41.89 -12.61 -3.19
C GLN E 6 -40.88 -13.29 -4.12
N SER E 7 -39.70 -13.63 -3.59
CA SER E 7 -38.65 -14.30 -4.39
C SER E 7 -38.11 -15.52 -3.61
N PRO E 8 -37.69 -15.37 -2.34
CA PRO E 8 -37.17 -16.50 -1.56
C PRO E 8 -38.14 -17.69 -1.58
N SER E 9 -39.36 -17.48 -1.09
CA SER E 9 -40.40 -18.55 -1.05
C SER E 9 -39.82 -19.82 -0.40
N SER E 10 -39.37 -20.77 -1.23
CA SER E 10 -38.77 -22.03 -0.73
C SER E 10 -37.33 -22.17 -1.22
N LEU E 11 -36.43 -22.68 -0.36
CA LEU E 11 -35.03 -22.85 -0.72
C LEU E 11 -34.42 -23.89 0.20
N SER E 12 -33.45 -24.63 -0.32
CA SER E 12 -32.72 -25.63 0.46
C SER E 12 -31.23 -25.29 0.50
N VAL E 13 -30.83 -24.44 1.44
CA VAL E 13 -29.43 -24.06 1.56
C VAL E 13 -28.93 -24.62 2.89
N SER E 14 -27.63 -24.88 2.97
CA SER E 14 -27.00 -25.49 4.12
C SER E 14 -26.82 -24.46 5.24
N VAL E 15 -26.09 -24.86 6.28
CA VAL E 15 -26.04 -24.13 7.54
C VAL E 15 -25.09 -22.93 7.43
N GLY E 16 -25.46 -21.85 8.12
CA GLY E 16 -24.64 -20.68 8.35
C GLY E 16 -24.42 -19.74 7.19
N ASP E 17 -24.93 -20.03 6.00
CA ASP E 17 -24.66 -19.17 4.84
C ASP E 17 -25.78 -18.15 4.69
N ARG E 18 -25.80 -17.45 3.55
CA ARG E 18 -26.68 -16.30 3.37
C ARG E 18 -27.99 -16.73 2.72
N VAL E 19 -29.09 -16.19 3.23
CA VAL E 19 -30.44 -16.45 2.74
C VAL E 19 -31.06 -15.14 2.27
N THR E 20 -31.48 -15.08 1.01
CA THR E 20 -32.13 -13.89 0.49
C THR E 20 -33.63 -14.12 0.41
N ILE E 21 -34.39 -13.09 0.77
CA ILE E 21 -35.85 -13.08 0.68
C ILE E 21 -36.25 -11.77 0.02
N THR E 22 -36.44 -11.78 -1.29
CA THR E 22 -36.70 -10.56 -2.03
C THR E 22 -38.20 -10.39 -2.19
N CYS E 23 -38.72 -9.25 -1.75
CA CYS E 23 -40.13 -8.91 -1.86
C CYS E 23 -40.24 -7.71 -2.79
N ARG E 24 -40.95 -7.86 -3.89
CA ARG E 24 -41.08 -6.81 -4.88
C ARG E 24 -42.53 -6.39 -4.98
N ALA E 25 -42.76 -5.09 -5.00
CA ALA E 25 -44.09 -4.51 -5.01
C ALA E 25 -44.37 -3.84 -6.34
N SER E 26 -45.61 -3.41 -6.51
CA SER E 26 -46.00 -2.69 -7.71
C SER E 26 -45.65 -1.21 -7.61
N GLN E 27 -45.95 -0.59 -6.47
CA GLN E 27 -45.68 0.83 -6.25
C GLN E 27 -44.67 0.98 -5.11
N ALA E 28 -44.48 2.23 -4.67
CA ALA E 28 -43.45 2.58 -3.70
C ALA E 28 -43.93 2.32 -2.27
N ILE E 29 -43.25 1.42 -1.57
CA ILE E 29 -43.55 1.12 -0.18
C ILE E 29 -42.30 1.41 0.65
N SER E 30 -41.52 2.39 0.19
CA SER E 30 -40.15 2.76 0.56
C SER E 30 -39.81 2.66 2.05
N ASN E 31 -40.74 3.10 2.89
CA ASN E 31 -40.64 2.92 4.34
C ASN E 31 -41.57 1.84 4.88
N SER E 32 -42.55 1.43 4.10
CA SER E 32 -43.64 0.58 4.60
C SER E 32 -43.33 -0.87 4.25
N LEU E 33 -42.62 -1.56 5.16
CA LEU E 33 -42.49 -3.01 5.08
C LEU E 33 -42.13 -3.55 6.46
N ALA E 34 -42.71 -4.70 6.81
CA ALA E 34 -42.39 -5.48 8.00
C ALA E 34 -41.82 -6.82 7.58
N TRP E 35 -41.28 -7.57 8.54
CA TRP E 35 -40.61 -8.83 8.24
C TRP E 35 -40.77 -9.79 9.41
N TYR E 36 -41.60 -10.83 9.26
CA TYR E 36 -41.95 -11.68 10.38
C TYR E 36 -41.20 -13.02 10.28
N GLN E 37 -41.25 -13.76 11.39
CA GLN E 37 -40.72 -15.13 11.45
C GLN E 37 -41.82 -16.00 12.05
N GLN E 38 -42.33 -16.93 11.25
CA GLN E 38 -43.36 -17.87 11.67
C GLN E 38 -42.91 -19.32 11.52
N LYS E 39 -42.66 -19.98 12.64
CA LYS E 39 -42.50 -21.43 12.60
C LYS E 39 -43.83 -22.09 12.26
N PRO E 40 -43.82 -23.19 11.50
CA PRO E 40 -45.07 -23.87 11.17
C PRO E 40 -45.64 -24.57 12.40
N GLY E 41 -46.87 -24.22 12.74
CA GLY E 41 -47.47 -24.64 13.98
C GLY E 41 -47.30 -23.67 15.12
N LYS E 42 -46.86 -22.44 14.85
CA LYS E 42 -46.63 -21.43 15.87
C LYS E 42 -47.18 -20.11 15.37
N ALA E 43 -46.82 -19.05 16.05
CA ALA E 43 -47.19 -17.69 15.73
C ALA E 43 -46.06 -16.98 15.00
N PRO E 44 -46.40 -16.03 14.13
CA PRO E 44 -45.36 -15.21 13.48
C PRO E 44 -44.70 -14.29 14.48
N LYS E 45 -43.43 -13.97 14.21
CA LYS E 45 -42.63 -13.15 15.11
C LYS E 45 -41.87 -12.15 14.26
N LEU E 46 -42.13 -10.88 14.53
CA LEU E 46 -41.64 -9.77 13.71
C LEU E 46 -40.13 -9.58 13.92
N LEU E 47 -39.38 -9.59 12.81
CA LEU E 47 -37.93 -9.43 12.85
C LEU E 47 -37.53 -7.97 12.66
N LEU E 48 -37.94 -7.37 11.54
CA LEU E 48 -37.61 -5.97 11.26
C LEU E 48 -38.83 -5.26 10.70
N TYR E 49 -38.75 -3.93 10.72
CA TYR E 49 -39.83 -3.04 10.28
C TYR E 49 -39.28 -1.63 10.26
N ALA E 50 -40.04 -0.73 9.63
CA ALA E 50 -39.93 0.72 9.79
C ALA E 50 -38.53 1.22 9.40
N ALA E 51 -38.11 0.85 8.19
CA ALA E 51 -36.82 1.18 7.59
C ALA E 51 -35.67 0.70 8.47
N SER E 52 -35.60 -0.64 8.56
CA SER E 52 -34.51 -1.43 9.13
C SER E 52 -34.43 -1.37 10.65
N THR E 53 -35.52 -0.98 11.33
CA THR E 53 -35.54 -1.01 12.78
C THR E 53 -35.89 -2.41 13.26
N LEU E 54 -35.04 -2.97 14.12
CA LEU E 54 -35.20 -4.34 14.56
C LEU E 54 -36.07 -4.42 15.80
N GLU E 55 -36.87 -5.49 15.88
CA GLU E 55 -37.71 -5.78 17.02
C GLU E 55 -36.85 -6.17 18.21
N SER E 56 -37.30 -5.79 19.41
CA SER E 56 -36.63 -6.16 20.64
C SER E 56 -36.68 -7.67 20.83
N GLY E 57 -35.50 -8.28 20.94
CA GLY E 57 -35.33 -9.71 21.03
C GLY E 57 -34.79 -10.35 19.77
N VAL E 58 -34.79 -9.62 18.66
CA VAL E 58 -34.32 -10.16 17.38
C VAL E 58 -32.83 -9.85 17.27
N PRO E 59 -31.98 -10.81 16.87
CA PRO E 59 -30.54 -10.53 16.84
C PRO E 59 -30.15 -9.61 15.68
N SER E 60 -28.88 -9.24 15.61
CA SER E 60 -28.43 -8.28 14.62
C SER E 60 -27.82 -8.96 13.39
N ARG E 61 -27.95 -10.29 13.26
CA ARG E 61 -27.57 -10.91 12.00
C ARG E 61 -28.58 -10.64 10.90
N PHE E 62 -29.81 -10.28 11.25
CA PHE E 62 -30.82 -9.97 10.24
C PHE E 62 -30.67 -8.49 9.93
N SER E 63 -30.57 -8.17 8.64
CA SER E 63 -30.49 -6.79 8.20
C SER E 63 -31.49 -6.54 7.08
N GLY E 64 -31.93 -5.29 6.98
CA GLY E 64 -32.85 -4.89 5.94
C GLY E 64 -32.22 -3.76 5.15
N SER E 65 -32.51 -3.75 3.85
CA SER E 65 -32.12 -2.67 2.96
C SER E 65 -33.12 -2.61 1.82
N GLY E 66 -32.97 -1.62 0.95
CA GLY E 66 -33.87 -1.52 -0.17
C GLY E 66 -35.00 -0.54 0.10
N SER E 67 -35.57 -0.04 -1.00
CA SER E 67 -36.65 0.94 -0.93
C SER E 67 -37.43 0.91 -2.23
N GLY E 68 -38.75 1.03 -2.12
CA GLY E 68 -39.63 1.07 -3.29
C GLY E 68 -40.15 -0.31 -3.66
N THR E 69 -39.71 -0.83 -4.80
CA THR E 69 -40.10 -2.15 -5.27
C THR E 69 -38.97 -3.18 -5.15
N ASP E 70 -37.90 -2.84 -4.43
CA ASP E 70 -36.82 -3.78 -4.14
C ASP E 70 -36.59 -3.79 -2.64
N PHE E 71 -36.91 -4.90 -1.98
CA PHE E 71 -36.73 -5.06 -0.55
C PHE E 71 -36.06 -6.40 -0.29
N THR E 72 -35.50 -6.57 0.91
CA THR E 72 -34.91 -7.86 1.25
C THR E 72 -35.02 -8.16 2.74
N LEU E 73 -35.14 -9.46 3.04
CA LEU E 73 -34.89 -10.02 4.37
C LEU E 73 -33.74 -11.00 4.29
N THR E 74 -32.68 -10.74 5.04
CA THR E 74 -31.45 -11.49 4.90
C THR E 74 -31.16 -12.21 6.20
N ILE E 75 -30.90 -13.51 6.11
CA ILE E 75 -30.39 -14.29 7.23
C ILE E 75 -28.91 -14.54 6.97
N SER E 76 -28.06 -14.02 7.86
CA SER E 76 -26.62 -14.16 7.67
C SER E 76 -26.15 -15.57 7.98
N SER E 77 -26.89 -16.30 8.81
CA SER E 77 -26.53 -17.68 9.16
C SER E 77 -27.78 -18.49 9.42
N LEU E 78 -28.01 -19.48 8.58
CA LEU E 78 -29.21 -20.31 8.65
C LEU E 78 -29.07 -21.37 9.74
N GLN E 79 -30.18 -21.67 10.39
CA GLN E 79 -30.29 -22.69 11.43
C GLN E 79 -31.33 -23.74 11.03
N PRO E 80 -31.26 -24.94 11.61
CA PRO E 80 -32.29 -25.95 11.28
C PRO E 80 -33.67 -25.57 11.78
N GLU E 81 -33.79 -25.02 12.98
CA GLU E 81 -35.11 -24.59 13.46
C GLU E 81 -35.49 -23.21 12.94
N ASP E 82 -34.71 -22.63 12.02
CA ASP E 82 -35.11 -21.47 11.25
C ASP E 82 -36.06 -21.82 10.13
N PHE E 83 -36.50 -23.08 10.06
CA PHE E 83 -37.45 -23.51 9.06
C PHE E 83 -38.72 -22.77 9.40
N ALA E 84 -38.98 -21.71 8.66
CA ALA E 84 -40.09 -20.84 8.96
C ALA E 84 -40.48 -20.12 7.68
N THR E 85 -41.67 -19.55 7.70
CA THR E 85 -42.17 -18.80 6.57
C THR E 85 -42.03 -17.32 6.90
N TYR E 86 -41.27 -16.60 6.09
CA TYR E 86 -40.84 -15.23 6.37
C TYR E 86 -41.57 -14.32 5.39
N TYR E 87 -42.63 -13.70 5.90
CA TYR E 87 -43.51 -12.83 5.14
C TYR E 87 -43.02 -11.39 5.12
N CYS E 88 -43.21 -10.76 3.97
CA CYS E 88 -43.13 -9.32 3.89
C CYS E 88 -44.54 -8.78 3.97
N GLN E 89 -44.68 -7.61 4.59
CA GLN E 89 -45.97 -6.97 4.64
C GLN E 89 -45.77 -5.46 4.65
N HIS E 90 -46.39 -4.81 3.70
CA HIS E 90 -46.32 -3.38 3.50
C HIS E 90 -47.47 -2.69 4.23
N TYR E 91 -47.32 -1.40 4.44
CA TYR E 91 -48.37 -0.63 5.08
C TYR E 91 -48.49 0.74 4.42
N TYR E 92 -48.19 0.82 3.12
CA TYR E 92 -48.37 2.04 2.35
C TYR E 92 -49.83 2.30 2.02
N SER E 93 -50.66 1.27 2.11
CA SER E 93 -52.07 1.30 1.77
C SER E 93 -52.73 0.27 2.68
N THR E 94 -53.90 -0.22 2.28
CA THR E 94 -54.42 -1.46 2.83
C THR E 94 -53.37 -2.57 2.75
N PRO E 95 -52.96 -3.13 3.87
CA PRO E 95 -51.76 -3.98 3.89
C PRO E 95 -52.01 -5.32 3.20
N PHE E 96 -50.91 -6.01 2.96
CA PHE E 96 -50.96 -7.31 2.34
C PHE E 96 -49.71 -8.06 2.74
N PHE E 97 -49.87 -9.28 3.21
CA PHE E 97 -48.72 -10.09 3.55
C PHE E 97 -48.25 -10.76 2.28
N GLY E 98 -46.93 -10.83 2.11
CA GLY E 98 -46.35 -11.47 0.95
C GLY E 98 -46.56 -12.97 0.99
N GLY E 99 -46.00 -13.65 -0.02
CA GLY E 99 -46.15 -15.09 -0.09
C GLY E 99 -45.43 -15.81 1.02
N GLY E 100 -44.37 -15.21 1.55
CA GLY E 100 -43.68 -15.85 2.64
C GLY E 100 -42.69 -16.87 2.15
N THR E 101 -41.44 -16.75 2.54
CA THR E 101 -40.44 -17.67 2.04
C THR E 101 -40.29 -18.74 3.12
N LYS E 102 -40.72 -19.96 2.78
CA LYS E 102 -40.56 -21.10 3.66
C LYS E 102 -39.13 -21.57 3.48
N VAL E 103 -38.24 -21.03 4.30
CA VAL E 103 -36.83 -21.38 4.20
C VAL E 103 -36.64 -22.79 4.72
N GLU E 104 -36.19 -23.69 3.85
CA GLU E 104 -36.12 -25.11 4.19
C GLU E 104 -34.68 -25.53 4.47
N ILE E 105 -34.56 -26.65 5.18
CA ILE E 105 -33.26 -27.21 5.52
C ILE E 105 -32.58 -27.79 4.28
#